data_8ZNO
#
_entry.id   8ZNO
#
_cell.length_a   1.00
_cell.length_b   1.00
_cell.length_c   1.00
_cell.angle_alpha   90.00
_cell.angle_beta   90.00
_cell.angle_gamma   90.00
#
_symmetry.space_group_name_H-M   'P 1'
#
loop_
_entity.id
_entity.type
_entity.pdbx_description
1 polymer 'Mitochondrial-processing peptidase subunit alpha'
2 polymer 'Mitochondrial-processing peptidase subunit beta'
3 polymer 'Cytochrome b'
4 polymer 'Cytochrome c domain-containing protein'
5 polymer 'Cytochrome b-c1 complex subunit Rieske, mitochondrial'
6 polymer 'Cytochrome b-c1 complex subunit 7'
7 polymer 'Cytochrome b-c1 complex subunit 8'
8 polymer 'Cytochrome b-c1 complex subunit 6'
9 polymer 'Complex III subunit 9'
10 polymer 'Ubiquinol-cytochrome c reductase complex 6.7 kDa protein'
11 non-polymer 'ZINC ION'
12 non-polymer CARDIOLIPIN
13 non-polymer 1,2-Distearoyl-sn-glycerophosphoethanolamine
14 non-polymer 'PROTOPORPHYRIN IX CONTAINING FE'
15 non-polymer 'HEME C'
16 non-polymer 'FE2/S2 (INORGANIC) CLUSTER'
17 non-polymer 1,2-DIACYL-SN-GLYCERO-3-PHOSPHOCHOLINE
#
loop_
_entity_poly.entity_id
_entity_poly.type
_entity_poly.pdbx_seq_one_letter_code
_entity_poly.pdbx_strand_id
1 'polypeptide(L)'
;APPLDFPLPGVTLPSPLPDHVAPGKTIVTTLPNGIKLASETSAGPAASIGLYVDCGSIYETPLTFGATHLLERMAFKSTR
NRTHFRVVREVEAIGGNVQASASREQMGYTFDALKTHVPEMVELLVDCVRNPVFLDWEVNEQLLKVKAEVGEASKNPQDL
LLEAIHSAGYSGALANPLLASESALNGLNGSILEEFVAENYTAPRIVLAASGVEHEELLSIAEPLLSDLPNVPRPEEPKS
VYTGGDYRCHTESGHILNGQRTHFALAFELPGGWHKLKDAMVLTVLQMLLGGGGSFSAGGPGKGMYSRLYLRVLNEYPQF
HSISAFNNIYNNTGIFGIQVTTGSDFVSKAIDITVNELLAVATSGQVDQVQLDRAKQATKSAILMNLESRMVVSEDIGRQ
VLTYGERKPVEDFLKAVDEVTLKDIASISQKLISSPLTMASYGDVIYVPNYESVSSKFRS
;
A,M
2 'polypeptide(L)'
;SPPPPNAMVYDRLAEAVKAKLRQLENPDPRFLKYGSPRPTLTDHTRILAAPETRVTTLPNGLRVATESSLAARTATVGVW
IDAGSRFETEESNGTAHFLEHMIFKGTEKRNARELEEEIENMGGHLNAYTSREQTTYYAKVADKDVPKALDILADILQNS
RFDENRISRERDVILREMEEVEGQTEEVIFDHLHATAFQYTPLGRTILGPAQNIKTITKDHLQNYIQTHYTAPRMVIAAS
GAVKHEDIVEQVKKLFTKLSTDPTTASQLVAKEPAIFTGSEVRMLDDEIPLAQFAVAFEGASWKDPDSIALMVMQAMLGS
WNKTAGGGKHMGSELAQRVGINEVAESMMAFNTNYKDTGLFGVYAVAKPDCLDDLSYAIMYETTKLAYRVSDDDVTRARN
QLKSSLLLYIDGTSPVAEDIGRQLLTYGRRIPFAELFARIDAVDASTIKRVANRFIYDKDIAIAAMGPIQRLPDYNWFRR
RTYWNRY
;
B,N
3 'polypeptide(L)'
;MRNQRFSLLKQPISSTLNQHLIDYPTPSNLSYWWGFGSLAGICLVIQIVTGVFLAMHYTPHVDLAFNSVEHVMRDVEGGW
LLRYMHANGASMFLIVVHLHIFRGLYHASYSSPREFVRCLGVVIFLLMIVTAFTGYVPPWGQMSFWGATVITSLASAIPV
VGDTIVTWLWGGFSVDNATLNRFFSLHHLLPFILVGASLLHLAALHQYGSNNPLGVHSEMDQISFYPYFYVKDLVGWVAF
AIFFSIWIFYAPNVLGHPDNYIPANPMPTPPHIVPEWYFLPIHAILRSIPDKSGGVAAIAPVFICLLALPFFKSMYVRSS
SFRPIHQGIFWLLLADRLLLGWIGCQPVEAPFVTIGQIPPLVFFLFFAITPIPGRVGRGIPNSYTD
;
C,O
4 'polypeptide(L)'
;EAEHGLACPSYPWPHQGILSSYDHASIRRGHQVYTQVCASCHSMSLISYRDLVGVAYTEEEVKAMAAEIEVVDGPNDEGE
MFTRPGKLSDRFPQPYANEAAARFANGGAYPPDLSLITKAPHNGQNYVFALLTGYRDPPAGVSIREGLHYNPYFPGGAIA
MPKMLNDGAVEYEDGTPATESQMGKDVVSFLSWAAEPEMEERKLMGFKWIFVLTLALLQAGYYRRLRWSVLKSRKLVLDV
VN
;
D,P
5 'polypeptide(L)'
;EIPATVAAVKNPSSKIVYDEHNHERYPPGDPSKRAFAYFVLTGGRFVYASLVRLLILKFVLSMSASKDVLALASLEVDLS
SIEPGTTVTVKWRGKPVFIRRRTEDDIKLANSVDVGSLRDPQQDAERVKNPEWLIVIGVCTHLGCIPLPNAGDFGGWFCP
CHGSHYDISGRIRKGPAPYNLEVPTYTFLEENKLLI
;
E,Q
6 'polypeptide(L)'
;QSFIDPKKNWFAAQHMKAISKRLRRFGLRYDDLYDPYYDLDVKEALNRLPKEVVDARHQRLKRAMDLSMKHEYLPEDLQA
MQTPFRGYLQEMLALVKREKAERESLGGLPLYQRTIP
;
F,R
7 'polypeptide(L)' KGFVPMKAVTYGLSPFQQKIMPGLWKDLPTKIHHKVSENWISATLLLGPLVGVYSYVQNYQEKEKLSHRY G,S
8 'polypeptide(L)' PVDQKKYLEESCKPKCVKALLEYQACVKRIQGDETGNKHCTGQYFDYWSCIDKCVAQKLFSKLK H,T
9 'polypeptide(L)' GGIFEALYKVLMRRNSVYVTFVIAGAFVGERAVDYGVHKLWEHNNVGKRYEDISVLGQRQ J,V
10 'polypeptide(L)' IQPTDVKAAAMWGVAAATGGLYLIQPWGW K,W
#
loop_
_chem_comp.id
_chem_comp.type
_chem_comp.name
_chem_comp.formula
3PE non-polymer 1,2-Distearoyl-sn-glycerophosphoethanolamine 'C41 H82 N O8 P'
CDL non-polymer CARDIOLIPIN 'C81 H156 O17 P2 -2'
FES non-polymer 'FE2/S2 (INORGANIC) CLUSTER' 'Fe2 S2'
HEC non-polymer 'HEME C' 'C34 H34 Fe N4 O4'
HEM non-polymer 'PROTOPORPHYRIN IX CONTAINING FE' 'C34 H32 Fe N4 O4'
PC1 non-polymer 1,2-DIACYL-SN-GLYCERO-3-PHOSPHOCHOLINE 'C44 H88 N O8 P'
ZN non-polymer 'ZINC ION' 'Zn 2'
#
# COMPACT_ATOMS: atom_id res chain seq x y z
N ALA A 1 13.06 -22.58 52.42
CA ALA A 1 13.62 -23.89 52.16
C ALA A 1 15.14 -23.86 52.20
N PRO A 2 15.76 -24.89 52.76
CA PRO A 2 17.21 -24.93 52.87
C PRO A 2 17.86 -25.13 51.51
N PRO A 3 19.16 -24.86 51.39
CA PRO A 3 19.88 -25.26 50.17
C PRO A 3 19.89 -26.78 50.03
N LEU A 4 20.16 -27.22 48.80
CA LEU A 4 20.07 -28.65 48.50
C LEU A 4 21.14 -29.48 49.18
N ASP A 5 22.15 -28.85 49.79
CA ASP A 5 23.14 -29.59 50.55
C ASP A 5 22.65 -30.02 51.92
N PHE A 6 21.47 -29.55 52.35
CA PHE A 6 20.93 -29.87 53.66
C PHE A 6 19.54 -30.48 53.49
N PRO A 7 19.30 -31.65 54.07
CA PRO A 7 18.05 -32.37 53.78
C PRO A 7 16.81 -31.64 54.26
N LEU A 8 15.74 -31.79 53.49
CA LEU A 8 14.44 -31.26 53.89
C LEU A 8 13.95 -31.97 55.14
N PRO A 9 13.37 -31.25 56.09
CA PRO A 9 13.08 -31.86 57.41
C PRO A 9 11.87 -32.78 57.44
N GLY A 10 10.80 -32.46 56.72
CA GLY A 10 9.53 -33.12 56.95
C GLY A 10 9.10 -34.17 55.95
N VAL A 11 10.03 -34.97 55.44
CA VAL A 11 9.74 -35.94 54.40
C VAL A 11 9.59 -37.33 55.02
N THR A 12 8.80 -38.18 54.38
CA THR A 12 8.61 -39.57 54.79
C THR A 12 9.24 -40.48 53.76
N LEU A 13 10.13 -41.36 54.20
CA LEU A 13 10.92 -42.18 53.29
C LEU A 13 10.42 -43.63 53.29
N PRO A 14 9.83 -44.11 52.21
CA PRO A 14 9.51 -45.54 52.12
C PRO A 14 10.77 -46.39 52.23
N SER A 15 10.59 -47.59 52.78
CA SER A 15 11.72 -48.46 53.05
C SER A 15 12.39 -48.92 51.76
N PRO A 16 13.71 -49.10 51.77
CA PRO A 16 14.42 -49.53 50.55
C PRO A 16 14.14 -50.97 50.16
N LEU A 17 14.82 -51.44 49.12
CA LEU A 17 14.77 -52.80 48.63
C LEU A 17 16.01 -53.58 49.05
N PRO A 18 15.91 -54.90 49.14
CA PRO A 18 17.10 -55.71 49.43
C PRO A 18 18.09 -55.69 48.27
N ASP A 19 19.35 -55.98 48.59
CA ASP A 19 20.39 -56.00 47.57
C ASP A 19 20.17 -57.12 46.56
N HIS A 20 19.44 -58.16 46.95
CA HIS A 20 19.09 -59.25 46.04
C HIS A 20 17.57 -59.33 45.93
N VAL A 21 17.06 -59.15 44.72
CA VAL A 21 15.64 -59.27 44.43
C VAL A 21 15.48 -60.31 43.32
N ALA A 22 14.79 -61.39 43.64
CA ALA A 22 14.60 -62.46 42.66
C ALA A 22 13.74 -61.95 41.52
N PRO A 23 14.21 -61.98 40.28
CA PRO A 23 13.42 -61.44 39.18
C PRO A 23 12.18 -62.28 38.92
N GLY A 24 11.15 -61.62 38.38
CA GLY A 24 9.90 -62.29 38.11
C GLY A 24 9.95 -63.12 36.84
N LYS A 25 8.82 -63.78 36.56
CA LYS A 25 8.66 -64.63 35.39
C LYS A 25 7.53 -64.11 34.51
N THR A 26 7.67 -64.32 33.21
CA THR A 26 6.67 -63.85 32.25
C THR A 26 5.43 -64.73 32.32
N ILE A 27 4.28 -64.11 32.54
CA ILE A 27 3.00 -64.82 32.61
C ILE A 27 2.21 -64.47 31.36
N VAL A 28 1.97 -65.48 30.52
CA VAL A 28 1.30 -65.30 29.24
C VAL A 28 -0.11 -65.88 29.36
N THR A 29 -1.10 -65.12 28.90
CA THR A 29 -2.50 -65.52 28.98
C THR A 29 -3.18 -65.17 27.67
N THR A 30 -4.04 -66.08 27.19
CA THR A 30 -4.78 -65.87 25.95
C THR A 30 -6.28 -65.90 26.23
N LEU A 31 -6.99 -64.94 25.65
CA LEU A 31 -8.44 -64.90 25.71
C LEU A 31 -9.04 -65.92 24.74
N PRO A 32 -10.32 -66.25 24.90
CA PRO A 32 -10.95 -67.19 23.96
C PRO A 32 -10.88 -66.74 22.51
N ASN A 33 -10.90 -65.43 22.23
CA ASN A 33 -10.90 -64.94 20.86
C ASN A 33 -9.51 -64.88 20.25
N GLY A 34 -8.47 -65.23 21.00
CA GLY A 34 -7.10 -65.22 20.48
C GLY A 34 -6.24 -64.09 20.97
N ILE A 35 -6.77 -63.20 21.82
CA ILE A 35 -6.00 -62.07 22.32
C ILE A 35 -5.03 -62.58 23.38
N LYS A 36 -3.74 -62.35 23.17
CA LYS A 36 -2.70 -62.81 24.08
C LYS A 36 -2.23 -61.66 24.95
N LEU A 37 -2.37 -61.81 26.27
CA LEU A 37 -1.86 -60.85 27.24
C LEU A 37 -0.60 -61.42 27.89
N ALA A 38 0.48 -60.64 27.84
CA ALA A 38 1.72 -61.02 28.50
C ALA A 38 2.18 -59.86 29.38
N SER A 39 2.87 -60.22 30.47
CA SER A 39 3.32 -59.21 31.42
C SER A 39 4.51 -59.75 32.18
N GLU A 40 5.25 -58.83 32.79
CA GLU A 40 6.43 -59.16 33.57
C GLU A 40 6.61 -58.10 34.66
N THR A 41 7.13 -58.52 35.81
CA THR A 41 7.33 -57.62 36.93
C THR A 41 8.75 -57.07 36.90
N SER A 42 8.93 -55.84 37.36
CA SER A 42 10.22 -55.17 37.34
C SER A 42 10.47 -54.46 38.66
N ALA A 43 11.67 -53.90 38.79
CA ALA A 43 12.11 -53.28 40.04
C ALA A 43 12.10 -51.75 39.99
N GLY A 44 12.29 -51.15 38.82
CA GLY A 44 12.30 -49.71 38.71
C GLY A 44 10.94 -49.11 38.96
N PRO A 45 10.91 -47.79 39.22
CA PRO A 45 9.62 -47.12 39.45
C PRO A 45 8.84 -46.81 38.18
N ALA A 46 9.32 -47.23 37.02
CA ALA A 46 8.71 -46.90 35.74
C ALA A 46 8.12 -48.15 35.10
N ALA A 47 7.11 -47.94 34.26
CA ALA A 47 6.47 -49.01 33.51
C ALA A 47 6.67 -48.78 32.03
N SER A 48 6.21 -49.74 31.23
CA SER A 48 6.26 -49.64 29.78
C SER A 48 5.26 -50.62 29.19
N ILE A 49 4.24 -50.10 28.51
CA ILE A 49 3.18 -50.91 27.95
C ILE A 49 3.21 -50.76 26.44
N GLY A 50 3.18 -51.89 25.73
CA GLY A 50 3.22 -51.88 24.29
C GLY A 50 2.04 -52.64 23.71
N LEU A 51 1.81 -52.43 22.42
CA LEU A 51 0.74 -53.10 21.69
C LEU A 51 1.25 -53.40 20.28
N TYR A 52 1.39 -54.68 19.96
CA TYR A 52 2.03 -55.11 18.72
C TYR A 52 1.06 -55.90 17.87
N VAL A 53 1.07 -55.61 16.57
CA VAL A 53 0.14 -56.23 15.63
C VAL A 53 0.95 -56.92 14.54
N ASP A 54 0.40 -58.02 14.02
CA ASP A 54 1.08 -58.82 13.00
C ASP A 54 1.02 -58.20 11.61
N CYS A 55 0.21 -57.16 11.40
CA CYS A 55 0.15 -56.51 10.10
C CYS A 55 1.49 -55.84 9.78
N GLY A 56 1.66 -55.46 8.52
CA GLY A 56 2.92 -54.86 8.12
C GLY A 56 2.96 -54.55 6.64
N SER A 57 4.17 -54.29 6.16
CA SER A 57 4.36 -53.85 4.78
C SER A 57 4.00 -54.95 3.79
N ILE A 58 4.25 -56.21 4.13
CA ILE A 58 4.03 -57.29 3.18
C ILE A 58 2.55 -57.45 2.85
N TYR A 59 1.67 -57.24 3.82
CA TYR A 59 0.22 -57.29 3.58
C TYR A 59 -0.23 -56.01 2.90
N GLU A 60 0.09 -55.89 1.60
CA GLU A 60 -0.14 -54.63 0.90
C GLU A 60 -0.39 -54.94 -0.58
N THR A 61 -1.66 -54.98 -0.95
CA THR A 61 -2.05 -55.13 -2.34
C THR A 61 -1.81 -53.83 -3.09
N PRO A 62 -1.62 -53.88 -4.42
CA PRO A 62 -1.14 -52.71 -5.15
C PRO A 62 -2.08 -51.50 -5.11
N LEU A 63 -3.35 -51.67 -4.77
CA LEU A 63 -4.22 -50.51 -4.65
C LEU A 63 -4.05 -49.79 -3.32
N THR A 64 -3.37 -50.38 -2.35
CA THR A 64 -3.15 -49.76 -1.04
C THR A 64 -1.66 -49.68 -0.73
N PHE A 65 -0.85 -49.33 -1.73
CA PHE A 65 0.57 -49.14 -1.49
C PHE A 65 0.80 -47.87 -0.69
N GLY A 66 1.79 -47.91 0.19
CA GLY A 66 2.10 -46.77 1.03
C GLY A 66 1.23 -46.61 2.26
N ALA A 67 0.37 -47.58 2.55
CA ALA A 67 -0.57 -47.43 3.66
C ALA A 67 0.14 -47.51 5.01
N THR A 68 1.23 -48.27 5.09
CA THR A 68 1.87 -48.49 6.39
C THR A 68 2.55 -47.22 6.90
N HIS A 69 3.14 -46.44 6.00
CA HIS A 69 3.80 -45.21 6.42
C HIS A 69 2.80 -44.23 7.04
N LEU A 70 1.62 -44.09 6.42
CA LEU A 70 0.58 -43.26 7.02
C LEU A 70 0.04 -43.87 8.31
N LEU A 71 -0.18 -45.18 8.33
CA LEU A 71 -0.66 -45.81 9.55
C LEU A 71 0.30 -45.56 10.70
N GLU A 72 1.59 -45.46 10.40
CA GLU A 72 2.52 -44.97 11.41
C GLU A 72 2.28 -43.50 11.72
N ARG A 73 2.04 -42.70 10.68
CA ARG A 73 1.97 -41.26 10.87
C ARG A 73 0.69 -40.81 11.55
N MET A 74 -0.42 -41.52 11.32
CA MET A 74 -1.70 -41.21 11.94
C MET A 74 -1.86 -42.00 13.25
N ALA A 75 -0.87 -41.84 14.13
CA ALA A 75 -0.71 -42.78 15.24
C ALA A 75 -1.69 -42.53 16.37
N PHE A 76 -1.61 -41.38 17.02
CA PHE A 76 -2.42 -41.06 18.19
C PHE A 76 -3.17 -39.76 17.88
N LYS A 77 -4.32 -39.89 17.25
CA LYS A 77 -5.07 -38.74 16.77
C LYS A 77 -6.55 -39.00 17.07
N SER A 78 -7.43 -38.23 16.42
CA SER A 78 -8.84 -38.24 16.73
C SER A 78 -9.45 -39.63 16.71
N THR A 79 -9.88 -40.11 17.88
CA THR A 79 -10.55 -41.39 18.00
C THR A 79 -12.05 -41.16 18.03
N ARG A 80 -12.80 -42.25 18.19
CA ARG A 80 -14.25 -42.16 18.24
C ARG A 80 -14.75 -41.63 19.57
N ASN A 81 -13.90 -41.61 20.59
CA ASN A 81 -14.31 -41.23 21.94
C ASN A 81 -13.69 -39.94 22.44
N ARG A 82 -12.63 -39.45 21.81
CA ARG A 82 -12.01 -38.19 22.21
C ARG A 82 -11.29 -37.60 21.01
N THR A 83 -11.02 -36.30 21.08
CA THR A 83 -10.38 -35.59 19.98
C THR A 83 -8.87 -35.78 20.04
N HIS A 84 -8.17 -35.14 19.12
CA HIS A 84 -6.71 -35.13 19.16
C HIS A 84 -6.22 -34.18 20.24
N PHE A 85 -6.97 -33.10 20.46
CA PHE A 85 -6.68 -32.18 21.56
C PHE A 85 -6.73 -32.91 22.90
N ARG A 86 -7.79 -33.67 23.14
CA ARG A 86 -7.93 -34.35 24.43
C ARG A 86 -6.86 -35.43 24.60
N VAL A 87 -6.51 -36.15 23.53
CA VAL A 87 -5.48 -37.18 23.64
C VAL A 87 -4.15 -36.54 24.04
N VAL A 88 -3.77 -35.47 23.35
CA VAL A 88 -2.50 -34.82 23.67
C VAL A 88 -2.54 -34.28 25.10
N ARG A 89 -3.68 -33.73 25.51
CA ARG A 89 -3.80 -33.20 26.87
C ARG A 89 -3.70 -34.28 27.93
N GLU A 90 -4.34 -35.44 27.73
CA GLU A 90 -4.21 -36.53 28.68
C GLU A 90 -2.76 -36.98 28.81
N VAL A 91 -2.12 -37.23 27.68
CA VAL A 91 -0.75 -37.71 27.69
C VAL A 91 0.16 -36.73 28.40
N GLU A 92 0.01 -35.43 28.11
CA GLU A 92 0.86 -34.45 28.77
C GLU A 92 0.47 -34.24 30.23
N ALA A 93 -0.79 -34.52 30.58
CA ALA A 93 -1.22 -34.36 31.97
C ALA A 93 -0.57 -35.39 32.88
N ILE A 94 -0.51 -36.65 32.43
CA ILE A 94 0.17 -37.64 33.28
C ILE A 94 1.69 -37.61 33.13
N GLY A 95 2.20 -36.95 32.08
CA GLY A 95 3.64 -36.80 31.93
C GLY A 95 4.33 -37.91 31.18
N GLY A 96 3.62 -38.65 30.33
CA GLY A 96 4.18 -39.78 29.64
C GLY A 96 4.56 -39.49 28.20
N ASN A 97 5.47 -40.30 27.68
CA ASN A 97 5.85 -40.29 26.28
C ASN A 97 4.97 -41.26 25.50
N VAL A 98 5.04 -41.15 24.18
CA VAL A 98 4.22 -41.97 23.30
C VAL A 98 4.90 -42.02 21.93
N GLN A 99 4.83 -43.18 21.29
CA GLN A 99 5.56 -43.39 20.04
C GLN A 99 4.95 -44.57 19.30
N ALA A 100 5.15 -44.59 17.99
CA ALA A 100 4.66 -45.68 17.15
C ALA A 100 5.68 -45.95 16.06
N SER A 101 5.74 -47.21 15.63
CA SER A 101 6.70 -47.61 14.60
C SER A 101 6.09 -48.70 13.73
N ALA A 102 6.56 -48.76 12.49
CA ALA A 102 6.07 -49.72 11.50
C ALA A 102 7.24 -50.24 10.68
N SER A 103 7.27 -51.55 10.48
CA SER A 103 8.33 -52.21 9.72
C SER A 103 7.69 -53.21 8.77
N ARG A 104 8.53 -54.04 8.15
CA ARG A 104 8.08 -54.92 7.07
C ARG A 104 7.19 -56.06 7.53
N GLU A 105 7.09 -56.33 8.82
CA GLU A 105 6.33 -57.48 9.29
C GLU A 105 5.38 -57.21 10.44
N GLN A 106 5.61 -56.19 11.27
CA GLN A 106 4.78 -56.03 12.45
C GLN A 106 4.74 -54.58 12.89
N MET A 107 3.58 -54.19 13.44
CA MET A 107 3.30 -52.85 13.91
C MET A 107 3.57 -52.75 15.41
N GLY A 108 4.06 -51.59 15.85
CA GLY A 108 4.32 -51.40 17.26
C GLY A 108 3.87 -50.07 17.83
N TYR A 109 2.97 -50.12 18.81
CA TYR A 109 2.54 -48.93 19.55
C TYR A 109 3.04 -49.05 20.98
N THR A 110 3.76 -48.02 21.45
CA THR A 110 4.32 -48.03 22.78
C THR A 110 3.86 -46.80 23.55
N PHE A 111 3.90 -46.90 24.87
CA PHE A 111 3.46 -45.81 25.75
C PHE A 111 4.01 -46.09 27.14
N ASP A 112 4.79 -45.17 27.68
CA ASP A 112 5.35 -45.38 29.02
C ASP A 112 5.23 -44.12 29.86
N ALA A 113 5.13 -44.31 31.16
CA ALA A 113 5.02 -43.24 32.15
C ALA A 113 5.44 -43.81 33.50
N LEU A 114 5.11 -43.11 34.59
CA LEU A 114 5.37 -43.65 35.91
C LEU A 114 4.39 -44.77 36.24
N LYS A 115 4.70 -45.54 37.27
CA LYS A 115 4.03 -46.81 37.51
C LYS A 115 2.66 -46.67 38.16
N THR A 116 2.28 -45.50 38.65
CA THR A 116 0.98 -45.34 39.29
C THR A 116 -0.13 -44.97 38.31
N HIS A 117 0.17 -44.90 37.02
CA HIS A 117 -0.80 -44.50 36.01
C HIS A 117 -1.19 -45.65 35.07
N VAL A 118 -0.98 -46.90 35.51
CA VAL A 118 -1.14 -48.03 34.60
C VAL A 118 -2.54 -48.11 33.98
N PRO A 119 -3.64 -48.00 34.74
CA PRO A 119 -4.96 -48.10 34.11
C PRO A 119 -5.19 -47.07 33.02
N GLU A 120 -4.75 -45.83 33.24
CA GLU A 120 -4.92 -44.79 32.22
C GLU A 120 -4.14 -45.12 30.96
N MET A 121 -2.90 -45.59 31.12
CA MET A 121 -2.08 -45.95 29.97
C MET A 121 -2.77 -47.05 29.16
N VAL A 122 -3.19 -48.13 29.84
CA VAL A 122 -3.82 -49.24 29.14
C VAL A 122 -5.06 -48.75 28.39
N GLU A 123 -5.93 -48.01 29.07
CA GLU A 123 -7.18 -47.59 28.46
C GLU A 123 -6.94 -46.69 27.26
N LEU A 124 -6.07 -45.69 27.41
CA LEU A 124 -5.83 -44.76 26.31
C LEU A 124 -5.23 -45.46 25.11
N LEU A 125 -4.27 -46.35 25.33
CA LEU A 125 -3.63 -47.03 24.20
C LEU A 125 -4.62 -47.94 23.48
N VAL A 126 -5.40 -48.70 24.24
CA VAL A 126 -6.38 -49.59 23.62
C VAL A 126 -7.41 -48.79 22.84
N ASP A 127 -7.82 -47.63 23.35
CA ASP A 127 -8.79 -46.81 22.61
C ASP A 127 -8.18 -46.24 21.35
N CYS A 128 -6.96 -45.70 21.43
CA CYS A 128 -6.33 -45.13 20.25
C CYS A 128 -6.07 -46.17 19.19
N VAL A 129 -5.99 -47.45 19.56
CA VAL A 129 -5.74 -48.49 18.56
C VAL A 129 -7.03 -49.10 18.03
N ARG A 130 -7.99 -49.39 18.90
CA ARG A 130 -9.16 -50.18 18.53
C ARG A 130 -10.28 -49.36 17.90
N ASN A 131 -10.39 -48.07 18.21
CA ASN A 131 -11.47 -47.24 17.70
C ASN A 131 -10.94 -45.96 17.06
N PRO A 132 -10.20 -46.07 15.96
CA PRO A 132 -9.77 -44.85 15.25
C PRO A 132 -10.75 -44.45 14.16
N VAL A 133 -11.05 -43.17 14.12
CA VAL A 133 -11.89 -42.58 13.08
C VAL A 133 -10.96 -41.72 12.22
N PHE A 134 -10.89 -42.05 10.93
CA PHE A 134 -9.93 -41.41 10.03
C PHE A 134 -10.61 -40.21 9.38
N LEU A 135 -10.22 -39.01 9.80
CA LEU A 135 -10.83 -37.79 9.33
C LEU A 135 -10.03 -37.20 8.17
N ASP A 136 -10.75 -36.78 7.12
CA ASP A 136 -10.11 -36.50 5.85
C ASP A 136 -9.08 -35.37 5.94
N TRP A 137 -9.40 -34.32 6.68
CA TRP A 137 -8.50 -33.17 6.72
C TRP A 137 -7.20 -33.47 7.48
N GLU A 138 -7.27 -34.26 8.55
CA GLU A 138 -6.04 -34.67 9.24
C GLU A 138 -5.17 -35.54 8.33
N VAL A 139 -5.80 -36.45 7.59
CA VAL A 139 -5.04 -37.30 6.67
C VAL A 139 -4.42 -36.46 5.57
N ASN A 140 -5.12 -35.44 5.09
CA ASN A 140 -4.54 -34.57 4.07
C ASN A 140 -3.32 -33.82 4.59
N GLU A 141 -3.39 -33.33 5.83
CA GLU A 141 -2.22 -32.65 6.38
C GLU A 141 -1.05 -33.61 6.51
N GLN A 142 -1.32 -34.84 6.96
CA GLN A 142 -0.25 -35.83 7.04
C GLN A 142 0.33 -36.15 5.67
N LEU A 143 -0.52 -36.18 4.64
CA LEU A 143 -0.04 -36.44 3.29
C LEU A 143 0.88 -35.33 2.78
N LEU A 144 0.52 -34.08 3.05
CA LEU A 144 1.42 -32.98 2.69
C LEU A 144 2.76 -33.16 3.40
N LYS A 145 2.73 -33.49 4.69
CA LYS A 145 3.96 -33.69 5.43
C LYS A 145 4.82 -34.80 4.82
N VAL A 146 4.21 -35.93 4.48
CA VAL A 146 5.01 -37.03 3.94
C VAL A 146 5.50 -36.71 2.53
N LYS A 147 4.76 -35.93 1.76
CA LYS A 147 5.28 -35.47 0.47
C LYS A 147 6.56 -34.67 0.67
N ALA A 148 6.53 -33.69 1.58
CA ALA A 148 7.73 -32.92 1.84
C ALA A 148 8.86 -33.80 2.38
N GLU A 149 8.53 -34.83 3.16
CA GLU A 149 9.56 -35.71 3.69
C GLU A 149 10.23 -36.54 2.60
N VAL A 150 9.42 -37.19 1.75
CA VAL A 150 9.95 -38.08 0.73
C VAL A 150 10.70 -37.30 -0.35
N GLY A 151 10.27 -36.05 -0.60
CA GLY A 151 10.99 -35.24 -1.57
C GLY A 151 12.44 -34.97 -1.20
N GLU A 152 12.78 -35.02 0.09
CA GLU A 152 14.09 -34.62 0.58
C GLU A 152 14.83 -35.78 1.26
N ALA A 153 14.31 -37.00 1.14
CA ALA A 153 14.85 -38.15 1.85
C ALA A 153 16.11 -38.72 1.20
N SER A 154 16.74 -37.99 0.28
CA SER A 154 17.95 -38.45 -0.38
C SER A 154 19.22 -38.06 0.36
N LYS A 155 19.14 -37.77 1.66
CA LYS A 155 20.32 -37.50 2.46
C LYS A 155 20.81 -38.73 3.22
N ASN A 156 20.11 -39.86 3.10
CA ASN A 156 20.54 -41.10 3.73
C ASN A 156 20.87 -42.11 2.63
N PRO A 157 22.13 -42.28 2.25
CA PRO A 157 22.45 -43.27 1.21
C PRO A 157 22.34 -44.69 1.74
N GLN A 158 22.56 -44.87 3.04
CA GLN A 158 22.59 -46.21 3.62
C GLN A 158 21.25 -46.92 3.47
N ASP A 159 20.18 -46.28 3.95
CA ASP A 159 18.87 -46.93 3.89
C ASP A 159 18.35 -47.01 2.47
N LEU A 160 18.71 -46.04 1.62
CA LEU A 160 18.33 -46.11 0.21
C LEU A 160 18.96 -47.32 -0.46
N LEU A 161 20.25 -47.56 -0.19
CA LEU A 161 20.92 -48.73 -0.76
C LEU A 161 20.32 -50.02 -0.21
N LEU A 162 20.01 -50.06 1.09
CA LEU A 162 19.40 -51.26 1.65
C LEU A 162 18.04 -51.54 1.00
N GLU A 163 17.25 -50.49 0.79
CA GLU A 163 15.97 -50.67 0.11
C GLU A 163 16.15 -51.14 -1.32
N ALA A 164 17.16 -50.61 -2.01
CA ALA A 164 17.44 -51.08 -3.37
C ALA A 164 17.80 -52.56 -3.36
N ILE A 165 18.62 -53.00 -2.40
CA ILE A 165 18.96 -54.40 -2.30
C ILE A 165 17.70 -55.24 -2.08
N HIS A 166 16.85 -54.83 -1.15
CA HIS A 166 15.68 -55.63 -0.82
C HIS A 166 14.63 -55.58 -1.93
N SER A 167 14.73 -54.59 -2.83
CA SER A 167 13.79 -54.54 -3.96
C SER A 167 14.29 -55.38 -5.13
N ALA A 168 15.59 -55.32 -5.41
CA ALA A 168 16.13 -56.07 -6.54
C ALA A 168 16.22 -57.56 -6.24
N GLY A 169 16.59 -57.92 -5.00
CA GLY A 169 16.83 -59.32 -4.69
C GLY A 169 15.57 -60.16 -4.59
N TYR A 170 14.40 -59.55 -4.52
CA TYR A 170 13.17 -60.27 -4.31
C TYR A 170 12.20 -59.98 -5.44
N SER A 171 11.17 -60.83 -5.56
CA SER A 171 10.20 -60.72 -6.64
C SER A 171 8.77 -60.78 -6.13
N GLY A 172 8.55 -61.43 -4.99
CA GLY A 172 7.20 -61.66 -4.50
C GLY A 172 6.61 -60.52 -3.70
N ALA A 173 6.03 -60.85 -2.55
CA ALA A 173 5.36 -59.83 -1.74
C ALA A 173 6.36 -58.97 -0.98
N LEU A 174 7.46 -59.56 -0.54
CA LEU A 174 8.45 -58.85 0.27
C LEU A 174 9.25 -57.82 -0.50
N ALA A 175 8.90 -57.56 -1.77
CA ALA A 175 9.66 -56.60 -2.57
C ALA A 175 9.14 -55.18 -2.45
N ASN A 176 8.02 -54.98 -1.74
CA ASN A 176 7.42 -53.65 -1.64
C ASN A 176 8.32 -52.72 -0.84
N PRO A 177 8.27 -51.42 -1.12
CA PRO A 177 9.04 -50.46 -0.33
C PRO A 177 8.27 -49.98 0.89
N LEU A 178 8.93 -50.04 2.05
CA LEU A 178 8.28 -49.57 3.27
C LEU A 178 8.03 -48.06 3.19
N LEU A 179 9.00 -47.31 2.70
CA LEU A 179 8.78 -45.91 2.37
C LEU A 179 7.92 -45.84 1.10
N ALA A 180 7.02 -44.88 1.05
CA ALA A 180 6.02 -44.87 0.00
C ALA A 180 6.53 -44.16 -1.26
N SER A 181 5.73 -44.22 -2.31
CA SER A 181 6.05 -43.64 -3.61
C SER A 181 5.01 -42.60 -3.99
N GLU A 182 5.42 -41.65 -4.84
CA GLU A 182 4.58 -40.50 -5.15
C GLU A 182 3.22 -40.91 -5.69
N SER A 183 3.14 -42.05 -6.38
CA SER A 183 1.84 -42.59 -6.76
C SER A 183 0.98 -42.85 -5.53
N ALA A 184 1.56 -43.50 -4.51
CA ALA A 184 0.83 -43.71 -3.27
C ALA A 184 0.48 -42.39 -2.62
N LEU A 185 1.41 -41.43 -2.60
CA LEU A 185 1.16 -40.13 -2.01
C LEU A 185 0.12 -39.33 -2.76
N ASN A 186 -0.25 -39.76 -3.97
CA ASN A 186 -1.39 -39.17 -4.67
C ASN A 186 -2.55 -40.14 -4.81
N GLY A 187 -2.51 -41.29 -4.15
CA GLY A 187 -3.61 -42.23 -4.21
C GLY A 187 -4.28 -42.55 -2.90
N LEU A 188 -3.74 -42.04 -1.78
CA LEU A 188 -4.20 -42.42 -0.46
C LEU A 188 -5.21 -41.42 0.09
N ASN A 189 -6.19 -41.94 0.83
CA ASN A 189 -7.22 -41.12 1.46
C ASN A 189 -7.72 -41.86 2.70
N GLY A 190 -8.76 -41.30 3.33
CA GLY A 190 -9.23 -41.86 4.59
C GLY A 190 -9.88 -43.22 4.43
N SER A 191 -10.65 -43.41 3.36
CA SER A 191 -11.38 -44.66 3.19
C SER A 191 -10.44 -45.84 3.03
N ILE A 192 -9.36 -45.65 2.27
CA ILE A 192 -8.39 -46.73 2.07
C ILE A 192 -7.80 -47.16 3.40
N LEU A 193 -7.35 -46.19 4.21
CA LEU A 193 -6.74 -46.50 5.49
C LEU A 193 -7.74 -47.18 6.42
N GLU A 194 -8.98 -46.70 6.44
CA GLU A 194 -9.98 -47.32 7.32
C GLU A 194 -10.24 -48.76 6.91
N GLU A 195 -10.35 -49.03 5.61
CA GLU A 195 -10.59 -50.41 5.18
C GLU A 195 -9.40 -51.30 5.49
N PHE A 196 -8.18 -50.79 5.28
CA PHE A 196 -6.97 -51.55 5.59
C PHE A 196 -6.93 -51.93 7.06
N VAL A 197 -7.18 -50.95 7.93
CA VAL A 197 -7.16 -51.22 9.38
C VAL A 197 -8.25 -52.22 9.75
N ALA A 198 -9.45 -52.05 9.20
CA ALA A 198 -10.53 -52.97 9.51
C ALA A 198 -10.18 -54.39 9.07
N GLU A 199 -9.50 -54.54 7.94
CA GLU A 199 -9.19 -55.87 7.44
C GLU A 199 -8.06 -56.54 8.22
N ASN A 200 -7.05 -55.78 8.64
CA ASN A 200 -5.83 -56.43 9.12
C ASN A 200 -5.66 -56.42 10.64
N TYR A 201 -6.43 -55.61 11.37
CA TYR A 201 -6.25 -55.54 12.83
C TYR A 201 -7.25 -56.46 13.54
N THR A 202 -7.14 -57.75 13.24
CA THR A 202 -8.03 -58.73 13.84
C THR A 202 -7.55 -59.10 15.25
N ALA A 203 -8.21 -60.09 15.84
CA ALA A 203 -7.88 -60.47 17.21
C ALA A 203 -6.62 -61.32 17.30
N PRO A 204 -6.48 -62.43 16.56
CA PRO A 204 -5.31 -63.30 16.76
C PRO A 204 -3.97 -62.67 16.40
N ARG A 205 -3.95 -61.40 16.01
CA ARG A 205 -2.70 -60.74 15.62
C ARG A 205 -2.28 -59.64 16.58
N ILE A 206 -2.88 -59.57 17.77
CA ILE A 206 -2.63 -58.51 18.73
C ILE A 206 -2.16 -59.12 20.04
N VAL A 207 -1.10 -58.55 20.62
CA VAL A 207 -0.57 -59.00 21.90
C VAL A 207 -0.20 -57.79 22.74
N LEU A 208 -0.56 -57.81 24.02
CA LEU A 208 -0.16 -56.80 24.99
C LEU A 208 1.09 -57.21 25.74
N ALA A 209 2.07 -56.32 25.79
CA ALA A 209 3.33 -56.58 26.48
C ALA A 209 3.60 -55.46 27.46
N ALA A 210 3.79 -55.82 28.73
CA ALA A 210 4.12 -54.86 29.79
C ALA A 210 5.41 -55.27 30.46
N SER A 211 6.13 -54.28 31.00
CA SER A 211 7.44 -54.49 31.57
C SER A 211 7.48 -54.48 33.09
N GLY A 212 6.68 -53.64 33.74
CA GLY A 212 6.76 -53.51 35.18
C GLY A 212 5.43 -53.56 35.89
N VAL A 213 4.53 -54.43 35.43
CA VAL A 213 3.16 -54.45 35.91
C VAL A 213 2.83 -55.84 36.43
N GLU A 214 2.14 -55.89 37.58
CA GLU A 214 1.59 -57.14 38.04
C GLU A 214 0.59 -57.68 37.04
N HIS A 215 0.59 -59.00 36.85
CA HIS A 215 -0.25 -59.60 35.81
C HIS A 215 -1.73 -59.43 36.14
N GLU A 216 -2.10 -59.56 37.42
CA GLU A 216 -3.51 -59.57 37.76
C GLU A 216 -4.16 -58.20 37.56
N GLU A 217 -3.47 -57.13 37.96
CA GLU A 217 -4.04 -55.80 37.78
C GLU A 217 -4.21 -55.46 36.30
N LEU A 218 -3.17 -55.74 35.51
CA LEU A 218 -3.24 -55.47 34.07
C LEU A 218 -4.34 -56.29 33.41
N LEU A 219 -4.47 -57.56 33.81
CA LEU A 219 -5.53 -58.40 33.25
C LEU A 219 -6.89 -57.86 33.63
N SER A 220 -7.06 -57.41 34.88
CA SER A 220 -8.35 -56.88 35.30
C SER A 220 -8.71 -55.61 34.53
N ILE A 221 -7.71 -54.77 34.26
CA ILE A 221 -7.98 -53.54 33.52
C ILE A 221 -8.30 -53.85 32.06
N ALA A 222 -7.54 -54.75 31.44
CA ALA A 222 -7.63 -54.96 30.01
C ALA A 222 -8.55 -56.11 29.59
N GLU A 223 -9.24 -56.75 30.52
CA GLU A 223 -10.19 -57.78 30.16
C GLU A 223 -11.52 -57.21 29.64
N PRO A 224 -12.10 -56.18 30.27
CA PRO A 224 -13.36 -55.64 29.75
C PRO A 224 -13.24 -54.98 28.39
N LEU A 225 -12.04 -54.57 27.97
CA LEU A 225 -11.90 -53.79 26.75
C LEU A 225 -11.58 -54.64 25.52
N LEU A 226 -10.78 -55.69 25.67
CA LEU A 226 -10.33 -56.46 24.51
C LEU A 226 -11.09 -57.76 24.31
N SER A 227 -11.82 -58.24 25.31
CA SER A 227 -12.49 -59.53 25.20
C SER A 227 -13.64 -59.51 24.21
N ASP A 228 -14.12 -58.34 23.81
CA ASP A 228 -15.29 -58.24 22.95
C ASP A 228 -14.96 -58.35 21.46
N LEU A 229 -13.69 -58.25 21.08
CA LEU A 229 -13.32 -58.33 19.68
C LEU A 229 -13.71 -59.69 19.12
N PRO A 230 -14.32 -59.75 17.93
CA PRO A 230 -14.69 -61.05 17.37
C PRO A 230 -13.45 -61.86 16.99
N ASN A 231 -13.61 -63.17 16.95
CA ASN A 231 -12.55 -64.07 16.53
C ASN A 231 -12.74 -64.45 15.06
N VAL A 232 -11.62 -64.61 14.36
CA VAL A 232 -11.63 -64.80 12.91
C VAL A 232 -10.36 -65.56 12.52
N PRO A 233 -10.44 -66.52 11.59
CA PRO A 233 -9.23 -67.22 11.16
C PRO A 233 -8.23 -66.26 10.52
N ARG A 234 -6.96 -66.45 10.84
CA ARG A 234 -5.92 -65.58 10.33
C ARG A 234 -5.63 -65.89 8.86
N PRO A 235 -5.56 -64.88 8.01
CA PRO A 235 -5.23 -65.11 6.60
C PRO A 235 -3.82 -65.65 6.43
N GLU A 236 -3.64 -66.42 5.36
CA GLU A 236 -2.37 -67.08 5.11
C GLU A 236 -1.32 -66.08 4.67
N GLU A 237 -0.09 -66.29 5.16
CA GLU A 237 0.99 -65.33 4.91
C GLU A 237 1.36 -65.32 3.43
N PRO A 238 1.62 -64.14 2.86
CA PRO A 238 2.11 -64.08 1.48
C PRO A 238 3.49 -64.68 1.36
N LYS A 239 3.97 -64.79 0.13
CA LYS A 239 5.23 -65.45 -0.17
C LYS A 239 6.06 -64.61 -1.13
N SER A 240 7.37 -64.79 -1.04
CA SER A 240 8.32 -64.16 -1.94
C SER A 240 9.50 -65.09 -2.14
N VAL A 241 9.86 -65.33 -3.39
CA VAL A 241 10.95 -66.24 -3.75
C VAL A 241 12.17 -65.42 -4.13
N TYR A 242 13.31 -65.77 -3.57
CA TYR A 242 14.53 -65.03 -3.82
C TYR A 242 14.94 -65.16 -5.28
N THR A 243 15.35 -64.04 -5.88
CA THR A 243 15.72 -64.00 -7.28
C THR A 243 16.82 -62.97 -7.44
N GLY A 244 18.04 -63.44 -7.74
CA GLY A 244 19.17 -62.55 -7.91
C GLY A 244 18.95 -61.52 -8.99
N GLY A 245 19.20 -60.25 -8.67
CA GLY A 245 19.00 -59.17 -9.61
C GLY A 245 20.03 -58.07 -9.46
N ASP A 246 19.82 -56.95 -10.15
CA ASP A 246 20.74 -55.83 -10.10
C ASP A 246 19.97 -54.52 -10.20
N TYR A 247 20.51 -53.49 -9.55
CA TYR A 247 19.90 -52.17 -9.53
C TYR A 247 20.95 -51.09 -9.75
N ARG A 248 20.59 -50.09 -10.53
CA ARG A 248 21.47 -48.95 -10.81
C ARG A 248 20.62 -47.71 -11.02
N CYS A 249 21.07 -46.58 -10.47
CA CYS A 249 20.43 -45.29 -10.73
C CYS A 249 21.40 -44.20 -10.31
N HIS A 250 21.71 -43.30 -11.24
CA HIS A 250 22.68 -42.24 -10.98
C HIS A 250 22.05 -41.15 -10.13
N THR A 251 22.89 -40.45 -9.37
CA THR A 251 22.41 -39.31 -8.60
C THR A 251 21.99 -38.17 -9.51
N GLU A 252 21.24 -37.22 -8.95
CA GLU A 252 20.89 -36.02 -9.70
C GLU A 252 22.15 -35.36 -10.22
N SER A 253 22.14 -35.00 -11.49
CA SER A 253 23.37 -34.54 -12.12
C SER A 253 23.79 -33.15 -11.68
N GLY A 254 23.15 -32.56 -10.68
CA GLY A 254 23.65 -31.34 -10.08
C GLY A 254 24.64 -31.56 -8.95
N HIS A 255 24.96 -32.82 -8.64
CA HIS A 255 25.83 -33.15 -7.51
C HIS A 255 26.90 -34.16 -7.91
N ILE A 256 27.41 -34.06 -9.14
CA ILE A 256 28.47 -34.96 -9.59
C ILE A 256 29.83 -34.27 -9.55
N LEU A 257 29.89 -32.98 -9.90
CA LEU A 257 31.15 -32.26 -9.89
C LEU A 257 31.74 -32.15 -8.48
N ASN A 258 30.92 -32.31 -7.45
CA ASN A 258 31.39 -32.26 -6.08
C ASN A 258 32.17 -33.49 -5.67
N GLY A 259 32.48 -34.38 -6.61
CA GLY A 259 33.19 -35.61 -6.28
C GLY A 259 32.39 -36.55 -5.40
N GLN A 260 31.09 -36.67 -5.67
CA GLN A 260 30.24 -37.55 -4.87
C GLN A 260 30.75 -38.99 -4.96
N ARG A 261 30.80 -39.65 -3.81
CA ARG A 261 31.43 -40.95 -3.70
C ARG A 261 30.63 -42.00 -4.46
N THR A 262 31.17 -43.22 -4.50
CA THR A 262 30.51 -44.35 -5.10
C THR A 262 30.08 -45.32 -4.00
N HIS A 263 28.86 -45.84 -4.12
CA HIS A 263 28.30 -46.74 -3.13
C HIS A 263 27.76 -47.97 -3.84
N PHE A 264 27.89 -49.12 -3.20
CA PHE A 264 27.23 -50.33 -3.70
C PHE A 264 27.19 -51.35 -2.58
N ALA A 265 26.62 -52.52 -2.88
CA ALA A 265 26.51 -53.58 -1.89
C ALA A 265 26.35 -54.92 -2.60
N LEU A 266 26.58 -55.98 -1.84
CA LEU A 266 26.37 -57.35 -2.28
C LEU A 266 25.41 -58.01 -1.31
N ALA A 267 24.92 -59.19 -1.68
CA ALA A 267 23.91 -59.84 -0.83
C ALA A 267 23.85 -61.33 -1.13
N PHE A 268 23.23 -62.06 -0.20
CA PHE A 268 22.97 -63.48 -0.33
C PHE A 268 21.70 -63.79 0.45
N GLU A 269 21.29 -65.07 0.41
CA GLU A 269 20.01 -65.47 0.97
C GLU A 269 20.16 -66.74 1.79
N LEU A 270 19.43 -66.81 2.90
CA LEU A 270 19.45 -67.95 3.81
C LEU A 270 18.10 -68.64 3.82
N PRO A 271 18.04 -69.95 3.57
CA PRO A 271 16.73 -70.64 3.58
C PRO A 271 16.01 -70.53 4.91
N GLY A 272 16.73 -70.49 6.02
CA GLY A 272 16.12 -70.39 7.33
C GLY A 272 15.81 -68.96 7.73
N GLY A 273 14.91 -68.82 8.70
CA GLY A 273 14.57 -67.51 9.23
C GLY A 273 14.82 -67.40 10.72
N TRP A 274 13.74 -67.25 11.48
CA TRP A 274 13.81 -67.27 12.94
C TRP A 274 13.34 -68.59 13.54
N HIS A 275 12.70 -69.44 12.75
CA HIS A 275 12.26 -70.73 13.26
C HIS A 275 13.43 -71.70 13.41
N LYS A 276 14.46 -71.55 12.59
CA LYS A 276 15.70 -72.31 12.75
C LYS A 276 16.61 -71.48 13.65
N LEU A 277 16.44 -71.65 14.96
CA LEU A 277 17.11 -70.79 15.94
C LEU A 277 18.62 -70.91 15.85
N LYS A 278 19.13 -72.14 15.70
CA LYS A 278 20.57 -72.35 15.68
C LYS A 278 21.22 -71.63 14.51
N ASP A 279 20.61 -71.75 13.32
CA ASP A 279 21.15 -71.09 12.14
C ASP A 279 21.14 -69.58 12.29
N ALA A 280 20.04 -69.03 12.81
CA ALA A 280 19.95 -67.59 13.00
C ALA A 280 20.99 -67.09 13.98
N MET A 281 21.19 -67.82 15.08
CA MET A 281 22.18 -67.40 16.06
C MET A 281 23.59 -67.50 15.49
N VAL A 282 23.86 -68.54 14.70
CA VAL A 282 25.16 -68.65 14.03
C VAL A 282 25.36 -67.47 13.08
N LEU A 283 24.29 -67.07 12.39
CA LEU A 283 24.39 -65.92 11.48
C LEU A 283 24.69 -64.65 12.27
N THR A 284 24.05 -64.48 13.42
CA THR A 284 24.33 -63.31 14.26
C THR A 284 25.79 -63.30 14.71
N VAL A 285 26.30 -64.45 15.14
CA VAL A 285 27.68 -64.54 15.58
C VAL A 285 28.63 -64.24 14.42
N LEU A 286 28.31 -64.74 13.23
CA LEU A 286 29.14 -64.45 12.06
C LEU A 286 29.14 -62.95 11.74
N GLN A 287 27.98 -62.31 11.83
CA GLN A 287 27.91 -60.88 11.57
C GLN A 287 28.76 -60.10 12.57
N MET A 288 28.66 -60.45 13.86
CA MET A 288 29.51 -59.79 14.84
C MET A 288 30.98 -60.11 14.62
N LEU A 289 31.28 -61.26 14.02
CA LEU A 289 32.66 -61.63 13.71
C LEU A 289 33.23 -60.74 12.60
N LEU A 290 32.43 -60.49 11.57
CA LEU A 290 32.91 -59.64 10.48
C LEU A 290 33.06 -58.19 10.93
N GLY A 291 32.10 -57.69 11.71
CA GLY A 291 32.22 -56.34 12.23
C GLY A 291 32.15 -55.30 11.13
N GLY A 292 33.08 -54.37 11.13
CA GLY A 292 33.14 -53.32 10.13
C GLY A 292 33.80 -52.08 10.70
N GLY A 293 33.40 -50.93 10.16
CA GLY A 293 33.96 -49.66 10.56
C GLY A 293 33.30 -48.48 9.87
N GLY A 294 33.71 -47.27 10.23
CA GLY A 294 33.18 -46.06 9.61
C GLY A 294 34.20 -45.00 9.29
N SER A 295 35.43 -45.12 9.77
CA SER A 295 36.54 -44.20 9.50
C SER A 295 36.32 -42.83 10.15
N PHE A 296 35.15 -42.61 10.76
CA PHE A 296 34.86 -41.35 11.42
C PHE A 296 34.29 -41.51 12.82
N SER A 297 33.87 -42.72 13.20
CA SER A 297 33.17 -42.90 14.46
C SER A 297 34.10 -42.69 15.64
N ALA A 298 33.53 -42.18 16.74
CA ALA A 298 34.29 -41.87 17.95
C ALA A 298 33.72 -42.56 19.18
N GLY A 299 32.91 -43.60 19.00
CA GLY A 299 32.26 -44.26 20.12
C GLY A 299 33.17 -45.14 20.94
N GLY A 300 32.62 -46.23 21.49
CA GLY A 300 33.38 -47.11 22.34
C GLY A 300 34.38 -47.94 21.58
N PRO A 301 35.54 -48.21 22.20
CA PRO A 301 36.50 -49.13 21.59
C PRO A 301 35.94 -50.53 21.35
N GLY A 302 35.06 -51.01 22.24
CA GLY A 302 34.50 -52.33 22.10
C GLY A 302 33.61 -52.54 20.89
N LYS A 303 33.48 -51.53 20.02
CA LYS A 303 32.67 -51.67 18.82
C LYS A 303 33.25 -52.65 17.82
N GLY A 304 34.50 -53.07 18.00
CA GLY A 304 35.11 -54.02 17.10
C GLY A 304 36.18 -53.45 16.19
N MET A 305 37.03 -52.56 16.71
CA MET A 305 38.13 -52.07 15.91
C MET A 305 39.26 -53.07 15.77
N TYR A 306 39.14 -54.26 16.35
CA TYR A 306 40.02 -55.38 16.06
C TYR A 306 39.25 -56.55 15.48
N SER A 307 38.31 -56.24 14.58
CA SER A 307 37.56 -57.25 13.87
C SER A 307 38.21 -57.54 12.52
N ARG A 308 37.68 -58.55 11.84
CA ARG A 308 38.24 -59.00 10.57
C ARG A 308 38.23 -57.87 9.54
N LEU A 309 37.05 -57.27 9.33
CA LEU A 309 36.89 -56.27 8.27
C LEU A 309 37.78 -55.07 8.49
N TYR A 310 37.73 -54.49 9.69
CA TYR A 310 38.49 -53.27 9.96
C TYR A 310 39.96 -53.47 9.66
N LEU A 311 40.60 -54.44 10.34
CA LEU A 311 42.03 -54.64 10.20
C LEU A 311 42.41 -55.04 8.79
N ARG A 312 41.69 -55.99 8.19
CA ARG A 312 42.12 -56.56 6.92
C ARG A 312 41.64 -55.77 5.71
N VAL A 313 40.92 -54.66 5.90
CA VAL A 313 40.59 -53.81 4.77
C VAL A 313 41.06 -52.39 4.99
N LEU A 314 40.52 -51.72 6.03
CA LEU A 314 40.74 -50.29 6.16
C LEU A 314 42.20 -49.96 6.48
N ASN A 315 42.85 -50.75 7.33
CA ASN A 315 44.25 -50.55 7.63
C ASN A 315 45.16 -51.01 6.51
N GLU A 316 44.62 -51.67 5.50
CA GLU A 316 45.38 -52.14 4.35
C GLU A 316 45.13 -51.33 3.08
N TYR A 317 43.90 -50.87 2.85
CA TYR A 317 43.57 -49.91 1.79
C TYR A 317 42.95 -48.68 2.42
N PRO A 318 43.74 -47.62 2.65
CA PRO A 318 43.19 -46.42 3.29
C PRO A 318 42.25 -45.60 2.41
N GLN A 319 42.12 -45.94 1.12
CA GLN A 319 41.29 -45.13 0.24
C GLN A 319 39.81 -45.23 0.60
N PHE A 320 39.42 -46.25 1.35
CA PHE A 320 38.01 -46.50 1.64
C PHE A 320 37.41 -45.37 2.46
N HIS A 321 36.11 -45.13 2.27
CA HIS A 321 35.36 -44.35 3.25
C HIS A 321 34.84 -45.24 4.38
N SER A 322 34.01 -46.23 4.05
CA SER A 322 33.29 -46.98 5.07
C SER A 322 33.00 -48.38 4.57
N ILE A 323 33.35 -49.39 5.37
CA ILE A 323 32.97 -50.77 5.14
C ILE A 323 32.18 -51.26 6.34
N SER A 324 31.16 -52.06 6.09
CA SER A 324 30.36 -52.63 7.17
C SER A 324 29.52 -53.76 6.63
N ALA A 325 29.32 -54.78 7.46
CA ALA A 325 28.46 -55.91 7.12
C ALA A 325 27.10 -55.71 7.78
N PHE A 326 26.05 -56.21 7.14
CA PHE A 326 24.70 -56.09 7.66
C PHE A 326 23.93 -57.38 7.39
N ASN A 327 22.87 -57.57 8.16
CA ASN A 327 21.96 -58.69 7.94
C ASN A 327 20.58 -58.31 8.45
N ASN A 328 19.56 -59.01 7.94
CA ASN A 328 18.18 -58.74 8.32
C ASN A 328 17.42 -60.07 8.32
N ILE A 329 17.38 -60.71 9.47
CA ILE A 329 16.64 -61.96 9.62
C ILE A 329 15.15 -61.66 9.61
N TYR A 330 14.40 -62.40 8.82
CA TYR A 330 12.95 -62.32 8.77
C TYR A 330 12.36 -63.64 9.25
N ASN A 331 11.04 -63.76 9.14
CA ASN A 331 10.38 -65.03 9.43
C ASN A 331 10.48 -65.92 8.18
N ASN A 332 11.21 -67.03 8.31
CA ASN A 332 11.44 -68.03 7.28
C ASN A 332 12.43 -67.59 6.20
N THR A 333 13.15 -66.49 6.40
CA THR A 333 14.07 -66.01 5.38
C THR A 333 15.07 -65.05 6.01
N GLY A 334 16.32 -65.10 5.54
CA GLY A 334 17.35 -64.21 6.01
C GLY A 334 18.09 -63.56 4.86
N ILE A 335 18.97 -62.61 5.21
CA ILE A 335 19.75 -61.84 4.26
C ILE A 335 21.11 -61.55 4.89
N PHE A 336 22.13 -61.42 4.05
CA PHE A 336 23.45 -61.01 4.47
C PHE A 336 24.13 -60.24 3.34
N GLY A 337 25.05 -59.36 3.69
CA GLY A 337 25.76 -58.61 2.65
C GLY A 337 26.78 -57.68 3.25
N ILE A 338 27.40 -56.90 2.37
CA ILE A 338 28.42 -55.92 2.74
C ILE A 338 28.16 -54.64 1.95
N GLN A 339 28.24 -53.49 2.63
CA GLN A 339 28.07 -52.19 2.01
C GLN A 339 29.37 -51.41 2.14
N VAL A 340 29.81 -50.80 1.04
CA VAL A 340 31.10 -50.12 0.99
C VAL A 340 30.95 -48.79 0.28
N THR A 341 31.69 -47.78 0.75
CA THR A 341 31.74 -46.46 0.14
C THR A 341 33.18 -46.11 -0.18
N THR A 342 33.43 -45.68 -1.41
CA THR A 342 34.77 -45.29 -1.85
C THR A 342 34.61 -44.37 -3.05
N GLY A 343 35.67 -43.61 -3.34
CA GLY A 343 35.66 -42.73 -4.49
C GLY A 343 35.55 -43.48 -5.81
N SER A 344 35.49 -42.69 -6.88
CA SER A 344 35.20 -43.25 -8.20
C SER A 344 36.43 -43.81 -8.90
N ASP A 345 37.49 -44.14 -8.16
CA ASP A 345 38.72 -44.64 -8.75
C ASP A 345 39.22 -45.93 -8.10
N PHE A 346 38.36 -46.64 -7.35
CA PHE A 346 38.79 -47.87 -6.71
C PHE A 346 37.68 -48.93 -6.73
N VAL A 347 36.70 -48.78 -7.61
CA VAL A 347 35.44 -49.52 -7.48
C VAL A 347 35.66 -51.01 -7.71
N SER A 348 36.06 -51.39 -8.93
CA SER A 348 36.18 -52.81 -9.25
C SER A 348 37.15 -53.51 -8.32
N LYS A 349 38.19 -52.79 -7.87
CA LYS A 349 39.07 -53.32 -6.84
C LYS A 349 38.30 -53.61 -5.56
N ALA A 350 37.38 -52.71 -5.19
CA ALA A 350 36.58 -52.94 -3.98
C ALA A 350 35.72 -54.20 -4.13
N ILE A 351 35.10 -54.39 -5.30
CA ILE A 351 34.32 -55.61 -5.51
C ILE A 351 35.22 -56.84 -5.39
N ASP A 352 36.40 -56.80 -6.01
CA ASP A 352 37.31 -57.94 -5.91
C ASP A 352 37.67 -58.24 -4.47
N ILE A 353 37.99 -57.20 -3.69
CA ILE A 353 38.39 -57.40 -2.30
C ILE A 353 37.26 -58.01 -1.49
N THR A 354 36.04 -57.50 -1.68
CA THR A 354 34.93 -57.99 -0.86
C THR A 354 34.56 -59.42 -1.24
N VAL A 355 34.59 -59.76 -2.53
CA VAL A 355 34.28 -61.14 -2.90
C VAL A 355 35.36 -62.08 -2.40
N ASN A 356 36.63 -61.64 -2.45
CA ASN A 356 37.70 -62.44 -1.88
C ASN A 356 37.49 -62.66 -0.39
N GLU A 357 37.05 -61.62 0.34
CA GLU A 357 36.86 -61.76 1.77
C GLU A 357 35.72 -62.71 2.10
N LEU A 358 34.61 -62.61 1.37
CA LEU A 358 33.52 -63.57 1.56
C LEU A 358 33.99 -64.99 1.32
N LEU A 359 34.71 -65.24 0.22
CA LEU A 359 35.17 -66.60 -0.05
C LEU A 359 36.21 -67.06 0.96
N ALA A 360 37.00 -66.13 1.50
CA ALA A 360 37.94 -66.49 2.57
C ALA A 360 37.19 -66.94 3.81
N VAL A 361 36.09 -66.26 4.14
CA VAL A 361 35.25 -66.72 5.24
C VAL A 361 34.64 -68.08 4.92
N ALA A 362 34.30 -68.31 3.65
CA ALA A 362 33.62 -69.55 3.27
C ALA A 362 34.52 -70.76 3.46
N THR A 363 35.74 -70.71 2.95
CA THR A 363 36.64 -71.87 3.00
C THR A 363 36.97 -72.24 4.45
N SER A 364 37.06 -73.53 4.70
CA SER A 364 37.24 -74.04 6.06
C SER A 364 38.67 -73.89 6.53
N GLY A 365 38.83 -73.56 7.81
CA GLY A 365 40.14 -73.46 8.42
C GLY A 365 40.74 -72.07 8.43
N GLN A 366 39.98 -71.04 8.07
CA GLN A 366 40.51 -69.69 7.95
C GLN A 366 40.24 -68.81 9.15
N VAL A 367 39.58 -69.32 10.18
CA VAL A 367 39.17 -68.52 11.33
C VAL A 367 39.90 -69.02 12.56
N ASP A 368 40.54 -68.10 13.28
CA ASP A 368 41.28 -68.45 14.49
C ASP A 368 40.31 -68.72 15.65
N GLN A 369 40.79 -69.49 16.62
CA GLN A 369 39.98 -69.77 17.81
C GLN A 369 39.75 -68.51 18.62
N VAL A 370 40.77 -67.65 18.73
CA VAL A 370 40.61 -66.38 19.42
C VAL A 370 39.50 -65.57 18.78
N GLN A 371 39.44 -65.58 17.44
CA GLN A 371 38.40 -64.83 16.73
C GLN A 371 37.01 -65.31 17.12
N LEU A 372 36.81 -66.64 17.11
CA LEU A 372 35.50 -67.19 17.44
C LEU A 372 35.13 -66.89 18.90
N ASP A 373 36.08 -67.04 19.81
CA ASP A 373 35.81 -66.77 21.22
C ASP A 373 35.45 -65.31 21.44
N ARG A 374 36.20 -64.40 20.80
CA ARG A 374 35.90 -62.98 20.93
C ARG A 374 34.54 -62.64 20.36
N ALA A 375 34.19 -63.21 19.20
CA ALA A 375 32.88 -62.95 18.64
C ALA A 375 31.77 -63.46 19.55
N LYS A 376 31.96 -64.65 20.12
CA LYS A 376 30.97 -65.20 21.03
C LYS A 376 30.77 -64.30 22.25
N GLN A 377 31.87 -63.86 22.85
CA GLN A 377 31.79 -63.01 24.03
C GLN A 377 31.14 -61.67 23.71
N ALA A 378 31.53 -61.06 22.58
CA ALA A 378 30.95 -59.78 22.20
C ALA A 378 29.45 -59.92 21.93
N THR A 379 29.03 -60.99 21.27
CA THR A 379 27.62 -61.17 20.98
C THR A 379 26.81 -61.33 22.27
N LYS A 380 27.28 -62.17 23.19
CA LYS A 380 26.52 -62.37 24.41
C LYS A 380 26.51 -61.11 25.27
N SER A 381 27.63 -60.39 25.34
CA SER A 381 27.68 -59.15 26.09
C SER A 381 26.74 -58.10 25.50
N ALA A 382 26.70 -58.01 24.17
CA ALA A 382 25.80 -57.07 23.52
C ALA A 382 24.34 -57.42 23.83
N ILE A 383 23.99 -58.71 23.78
CA ILE A 383 22.62 -59.09 24.09
C ILE A 383 22.26 -58.71 25.52
N LEU A 384 23.14 -59.01 26.47
CA LEU A 384 22.82 -58.75 27.87
C LEU A 384 22.76 -57.25 28.15
N MET A 385 23.67 -56.45 27.58
CA MET A 385 23.58 -55.00 27.77
C MET A 385 22.39 -54.40 27.04
N ASN A 386 21.93 -55.02 25.96
CA ASN A 386 20.70 -54.58 25.32
C ASN A 386 19.49 -54.83 26.21
N LEU A 387 19.48 -55.95 26.92
CA LEU A 387 18.29 -56.30 27.70
C LEU A 387 18.12 -55.45 28.98
N GLU A 388 18.79 -54.32 29.17
CA GLU A 388 18.67 -53.57 30.42
C GLU A 388 17.42 -52.70 30.46
N SER A 389 17.16 -51.95 29.38
CA SER A 389 16.07 -50.98 29.39
C SER A 389 14.71 -51.68 29.40
N ARG A 390 13.72 -50.97 29.96
CA ARG A 390 12.35 -51.49 29.98
C ARG A 390 11.73 -51.53 28.59
N MET A 391 12.08 -50.55 27.75
CA MET A 391 11.57 -50.54 26.38
C MET A 391 11.97 -51.81 25.65
N VAL A 392 13.23 -52.23 25.83
CA VAL A 392 13.72 -53.40 25.12
C VAL A 392 13.02 -54.65 25.62
N VAL A 393 12.76 -54.76 26.93
CA VAL A 393 12.13 -55.97 27.43
C VAL A 393 10.67 -56.05 26.98
N SER A 394 9.96 -54.91 26.96
CA SER A 394 8.59 -54.93 26.47
C SER A 394 8.53 -55.29 24.99
N GLU A 395 9.40 -54.67 24.19
CA GLU A 395 9.46 -55.00 22.76
C GLU A 395 9.82 -56.46 22.55
N ASP A 396 10.76 -56.98 23.34
CA ASP A 396 11.18 -58.37 23.21
C ASP A 396 10.02 -59.31 23.52
N ILE A 397 9.31 -59.07 24.61
CA ILE A 397 8.17 -59.90 24.96
C ILE A 397 7.15 -59.89 23.83
N GLY A 398 6.81 -58.70 23.33
CA GLY A 398 5.80 -58.61 22.29
C GLY A 398 6.21 -59.35 21.02
N ARG A 399 7.43 -59.09 20.55
CA ARG A 399 7.89 -59.71 19.31
C ARG A 399 7.97 -61.22 19.45
N GLN A 400 8.50 -61.71 20.58
CA GLN A 400 8.65 -63.14 20.77
C GLN A 400 7.30 -63.83 20.89
N VAL A 401 6.35 -63.24 21.62
CA VAL A 401 5.04 -63.86 21.74
C VAL A 401 4.33 -63.85 20.38
N LEU A 402 4.59 -62.85 19.54
CA LEU A 402 4.08 -62.92 18.18
C LEU A 402 4.70 -64.08 17.40
N THR A 403 6.03 -64.18 17.42
CA THR A 403 6.71 -65.12 16.53
C THR A 403 6.58 -66.56 17.02
N TYR A 404 7.12 -66.86 18.20
CA TYR A 404 7.16 -68.23 18.69
C TYR A 404 5.91 -68.64 19.46
N GLY A 405 5.16 -67.68 20.00
CA GLY A 405 4.04 -67.98 20.85
C GLY A 405 4.37 -68.06 22.33
N GLU A 406 5.64 -68.21 22.67
CA GLU A 406 6.08 -68.19 24.06
C GLU A 406 7.41 -67.46 24.15
N ARG A 407 7.68 -66.86 25.30
CA ARG A 407 8.96 -66.21 25.52
C ARG A 407 10.04 -67.24 25.80
N LYS A 408 11.20 -67.06 25.16
CA LYS A 408 12.32 -67.97 25.35
C LYS A 408 13.33 -67.34 26.30
N PRO A 409 13.62 -67.99 27.44
CA PRO A 409 14.50 -67.38 28.43
C PRO A 409 15.88 -67.08 27.87
N VAL A 410 16.51 -66.05 28.43
CA VAL A 410 17.82 -65.61 27.95
C VAL A 410 18.86 -66.72 28.11
N GLU A 411 18.69 -67.57 29.12
CA GLU A 411 19.59 -68.70 29.30
C GLU A 411 19.61 -69.59 28.07
N ASP A 412 18.46 -69.80 27.43
CA ASP A 412 18.40 -70.63 26.23
C ASP A 412 19.23 -70.01 25.10
N PHE A 413 19.10 -68.70 24.90
CA PHE A 413 19.89 -68.04 23.87
C PHE A 413 21.37 -68.11 24.19
N LEU A 414 21.74 -67.97 25.46
CA LEU A 414 23.15 -68.06 25.83
C LEU A 414 23.70 -69.46 25.59
N LYS A 415 22.92 -70.49 25.93
CA LYS A 415 23.31 -71.87 25.65
C LYS A 415 23.53 -72.07 24.16
N ALA A 416 22.56 -71.66 23.34
CA ALA A 416 22.71 -71.79 21.90
C ALA A 416 23.91 -70.99 21.38
N VAL A 417 24.24 -69.88 22.04
CA VAL A 417 25.43 -69.12 21.66
C VAL A 417 26.69 -69.92 21.94
N ASP A 418 26.73 -70.60 23.09
CA ASP A 418 27.95 -71.32 23.47
C ASP A 418 28.20 -72.52 22.57
N GLU A 419 27.15 -73.08 21.96
CA GLU A 419 27.30 -74.25 21.10
C GLU A 419 28.00 -73.96 19.79
N VAL A 420 28.22 -72.70 19.44
CA VAL A 420 28.81 -72.35 18.15
C VAL A 420 30.25 -72.84 18.09
N THR A 421 30.66 -73.32 16.91
CA THR A 421 32.01 -73.80 16.68
C THR A 421 32.42 -73.43 15.25
N LEU A 422 33.59 -73.92 14.84
CA LEU A 422 34.12 -73.56 13.53
C LEU A 422 33.39 -74.28 12.41
N LYS A 423 33.11 -75.58 12.59
CA LYS A 423 32.45 -76.33 11.51
C LYS A 423 31.05 -75.81 11.26
N ASP A 424 30.35 -75.34 12.31
CA ASP A 424 29.00 -74.83 12.13
C ASP A 424 29.01 -73.54 11.31
N ILE A 425 29.90 -72.60 11.64
CA ILE A 425 29.96 -71.38 10.84
C ILE A 425 30.41 -71.69 9.43
N ALA A 426 31.31 -72.68 9.27
CA ALA A 426 31.75 -73.07 7.94
C ALA A 426 30.58 -73.56 7.10
N SER A 427 29.79 -74.49 7.64
CA SER A 427 28.66 -75.03 6.88
C SER A 427 27.62 -73.96 6.60
N ILE A 428 27.32 -73.10 7.59
CA ILE A 428 26.33 -72.06 7.36
C ILE A 428 26.80 -71.09 6.28
N SER A 429 28.08 -70.68 6.33
CA SER A 429 28.62 -69.81 5.29
C SER A 429 28.61 -70.51 3.93
N GLN A 430 28.81 -71.82 3.91
CA GLN A 430 28.68 -72.56 2.67
C GLN A 430 27.25 -72.43 2.12
N LYS A 431 26.26 -72.51 3.00
CA LYS A 431 24.89 -72.31 2.56
C LYS A 431 24.63 -70.88 2.09
N LEU A 432 25.26 -69.88 2.73
CA LEU A 432 25.17 -68.52 2.22
C LEU A 432 25.72 -68.41 0.81
N ILE A 433 26.90 -68.98 0.58
CA ILE A 433 27.58 -68.76 -0.68
C ILE A 433 26.95 -69.55 -1.82
N SER A 434 26.10 -70.52 -1.51
CA SER A 434 25.47 -71.36 -2.52
C SER A 434 24.21 -70.75 -3.11
N SER A 435 24.04 -69.43 -3.02
CA SER A 435 22.82 -68.78 -3.47
C SER A 435 23.12 -67.69 -4.49
N PRO A 436 22.18 -67.39 -5.38
CA PRO A 436 22.42 -66.35 -6.39
C PRO A 436 22.69 -64.99 -5.78
N LEU A 437 23.47 -64.18 -6.48
CA LEU A 437 23.94 -62.90 -5.97
C LEU A 437 22.92 -61.79 -6.22
N THR A 438 22.79 -60.91 -5.24
CA THR A 438 22.04 -59.67 -5.37
C THR A 438 23.00 -58.50 -5.26
N MET A 439 22.78 -57.47 -6.07
CA MET A 439 23.69 -56.33 -6.08
C MET A 439 22.90 -55.07 -6.40
N ALA A 440 23.45 -53.93 -6.00
CA ALA A 440 22.89 -52.62 -6.32
C ALA A 440 23.98 -51.59 -6.10
N SER A 441 23.79 -50.42 -6.68
CA SER A 441 24.80 -49.37 -6.61
C SER A 441 24.12 -48.01 -6.63
N TYR A 442 24.88 -47.00 -6.24
CA TYR A 442 24.38 -45.63 -6.15
C TYR A 442 25.55 -44.68 -6.30
N GLY A 443 25.26 -43.43 -6.66
CA GLY A 443 26.30 -42.45 -6.88
C GLY A 443 26.66 -42.29 -8.34
N ASP A 444 27.89 -42.65 -8.70
CA ASP A 444 28.35 -42.59 -10.09
C ASP A 444 28.29 -44.01 -10.66
N VAL A 445 27.11 -44.34 -11.21
CA VAL A 445 26.84 -45.68 -11.69
C VAL A 445 27.73 -46.08 -12.86
N ILE A 446 28.23 -45.12 -13.63
CA ILE A 446 28.83 -45.38 -14.94
C ILE A 446 30.11 -46.20 -14.85
N TYR A 447 30.56 -46.54 -13.64
CA TYR A 447 31.78 -47.31 -13.45
C TYR A 447 31.60 -48.66 -12.80
N VAL A 448 30.45 -48.94 -12.17
CA VAL A 448 30.26 -50.20 -11.46
C VAL A 448 30.25 -51.35 -12.46
N PRO A 449 30.86 -52.49 -12.12
CA PRO A 449 30.96 -53.61 -13.06
C PRO A 449 29.61 -54.24 -13.40
N ASN A 450 29.64 -55.23 -14.29
CA ASN A 450 28.45 -55.94 -14.72
C ASN A 450 28.05 -56.99 -13.67
N TYR A 451 26.79 -57.41 -13.75
CA TYR A 451 26.28 -58.42 -12.82
C TYR A 451 26.82 -59.80 -13.14
N GLU A 452 26.78 -60.20 -14.42
CA GLU A 452 27.08 -61.58 -14.79
C GLU A 452 28.53 -61.96 -14.50
N SER A 453 29.46 -61.07 -14.86
CA SER A 453 30.88 -61.39 -14.68
C SER A 453 31.23 -61.51 -13.20
N VAL A 454 30.69 -60.62 -12.36
CA VAL A 454 30.93 -60.72 -10.92
C VAL A 454 30.27 -61.97 -10.38
N SER A 455 29.07 -62.31 -10.89
CA SER A 455 28.38 -63.50 -10.43
C SER A 455 29.19 -64.75 -10.73
N SER A 456 29.85 -64.79 -11.89
CA SER A 456 30.65 -65.96 -12.24
C SER A 456 31.85 -66.14 -11.32
N LYS A 457 32.28 -65.07 -10.63
CA LYS A 457 33.40 -65.19 -9.70
C LYS A 457 33.05 -66.04 -8.49
N PHE A 458 31.77 -66.32 -8.27
CA PHE A 458 31.30 -67.11 -7.14
C PHE A 458 31.01 -68.53 -7.59
N ARG A 459 30.42 -69.31 -6.69
CA ARG A 459 29.94 -70.64 -6.99
C ARG A 459 28.55 -70.55 -7.65
N SER A 460 27.86 -71.67 -7.73
CA SER A 460 26.50 -71.69 -8.24
C SER A 460 25.54 -70.97 -7.28
N SER B 1 -40.12 -33.00 -8.19
CA SER B 1 -39.30 -32.44 -9.26
C SER B 1 -37.81 -32.28 -8.90
N PRO B 2 -37.49 -31.77 -7.72
CA PRO B 2 -36.08 -31.69 -7.33
C PRO B 2 -35.48 -33.08 -7.27
N PRO B 3 -34.20 -33.21 -7.61
CA PRO B 3 -33.55 -34.53 -7.60
C PRO B 3 -33.46 -35.09 -6.20
N PRO B 4 -33.61 -36.40 -6.05
CA PRO B 4 -33.44 -37.03 -4.74
C PRO B 4 -32.03 -36.84 -4.21
N PRO B 5 -31.83 -36.86 -2.90
CA PRO B 5 -30.53 -36.46 -2.32
C PRO B 5 -29.36 -37.33 -2.72
N ASN B 6 -29.58 -38.31 -3.59
CA ASN B 6 -28.49 -39.11 -4.13
C ASN B 6 -28.35 -38.98 -5.65
N ALA B 7 -29.07 -38.06 -6.27
CA ALA B 7 -29.11 -37.97 -7.72
C ALA B 7 -28.09 -37.00 -8.30
N MET B 8 -27.30 -36.33 -7.47
CA MET B 8 -26.29 -35.40 -7.95
C MET B 8 -24.96 -35.67 -7.24
N VAL B 9 -23.87 -35.33 -7.94
CA VAL B 9 -22.54 -35.69 -7.45
C VAL B 9 -22.18 -34.94 -6.17
N TYR B 10 -22.81 -33.80 -5.89
CA TYR B 10 -22.50 -33.07 -4.67
C TYR B 10 -23.45 -33.43 -3.53
N ASP B 11 -24.70 -33.79 -3.84
CA ASP B 11 -25.61 -34.23 -2.80
C ASP B 11 -25.14 -35.53 -2.14
N ARG B 12 -24.62 -36.46 -2.95
CA ARG B 12 -24.13 -37.72 -2.40
C ARG B 12 -22.97 -37.50 -1.45
N LEU B 13 -22.01 -36.66 -1.85
CA LEU B 13 -20.86 -36.41 -0.99
C LEU B 13 -21.26 -35.66 0.28
N ALA B 14 -22.21 -34.73 0.17
CA ALA B 14 -22.70 -34.08 1.38
C ALA B 14 -23.34 -35.08 2.33
N GLU B 15 -24.12 -36.01 1.78
CA GLU B 15 -24.75 -37.03 2.62
C GLU B 15 -23.71 -37.92 3.28
N ALA B 16 -22.66 -38.27 2.55
CA ALA B 16 -21.58 -39.07 3.14
C ALA B 16 -20.91 -38.33 4.28
N VAL B 17 -20.65 -37.04 4.09
CA VAL B 17 -20.02 -36.24 5.16
C VAL B 17 -20.90 -36.23 6.40
N LYS B 18 -22.20 -36.03 6.21
CA LYS B 18 -23.10 -36.01 7.36
C LYS B 18 -23.14 -37.37 8.05
N ALA B 19 -23.11 -38.45 7.27
CA ALA B 19 -23.11 -39.78 7.87
C ALA B 19 -21.86 -40.02 8.71
N LYS B 20 -20.69 -39.63 8.21
CA LYS B 20 -19.49 -39.80 9.00
C LYS B 20 -19.53 -38.95 10.26
N LEU B 21 -20.01 -37.70 10.15
CA LEU B 21 -20.09 -36.84 11.33
C LEU B 21 -21.04 -37.42 12.37
N ARG B 22 -22.11 -38.08 11.94
CA ARG B 22 -22.92 -38.81 12.92
C ARG B 22 -22.17 -39.98 13.51
N GLN B 23 -21.32 -40.65 12.71
CA GLN B 23 -20.50 -41.73 13.25
C GLN B 23 -19.53 -41.23 14.31
N LEU B 24 -19.16 -39.96 14.28
CA LEU B 24 -18.12 -39.43 15.16
C LEU B 24 -18.63 -38.98 16.53
N GLU B 25 -19.94 -38.85 16.74
CA GLU B 25 -20.40 -38.02 17.85
C GLU B 25 -20.50 -38.77 19.20
N ASN B 26 -21.32 -39.81 19.27
CA ASN B 26 -21.69 -40.37 20.58
C ASN B 26 -20.57 -41.21 21.17
N PRO B 27 -20.09 -40.89 22.37
CA PRO B 27 -18.94 -41.59 22.94
C PRO B 27 -19.36 -42.77 23.80
N ASP B 28 -18.35 -43.55 24.22
CA ASP B 28 -18.56 -44.74 25.03
C ASP B 28 -18.05 -44.49 26.44
N PRO B 29 -18.90 -44.55 27.46
CA PRO B 29 -18.43 -44.27 28.83
C PRO B 29 -17.32 -45.19 29.30
N ARG B 30 -17.36 -46.47 28.90
CA ARG B 30 -16.41 -47.44 29.45
C ARG B 30 -14.98 -47.13 29.05
N PHE B 31 -14.77 -46.28 28.06
CA PHE B 31 -13.44 -45.82 27.70
C PHE B 31 -13.06 -44.51 28.36
N LEU B 32 -13.99 -43.88 29.07
CA LEU B 32 -13.77 -42.57 29.70
C LEU B 32 -13.72 -42.66 31.21
N LYS B 33 -13.24 -43.79 31.73
CA LYS B 33 -13.31 -44.05 33.17
C LYS B 33 -12.15 -43.46 33.95
N TYR B 34 -10.91 -43.64 33.47
CA TYR B 34 -9.74 -43.27 34.25
C TYR B 34 -9.05 -42.00 33.79
N GLY B 35 -9.14 -41.66 32.51
CA GLY B 35 -8.41 -40.50 32.01
C GLY B 35 -9.16 -39.20 32.22
N SER B 36 -8.38 -38.12 32.34
CA SER B 36 -8.94 -36.77 32.42
C SER B 36 -7.85 -35.79 32.01
N PRO B 37 -8.16 -34.81 31.17
CA PRO B 37 -7.11 -33.90 30.67
C PRO B 37 -6.75 -32.78 31.63
N ARG B 38 -7.50 -32.60 32.71
CA ARG B 38 -7.21 -31.54 33.67
C ARG B 38 -6.16 -32.03 34.65
N PRO B 39 -4.98 -31.40 34.71
CA PRO B 39 -3.92 -31.93 35.58
C PRO B 39 -4.25 -31.80 37.05
N THR B 40 -3.83 -32.80 37.82
CA THR B 40 -3.91 -32.79 39.27
C THR B 40 -2.62 -33.37 39.82
N LEU B 41 -2.32 -33.02 41.07
CA LEU B 41 -1.09 -33.45 41.72
C LEU B 41 -1.34 -34.79 42.42
N THR B 42 -0.38 -35.71 42.31
CA THR B 42 -0.53 -37.07 42.80
C THR B 42 0.44 -37.33 43.95
N ASP B 43 0.31 -38.52 44.55
CA ASP B 43 1.15 -38.97 45.66
C ASP B 43 1.83 -40.27 45.25
N HIS B 44 3.14 -40.22 45.04
CA HIS B 44 3.92 -41.34 44.53
C HIS B 44 4.76 -42.01 45.61
N THR B 45 4.25 -42.13 46.83
CA THR B 45 5.01 -42.75 47.91
C THR B 45 5.02 -44.27 47.87
N ARG B 46 4.22 -44.88 47.00
CA ARG B 46 4.09 -46.34 46.96
C ARG B 46 5.08 -47.00 46.00
N ILE B 47 5.83 -46.23 45.21
CA ILE B 47 6.70 -46.79 44.19
C ILE B 47 8.12 -46.25 44.24
N LEU B 48 8.41 -45.25 45.08
CA LEU B 48 9.73 -44.65 45.09
C LEU B 48 10.78 -45.51 45.79
N ALA B 49 10.47 -46.75 46.13
CA ALA B 49 11.44 -47.61 46.81
C ALA B 49 12.59 -47.96 45.88
N ALA B 50 13.82 -47.77 46.34
CA ALA B 50 15.02 -48.03 45.57
C ALA B 50 16.07 -48.62 46.49
N PRO B 51 17.01 -49.39 45.93
CA PRO B 51 18.12 -49.88 46.75
C PRO B 51 18.95 -48.72 47.30
N GLU B 52 19.48 -48.93 48.50
CA GLU B 52 20.17 -47.86 49.20
C GLU B 52 21.55 -47.60 48.61
N THR B 53 21.90 -46.32 48.53
CA THR B 53 23.22 -45.90 48.08
C THR B 53 24.13 -45.84 49.30
N ARG B 54 25.21 -46.61 49.29
CA ARG B 54 26.12 -46.70 50.42
C ARG B 54 27.42 -45.98 50.08
N VAL B 55 27.71 -44.90 50.80
CA VAL B 55 28.86 -44.04 50.54
C VAL B 55 29.92 -44.31 51.60
N THR B 56 31.17 -44.41 51.15
CA THR B 56 32.30 -44.66 52.05
C THR B 56 33.42 -43.70 51.70
N THR B 57 33.97 -43.04 52.72
CA THR B 57 35.06 -42.07 52.54
C THR B 57 36.32 -42.67 53.15
N LEU B 58 37.30 -42.95 52.30
CA LEU B 58 38.57 -43.51 52.75
C LEU B 58 39.38 -42.46 53.49
N PRO B 59 40.35 -42.88 54.30
CA PRO B 59 41.18 -41.91 55.03
C PRO B 59 42.00 -40.98 54.14
N ASN B 60 41.95 -41.16 52.82
CA ASN B 60 42.62 -40.27 51.89
C ASN B 60 41.70 -39.18 51.35
N GLY B 61 40.47 -39.09 51.84
CA GLY B 61 39.49 -38.17 51.31
C GLY B 61 38.69 -38.71 50.15
N LEU B 62 39.12 -39.80 49.54
CA LEU B 62 38.43 -40.37 48.38
C LEU B 62 37.07 -40.92 48.80
N ARG B 63 36.14 -40.90 47.86
CA ARG B 63 34.77 -41.36 48.10
C ARG B 63 34.45 -42.51 47.17
N VAL B 64 33.82 -43.55 47.73
CA VAL B 64 33.37 -44.71 46.97
C VAL B 64 31.89 -44.89 47.22
N ALA B 65 31.10 -44.90 46.14
CA ALA B 65 29.66 -45.08 46.25
C ALA B 65 29.22 -46.19 45.30
N THR B 66 28.18 -46.90 45.70
CA THR B 66 27.66 -48.01 44.92
C THR B 66 26.14 -47.97 44.94
N GLU B 67 25.55 -48.89 44.19
CA GLU B 67 24.12 -49.19 44.25
C GLU B 67 24.01 -50.68 43.92
N SER B 68 24.00 -51.51 44.96
CA SER B 68 24.23 -52.93 44.80
C SER B 68 22.93 -53.65 44.49
N SER B 69 22.84 -54.25 43.31
CA SER B 69 21.74 -55.12 42.93
C SER B 69 22.32 -56.46 42.48
N LEU B 70 22.11 -57.50 43.26
CA LEU B 70 22.78 -58.78 43.05
C LEU B 70 22.07 -59.67 42.04
N ALA B 71 20.98 -59.21 41.45
CA ALA B 71 20.22 -60.01 40.49
C ALA B 71 20.61 -59.75 39.04
N ALA B 72 21.28 -58.64 38.75
CA ALA B 72 21.61 -58.30 37.38
C ALA B 72 22.78 -59.17 36.89
N ARG B 73 23.22 -58.90 35.67
CA ARG B 73 24.30 -59.67 35.05
C ARG B 73 25.40 -58.79 34.46
N THR B 74 25.29 -57.47 34.56
CA THR B 74 26.30 -56.55 34.06
C THR B 74 26.52 -55.45 35.08
N ALA B 75 27.71 -54.84 35.03
CA ALA B 75 28.08 -53.82 35.98
C ALA B 75 28.77 -52.67 35.28
N THR B 76 28.68 -51.48 35.87
CA THR B 76 29.35 -50.29 35.38
C THR B 76 30.28 -49.76 36.46
N VAL B 77 31.52 -49.47 36.08
CA VAL B 77 32.52 -48.93 36.99
C VAL B 77 33.16 -47.72 36.32
N GLY B 78 33.29 -46.63 37.06
CA GLY B 78 33.82 -45.41 36.48
C GLY B 78 34.44 -44.50 37.51
N VAL B 79 35.02 -43.40 37.02
CA VAL B 79 35.67 -42.39 37.85
C VAL B 79 35.16 -41.02 37.42
N TRP B 80 34.57 -40.30 38.36
CA TRP B 80 34.14 -38.92 38.14
C TRP B 80 35.11 -37.97 38.85
N ILE B 81 35.62 -37.00 38.11
CA ILE B 81 36.69 -36.14 38.60
C ILE B 81 36.17 -34.70 38.65
N ASP B 82 36.62 -33.96 39.67
CA ASP B 82 36.20 -32.57 39.86
C ASP B 82 37.26 -31.67 39.19
N ALA B 83 37.23 -31.68 37.86
CA ALA B 83 38.15 -30.92 37.05
C ALA B 83 37.52 -30.70 35.68
N GLY B 84 38.09 -29.75 34.94
CA GLY B 84 37.55 -29.42 33.64
C GLY B 84 38.38 -28.34 32.98
N SER B 85 37.82 -27.78 31.91
CA SER B 85 38.49 -26.70 31.17
C SER B 85 38.37 -25.35 31.85
N ARG B 86 37.57 -25.23 32.91
CA ARG B 86 37.48 -23.96 33.61
C ARG B 86 38.75 -23.66 34.40
N PHE B 87 39.43 -24.70 34.89
CA PHE B 87 40.55 -24.53 35.81
C PHE B 87 41.89 -24.52 35.10
N GLU B 88 41.94 -24.01 33.87
CA GLU B 88 43.18 -23.89 33.13
C GLU B 88 43.72 -22.46 33.26
N THR B 89 44.77 -22.15 32.49
CA THR B 89 45.62 -21.01 32.77
C THR B 89 45.83 -20.10 31.57
N GLU B 90 44.87 -20.04 30.64
CA GLU B 90 44.87 -19.09 29.53
C GLU B 90 46.00 -19.34 28.54
N GLU B 91 46.89 -20.28 28.87
CA GLU B 91 47.95 -20.70 27.96
C GLU B 91 47.85 -22.17 27.61
N SER B 92 47.37 -23.00 28.52
CA SER B 92 47.04 -24.40 28.26
C SER B 92 45.52 -24.48 28.32
N ASN B 93 44.86 -24.21 27.19
CA ASN B 93 43.41 -24.09 27.16
C ASN B 93 42.72 -25.37 26.75
N GLY B 94 43.26 -26.10 25.79
CA GLY B 94 42.68 -27.36 25.35
C GLY B 94 43.24 -28.58 26.03
N THR B 95 43.97 -28.43 27.12
CA THR B 95 44.71 -29.54 27.70
C THR B 95 43.79 -30.64 28.23
N ALA B 96 42.60 -30.29 28.71
CA ALA B 96 41.73 -31.32 29.28
C ALA B 96 41.26 -32.30 28.22
N HIS B 97 40.78 -31.79 27.08
CA HIS B 97 40.32 -32.66 26.01
C HIS B 97 41.48 -33.47 25.42
N PHE B 98 42.64 -32.83 25.29
CA PHE B 98 43.83 -33.52 24.81
C PHE B 98 44.22 -34.66 25.75
N LEU B 99 44.18 -34.41 27.05
CA LEU B 99 44.50 -35.44 28.03
C LEU B 99 43.50 -36.57 27.97
N GLU B 100 42.21 -36.26 27.81
CA GLU B 100 41.20 -37.31 27.67
C GLU B 100 41.50 -38.17 26.45
N HIS B 101 41.86 -37.54 25.34
CA HIS B 101 42.14 -38.30 24.12
C HIS B 101 43.36 -39.20 24.31
N MET B 102 44.42 -38.70 24.94
CA MET B 102 45.66 -39.45 25.01
C MET B 102 45.74 -40.39 26.21
N ILE B 103 44.77 -40.35 27.11
CA ILE B 103 44.80 -41.25 28.27
C ILE B 103 44.76 -42.71 27.86
N PHE B 104 44.26 -43.01 26.65
CA PHE B 104 44.01 -44.38 26.23
C PHE B 104 45.14 -44.97 25.40
N LYS B 105 46.39 -44.58 25.65
CA LYS B 105 47.48 -45.13 24.85
C LYS B 105 48.65 -45.59 25.71
N GLY B 106 48.82 -44.99 26.88
CA GLY B 106 50.07 -45.07 27.60
C GLY B 106 50.21 -46.31 28.44
N THR B 107 50.42 -46.13 29.76
CA THR B 107 50.48 -47.25 30.69
C THR B 107 51.59 -48.23 30.31
N GLU B 108 52.82 -47.75 30.47
CA GLU B 108 54.03 -48.44 30.03
C GLU B 108 54.03 -49.94 30.29
N LYS B 109 53.30 -50.39 31.32
CA LYS B 109 53.11 -51.83 31.51
C LYS B 109 52.37 -52.44 30.33
N ARG B 110 51.45 -51.70 29.71
CA ARG B 110 50.58 -52.23 28.66
C ARG B 110 50.60 -51.26 27.49
N ASN B 111 51.11 -51.70 26.34
CA ASN B 111 51.01 -50.87 25.15
C ASN B 111 49.55 -50.83 24.66
N ALA B 112 49.27 -49.88 23.76
CA ALA B 112 47.90 -49.58 23.38
C ALA B 112 47.18 -50.79 22.81
N ARG B 113 47.81 -51.49 21.86
CA ARG B 113 47.11 -52.56 21.15
C ARG B 113 46.71 -53.68 22.10
N GLU B 114 47.59 -54.03 23.03
CA GLU B 114 47.29 -55.12 23.96
C GLU B 114 46.14 -54.74 24.90
N LEU B 115 46.11 -53.49 25.37
CA LEU B 115 44.99 -53.01 26.18
C LEU B 115 43.67 -53.05 25.42
N GLU B 116 43.68 -52.54 24.18
CA GLU B 116 42.45 -52.51 23.40
C GLU B 116 41.97 -53.93 23.09
N GLU B 117 42.90 -54.85 22.84
CA GLU B 117 42.51 -56.23 22.59
C GLU B 117 42.06 -56.93 23.87
N GLU B 118 42.56 -56.51 25.03
CA GLU B 118 41.99 -57.00 26.28
C GLU B 118 40.53 -56.61 26.39
N ILE B 119 40.24 -55.32 26.24
CA ILE B 119 38.89 -54.85 26.47
C ILE B 119 37.93 -55.40 25.43
N GLU B 120 38.38 -55.54 24.18
CA GLU B 120 37.50 -56.14 23.17
C GLU B 120 37.34 -57.64 23.39
N ASN B 121 38.38 -58.32 23.87
CA ASN B 121 38.25 -59.72 24.24
C ASN B 121 37.45 -59.89 25.52
N MET B 122 37.31 -58.83 26.32
CA MET B 122 36.57 -58.89 27.56
C MET B 122 35.06 -58.82 27.36
N GLY B 123 34.61 -58.23 26.26
CA GLY B 123 33.20 -58.08 25.98
C GLY B 123 32.62 -56.72 26.32
N GLY B 124 33.39 -55.85 26.99
CA GLY B 124 32.94 -54.53 27.36
C GLY B 124 33.83 -53.44 26.81
N HIS B 125 33.35 -52.21 26.97
CA HIS B 125 34.02 -51.04 26.40
C HIS B 125 33.98 -49.90 27.39
N LEU B 126 34.93 -48.98 27.25
CA LEU B 126 35.03 -47.83 28.14
C LEU B 126 35.04 -46.55 27.33
N ASN B 127 34.33 -45.55 27.82
CA ASN B 127 34.19 -44.28 27.14
C ASN B 127 34.83 -43.18 27.97
N ALA B 128 34.68 -41.93 27.51
CA ALA B 128 35.13 -40.77 28.25
C ALA B 128 34.41 -39.56 27.70
N TYR B 129 34.43 -38.47 28.47
CA TYR B 129 33.95 -37.17 28.01
C TYR B 129 34.32 -36.12 29.04
N THR B 130 34.68 -34.94 28.55
CA THR B 130 35.03 -33.82 29.40
C THR B 130 34.12 -32.64 29.12
N SER B 131 34.02 -31.76 30.11
CA SER B 131 33.25 -30.52 30.00
C SER B 131 34.03 -29.42 30.70
N ARG B 132 33.39 -28.28 30.97
CA ARG B 132 34.09 -27.20 31.63
C ARG B 132 34.35 -27.48 33.11
N GLU B 133 33.61 -28.40 33.72
CA GLU B 133 33.72 -28.61 35.16
C GLU B 133 33.71 -30.08 35.61
N GLN B 134 33.54 -31.04 34.71
CA GLN B 134 33.47 -32.44 35.11
C GLN B 134 34.03 -33.32 34.00
N THR B 135 35.09 -34.06 34.29
CA THR B 135 35.64 -35.07 33.40
C THR B 135 35.25 -36.46 33.88
N THR B 136 35.23 -37.42 32.96
CA THR B 136 34.75 -38.76 33.28
C THR B 136 35.50 -39.81 32.50
N TYR B 137 35.77 -40.94 33.15
CA TYR B 137 36.30 -42.14 32.51
C TYR B 137 35.58 -43.33 33.12
N TYR B 138 34.82 -44.07 32.32
CA TYR B 138 34.03 -45.18 32.86
C TYR B 138 33.97 -46.31 31.85
N ALA B 139 33.69 -47.51 32.36
CA ALA B 139 33.69 -48.74 31.57
C ALA B 139 32.46 -49.57 31.88
N LYS B 140 31.90 -50.20 30.84
CA LYS B 140 30.86 -51.19 30.99
C LYS B 140 31.46 -52.57 30.75
N VAL B 141 31.16 -53.51 31.64
CA VAL B 141 31.72 -54.86 31.58
C VAL B 141 30.65 -55.83 32.06
N ALA B 142 31.01 -57.12 32.07
CA ALA B 142 30.17 -58.15 32.65
C ALA B 142 30.51 -58.35 34.12
N ASP B 143 29.67 -59.15 34.81
CA ASP B 143 29.80 -59.28 36.25
C ASP B 143 31.14 -59.85 36.67
N LYS B 144 31.61 -60.88 35.96
CA LYS B 144 32.84 -61.56 36.35
C LYS B 144 34.08 -60.70 36.12
N ASP B 145 33.97 -59.63 35.35
CA ASP B 145 35.12 -58.85 34.92
C ASP B 145 35.30 -57.55 35.68
N VAL B 146 34.54 -57.34 36.76
CA VAL B 146 34.64 -56.08 37.50
C VAL B 146 36.03 -55.85 38.06
N PRO B 147 36.68 -56.80 38.75
CA PRO B 147 38.05 -56.54 39.22
C PRO B 147 39.01 -56.22 38.10
N LYS B 148 38.90 -56.90 36.97
CA LYS B 148 39.77 -56.60 35.84
C LYS B 148 39.57 -55.19 35.34
N ALA B 149 38.31 -54.76 35.20
CA ALA B 149 38.01 -53.42 34.72
C ALA B 149 38.52 -52.36 35.68
N LEU B 150 38.34 -52.59 36.98
CA LEU B 150 38.80 -51.62 37.97
C LEU B 150 40.33 -51.55 37.98
N ASP B 151 41.00 -52.68 37.80
CA ASP B 151 42.45 -52.68 37.68
C ASP B 151 42.90 -51.88 36.47
N ILE B 152 42.23 -52.06 35.34
CA ILE B 152 42.54 -51.30 34.13
C ILE B 152 42.38 -49.81 34.39
N LEU B 153 41.27 -49.43 35.03
CA LEU B 153 41.03 -48.01 35.30
C LEU B 153 42.12 -47.43 36.19
N ALA B 154 42.47 -48.12 37.27
CA ALA B 154 43.50 -47.63 38.17
C ALA B 154 44.83 -47.48 37.44
N ASP B 155 45.18 -48.47 36.61
CA ASP B 155 46.46 -48.42 35.90
C ASP B 155 46.49 -47.25 34.91
N ILE B 156 45.41 -47.07 34.14
CA ILE B 156 45.44 -46.01 33.13
C ILE B 156 45.43 -44.64 33.78
N LEU B 157 44.77 -44.49 34.93
CA LEU B 157 44.79 -43.18 35.58
C LEU B 157 46.11 -42.90 36.29
N GLN B 158 46.75 -43.92 36.86
CA GLN B 158 47.90 -43.66 37.73
C GLN B 158 49.26 -43.81 37.06
N ASN B 159 49.41 -44.71 36.09
CA ASN B 159 50.73 -45.02 35.52
C ASN B 159 50.87 -44.60 34.06
N SER B 160 50.13 -43.57 33.65
CA SER B 160 50.18 -43.14 32.26
C SER B 160 51.54 -42.56 31.90
N ARG B 161 51.99 -42.83 30.68
CA ARG B 161 53.23 -42.29 30.14
C ARG B 161 52.99 -41.77 28.74
N PHE B 162 53.62 -40.65 28.40
CA PHE B 162 53.43 -40.00 27.11
C PHE B 162 54.71 -40.05 26.29
N ASP B 163 54.55 -40.15 24.97
CA ASP B 163 55.66 -40.23 24.03
C ASP B 163 55.44 -39.24 22.89
N GLU B 164 56.54 -38.75 22.34
CA GLU B 164 56.49 -37.63 21.38
C GLU B 164 55.72 -38.01 20.11
N ASN B 165 55.97 -39.20 19.56
CA ASN B 165 55.32 -39.60 18.33
C ASN B 165 53.80 -39.66 18.49
N ARG B 166 53.34 -40.28 19.57
CA ARG B 166 51.93 -40.29 19.91
C ARG B 166 51.39 -38.88 20.07
N ILE B 167 52.21 -37.97 20.61
CA ILE B 167 51.79 -36.58 20.78
C ILE B 167 51.55 -35.93 19.43
N SER B 168 52.46 -36.13 18.48
CA SER B 168 52.27 -35.54 17.15
C SER B 168 51.05 -36.12 16.46
N ARG B 169 50.86 -37.44 16.57
CA ARG B 169 49.70 -38.07 15.95
C ARG B 169 48.40 -37.55 16.54
N GLU B 170 48.35 -37.41 17.88
CA GLU B 170 47.18 -36.85 18.54
C GLU B 170 46.96 -35.40 18.15
N ARG B 171 48.04 -34.63 18.02
CA ARG B 171 47.93 -33.23 17.61
C ARG B 171 47.24 -33.12 16.26
N ASP B 172 47.67 -33.93 15.30
CA ASP B 172 47.06 -33.87 13.98
C ASP B 172 45.61 -34.37 14.01
N VAL B 173 45.34 -35.44 14.74
CA VAL B 173 43.97 -35.95 14.75
C VAL B 173 43.04 -34.94 15.44
N ILE B 174 43.54 -34.19 16.42
CA ILE B 174 42.67 -33.22 17.07
C ILE B 174 42.49 -31.97 16.22
N LEU B 175 43.49 -31.59 15.41
CA LEU B 175 43.23 -30.56 14.41
C LEU B 175 42.13 -31.00 13.45
N ARG B 176 42.17 -32.27 13.03
CA ARG B 176 41.14 -32.80 12.16
C ARG B 176 39.76 -32.74 12.83
N GLU B 177 39.69 -33.11 14.11
CA GLU B 177 38.39 -33.14 14.77
C GLU B 177 37.88 -31.74 15.07
N MET B 178 38.77 -30.76 15.26
CA MET B 178 38.32 -29.37 15.31
C MET B 178 37.70 -28.96 13.99
N GLU B 179 38.36 -29.33 12.87
CA GLU B 179 37.77 -29.01 11.58
C GLU B 179 36.48 -29.77 11.32
N GLU B 180 36.24 -30.88 12.02
CA GLU B 180 35.02 -31.66 11.84
C GLU B 180 33.81 -31.01 12.51
N VAL B 181 34.02 -30.30 13.63
CA VAL B 181 32.89 -29.88 14.48
C VAL B 181 32.28 -28.56 14.06
N GLU B 182 32.95 -27.78 13.21
CA GLU B 182 32.40 -26.47 12.83
C GLU B 182 31.25 -26.56 11.82
N GLY B 183 30.64 -27.71 11.57
CA GLY B 183 29.65 -27.80 10.52
C GLY B 183 28.21 -28.02 10.95
N GLN B 184 27.94 -28.11 12.25
CA GLN B 184 26.57 -28.30 12.73
C GLN B 184 25.97 -27.06 13.37
N THR B 185 26.71 -25.96 13.45
CA THR B 185 26.21 -24.61 13.70
C THR B 185 25.20 -24.50 14.84
N GLU B 186 25.25 -25.42 15.80
CA GLU B 186 24.51 -25.26 17.05
C GLU B 186 25.43 -25.22 18.25
N GLU B 187 26.40 -26.12 18.30
CA GLU B 187 27.47 -25.98 19.27
C GLU B 187 28.26 -24.70 19.03
N VAL B 188 28.29 -24.21 17.78
CA VAL B 188 28.88 -22.90 17.51
C VAL B 188 28.05 -21.81 18.17
N ILE B 189 26.73 -21.89 18.05
CA ILE B 189 25.86 -20.93 18.71
C ILE B 189 26.13 -20.90 20.21
N PHE B 190 26.18 -22.08 20.83
CA PHE B 190 26.32 -22.08 22.28
C PHE B 190 27.74 -21.75 22.72
N ASP B 191 28.75 -22.06 21.93
CA ASP B 191 30.10 -21.60 22.27
C ASP B 191 30.20 -20.09 22.22
N HIS B 192 29.58 -19.47 21.22
CA HIS B 192 29.61 -18.01 21.16
C HIS B 192 28.77 -17.38 22.27
N LEU B 193 27.65 -18.01 22.62
CA LEU B 193 26.85 -17.52 23.74
C LEU B 193 27.63 -17.60 25.05
N HIS B 194 28.33 -18.71 25.28
CA HIS B 194 29.14 -18.84 26.49
C HIS B 194 30.36 -17.94 26.44
N ALA B 195 30.81 -17.54 25.26
CA ALA B 195 31.96 -16.64 25.17
C ALA B 195 31.59 -15.18 25.21
N THR B 196 30.31 -14.84 24.99
CA THR B 196 29.89 -13.46 25.14
C THR B 196 29.29 -13.18 26.50
N ALA B 197 28.54 -14.13 27.08
CA ALA B 197 27.93 -13.89 28.38
C ALA B 197 28.98 -13.77 29.46
N PHE B 198 30.08 -14.52 29.35
CA PHE B 198 31.09 -14.55 30.40
C PHE B 198 32.46 -14.12 29.90
N GLN B 199 32.53 -13.01 29.17
CA GLN B 199 33.82 -12.51 28.71
C GLN B 199 34.69 -12.10 29.89
N TYR B 200 35.98 -12.36 29.76
CA TYR B 200 37.00 -12.01 30.76
C TYR B 200 36.82 -12.78 32.07
N THR B 201 36.35 -14.02 31.99
CA THR B 201 36.24 -14.93 33.13
C THR B 201 36.65 -16.33 32.70
N PRO B 202 36.80 -17.28 33.62
CA PRO B 202 37.11 -18.66 33.20
C PRO B 202 36.01 -19.32 32.38
N LEU B 203 34.74 -19.10 32.70
CA LEU B 203 33.68 -19.81 31.98
C LEU B 203 33.50 -19.34 30.54
N GLY B 204 34.25 -18.33 30.10
CA GLY B 204 34.07 -17.82 28.76
C GLY B 204 34.78 -18.62 27.69
N ARG B 205 35.71 -19.48 28.07
CA ARG B 205 36.54 -20.17 27.10
C ARG B 205 35.82 -21.40 26.55
N THR B 206 36.54 -22.13 25.69
CA THR B 206 36.00 -23.30 25.00
C THR B 206 36.82 -24.54 25.35
N ILE B 207 36.13 -25.69 25.36
CA ILE B 207 36.74 -26.93 25.83
C ILE B 207 37.87 -27.37 24.90
N LEU B 208 37.72 -27.14 23.59
CA LEU B 208 38.74 -27.60 22.65
C LEU B 208 39.90 -26.63 22.55
N GLY B 209 39.63 -25.33 22.60
CA GLY B 209 40.68 -24.33 22.64
C GLY B 209 41.21 -23.92 21.30
N PRO B 210 42.19 -23.03 21.29
CA PRO B 210 42.74 -22.50 20.03
C PRO B 210 43.63 -23.53 19.33
N ALA B 211 43.73 -23.35 18.01
CA ALA B 211 44.74 -24.08 17.26
C ALA B 211 46.14 -23.55 17.54
N GLN B 212 46.28 -22.22 17.58
CA GLN B 212 47.53 -21.59 17.96
C GLN B 212 47.98 -21.97 19.36
N ASN B 213 47.14 -22.66 20.13
CA ASN B 213 47.52 -23.21 21.41
C ASN B 213 47.77 -24.72 21.36
N ILE B 214 47.04 -25.45 20.51
CA ILE B 214 47.36 -26.85 20.32
C ILE B 214 48.69 -27.03 19.60
N LYS B 215 49.23 -25.96 19.04
CA LYS B 215 50.55 -26.07 18.39
C LYS B 215 51.66 -26.43 19.36
N THR B 216 51.53 -26.09 20.64
CA THR B 216 52.63 -26.15 21.61
C THR B 216 52.20 -26.82 22.92
N ILE B 217 51.63 -28.01 22.82
CA ILE B 217 50.98 -28.66 23.96
C ILE B 217 51.83 -29.80 24.51
N THR B 218 53.16 -29.64 24.43
CA THR B 218 54.15 -30.68 24.72
C THR B 218 53.99 -31.39 26.06
N LYS B 219 54.72 -32.52 26.20
CA LYS B 219 54.41 -33.54 27.20
C LYS B 219 54.46 -33.02 28.63
N ASP B 220 55.46 -32.19 28.95
CA ASP B 220 55.61 -31.70 30.32
C ASP B 220 54.34 -31.02 30.81
N HIS B 221 53.62 -30.37 29.90
CA HIS B 221 52.35 -29.73 30.25
C HIS B 221 51.32 -30.76 30.67
N LEU B 222 51.23 -31.88 29.94
CA LEU B 222 50.31 -32.94 30.33
C LEU B 222 50.67 -33.49 31.71
N GLN B 223 51.97 -33.71 31.94
CA GLN B 223 52.39 -34.22 33.24
C GLN B 223 52.05 -33.24 34.35
N ASN B 224 52.26 -31.94 34.11
CA ASN B 224 51.91 -30.93 35.09
C ASN B 224 50.41 -30.93 35.39
N TYR B 225 49.59 -31.04 34.34
CA TYR B 225 48.15 -31.08 34.56
C TYR B 225 47.75 -32.28 35.40
N ILE B 226 48.31 -33.45 35.11
CA ILE B 226 47.95 -34.65 35.87
C ILE B 226 48.37 -34.50 37.33
N GLN B 227 49.61 -34.04 37.57
CA GLN B 227 50.08 -33.94 38.94
C GLN B 227 49.43 -32.80 39.69
N THR B 228 48.79 -31.86 39.01
CA THR B 228 48.19 -30.71 39.66
C THR B 228 46.71 -30.86 39.94
N HIS B 229 45.95 -31.51 39.05
CA HIS B 229 44.50 -31.47 39.18
C HIS B 229 43.82 -32.82 39.42
N TYR B 230 44.56 -33.93 39.40
CA TYR B 230 43.98 -35.21 39.78
C TYR B 230 44.46 -35.60 41.18
N THR B 231 43.74 -35.08 42.17
CA THR B 231 44.07 -35.26 43.57
C THR B 231 43.00 -36.13 44.24
N ALA B 232 43.39 -36.83 45.31
CA ALA B 232 42.51 -37.81 45.91
C ALA B 232 41.19 -37.24 46.44
N PRO B 233 41.16 -36.14 47.19
CA PRO B 233 39.87 -35.64 47.68
C PRO B 233 38.92 -35.21 46.57
N ARG B 234 39.43 -34.86 45.40
CA ARG B 234 38.63 -34.32 44.31
C ARG B 234 38.08 -35.40 43.39
N MET B 235 38.33 -36.67 43.68
CA MET B 235 37.93 -37.77 42.83
C MET B 235 36.81 -38.56 43.47
N VAL B 236 35.99 -39.22 42.64
CA VAL B 236 34.89 -40.05 43.11
C VAL B 236 34.84 -41.32 42.28
N ILE B 237 34.69 -42.46 42.96
CA ILE B 237 34.54 -43.76 42.32
C ILE B 237 33.12 -44.25 42.55
N ALA B 238 32.45 -44.64 41.47
CA ALA B 238 31.05 -45.07 41.55
C ALA B 238 30.87 -46.35 40.75
N ALA B 239 29.84 -47.11 41.12
CA ALA B 239 29.58 -48.39 40.47
C ALA B 239 28.11 -48.76 40.65
N SER B 240 27.57 -49.50 39.69
CA SER B 240 26.19 -49.94 39.75
C SER B 240 26.08 -51.34 39.16
N GLY B 241 24.96 -51.99 39.45
CA GLY B 241 24.71 -53.32 38.92
C GLY B 241 25.00 -54.43 39.90
N ALA B 242 25.60 -55.52 39.40
CA ALA B 242 25.91 -56.68 40.23
C ALA B 242 27.30 -56.49 40.84
N VAL B 243 27.33 -55.76 41.95
CA VAL B 243 28.54 -55.51 42.72
C VAL B 243 28.19 -55.57 44.20
N LYS B 244 29.23 -55.53 45.02
CA LYS B 244 29.08 -55.42 46.48
C LYS B 244 30.01 -54.33 47.00
N HIS B 245 29.50 -53.55 47.95
CA HIS B 245 30.23 -52.37 48.40
C HIS B 245 31.56 -52.74 49.05
N GLU B 246 31.55 -53.78 49.89
CA GLU B 246 32.76 -54.14 50.63
C GLU B 246 33.85 -54.63 49.70
N ASP B 247 33.51 -55.44 48.70
CA ASP B 247 34.51 -55.94 47.76
C ASP B 247 35.16 -54.78 47.00
N ILE B 248 34.33 -53.86 46.50
CA ILE B 248 34.87 -52.72 45.76
C ILE B 248 35.74 -51.86 46.66
N VAL B 249 35.29 -51.62 47.90
CA VAL B 249 36.05 -50.72 48.77
C VAL B 249 37.39 -51.34 49.14
N GLU B 250 37.43 -52.67 49.36
CA GLU B 250 38.71 -53.28 49.71
C GLU B 250 39.65 -53.32 48.52
N GLN B 251 39.13 -53.62 47.32
CA GLN B 251 39.98 -53.60 46.13
C GLN B 251 40.51 -52.19 45.88
N VAL B 252 39.66 -51.17 46.04
CA VAL B 252 40.09 -49.79 45.83
C VAL B 252 41.16 -49.41 46.84
N LYS B 253 40.91 -49.70 48.12
CA LYS B 253 41.88 -49.39 49.17
C LYS B 253 43.21 -50.08 48.91
N LYS B 254 43.18 -51.29 48.34
CA LYS B 254 44.42 -51.97 48.03
C LYS B 254 45.11 -51.42 46.78
N LEU B 255 44.35 -50.90 45.81
CA LEU B 255 44.91 -50.53 44.51
C LEU B 255 45.27 -49.06 44.38
N PHE B 256 44.42 -48.15 44.85
CA PHE B 256 44.63 -46.73 44.59
C PHE B 256 45.67 -46.17 45.55
N THR B 257 46.91 -46.09 45.07
CA THR B 257 48.01 -45.46 45.77
C THR B 257 48.74 -44.55 44.79
N LYS B 258 49.83 -43.94 45.27
CA LYS B 258 50.70 -43.06 44.49
C LYS B 258 50.00 -41.80 44.01
N LEU B 259 48.83 -41.48 44.55
CA LEU B 259 48.13 -40.27 44.15
C LEU B 259 48.68 -39.06 44.90
N SER B 260 48.83 -37.95 44.18
CA SER B 260 49.34 -36.73 44.80
C SER B 260 48.38 -36.22 45.86
N THR B 261 48.93 -35.89 47.02
CA THR B 261 48.15 -35.41 48.17
C THR B 261 48.15 -33.88 48.27
N ASP B 262 47.72 -33.19 47.22
CA ASP B 262 47.66 -31.73 47.26
C ASP B 262 46.44 -31.29 48.06
N PRO B 263 46.61 -30.45 49.09
CA PRO B 263 45.47 -30.01 49.91
C PRO B 263 44.70 -28.84 49.29
N THR B 264 44.26 -29.02 48.06
CA THR B 264 43.56 -27.98 47.30
C THR B 264 42.22 -28.53 46.83
N THR B 265 41.14 -27.79 47.12
CA THR B 265 39.83 -28.16 46.64
C THR B 265 39.35 -27.16 45.58
N ALA B 266 38.14 -27.42 45.07
CA ALA B 266 37.57 -26.55 44.06
C ALA B 266 37.08 -25.24 44.66
N SER B 267 36.81 -25.22 45.96
CA SER B 267 36.25 -24.03 46.60
C SER B 267 37.21 -22.85 46.48
N GLN B 268 38.51 -23.07 46.67
CA GLN B 268 39.46 -21.97 46.55
C GLN B 268 39.62 -21.53 45.10
N LEU B 269 39.66 -22.48 44.16
CA LEU B 269 39.87 -22.13 42.77
C LEU B 269 38.66 -21.49 42.12
N VAL B 270 37.48 -21.60 42.73
CA VAL B 270 36.31 -20.88 42.25
C VAL B 270 36.02 -19.62 43.06
N ALA B 271 36.44 -19.58 44.34
CA ALA B 271 36.22 -18.40 45.16
C ALA B 271 36.91 -17.18 44.55
N LYS B 272 38.15 -17.34 44.11
CA LYS B 272 38.74 -16.37 43.21
C LYS B 272 38.38 -16.73 41.78
N GLU B 273 38.41 -15.74 40.90
CA GLU B 273 37.95 -15.85 39.53
C GLU B 273 36.48 -16.27 39.48
N PRO B 274 35.55 -15.43 39.95
CA PRO B 274 34.14 -15.79 39.91
C PRO B 274 33.56 -15.61 38.50
N ALA B 275 32.29 -15.96 38.36
CA ALA B 275 31.59 -15.89 37.08
C ALA B 275 30.62 -14.73 37.11
N ILE B 276 30.92 -13.67 36.36
CA ILE B 276 30.10 -12.48 36.30
C ILE B 276 29.40 -12.43 34.95
N PHE B 277 28.12 -12.09 34.97
CA PHE B 277 27.30 -11.99 33.77
C PHE B 277 27.28 -10.55 33.30
N THR B 278 27.67 -10.31 32.05
CA THR B 278 27.83 -8.95 31.55
C THR B 278 26.61 -8.48 30.74
N GLY B 279 26.27 -9.19 29.67
CA GLY B 279 25.17 -8.76 28.85
C GLY B 279 25.61 -8.02 27.60
N SER B 280 25.48 -8.65 26.44
CA SER B 280 26.02 -8.14 25.19
C SER B 280 25.39 -8.94 24.06
N GLU B 281 25.90 -8.76 22.84
CA GLU B 281 25.40 -9.48 21.69
C GLU B 281 26.56 -9.82 20.76
N VAL B 282 26.38 -10.87 19.96
CA VAL B 282 27.24 -11.17 18.84
C VAL B 282 26.36 -11.51 17.65
N ARG B 283 26.56 -10.81 16.54
CA ARG B 283 25.75 -11.01 15.35
C ARG B 283 26.66 -11.45 14.21
N MET B 284 26.40 -12.65 13.69
CA MET B 284 27.17 -13.20 12.58
C MET B 284 26.24 -13.27 11.38
N LEU B 285 26.44 -12.37 10.43
CA LEU B 285 25.61 -12.26 9.24
C LEU B 285 26.33 -12.92 8.08
N ASP B 286 25.70 -13.93 7.48
CA ASP B 286 26.28 -14.64 6.35
C ASP B 286 25.47 -14.43 5.09
N ASP B 287 24.19 -14.77 5.08
CA ASP B 287 23.21 -14.50 4.04
C ASP B 287 23.31 -15.43 2.83
N GLU B 288 24.27 -16.36 2.79
CA GLU B 288 24.19 -17.46 1.84
C GLU B 288 23.68 -18.74 2.49
N ILE B 289 23.20 -18.66 3.73
CA ILE B 289 22.65 -19.81 4.43
C ILE B 289 21.12 -19.77 4.29
N PRO B 290 20.46 -20.91 4.14
CA PRO B 290 18.99 -20.86 4.02
C PRO B 290 18.26 -20.58 5.32
N LEU B 291 18.87 -20.83 6.47
CA LEU B 291 18.18 -20.75 7.75
C LEU B 291 18.96 -19.92 8.75
N ALA B 292 18.23 -19.25 9.65
CA ALA B 292 18.80 -18.45 10.71
C ALA B 292 18.62 -19.16 12.06
N GLN B 293 19.57 -18.94 12.96
CA GLN B 293 19.59 -19.60 14.26
C GLN B 293 20.12 -18.64 15.31
N PHE B 294 19.44 -18.57 16.45
CA PHE B 294 19.85 -17.64 17.51
C PHE B 294 19.40 -18.16 18.86
N ALA B 295 20.04 -17.64 19.91
CA ALA B 295 19.70 -17.93 21.28
C ALA B 295 19.76 -16.65 22.11
N VAL B 296 18.81 -16.47 23.01
CA VAL B 296 18.76 -15.33 23.92
C VAL B 296 18.67 -15.85 25.35
N ALA B 297 19.58 -15.37 26.22
CA ALA B 297 19.78 -15.98 27.52
C ALA B 297 19.77 -14.95 28.64
N PHE B 298 19.04 -15.27 29.71
CA PHE B 298 19.12 -14.57 30.97
C PHE B 298 20.26 -15.15 31.80
N GLU B 299 20.30 -14.83 33.09
CA GLU B 299 21.23 -15.45 34.02
C GLU B 299 20.46 -16.40 34.93
N GLY B 300 21.15 -17.42 35.42
CA GLY B 300 20.48 -18.48 36.15
C GLY B 300 20.96 -18.70 37.57
N ALA B 301 20.62 -19.85 38.13
CA ALA B 301 20.96 -20.20 39.50
C ALA B 301 22.21 -21.07 39.51
N SER B 302 22.57 -21.55 40.70
CA SER B 302 23.69 -22.43 40.88
C SER B 302 23.19 -23.80 41.34
N TRP B 303 24.12 -24.70 41.66
CA TRP B 303 23.72 -26.04 42.06
C TRP B 303 23.05 -26.04 43.43
N LYS B 304 23.67 -25.36 44.40
CA LYS B 304 23.15 -25.33 45.77
C LYS B 304 22.16 -24.21 46.00
N ASP B 305 21.87 -23.41 44.98
CA ASP B 305 20.89 -22.35 45.13
C ASP B 305 19.50 -22.94 45.27
N PRO B 306 18.73 -22.56 46.28
CA PRO B 306 17.42 -23.19 46.51
C PRO B 306 16.37 -22.93 45.45
N ASP B 307 16.72 -22.23 44.36
CA ASP B 307 15.76 -21.87 43.33
C ASP B 307 15.90 -22.66 42.03
N SER B 308 16.85 -23.60 41.99
CA SER B 308 17.04 -24.38 40.77
C SER B 308 15.81 -25.22 40.43
N ILE B 309 15.09 -25.71 41.44
CA ILE B 309 13.87 -26.47 41.17
C ILE B 309 12.83 -25.59 40.51
N ALA B 310 12.69 -24.35 40.98
CA ALA B 310 11.75 -23.42 40.37
C ALA B 310 12.15 -23.12 38.93
N LEU B 311 13.45 -22.95 38.68
CA LEU B 311 13.89 -22.70 37.30
C LEU B 311 13.62 -23.90 36.40
N MET B 312 13.79 -25.12 36.93
CA MET B 312 13.46 -26.31 36.16
C MET B 312 11.98 -26.36 35.83
N VAL B 313 11.12 -26.02 36.79
CA VAL B 313 9.70 -26.00 36.52
C VAL B 313 9.36 -24.96 35.45
N MET B 314 10.01 -23.79 35.51
CA MET B 314 9.80 -22.76 34.51
C MET B 314 10.20 -23.25 33.12
N GLN B 315 11.35 -23.92 33.02
CA GLN B 315 11.79 -24.47 31.74
C GLN B 315 10.81 -25.50 31.22
N ALA B 316 10.28 -26.34 32.11
CA ALA B 316 9.28 -27.32 31.70
C ALA B 316 8.02 -26.64 31.18
N MET B 317 7.65 -25.52 31.77
CA MET B 317 6.43 -24.81 31.37
C MET B 317 6.67 -23.84 30.22
N LEU B 318 7.90 -23.76 29.72
CA LEU B 318 8.21 -23.09 28.45
C LEU B 318 8.74 -24.09 27.42
N GLY B 319 8.08 -25.24 27.30
CA GLY B 319 8.64 -26.40 26.62
C GLY B 319 9.06 -26.24 25.16
N SER B 320 9.56 -27.32 24.57
CA SER B 320 10.14 -27.30 23.24
C SER B 320 9.12 -27.63 22.18
N TRP B 321 9.52 -27.47 20.93
CA TRP B 321 8.67 -27.73 19.78
C TRP B 321 9.53 -28.05 18.58
N ASN B 322 9.04 -28.96 17.73
CA ASN B 322 9.73 -29.35 16.51
C ASN B 322 8.70 -29.67 15.44
N LYS B 323 9.12 -29.54 14.19
CA LYS B 323 8.21 -29.69 13.07
C LYS B 323 7.83 -31.14 12.79
N THR B 324 8.47 -32.10 13.44
CA THR B 324 8.14 -33.51 13.28
C THR B 324 7.40 -34.09 14.48
N ALA B 325 7.13 -33.27 15.50
CA ALA B 325 6.50 -33.78 16.71
C ALA B 325 5.05 -34.14 16.47
N GLY B 326 4.55 -35.11 17.25
CA GLY B 326 3.16 -35.49 17.17
C GLY B 326 2.20 -34.55 17.87
N GLY B 327 2.71 -33.71 18.78
CA GLY B 327 1.84 -32.78 19.48
C GLY B 327 1.20 -31.77 18.54
N GLY B 328 2.00 -31.19 17.64
CA GLY B 328 1.47 -30.29 16.63
C GLY B 328 1.15 -28.90 17.15
N LYS B 329 -0.15 -28.59 17.25
CA LYS B 329 -0.60 -27.29 17.71
C LYS B 329 -1.50 -27.39 18.94
N HIS B 330 -1.43 -28.50 19.68
CA HIS B 330 -2.16 -28.68 20.92
C HIS B 330 -1.20 -28.98 22.07
N MET B 331 -0.09 -28.26 22.15
CA MET B 331 1.07 -28.76 22.89
C MET B 331 1.23 -28.09 24.25
N GLY B 332 0.13 -27.91 24.97
CA GLY B 332 0.23 -27.67 26.40
C GLY B 332 0.73 -26.30 26.84
N SER B 333 1.94 -25.93 26.44
CA SER B 333 2.51 -24.66 26.85
C SER B 333 1.89 -23.55 26.00
N GLU B 334 2.49 -22.37 26.03
CA GLU B 334 1.96 -21.21 25.31
C GLU B 334 2.83 -20.79 24.14
N LEU B 335 4.13 -20.71 24.37
CA LEU B 335 5.06 -20.38 23.30
C LEU B 335 5.06 -21.45 22.22
N ALA B 336 4.94 -22.72 22.63
CA ALA B 336 4.83 -23.80 21.65
C ALA B 336 3.57 -23.65 20.81
N GLN B 337 2.45 -23.30 21.43
CA GLN B 337 1.21 -23.10 20.67
C GLN B 337 1.35 -21.96 19.68
N ARG B 338 1.95 -20.85 20.10
CA ARG B 338 2.13 -19.74 19.16
C ARG B 338 3.01 -20.15 17.99
N VAL B 339 4.19 -20.70 18.30
CA VAL B 339 5.15 -21.10 17.26
C VAL B 339 4.57 -22.14 16.32
N GLY B 340 3.70 -23.01 16.82
CA GLY B 340 3.16 -24.06 15.98
C GLY B 340 1.93 -23.68 15.20
N ILE B 341 1.08 -22.83 15.78
CA ILE B 341 -0.11 -22.38 15.06
C ILE B 341 0.28 -21.44 13.93
N ASN B 342 1.22 -20.54 14.17
CA ASN B 342 1.54 -19.53 13.18
C ASN B 342 2.69 -19.91 12.26
N GLU B 343 3.25 -21.12 12.39
CA GLU B 343 4.30 -21.62 11.51
C GLU B 343 5.47 -20.65 11.42
N VAL B 344 5.88 -20.10 12.56
CA VAL B 344 6.88 -19.04 12.56
C VAL B 344 8.31 -19.58 12.64
N ALA B 345 8.51 -20.80 13.14
CA ALA B 345 9.84 -21.32 13.36
C ALA B 345 9.95 -22.74 12.85
N GLU B 346 11.19 -23.19 12.70
CA GLU B 346 11.46 -24.61 12.43
C GLU B 346 11.38 -25.43 13.70
N SER B 347 12.11 -25.02 14.73
CA SER B 347 12.14 -25.71 16.02
C SER B 347 12.62 -24.74 17.08
N MET B 348 12.33 -25.08 18.34
CA MET B 348 12.81 -24.30 19.47
C MET B 348 12.84 -25.20 20.71
N MET B 349 13.61 -24.79 21.71
CA MET B 349 13.78 -25.60 22.92
C MET B 349 14.24 -24.73 24.08
N ALA B 350 13.44 -24.66 25.13
CA ALA B 350 13.90 -23.94 26.31
C ALA B 350 14.98 -24.75 27.02
N PHE B 351 16.08 -24.09 27.37
CA PHE B 351 17.20 -24.74 28.01
C PHE B 351 17.47 -24.13 29.37
N ASN B 352 18.25 -24.85 30.18
CA ASN B 352 18.56 -24.44 31.54
C ASN B 352 19.86 -25.12 31.96
N THR B 353 20.88 -24.32 32.24
CA THR B 353 22.19 -24.83 32.61
C THR B 353 22.57 -24.31 33.98
N ASN B 354 23.17 -25.17 34.80
CA ASN B 354 23.61 -24.78 36.13
C ASN B 354 25.11 -25.02 36.27
N TYR B 355 25.79 -24.06 36.89
CA TYR B 355 27.18 -24.19 37.28
C TYR B 355 27.25 -23.93 38.77
N LYS B 356 28.43 -24.13 39.36
CA LYS B 356 28.63 -23.68 40.72
C LYS B 356 28.88 -22.17 40.69
N ASP B 357 27.92 -21.43 41.25
CA ASP B 357 27.82 -19.98 41.40
C ASP B 357 27.28 -19.18 40.22
N THR B 358 26.71 -19.85 39.20
CA THR B 358 26.03 -19.13 38.11
C THR B 358 25.30 -20.14 37.24
N GLY B 359 24.54 -19.62 36.27
CA GLY B 359 23.77 -20.46 35.37
C GLY B 359 23.29 -19.69 34.17
N LEU B 360 22.38 -20.31 33.42
CA LEU B 360 21.80 -19.68 32.23
C LEU B 360 20.36 -20.15 32.05
N PHE B 361 19.63 -19.44 31.18
CA PHE B 361 18.21 -19.71 30.94
C PHE B 361 17.76 -19.02 29.65
N GLY B 362 17.27 -19.76 28.67
CA GLY B 362 17.03 -19.18 27.36
C GLY B 362 16.02 -19.94 26.50
N VAL B 363 16.07 -19.68 25.18
CA VAL B 363 15.08 -20.24 24.26
C VAL B 363 15.64 -20.95 23.03
N TYR B 364 16.53 -20.31 22.26
CA TYR B 364 17.14 -20.98 21.09
C TYR B 364 16.18 -21.48 20.01
N ALA B 365 15.64 -20.59 19.18
CA ALA B 365 14.81 -21.01 18.05
C ALA B 365 15.60 -21.10 16.74
N VAL B 366 14.96 -21.69 15.72
CA VAL B 366 15.47 -21.79 14.36
C VAL B 366 14.36 -21.39 13.40
N ALA B 367 14.68 -20.57 12.40
CA ALA B 367 13.63 -20.07 11.51
C ALA B 367 14.23 -19.56 10.20
N LYS B 368 13.34 -19.39 9.22
CA LYS B 368 13.67 -18.72 7.97
C LYS B 368 13.82 -17.21 8.19
N PRO B 369 14.54 -16.51 7.31
CA PRO B 369 14.76 -15.07 7.52
C PRO B 369 13.54 -14.21 7.29
N ASP B 370 12.34 -14.78 7.13
CA ASP B 370 11.14 -14.01 6.87
C ASP B 370 10.26 -13.83 8.10
N CYS B 371 10.49 -14.60 9.16
CA CYS B 371 9.57 -14.69 10.28
C CYS B 371 10.19 -14.27 11.61
N LEU B 372 11.34 -13.60 11.59
CA LEU B 372 12.08 -13.39 12.83
C LEU B 372 11.37 -12.45 13.79
N ASP B 373 10.65 -11.45 13.28
CA ASP B 373 10.01 -10.47 14.15
C ASP B 373 8.90 -11.10 14.99
N ASP B 374 8.02 -11.87 14.34
CA ASP B 374 6.95 -12.55 15.07
C ASP B 374 7.51 -13.54 16.08
N LEU B 375 8.53 -14.28 15.67
CA LEU B 375 9.17 -15.24 16.56
C LEU B 375 9.68 -14.56 17.82
N SER B 376 10.46 -13.48 17.66
CA SER B 376 11.03 -12.81 18.82
C SER B 376 9.95 -12.19 19.69
N TYR B 377 8.90 -11.63 19.07
CA TYR B 377 7.79 -11.08 19.84
C TYR B 377 7.15 -12.14 20.72
N ALA B 378 6.82 -13.29 20.15
CA ALA B 378 6.18 -14.35 20.93
C ALA B 378 7.10 -14.82 22.06
N ILE B 379 8.38 -15.00 21.75
CA ILE B 379 9.34 -15.47 22.76
C ILE B 379 9.32 -14.53 23.96
N MET B 380 9.53 -13.23 23.73
CA MET B 380 9.66 -12.31 24.84
C MET B 380 8.34 -12.12 25.57
N TYR B 381 7.23 -12.09 24.83
CA TYR B 381 5.92 -11.93 25.46
C TYR B 381 5.66 -13.05 26.46
N GLU B 382 5.90 -14.29 26.06
CA GLU B 382 5.62 -15.40 26.98
C GLU B 382 6.62 -15.40 28.15
N THR B 383 7.89 -15.14 27.85
CA THR B 383 8.90 -15.13 28.90
C THR B 383 8.54 -14.14 30.01
N THR B 384 7.95 -13.00 29.66
CA THR B 384 7.58 -12.02 30.69
C THR B 384 6.20 -12.27 31.30
N LYS B 385 5.25 -12.78 30.51
CA LYS B 385 3.99 -13.16 31.12
C LYS B 385 4.20 -14.22 32.19
N LEU B 386 5.31 -14.96 32.13
CA LEU B 386 5.68 -15.83 33.25
C LEU B 386 5.69 -15.07 34.56
N ALA B 387 6.35 -13.92 34.60
CA ALA B 387 6.45 -13.13 35.82
C ALA B 387 5.20 -12.30 36.09
N TYR B 388 4.28 -12.20 35.13
CA TYR B 388 3.06 -11.43 35.43
C TYR B 388 1.85 -12.28 35.80
N ARG B 389 1.47 -13.28 35.01
CA ARG B 389 0.16 -13.92 35.16
C ARG B 389 0.22 -15.45 35.09
N VAL B 390 1.08 -16.08 35.89
CA VAL B 390 1.13 -17.54 35.89
C VAL B 390 -0.20 -18.11 36.42
N SER B 391 -0.61 -19.24 35.85
CA SER B 391 -1.86 -19.92 36.19
C SER B 391 -1.58 -21.23 36.91
N ASP B 392 -2.64 -21.79 37.52
CA ASP B 392 -2.47 -22.99 38.34
C ASP B 392 -2.28 -24.24 37.49
N ASP B 393 -3.07 -24.40 36.43
CA ASP B 393 -2.98 -25.61 35.61
C ASP B 393 -1.60 -25.74 34.98
N ASP B 394 -1.03 -24.62 34.54
CA ASP B 394 0.30 -24.67 33.95
C ASP B 394 1.34 -25.16 34.94
N VAL B 395 1.26 -24.70 36.18
CA VAL B 395 2.24 -25.12 37.17
C VAL B 395 2.06 -26.59 37.53
N THR B 396 0.82 -27.05 37.68
CA THR B 396 0.61 -28.45 37.99
C THR B 396 1.13 -29.35 36.87
N ARG B 397 0.84 -28.97 35.62
CA ARG B 397 1.32 -29.75 34.48
C ARG B 397 2.85 -29.76 34.41
N ALA B 398 3.48 -28.61 34.68
CA ALA B 398 4.94 -28.56 34.66
C ALA B 398 5.54 -29.43 35.75
N ARG B 399 4.94 -29.43 36.94
CA ARG B 399 5.45 -30.28 38.02
C ARG B 399 5.34 -31.75 37.65
N ASN B 400 4.20 -32.16 37.09
CA ASN B 400 4.04 -33.55 36.68
C ASN B 400 5.06 -33.94 35.62
N GLN B 401 5.26 -33.07 34.63
CA GLN B 401 6.22 -33.35 33.57
C GLN B 401 7.62 -33.48 34.13
N LEU B 402 8.01 -32.61 35.06
CA LEU B 402 9.36 -32.67 35.62
C LEU B 402 9.58 -33.95 36.40
N LYS B 403 8.61 -34.35 37.23
CA LYS B 403 8.72 -35.62 37.93
C LYS B 403 8.93 -36.78 36.96
N SER B 404 8.04 -36.88 35.96
CA SER B 404 8.11 -38.00 35.04
C SER B 404 9.44 -38.01 34.29
N SER B 405 9.90 -36.86 33.82
CA SER B 405 11.17 -36.81 33.12
C SER B 405 12.32 -37.27 34.00
N LEU B 406 12.42 -36.71 35.21
CA LEU B 406 13.56 -37.00 36.06
C LEU B 406 13.61 -38.46 36.47
N LEU B 407 12.47 -39.13 36.55
CA LEU B 407 12.55 -40.57 36.84
C LEU B 407 12.76 -41.41 35.58
N LEU B 408 12.07 -41.12 34.48
CA LEU B 408 12.23 -41.94 33.29
C LEU B 408 13.64 -41.87 32.71
N TYR B 409 14.38 -40.79 32.97
CA TYR B 409 15.73 -40.74 32.43
C TYR B 409 16.69 -41.67 33.16
N ILE B 410 16.37 -42.10 34.37
CA ILE B 410 17.24 -42.99 35.16
C ILE B 410 16.83 -44.41 34.81
N ASP B 411 17.44 -44.96 33.76
CA ASP B 411 17.10 -46.30 33.29
C ASP B 411 18.35 -46.99 32.78
N GLY B 412 18.79 -48.04 33.46
CA GLY B 412 20.00 -48.76 33.12
C GLY B 412 21.10 -48.52 34.14
N THR B 413 22.16 -49.32 34.01
CA THR B 413 23.27 -49.23 34.96
C THR B 413 24.12 -47.99 34.72
N SER B 414 24.42 -47.68 33.46
CA SER B 414 25.24 -46.50 33.17
C SER B 414 24.56 -45.20 33.60
N PRO B 415 23.29 -44.96 33.31
CA PRO B 415 22.64 -43.75 33.86
C PRO B 415 22.66 -43.70 35.38
N VAL B 416 22.50 -44.83 36.05
CA VAL B 416 22.50 -44.84 37.52
C VAL B 416 23.87 -44.46 38.06
N ALA B 417 24.93 -45.05 37.50
CA ALA B 417 26.27 -44.70 37.94
C ALA B 417 26.58 -43.23 37.67
N GLU B 418 26.17 -42.73 36.50
CA GLU B 418 26.38 -41.32 36.19
C GLU B 418 25.65 -40.43 37.18
N ASP B 419 24.41 -40.80 37.52
CA ASP B 419 23.63 -40.06 38.50
C ASP B 419 24.37 -39.98 39.82
N ILE B 420 24.82 -41.13 40.33
CA ILE B 420 25.46 -41.17 41.64
C ILE B 420 26.72 -40.30 41.63
N GLY B 421 27.55 -40.45 40.58
CA GLY B 421 28.78 -39.69 40.54
C GLY B 421 28.54 -38.18 40.47
N ARG B 422 27.66 -37.75 39.58
CA ARG B 422 27.49 -36.31 39.43
C ARG B 422 26.80 -35.69 40.63
N GLN B 423 25.88 -36.40 41.27
CA GLN B 423 25.27 -35.85 42.46
C GLN B 423 26.18 -35.92 43.68
N LEU B 424 27.21 -36.77 43.67
CA LEU B 424 28.21 -36.68 44.72
C LEU B 424 29.24 -35.60 44.48
N LEU B 425 29.42 -35.16 43.24
CA LEU B 425 30.27 -33.98 43.07
C LEU B 425 29.55 -32.65 43.21
N THR B 426 28.30 -32.55 42.76
CA THR B 426 27.64 -31.23 42.75
C THR B 426 27.04 -30.89 44.10
N TYR B 427 26.33 -31.83 44.72
CA TYR B 427 25.62 -31.58 45.97
C TYR B 427 26.39 -32.03 47.20
N GLY B 428 27.32 -32.96 47.06
CA GLY B 428 27.94 -33.59 48.21
C GLY B 428 27.13 -34.72 48.80
N ARG B 429 25.99 -35.05 48.21
CA ARG B 429 25.13 -36.14 48.67
C ARG B 429 24.16 -36.48 47.56
N ARG B 430 23.69 -37.72 47.54
CA ARG B 430 22.69 -38.13 46.56
C ARG B 430 21.30 -38.02 47.20
N ILE B 431 20.47 -37.18 46.62
CA ILE B 431 19.16 -36.90 47.19
C ILE B 431 18.20 -38.02 46.81
N PRO B 432 17.52 -38.64 47.76
CA PRO B 432 16.53 -39.67 47.43
C PRO B 432 15.34 -39.07 46.68
N PHE B 433 14.65 -39.93 45.94
CA PHE B 433 13.54 -39.48 45.11
C PHE B 433 12.46 -38.81 45.94
N ALA B 434 12.28 -39.25 47.19
CA ALA B 434 11.27 -38.66 48.05
C ALA B 434 11.53 -37.18 48.28
N GLU B 435 12.79 -36.81 48.51
CA GLU B 435 13.09 -35.41 48.74
C GLU B 435 13.00 -34.59 47.47
N LEU B 436 13.39 -35.16 46.32
CA LEU B 436 13.14 -34.49 45.04
C LEU B 436 11.66 -34.13 44.90
N PHE B 437 10.78 -35.10 45.15
CA PHE B 437 9.36 -34.82 45.03
C PHE B 437 8.92 -33.77 46.05
N ALA B 438 9.25 -33.98 47.32
CA ALA B 438 8.81 -33.07 48.36
C ALA B 438 9.30 -31.64 48.12
N ARG B 439 10.40 -31.48 47.39
CA ARG B 439 10.82 -30.14 47.01
C ARG B 439 10.09 -29.67 45.75
N ILE B 440 9.74 -30.57 44.85
CA ILE B 440 9.13 -30.15 43.59
C ILE B 440 7.69 -29.69 43.81
N ASP B 441 6.88 -30.47 44.51
CA ASP B 441 5.49 -30.03 44.64
C ASP B 441 5.31 -28.91 45.66
N ALA B 442 6.40 -28.31 46.13
CA ALA B 442 6.35 -27.13 46.97
C ALA B 442 6.70 -25.86 46.19
N VAL B 443 6.41 -25.84 44.90
CA VAL B 443 6.67 -24.68 44.03
C VAL B 443 5.37 -24.37 43.33
N ASP B 444 4.58 -23.47 43.91
CA ASP B 444 3.28 -23.12 43.38
C ASP B 444 3.35 -21.80 42.63
N ALA B 445 2.19 -21.26 42.25
CA ALA B 445 2.15 -20.07 41.41
C ALA B 445 2.88 -18.90 42.05
N SER B 446 2.71 -18.71 43.35
CA SER B 446 3.36 -17.59 44.04
C SER B 446 4.87 -17.69 43.96
N THR B 447 5.42 -18.90 44.13
CA THR B 447 6.87 -19.05 44.05
C THR B 447 7.36 -18.86 42.62
N ILE B 448 6.58 -19.31 41.63
CA ILE B 448 6.94 -19.06 40.24
C ILE B 448 7.03 -17.56 39.98
N LYS B 449 6.02 -16.81 40.42
CA LYS B 449 6.05 -15.36 40.23
C LYS B 449 7.22 -14.72 40.95
N ARG B 450 7.51 -15.17 42.18
CA ARG B 450 8.61 -14.59 42.94
C ARG B 450 9.95 -14.82 42.25
N VAL B 451 10.24 -16.07 41.86
CA VAL B 451 11.52 -16.36 41.21
C VAL B 451 11.59 -15.66 39.85
N ALA B 452 10.48 -15.59 39.13
CA ALA B 452 10.49 -14.91 37.84
C ALA B 452 10.78 -13.43 37.99
N ASN B 453 10.18 -12.79 38.99
CA ASN B 453 10.45 -11.39 39.27
C ASN B 453 11.84 -11.19 39.84
N ARG B 454 12.50 -12.25 40.32
CA ARG B 454 13.88 -12.15 40.75
C ARG B 454 14.86 -12.30 39.59
N PHE B 455 14.55 -13.14 38.61
CA PHE B 455 15.49 -13.51 37.56
C PHE B 455 15.19 -12.90 36.20
N ILE B 456 13.92 -12.79 35.82
CA ILE B 456 13.56 -12.39 34.47
C ILE B 456 13.33 -10.88 34.39
N TYR B 457 12.40 -10.38 35.19
CA TYR B 457 11.88 -9.02 35.06
C TYR B 457 12.99 -7.96 35.11
N ASP B 458 13.18 -7.25 34.00
CA ASP B 458 14.02 -6.06 33.93
C ASP B 458 15.49 -6.38 34.24
N LYS B 459 16.05 -7.34 33.50
CA LYS B 459 17.45 -7.71 33.66
C LYS B 459 18.12 -7.79 32.30
N ASP B 460 19.44 -7.75 32.30
CA ASP B 460 20.21 -7.76 31.07
C ASP B 460 20.17 -9.13 30.41
N ILE B 461 20.47 -9.16 29.12
CA ILE B 461 20.41 -10.37 28.31
C ILE B 461 21.71 -10.53 27.53
N ALA B 462 21.90 -11.71 26.97
CA ALA B 462 22.97 -12.01 26.03
C ALA B 462 22.39 -12.74 24.84
N ILE B 463 22.79 -12.32 23.64
CA ILE B 463 22.25 -12.89 22.41
C ILE B 463 23.41 -13.38 21.54
N ALA B 464 23.12 -14.34 20.67
CA ALA B 464 24.04 -14.76 19.63
C ALA B 464 23.24 -15.32 18.47
N ALA B 465 23.51 -14.84 17.26
CA ALA B 465 22.74 -15.22 16.09
C ALA B 465 23.67 -15.50 14.93
N MET B 466 23.21 -16.32 14.00
CA MET B 466 24.02 -16.70 12.85
C MET B 466 23.12 -16.95 11.64
N GLY B 467 23.54 -16.46 10.48
CA GLY B 467 22.83 -16.70 9.24
C GLY B 467 22.31 -15.44 8.60
N PRO B 468 21.15 -15.52 7.96
CA PRO B 468 20.49 -14.32 7.41
C PRO B 468 19.70 -13.57 8.48
N ILE B 469 20.42 -12.89 9.37
CA ILE B 469 19.84 -12.24 10.53
C ILE B 469 19.69 -10.74 10.31
N GLN B 470 19.67 -10.28 9.06
CA GLN B 470 19.51 -8.87 8.78
C GLN B 470 18.14 -8.34 9.20
N ARG B 471 17.18 -9.23 9.47
CA ARG B 471 15.82 -8.83 9.80
C ARG B 471 15.48 -9.15 11.26
N LEU B 472 16.49 -9.32 12.11
CA LEU B 472 16.37 -9.62 13.54
C LEU B 472 16.39 -8.33 14.34
N PRO B 473 15.43 -8.11 15.23
CA PRO B 473 15.36 -6.83 15.95
C PRO B 473 16.62 -6.57 16.77
N ASP B 474 16.97 -5.29 16.88
CA ASP B 474 18.22 -4.88 17.50
C ASP B 474 18.17 -5.11 19.02
N TYR B 475 19.27 -4.77 19.69
CA TYR B 475 19.40 -5.04 21.12
C TYR B 475 18.32 -4.31 21.92
N ASN B 476 18.13 -3.03 21.64
CA ASN B 476 17.22 -2.22 22.45
C ASN B 476 15.80 -2.76 22.43
N TRP B 477 15.40 -3.38 21.32
CA TRP B 477 14.07 -4.00 21.24
C TRP B 477 13.93 -5.10 22.28
N PHE B 478 14.88 -6.02 22.31
CA PHE B 478 14.85 -7.10 23.29
C PHE B 478 14.93 -6.55 24.70
N ARG B 479 15.84 -5.60 24.94
CA ARG B 479 16.08 -5.10 26.28
C ARG B 479 14.85 -4.39 26.83
N ARG B 480 14.16 -3.60 26.01
CA ARG B 480 12.93 -2.97 26.46
C ARG B 480 11.81 -3.98 26.62
N ARG B 481 11.82 -5.04 25.83
CA ARG B 481 10.66 -5.93 26.00
C ARG B 481 10.72 -6.79 27.28
N THR B 482 11.60 -6.56 28.26
CA THR B 482 11.65 -7.37 29.46
C THR B 482 10.82 -6.78 30.61
N TYR B 483 9.95 -5.82 30.32
CA TYR B 483 8.97 -5.34 31.28
C TYR B 483 7.80 -4.76 30.53
N TRP B 484 6.67 -4.67 31.21
CA TRP B 484 5.43 -4.21 30.63
C TRP B 484 5.01 -2.89 31.25
N ASN B 485 4.52 -1.97 30.42
CA ASN B 485 3.96 -0.72 30.91
C ASN B 485 2.46 -0.78 31.13
N ARG B 486 1.79 -1.86 30.70
CA ARG B 486 0.37 -1.99 30.97
C ARG B 486 0.10 -2.12 32.46
N TYR B 487 0.95 -2.87 33.16
CA TYR B 487 0.76 -3.13 34.59
C TYR B 487 1.52 -2.10 35.43
N MET C 1 0.29 -13.07 6.95
CA MET C 1 -0.88 -13.86 7.30
C MET C 1 -0.95 -14.03 8.81
N ARG C 2 -0.14 -14.95 9.35
CA ARG C 2 0.06 -15.04 10.79
C ARG C 2 -1.26 -15.28 11.51
N ASN C 3 -1.78 -16.51 11.41
CA ASN C 3 -3.19 -16.81 11.63
C ASN C 3 -3.71 -16.42 13.02
N GLN C 4 -2.88 -15.86 13.89
CA GLN C 4 -3.39 -15.21 15.08
C GLN C 4 -2.59 -13.93 15.31
N ARG C 5 -3.25 -12.93 15.89
CA ARG C 5 -2.66 -11.61 15.99
C ARG C 5 -1.43 -11.61 16.89
N PHE C 6 -0.42 -10.83 16.51
CA PHE C 6 0.74 -10.63 17.37
C PHE C 6 0.72 -9.27 18.06
N SER C 7 0.72 -8.19 17.29
CA SER C 7 0.91 -6.85 17.82
C SER C 7 -0.21 -5.94 17.36
N LEU C 8 -0.52 -4.94 18.19
CA LEU C 8 -1.43 -3.88 17.76
C LEU C 8 -0.77 -3.00 16.71
N LEU C 9 0.56 -2.89 16.74
CA LEU C 9 1.27 -2.00 15.84
C LEU C 9 1.44 -2.56 14.43
N LYS C 10 1.03 -3.79 14.17
CA LYS C 10 1.04 -4.33 12.82
C LYS C 10 -0.36 -4.73 12.35
N GLN C 11 -1.40 -4.34 13.08
CA GLN C 11 -2.75 -4.56 12.62
C GLN C 11 -3.09 -3.57 11.52
N PRO C 12 -4.16 -3.83 10.75
CA PRO C 12 -4.55 -2.87 9.71
C PRO C 12 -4.86 -1.48 10.23
N ILE C 13 -5.36 -1.36 11.47
CA ILE C 13 -5.75 -0.06 11.99
C ILE C 13 -4.54 0.86 12.13
N SER C 14 -3.40 0.32 12.56
CA SER C 14 -2.21 1.12 12.81
C SER C 14 -1.09 0.82 11.82
N SER C 15 -1.42 0.17 10.70
CA SER C 15 -0.39 -0.18 9.71
C SER C 15 0.27 1.05 9.11
N THR C 16 -0.52 2.06 8.75
CA THR C 16 0.03 3.25 8.10
C THR C 16 0.98 3.99 9.03
N LEU C 17 0.52 4.31 10.24
CA LEU C 17 1.36 5.03 11.19
C LEU C 17 2.61 4.22 11.52
N ASN C 18 2.45 2.91 11.74
CA ASN C 18 3.62 2.08 12.05
C ASN C 18 4.64 2.12 10.92
N GLN C 19 4.19 1.83 9.70
CA GLN C 19 5.11 1.70 8.58
C GLN C 19 5.78 3.02 8.24
N HIS C 20 5.09 4.14 8.42
CA HIS C 20 5.68 5.42 8.02
C HIS C 20 6.23 6.25 9.17
N LEU C 21 6.12 5.78 10.40
CA LEU C 21 6.71 6.54 11.50
C LEU C 21 7.63 5.71 12.37
N ILE C 22 7.27 4.46 12.67
CA ILE C 22 7.94 3.69 13.70
C ILE C 22 8.99 2.75 13.14
N ASP C 23 8.63 1.95 12.14
CA ASP C 23 9.52 0.95 11.57
C ASP C 23 10.22 1.41 10.31
N TYR C 24 9.99 2.65 9.88
CA TYR C 24 10.56 3.10 8.61
C TYR C 24 12.08 3.13 8.68
N PRO C 25 12.76 2.63 7.65
CA PRO C 25 14.23 2.60 7.69
C PRO C 25 14.83 3.92 7.23
N THR C 26 15.80 4.41 7.99
CA THR C 26 16.50 5.64 7.69
C THR C 26 17.99 5.39 7.76
N PRO C 27 18.80 6.18 7.05
CA PRO C 27 20.25 6.06 7.20
C PRO C 27 20.66 6.32 8.64
N SER C 28 21.75 5.72 9.07
CA SER C 28 22.19 5.83 10.44
C SER C 28 23.18 6.96 10.67
N ASN C 29 23.52 7.74 9.64
CA ASN C 29 24.46 8.83 9.82
C ASN C 29 23.84 10.18 9.46
N LEU C 30 22.53 10.31 9.66
CA LEU C 30 21.87 11.61 9.55
C LEU C 30 22.31 12.51 10.69
N SER C 31 22.56 13.78 10.38
CA SER C 31 23.01 14.75 11.36
C SER C 31 21.83 15.64 11.79
N TYR C 32 22.14 16.69 12.53
CA TYR C 32 21.11 17.56 13.10
C TYR C 32 20.47 18.48 12.07
N TRP C 33 20.97 18.53 10.85
CA TRP C 33 20.35 19.28 9.77
C TRP C 33 19.13 18.60 9.18
N TRP C 34 18.73 17.44 9.70
CA TRP C 34 17.57 16.73 9.20
C TRP C 34 16.36 16.82 10.13
N GLY C 35 16.39 17.72 11.11
CA GLY C 35 15.28 17.87 12.03
C GLY C 35 14.32 19.00 11.72
N PHE C 36 14.72 19.87 10.79
CA PHE C 36 13.99 21.09 10.53
C PHE C 36 12.67 20.87 9.81
N GLY C 37 12.49 19.74 9.12
CA GLY C 37 11.19 19.43 8.56
C GLY C 37 10.15 19.18 9.62
N SER C 38 10.48 18.33 10.60
CA SER C 38 9.57 18.12 11.72
C SER C 38 9.37 19.41 12.51
N LEU C 39 10.45 20.16 12.71
CA LEU C 39 10.33 21.39 13.47
C LEU C 39 9.40 22.39 12.78
N ALA C 40 9.48 22.47 11.44
CA ALA C 40 8.55 23.31 10.69
C ALA C 40 7.12 22.79 10.75
N GLY C 41 6.94 21.48 10.78
CA GLY C 41 5.60 20.96 10.98
C GLY C 41 4.99 21.41 12.30
N ILE C 42 5.78 21.37 13.37
CA ILE C 42 5.29 21.85 14.66
C ILE C 42 5.01 23.35 14.62
N CYS C 43 5.84 24.11 13.91
CA CYS C 43 5.60 25.54 13.78
C CYS C 43 4.27 25.82 13.09
N LEU C 44 3.97 25.07 12.03
CA LEU C 44 2.69 25.24 11.34
C LEU C 44 1.52 24.91 12.27
N VAL C 45 1.65 23.86 13.07
CA VAL C 45 0.57 23.52 13.99
C VAL C 45 0.36 24.62 15.03
N ILE C 46 1.45 25.19 15.54
CA ILE C 46 1.34 26.28 16.50
C ILE C 46 0.61 27.46 15.88
N GLN C 47 0.99 27.82 14.65
CA GLN C 47 0.31 28.91 13.95
C GLN C 47 -1.19 28.66 13.85
N ILE C 48 -1.58 27.45 13.46
CA ILE C 48 -3.00 27.16 13.24
C ILE C 48 -3.78 27.28 14.55
N VAL C 49 -3.26 26.70 15.63
CA VAL C 49 -4.00 26.74 16.90
C VAL C 49 -4.12 28.18 17.40
N THR C 50 -2.99 28.91 17.42
CA THR C 50 -3.02 30.27 17.92
C THR C 50 -3.95 31.15 17.09
N GLY C 51 -3.98 30.94 15.78
CA GLY C 51 -4.88 31.72 14.93
C GLY C 51 -6.34 31.39 15.17
N VAL C 52 -6.66 30.12 15.32
CA VAL C 52 -8.05 29.76 15.58
C VAL C 52 -8.52 30.36 16.88
N PHE C 53 -7.61 30.59 17.83
CA PHE C 53 -8.04 31.24 19.06
C PHE C 53 -7.99 32.76 19.03
N LEU C 54 -7.17 33.36 18.16
CA LEU C 54 -7.25 34.82 17.97
C LEU C 54 -8.51 35.21 17.22
N ALA C 55 -8.95 34.39 16.26
CA ALA C 55 -10.07 34.77 15.44
C ALA C 55 -11.41 34.68 16.16
N MET C 56 -11.39 34.47 17.47
CA MET C 56 -12.60 34.54 18.30
C MET C 56 -12.80 35.93 18.91
N HIS C 57 -11.89 36.86 18.67
CA HIS C 57 -11.95 38.17 19.30
C HIS C 57 -11.63 39.30 18.34
N TYR C 58 -11.59 39.05 17.03
CA TYR C 58 -11.18 40.04 16.04
C TYR C 58 -12.33 40.29 15.07
N THR C 59 -12.59 41.57 14.78
CA THR C 59 -13.69 41.98 13.92
C THR C 59 -13.14 42.62 12.66
N PRO C 60 -13.40 42.07 11.46
CA PRO C 60 -12.86 42.62 10.21
C PRO C 60 -13.66 43.79 9.63
N HIS C 61 -13.46 44.97 10.19
CA HIS C 61 -14.06 46.20 9.70
C HIS C 61 -13.05 47.32 9.88
N VAL C 62 -13.14 48.37 9.06
CA VAL C 62 -12.12 49.41 9.12
C VAL C 62 -12.26 50.23 10.39
N ASP C 63 -13.47 50.37 10.93
CA ASP C 63 -13.66 51.13 12.15
C ASP C 63 -13.21 50.38 13.40
N LEU C 64 -13.15 49.05 13.36
CA LEU C 64 -13.07 48.24 14.56
C LEU C 64 -11.81 47.38 14.69
N ALA C 65 -11.06 47.17 13.62
CA ALA C 65 -9.99 46.17 13.64
C ALA C 65 -8.90 46.52 14.64
N PHE C 66 -8.40 47.75 14.58
CA PHE C 66 -7.35 48.19 15.47
C PHE C 66 -7.80 48.09 16.93
N ASN C 67 -9.00 48.58 17.22
CA ASN C 67 -9.50 48.55 18.59
C ASN C 67 -9.80 47.14 19.06
N SER C 68 -10.14 46.23 18.15
CA SER C 68 -10.36 44.85 18.58
C SER C 68 -9.04 44.14 18.88
N VAL C 69 -7.98 44.41 18.13
CA VAL C 69 -6.68 43.88 18.50
C VAL C 69 -6.25 44.40 19.87
N GLU C 70 -6.42 45.70 20.10
CA GLU C 70 -6.03 46.23 21.41
C GLU C 70 -6.93 45.72 22.53
N HIS C 71 -8.20 45.46 22.24
CA HIS C 71 -9.09 44.83 23.21
C HIS C 71 -8.58 43.45 23.59
N VAL C 72 -8.15 42.66 22.59
CA VAL C 72 -7.57 41.36 22.87
C VAL C 72 -6.39 41.51 23.81
N MET C 73 -5.47 42.43 23.50
CA MET C 73 -4.26 42.50 24.32
C MET C 73 -4.53 43.06 25.71
N ARG C 74 -5.54 43.90 25.89
CA ARG C 74 -5.72 44.56 27.18
C ARG C 74 -6.82 43.98 28.05
N ASP C 75 -7.75 43.20 27.50
CA ASP C 75 -8.95 42.85 28.25
C ASP C 75 -9.28 41.37 28.31
N VAL C 76 -8.52 40.51 27.63
CA VAL C 76 -8.78 39.08 27.64
C VAL C 76 -7.66 38.39 28.40
N GLU C 77 -8.03 37.40 29.23
CA GLU C 77 -7.07 36.70 30.07
C GLU C 77 -6.03 35.97 29.23
N GLY C 78 -4.79 36.46 29.26
CA GLY C 78 -3.73 35.84 28.50
C GLY C 78 -3.71 36.18 27.03
N GLY C 79 -4.59 37.06 26.57
CA GLY C 79 -4.65 37.37 25.15
C GLY C 79 -3.35 37.93 24.60
N TRP C 80 -2.60 38.65 25.43
CA TRP C 80 -1.29 39.14 24.99
C TRP C 80 -0.37 37.98 24.64
N LEU C 81 -0.48 36.87 25.36
CA LEU C 81 0.32 35.69 25.03
C LEU C 81 -0.06 35.13 23.67
N LEU C 82 -1.35 35.08 23.36
CA LEU C 82 -1.78 34.59 22.06
C LEU C 82 -1.25 35.48 20.94
N ARG C 83 -1.42 36.79 21.08
CA ARG C 83 -0.99 37.67 19.99
C ARG C 83 0.52 37.61 19.82
N TYR C 84 1.27 37.57 20.91
CA TYR C 84 2.72 37.53 20.78
C TYR C 84 3.19 36.22 20.18
N MET C 85 2.58 35.10 20.57
CA MET C 85 2.92 33.83 19.93
C MET C 85 2.66 33.87 18.44
N HIS C 86 1.50 34.40 18.02
CA HIS C 86 1.21 34.41 16.59
C HIS C 86 2.20 35.28 15.81
N ALA C 87 2.36 36.53 16.26
CA ALA C 87 3.19 37.49 15.54
C ALA C 87 4.66 37.15 15.57
N ASN C 88 5.12 36.31 16.50
CA ASN C 88 6.50 35.87 16.47
C ASN C 88 6.67 34.47 15.89
N GLY C 89 5.64 33.64 15.93
CA GLY C 89 5.73 32.33 15.32
C GLY C 89 5.75 32.39 13.81
N ALA C 90 5.15 33.43 13.22
CA ALA C 90 5.35 33.60 11.79
C ALA C 90 6.84 33.75 11.45
N SER C 91 7.56 34.54 12.22
CA SER C 91 8.99 34.74 12.00
C SER C 91 9.78 33.45 12.24
N MET C 92 9.44 32.72 13.30
CA MET C 92 10.11 31.44 13.54
C MET C 92 9.90 30.47 12.40
N PHE C 93 8.66 30.43 11.87
CA PHE C 93 8.34 29.51 10.80
C PHE C 93 9.14 29.83 9.54
N LEU C 94 9.26 31.11 9.20
CA LEU C 94 10.09 31.49 8.06
C LEU C 94 11.57 31.15 8.30
N ILE C 95 12.08 31.37 9.51
CA ILE C 95 13.48 31.06 9.81
C ILE C 95 13.76 29.58 9.57
N VAL C 96 12.91 28.73 10.13
CA VAL C 96 13.11 27.30 10.03
C VAL C 96 13.07 26.85 8.57
N VAL C 97 12.12 27.37 7.78
CA VAL C 97 12.05 26.93 6.40
C VAL C 97 13.25 27.41 5.58
N HIS C 98 13.78 28.60 5.87
CA HIS C 98 14.99 29.04 5.18
C HIS C 98 16.15 28.09 5.46
N LEU C 99 16.31 27.67 6.72
CA LEU C 99 17.38 26.71 7.03
C LEU C 99 17.15 25.38 6.32
N HIS C 100 15.89 24.95 6.22
CA HIS C 100 15.57 23.73 5.49
C HIS C 100 16.01 23.81 4.03
N ILE C 101 15.68 24.94 3.39
CA ILE C 101 16.03 25.13 1.98
C ILE C 101 17.54 25.09 1.78
N PHE C 102 18.28 25.76 2.66
CA PHE C 102 19.72 25.79 2.45
C PHE C 102 20.37 24.45 2.75
N ARG C 103 19.80 23.67 3.67
CA ARG C 103 20.22 22.28 3.81
C ARG C 103 20.04 21.53 2.50
N GLY C 104 18.87 21.66 1.89
CA GLY C 104 18.63 20.97 0.63
C GLY C 104 19.62 21.38 -0.46
N LEU C 105 19.98 22.66 -0.49
CA LEU C 105 20.95 23.11 -1.49
C LEU C 105 22.34 22.55 -1.21
N TYR C 106 22.73 22.39 0.05
CA TYR C 106 24.11 21.98 0.32
C TYR C 106 24.37 20.56 -0.18
N HIS C 107 23.69 19.58 0.38
CA HIS C 107 23.93 18.19 0.06
C HIS C 107 23.24 17.75 -1.24
N ALA C 108 22.81 18.70 -2.06
CA ALA C 108 22.27 18.46 -3.40
C ALA C 108 21.14 17.44 -3.37
N SER C 109 20.08 17.79 -2.64
CA SER C 109 18.96 16.88 -2.47
C SER C 109 17.94 16.97 -3.60
N TYR C 110 18.12 17.87 -4.56
CA TYR C 110 17.12 18.01 -5.62
C TYR C 110 17.31 17.00 -6.74
N SER C 111 18.48 16.38 -6.85
CA SER C 111 18.79 15.53 -7.98
C SER C 111 17.99 14.24 -7.91
N SER C 112 18.15 13.41 -8.95
CA SER C 112 17.36 12.20 -9.07
C SER C 112 17.67 11.24 -7.91
N PRO C 113 16.67 10.49 -7.44
CA PRO C 113 15.28 10.54 -7.91
C PRO C 113 14.36 11.43 -7.07
N ARG C 114 14.82 12.60 -6.63
CA ARG C 114 14.04 13.41 -5.70
C ARG C 114 13.72 14.81 -6.21
N GLU C 115 13.26 14.94 -7.45
CA GLU C 115 12.86 16.24 -7.97
C GLU C 115 11.38 16.56 -7.77
N PHE C 116 10.52 15.56 -7.61
CA PHE C 116 9.14 15.84 -7.24
C PHE C 116 9.08 16.49 -5.86
N VAL C 117 9.93 16.05 -4.94
CA VAL C 117 10.00 16.65 -3.61
C VAL C 117 10.40 18.11 -3.69
N ARG C 118 11.40 18.43 -4.51
CA ARG C 118 11.83 19.82 -4.66
C ARG C 118 10.74 20.68 -5.25
N CYS C 119 10.04 20.19 -6.28
CA CYS C 119 9.00 21.00 -6.90
C CYS C 119 7.85 21.26 -5.94
N LEU C 120 7.43 20.24 -5.19
CA LEU C 120 6.39 20.47 -4.20
C LEU C 120 6.85 21.42 -3.10
N GLY C 121 8.14 21.39 -2.74
CA GLY C 121 8.65 22.35 -1.78
C GLY C 121 8.56 23.77 -2.28
N VAL C 122 8.88 24.00 -3.56
CA VAL C 122 8.77 25.35 -4.10
C VAL C 122 7.32 25.84 -4.07
N VAL C 123 6.37 24.96 -4.44
CA VAL C 123 4.97 25.36 -4.36
C VAL C 123 4.58 25.73 -2.93
N ILE C 124 5.06 24.94 -1.96
CA ILE C 124 4.77 25.24 -0.56
C ILE C 124 5.32 26.60 -0.17
N PHE C 125 6.51 26.94 -0.65
CA PHE C 125 7.09 28.24 -0.35
C PHE C 125 6.21 29.38 -0.87
N LEU C 126 5.71 29.23 -2.10
CA LEU C 126 4.81 30.27 -2.62
C LEU C 126 3.57 30.44 -1.74
N LEU C 127 2.97 29.32 -1.33
CA LEU C 127 1.78 29.42 -0.48
C LEU C 127 2.11 30.13 0.84
N MET C 128 3.28 29.83 1.41
CA MET C 128 3.69 30.45 2.66
C MET C 128 3.80 31.96 2.51
N ILE C 129 4.45 32.42 1.44
CA ILE C 129 4.64 33.86 1.24
C ILE C 129 3.29 34.55 1.09
N VAL C 130 2.41 33.97 0.29
CA VAL C 130 1.10 34.59 0.09
C VAL C 130 0.35 34.68 1.41
N THR C 131 0.37 33.62 2.21
CA THR C 131 -0.38 33.61 3.46
C THR C 131 0.12 34.67 4.43
N ALA C 132 1.45 34.75 4.60
CA ALA C 132 1.99 35.74 5.53
C ALA C 132 1.67 37.17 5.07
N PHE C 133 1.83 37.45 3.77
CA PHE C 133 1.56 38.80 3.29
C PHE C 133 0.09 39.17 3.45
N THR C 134 -0.82 38.24 3.13
CA THR C 134 -2.24 38.54 3.30
C THR C 134 -2.57 38.77 4.77
N GLY C 135 -1.92 38.03 5.67
CA GLY C 135 -2.24 38.18 7.07
C GLY C 135 -1.55 39.31 7.81
N TYR C 136 -0.59 40.00 7.18
CA TYR C 136 -0.02 41.16 7.84
C TYR C 136 -0.91 42.40 7.78
N VAL C 137 -1.99 42.34 7.01
CA VAL C 137 -2.92 43.46 6.82
C VAL C 137 -3.95 43.63 7.94
N PRO C 138 -4.59 42.58 8.47
CA PRO C 138 -5.82 42.76 9.27
C PRO C 138 -5.67 43.66 10.49
N PRO C 139 -4.49 43.81 11.11
CA PRO C 139 -4.38 44.81 12.18
C PRO C 139 -4.68 46.24 11.72
N TRP C 140 -4.50 46.54 10.43
CA TRP C 140 -4.91 47.83 9.85
C TRP C 140 -4.17 49.00 10.48
N GLY C 141 -2.84 48.92 10.47
CA GLY C 141 -1.99 50.02 10.86
C GLY C 141 -1.59 50.86 9.67
N GLN C 142 -0.47 51.57 9.83
CA GLN C 142 0.04 52.36 8.71
C GLN C 142 0.75 51.47 7.70
N MET C 143 1.66 50.62 8.16
CA MET C 143 2.38 49.76 7.24
C MET C 143 1.47 48.75 6.56
N SER C 144 0.44 48.28 7.25
CA SER C 144 -0.52 47.39 6.59
C SER C 144 -1.12 48.07 5.36
N PHE C 145 -1.66 49.26 5.55
CA PHE C 145 -2.28 50.00 4.45
C PHE C 145 -1.29 50.27 3.32
N TRP C 146 -0.14 50.83 3.65
CA TRP C 146 0.73 51.28 2.57
C TRP C 146 1.48 50.13 1.90
N GLY C 147 1.83 49.08 2.64
CA GLY C 147 2.39 47.90 2.00
C GLY C 147 1.41 47.23 1.06
N ALA C 148 0.14 47.11 1.49
CA ALA C 148 -0.86 46.56 0.59
C ALA C 148 -0.99 47.41 -0.66
N THR C 149 -1.03 48.74 -0.50
CA THR C 149 -1.12 49.64 -1.65
C THR C 149 0.02 49.39 -2.63
N VAL C 150 1.26 49.46 -2.15
CA VAL C 150 2.41 49.36 -3.06
C VAL C 150 2.43 48.00 -3.74
N ILE C 151 2.34 46.92 -2.97
CA ILE C 151 2.55 45.61 -3.55
C ILE C 151 1.40 45.25 -4.50
N THR C 152 0.16 45.51 -4.10
CA THR C 152 -0.94 45.13 -4.98
C THR C 152 -1.18 46.11 -6.11
N SER C 153 -0.59 47.30 -6.08
CA SER C 153 -0.63 48.18 -7.24
C SER C 153 0.58 47.98 -8.14
N LEU C 154 1.52 47.15 -7.71
CA LEU C 154 2.59 46.71 -8.61
C LEU C 154 2.08 45.79 -9.72
N ALA C 155 0.79 45.46 -9.75
CA ALA C 155 0.24 44.56 -10.74
C ALA C 155 -0.43 45.29 -11.90
N SER C 156 -0.27 46.61 -11.99
CA SER C 156 -0.74 47.36 -13.15
C SER C 156 0.38 47.64 -14.14
N ALA C 157 1.59 47.13 -13.89
CA ALA C 157 2.68 47.25 -14.83
C ALA C 157 2.54 46.32 -16.01
N ILE C 158 1.75 45.26 -15.88
CA ILE C 158 1.50 44.28 -16.92
C ILE C 158 0.78 44.98 -18.07
N PRO C 159 0.95 44.51 -19.31
CA PRO C 159 0.19 45.10 -20.44
C PRO C 159 -1.31 44.90 -20.30
N VAL C 160 -2.06 45.21 -21.35
CA VAL C 160 -3.37 45.87 -21.31
C VAL C 160 -4.26 45.45 -20.14
N VAL C 161 -4.18 44.19 -19.72
CA VAL C 161 -5.05 43.69 -18.66
C VAL C 161 -4.79 44.32 -17.30
N GLY C 162 -3.70 45.08 -17.14
CA GLY C 162 -3.25 45.55 -15.84
C GLY C 162 -4.24 46.26 -14.94
N ASP C 163 -4.74 47.42 -15.36
CA ASP C 163 -5.67 48.17 -14.52
C ASP C 163 -6.90 47.34 -14.16
N THR C 164 -7.36 46.51 -15.10
CA THR C 164 -8.54 45.70 -14.85
C THR C 164 -8.31 44.71 -13.71
N ILE C 165 -7.17 44.02 -13.74
CA ILE C 165 -6.92 43.03 -12.69
C ILE C 165 -6.64 43.72 -11.36
N VAL C 166 -5.99 44.89 -11.38
CA VAL C 166 -5.76 45.60 -10.13
C VAL C 166 -7.09 46.03 -9.50
N THR C 167 -7.98 46.59 -10.32
CA THR C 167 -9.28 47.05 -9.80
C THR C 167 -10.14 45.87 -9.34
N TRP C 168 -10.06 44.74 -10.03
CA TRP C 168 -10.80 43.57 -9.60
C TRP C 168 -10.23 43.00 -8.30
N LEU C 169 -8.91 43.05 -8.14
CA LEU C 169 -8.29 42.58 -6.91
C LEU C 169 -8.67 43.46 -5.72
N TRP C 170 -8.63 44.78 -5.91
CA TRP C 170 -8.93 45.69 -4.81
C TRP C 170 -10.41 45.76 -4.48
N GLY C 171 -11.28 45.19 -5.30
CA GLY C 171 -12.70 45.22 -5.04
C GLY C 171 -13.30 46.60 -5.19
N GLY C 172 -12.52 47.54 -5.72
CA GLY C 172 -12.98 48.91 -5.85
C GLY C 172 -11.89 49.79 -6.42
N PHE C 173 -11.84 51.02 -5.94
CA PHE C 173 -10.92 52.02 -6.47
C PHE C 173 -9.70 52.24 -5.58
N SER C 174 -9.72 51.74 -4.34
CA SER C 174 -8.59 51.90 -3.43
C SER C 174 -8.66 50.83 -2.37
N VAL C 175 -7.58 50.72 -1.60
CA VAL C 175 -7.49 49.74 -0.52
C VAL C 175 -8.39 50.21 0.63
N ASP C 176 -9.51 49.53 0.82
CA ASP C 176 -10.53 49.92 1.80
C ASP C 176 -11.16 48.65 2.37
N ASN C 177 -12.35 48.81 2.94
CA ASN C 177 -12.94 47.75 3.76
C ASN C 177 -13.13 46.45 2.98
N ALA C 178 -13.48 46.54 1.70
CA ALA C 178 -13.68 45.33 0.90
C ALA C 178 -12.40 44.51 0.84
N THR C 179 -11.26 45.17 0.62
CA THR C 179 -9.98 44.47 0.59
C THR C 179 -9.69 43.83 1.94
N LEU C 180 -10.02 44.52 3.04
CA LEU C 180 -9.77 43.97 4.37
C LEU C 180 -10.55 42.69 4.59
N ASN C 181 -11.85 42.71 4.30
CA ASN C 181 -12.67 41.53 4.56
C ASN C 181 -12.26 40.37 3.64
N ARG C 182 -11.98 40.69 2.38
CA ARG C 182 -11.48 39.70 1.43
C ARG C 182 -10.23 39.02 1.93
N PHE C 183 -9.24 39.81 2.35
CA PHE C 183 -7.98 39.26 2.82
C PHE C 183 -8.16 38.45 4.08
N PHE C 184 -9.09 38.83 4.96
CA PHE C 184 -9.33 38.01 6.14
C PHE C 184 -9.82 36.62 5.75
N SER C 185 -10.77 36.54 4.83
CA SER C 185 -11.26 35.22 4.43
C SER C 185 -10.15 34.38 3.79
N LEU C 186 -9.35 34.99 2.92
CA LEU C 186 -8.25 34.25 2.30
C LEU C 186 -7.26 33.75 3.34
N HIS C 187 -6.98 34.58 4.36
CA HIS C 187 -6.05 34.19 5.41
C HIS C 187 -6.58 33.03 6.22
N HIS C 188 -7.87 33.01 6.52
CA HIS C 188 -8.41 31.87 7.23
C HIS C 188 -8.39 30.61 6.38
N LEU C 189 -8.41 30.75 5.05
CA LEU C 189 -8.49 29.54 4.22
C LEU C 189 -7.14 28.92 3.87
N LEU C 190 -6.14 29.73 3.51
CA LEU C 190 -4.92 29.16 2.91
C LEU C 190 -4.17 28.13 3.75
N PRO C 191 -4.02 28.26 5.06
CA PRO C 191 -3.19 27.28 5.80
C PRO C 191 -3.67 25.83 5.71
N PHE C 192 -4.94 25.57 5.44
CA PHE C 192 -5.36 24.18 5.28
C PHE C 192 -4.84 23.59 3.96
N ILE C 193 -4.81 24.41 2.92
CA ILE C 193 -4.12 24.00 1.69
C ILE C 193 -2.65 23.77 1.96
N LEU C 194 -2.05 24.59 2.82
CA LEU C 194 -0.66 24.37 3.21
C LEU C 194 -0.48 23.00 3.88
N VAL C 195 -1.41 22.62 4.75
CA VAL C 195 -1.36 21.31 5.39
C VAL C 195 -1.41 20.19 4.35
N GLY C 196 -2.35 20.29 3.41
CA GLY C 196 -2.46 19.27 2.38
C GLY C 196 -1.19 19.13 1.54
N ALA C 197 -0.61 20.27 1.15
CA ALA C 197 0.62 20.22 0.38
C ALA C 197 1.75 19.62 1.19
N SER C 198 1.81 19.87 2.50
CA SER C 198 2.84 19.26 3.32
C SER C 198 2.70 17.75 3.37
N LEU C 199 1.48 17.24 3.51
CA LEU C 199 1.32 15.79 3.53
C LEU C 199 1.70 15.17 2.20
N LEU C 200 1.35 15.81 1.09
CA LEU C 200 1.77 15.29 -0.22
C LEU C 200 3.28 15.29 -0.35
N HIS C 201 3.93 16.35 0.12
CA HIS C 201 5.39 16.45 0.14
C HIS C 201 6.02 15.27 0.88
N LEU C 202 5.48 14.95 2.06
CA LEU C 202 6.01 13.82 2.83
C LEU C 202 5.80 12.48 2.14
N ALA C 203 4.64 12.26 1.53
CA ALA C 203 4.45 11.01 0.81
C ALA C 203 5.44 10.88 -0.34
N ALA C 204 5.66 11.97 -1.07
CA ALA C 204 6.60 11.94 -2.18
C ALA C 204 8.00 11.65 -1.71
N LEU C 205 8.38 12.11 -0.52
CA LEU C 205 9.71 11.76 -0.02
C LEU C 205 9.77 10.30 0.43
N HIS C 206 8.74 9.83 1.14
CA HIS C 206 8.78 8.46 1.65
C HIS C 206 8.76 7.41 0.55
N GLN C 207 8.37 7.77 -0.67
CA GLN C 207 8.42 6.73 -1.70
C GLN C 207 9.84 6.46 -2.23
N TYR C 208 10.87 7.19 -1.78
CA TYR C 208 12.26 6.80 -2.07
C TYR C 208 13.23 6.89 -0.90
N GLY C 209 12.82 7.36 0.27
CA GLY C 209 13.75 7.52 1.38
C GLY C 209 14.55 8.79 1.27
N SER C 210 15.30 9.08 2.31
CA SER C 210 16.03 10.34 2.42
C SER C 210 17.48 10.17 1.97
N ASN C 211 18.16 11.30 1.83
CA ASN C 211 19.57 11.36 1.46
C ASN C 211 20.40 11.23 2.73
N ASN C 212 21.70 11.49 2.66
CA ASN C 212 22.57 11.44 3.83
C ASN C 212 23.78 12.32 3.57
N PRO C 213 24.50 12.72 4.63
CA PRO C 213 25.65 13.62 4.45
C PRO C 213 26.74 13.10 3.54
N LEU C 214 26.62 11.88 3.03
CA LEU C 214 27.61 11.30 2.13
C LEU C 214 27.15 11.28 0.68
N GLY C 215 25.86 11.14 0.42
CA GLY C 215 25.38 11.12 -0.94
C GLY C 215 25.64 9.84 -1.69
N VAL C 216 25.71 8.71 -0.98
CA VAL C 216 26.01 7.44 -1.59
C VAL C 216 24.79 6.52 -1.46
N HIS C 217 24.89 5.33 -2.02
CA HIS C 217 23.89 4.29 -1.77
C HIS C 217 23.90 3.95 -0.29
N SER C 218 22.70 3.75 0.29
CA SER C 218 22.60 3.62 1.74
C SER C 218 21.66 2.49 2.14
N GLU C 219 21.59 1.42 1.37
CA GLU C 219 20.65 0.35 1.64
C GLU C 219 21.26 -0.80 2.43
N MET C 220 22.53 -0.70 2.79
CA MET C 220 23.19 -1.77 3.55
C MET C 220 23.23 -1.50 5.04
N ASP C 221 23.12 -0.24 5.48
CA ASP C 221 23.22 0.12 6.89
C ASP C 221 22.12 1.13 7.22
N GLN C 222 21.00 0.63 7.72
CA GLN C 222 19.87 1.47 8.11
C GLN C 222 19.36 1.04 9.48
N ILE C 223 18.78 2.00 10.20
CA ILE C 223 18.14 1.74 11.47
C ILE C 223 16.73 2.31 11.44
N SER C 224 15.89 1.81 12.32
CA SER C 224 14.50 2.27 12.38
C SER C 224 14.45 3.73 12.84
N PHE C 225 13.24 4.29 12.85
CA PHE C 225 13.06 5.68 13.24
C PHE C 225 12.92 5.84 14.75
N TYR C 226 12.17 4.97 15.38
CA TYR C 226 11.94 4.99 16.81
C TYR C 226 12.73 3.87 17.47
N PRO C 227 13.48 4.13 18.55
CA PRO C 227 13.65 5.39 19.26
C PRO C 227 14.88 6.22 18.88
N TYR C 228 15.48 5.98 17.71
CA TYR C 228 16.82 6.52 17.47
C TYR C 228 16.80 7.96 16.99
N PHE C 229 15.81 8.35 16.18
CA PHE C 229 15.70 9.73 15.73
C PHE C 229 14.59 10.50 16.43
N TYR C 230 13.69 9.80 17.13
CA TYR C 230 12.72 10.47 17.98
C TYR C 230 13.39 11.28 19.08
N VAL C 231 14.43 10.73 19.71
CA VAL C 231 15.11 11.44 20.79
C VAL C 231 15.91 12.64 20.26
N LYS C 232 16.47 12.51 19.06
CA LYS C 232 17.18 13.63 18.45
C LYS C 232 16.20 14.76 18.10
N ASP C 233 15.03 14.41 17.55
CA ASP C 233 14.00 15.40 17.34
C ASP C 233 13.58 16.05 18.65
N LEU C 234 13.53 15.27 19.73
CA LEU C 234 13.16 15.84 21.03
C LEU C 234 14.15 16.91 21.47
N VAL C 235 15.44 16.63 21.33
CA VAL C 235 16.45 17.64 21.66
C VAL C 235 16.21 18.91 20.86
N GLY C 236 15.99 18.75 19.55
CA GLY C 236 15.74 19.93 18.72
C GLY C 236 14.54 20.72 19.19
N TRP C 237 13.44 20.03 19.49
CA TRP C 237 12.21 20.72 19.89
C TRP C 237 12.41 21.52 21.17
N VAL C 238 13.13 20.96 22.15
CA VAL C 238 13.30 21.68 23.41
C VAL C 238 14.17 22.92 23.20
N ALA C 239 15.24 22.81 22.41
CA ALA C 239 16.04 24.00 22.13
C ALA C 239 15.21 25.08 21.43
N PHE C 240 14.38 24.66 20.46
CA PHE C 240 13.53 25.60 19.75
C PHE C 240 12.55 26.28 20.70
N ALA C 241 11.98 25.52 21.64
CA ALA C 241 11.05 26.12 22.59
C ALA C 241 11.72 27.16 23.46
N ILE C 242 12.95 26.90 23.90
CA ILE C 242 13.68 27.92 24.66
C ILE C 242 13.85 29.19 23.84
N PHE C 243 14.25 29.05 22.57
CA PHE C 243 14.45 30.22 21.72
C PHE C 243 13.16 31.00 21.50
N PHE C 244 12.09 30.29 21.13
CA PHE C 244 10.79 30.90 20.92
C PHE C 244 10.32 31.66 22.15
N SER C 245 10.52 31.10 23.34
CA SER C 245 10.03 31.77 24.53
C SER C 245 10.92 32.93 24.96
N ILE C 246 12.21 32.90 24.62
CA ILE C 246 13.02 34.12 24.78
C ILE C 246 12.43 35.24 23.93
N TRP C 247 12.00 34.93 22.71
CA TRP C 247 11.36 35.96 21.90
C TRP C 247 10.05 36.45 22.52
N ILE C 248 9.19 35.52 22.94
CA ILE C 248 7.85 35.93 23.39
C ILE C 248 7.92 36.75 24.67
N PHE C 249 8.75 36.35 25.64
CA PHE C 249 8.61 36.88 26.99
C PHE C 249 9.52 38.07 27.30
N TYR C 250 10.63 38.24 26.60
CA TYR C 250 11.58 39.29 26.97
C TYR C 250 11.95 40.23 25.85
N ALA C 251 11.44 40.03 24.63
CA ALA C 251 11.68 40.97 23.54
C ALA C 251 10.66 40.79 22.43
N PRO C 252 9.37 41.05 22.69
CA PRO C 252 8.35 40.67 21.71
C PRO C 252 8.12 41.66 20.58
N ASN C 253 8.86 42.78 20.54
CA ASN C 253 8.65 43.79 19.51
C ASN C 253 9.91 44.13 18.74
N VAL C 254 11.00 43.40 18.94
CA VAL C 254 12.24 43.70 18.23
C VAL C 254 12.10 43.41 16.74
N LEU C 255 11.25 42.45 16.38
CA LEU C 255 11.14 41.98 15.00
C LEU C 255 9.97 42.61 14.25
N GLY C 256 9.67 43.88 14.50
CA GLY C 256 8.59 44.56 13.83
C GLY C 256 8.88 46.03 13.65
N HIS C 257 8.07 46.68 12.83
CA HIS C 257 8.24 48.11 12.65
C HIS C 257 7.32 48.88 13.58
N PRO C 258 7.82 49.97 14.18
CA PRO C 258 7.00 50.70 15.17
C PRO C 258 5.77 51.35 14.58
N ASP C 259 5.72 51.55 13.26
CA ASP C 259 4.67 52.36 12.66
C ASP C 259 3.32 51.66 12.59
N ASN C 260 3.23 50.39 12.94
CA ASN C 260 1.95 49.70 12.87
C ASN C 260 1.11 49.90 14.13
N TYR C 261 1.56 50.73 15.06
CA TYR C 261 0.75 51.16 16.19
C TYR C 261 0.15 52.55 15.97
N ILE C 262 0.00 52.95 14.72
CA ILE C 262 -0.66 54.19 14.34
C ILE C 262 -1.79 53.81 13.39
N PRO C 263 -3.04 54.13 13.71
CA PRO C 263 -4.16 53.69 12.87
C PRO C 263 -4.02 54.22 11.45
N ALA C 264 -4.54 53.46 10.50
CA ALA C 264 -4.36 53.78 9.08
C ALA C 264 -4.93 55.15 8.77
N ASN C 265 -4.15 55.94 8.03
CA ASN C 265 -4.56 57.29 7.63
C ASN C 265 -4.18 57.45 6.17
N PRO C 266 -5.13 57.32 5.24
CA PRO C 266 -4.78 57.31 3.81
C PRO C 266 -4.16 58.60 3.29
N MET C 267 -4.32 59.73 3.98
CA MET C 267 -3.77 60.97 3.43
C MET C 267 -2.26 61.08 3.62
N PRO C 268 -1.71 60.97 4.84
CA PRO C 268 -0.26 61.08 4.98
C PRO C 268 0.44 59.75 4.71
N THR C 269 1.59 59.83 4.07
CA THR C 269 2.41 58.67 3.76
C THR C 269 3.59 58.57 4.72
N PRO C 270 3.95 57.36 5.14
CA PRO C 270 5.16 57.19 5.93
C PRO C 270 6.39 57.53 5.11
N PRO C 271 7.47 57.96 5.75
CA PRO C 271 8.67 58.34 4.99
C PRO C 271 9.49 57.16 4.48
N HIS C 272 9.27 55.96 4.98
CA HIS C 272 10.11 54.80 4.64
C HIS C 272 9.24 53.55 4.77
N ILE C 273 8.72 53.09 3.63
CA ILE C 273 7.78 51.98 3.58
C ILE C 273 8.54 50.71 3.24
N VAL C 274 8.45 49.71 4.11
CA VAL C 274 9.04 48.39 3.86
C VAL C 274 8.12 47.31 4.37
N PRO C 275 8.20 46.12 3.78
CA PRO C 275 7.48 44.97 4.34
C PRO C 275 8.30 44.24 5.41
N GLU C 276 7.81 43.10 5.89
CA GLU C 276 8.47 42.38 6.97
C GLU C 276 9.89 41.96 6.58
N TRP C 277 10.63 41.44 7.57
CA TRP C 277 12.04 41.17 7.36
C TRP C 277 12.29 39.99 6.42
N TYR C 278 11.29 39.15 6.17
CA TYR C 278 11.48 37.95 5.36
C TYR C 278 10.99 38.12 3.93
N PHE C 279 10.73 39.35 3.49
CA PHE C 279 10.46 39.63 2.08
C PHE C 279 11.45 40.60 1.47
N LEU C 280 12.51 40.96 2.18
CA LEU C 280 13.42 42.00 1.73
C LEU C 280 14.31 41.56 0.56
N PRO C 281 14.75 40.30 0.46
CA PRO C 281 15.48 39.92 -0.77
C PRO C 281 14.65 40.07 -2.03
N ILE C 282 13.41 39.58 -2.02
CA ILE C 282 12.52 39.75 -3.17
C ILE C 282 12.27 41.23 -3.43
N HIS C 283 12.08 41.99 -2.36
CA HIS C 283 11.80 43.41 -2.48
C HIS C 283 12.97 44.16 -3.11
N ALA C 284 14.20 43.80 -2.72
CA ALA C 284 15.38 44.43 -3.30
C ALA C 284 15.56 44.03 -4.76
N ILE C 285 15.37 42.75 -5.08
CA ILE C 285 15.43 42.32 -6.48
C ILE C 285 14.40 43.07 -7.30
N LEU C 286 13.23 43.30 -6.71
CA LEU C 286 12.12 43.94 -7.41
C LEU C 286 12.37 45.42 -7.66
N ARG C 287 12.91 46.14 -6.68
CA ARG C 287 13.24 47.54 -6.93
C ARG C 287 14.58 47.74 -7.60
N SER C 288 15.33 46.67 -7.85
CA SER C 288 16.65 46.83 -8.47
C SER C 288 16.58 47.29 -9.92
N ILE C 289 15.42 47.20 -10.55
CA ILE C 289 15.28 47.49 -11.98
C ILE C 289 14.59 48.85 -12.13
N PRO C 290 15.11 49.74 -12.99
CA PRO C 290 14.43 51.00 -13.29
C PRO C 290 13.36 50.86 -14.38
N ASP C 291 12.49 49.86 -14.22
CA ASP C 291 11.41 49.62 -15.16
C ASP C 291 10.36 48.72 -14.52
N LYS C 292 9.09 49.08 -14.65
CA LYS C 292 8.02 48.32 -14.00
C LYS C 292 7.88 46.92 -14.57
N SER C 293 7.82 46.81 -15.89
CA SER C 293 7.66 45.50 -16.52
C SER C 293 8.87 44.62 -16.21
N GLY C 294 10.07 45.18 -16.34
CA GLY C 294 11.27 44.41 -16.03
C GLY C 294 11.34 44.03 -14.56
N GLY C 295 10.97 44.97 -13.67
CA GLY C 295 11.00 44.67 -12.25
C GLY C 295 10.04 43.55 -11.87
N VAL C 296 8.83 43.57 -12.42
CA VAL C 296 7.86 42.53 -12.10
C VAL C 296 8.27 41.21 -12.72
N ALA C 297 8.77 41.23 -13.95
CA ALA C 297 9.13 40.01 -14.66
C ALA C 297 10.54 39.54 -14.34
N ALA C 298 11.21 40.17 -13.40
CA ALA C 298 12.45 39.63 -12.88
C ALA C 298 12.24 38.68 -11.70
N ILE C 299 11.07 38.71 -11.07
CA ILE C 299 10.75 37.70 -10.06
C ILE C 299 10.53 36.36 -10.72
N ALA C 300 9.92 36.35 -11.90
CA ALA C 300 9.67 35.08 -12.59
C ALA C 300 10.93 34.26 -12.84
N PRO C 301 12.06 34.83 -13.26
CA PRO C 301 13.28 34.01 -13.34
C PRO C 301 13.70 33.42 -12.01
N VAL C 302 13.43 34.09 -10.89
CA VAL C 302 13.79 33.52 -9.60
C VAL C 302 13.08 32.19 -9.39
N PHE C 303 11.76 32.18 -9.58
CA PHE C 303 11.00 30.96 -9.36
C PHE C 303 11.23 29.94 -10.47
N ILE C 304 11.48 30.37 -11.69
CA ILE C 304 11.76 29.43 -12.77
C ILE C 304 13.10 28.72 -12.52
N CYS C 305 14.13 29.45 -12.08
CA CYS C 305 15.40 28.82 -11.78
C CYS C 305 15.31 27.90 -10.58
N LEU C 306 14.60 28.33 -9.53
CA LEU C 306 14.40 27.47 -8.37
C LEU C 306 13.62 26.21 -8.73
N LEU C 307 12.73 26.30 -9.72
CA LEU C 307 11.94 25.16 -10.13
C LEU C 307 12.59 24.34 -11.23
N ALA C 308 13.67 24.83 -11.83
CA ALA C 308 14.35 24.12 -12.90
C ALA C 308 15.75 23.65 -12.54
N LEU C 309 16.22 23.88 -11.32
CA LEU C 309 17.44 23.23 -10.86
C LEU C 309 17.48 21.72 -11.08
N PRO C 310 16.45 20.94 -10.74
CA PRO C 310 16.63 19.48 -10.69
C PRO C 310 16.92 18.82 -12.03
N PHE C 311 16.70 19.50 -13.15
CA PHE C 311 16.65 18.82 -14.45
C PHE C 311 17.95 18.93 -15.24
N PHE C 312 19.03 19.38 -14.63
CA PHE C 312 20.35 19.23 -15.23
C PHE C 312 20.85 17.82 -14.93
N LYS C 313 21.44 17.17 -15.93
CA LYS C 313 21.59 15.72 -15.88
C LYS C 313 22.99 15.26 -16.28
N SER C 314 24.02 15.89 -15.72
CA SER C 314 25.39 15.42 -15.93
C SER C 314 26.16 15.22 -14.64
N MET C 315 25.89 16.01 -13.59
CA MET C 315 26.60 15.87 -12.33
C MET C 315 26.36 14.49 -11.74
N TYR C 316 27.42 13.89 -11.18
CA TYR C 316 27.34 12.53 -10.67
C TYR C 316 27.56 12.40 -9.18
N VAL C 317 28.23 13.38 -8.54
CA VAL C 317 28.47 13.36 -7.10
C VAL C 317 27.56 14.38 -6.45
N ARG C 318 26.82 13.95 -5.42
CA ARG C 318 25.81 14.80 -4.79
C ARG C 318 26.38 15.71 -3.71
N SER C 319 26.95 15.11 -2.66
CA SER C 319 27.37 15.90 -1.50
C SER C 319 28.49 16.86 -1.85
N SER C 320 28.45 18.05 -1.24
CA SER C 320 29.44 19.08 -1.49
C SER C 320 30.76 18.82 -0.77
N SER C 321 30.84 17.76 0.05
CA SER C 321 32.09 17.44 0.73
C SER C 321 33.19 17.10 -0.27
N PHE C 322 32.85 16.34 -1.31
CA PHE C 322 33.79 15.95 -2.34
C PHE C 322 33.80 16.91 -3.52
N ARG C 323 33.22 18.10 -3.38
CA ARG C 323 33.13 19.08 -4.45
C ARG C 323 33.58 20.44 -3.91
N PRO C 324 34.87 20.73 -3.96
CA PRO C 324 35.35 21.99 -3.34
C PRO C 324 34.79 23.24 -3.98
N ILE C 325 34.76 23.29 -5.32
CA ILE C 325 34.39 24.50 -6.02
C ILE C 325 32.91 24.81 -5.81
N HIS C 326 32.05 23.81 -5.91
CA HIS C 326 30.62 24.03 -5.66
C HIS C 326 30.37 24.42 -4.21
N GLN C 327 31.19 23.92 -3.29
CA GLN C 327 31.07 24.31 -1.89
C GLN C 327 31.39 25.80 -1.71
N GLY C 328 32.49 26.26 -2.31
CA GLY C 328 32.81 27.67 -2.26
C GLY C 328 31.72 28.54 -2.88
N ILE C 329 31.17 28.08 -4.01
CA ILE C 329 30.07 28.81 -4.63
C ILE C 329 28.86 28.85 -3.71
N PHE C 330 28.61 27.78 -2.96
CA PHE C 330 27.50 27.78 -2.01
C PHE C 330 27.68 28.87 -0.95
N TRP C 331 28.88 28.95 -0.37
CA TRP C 331 29.10 29.97 0.66
C TRP C 331 28.99 31.38 0.08
N LEU C 332 29.52 31.58 -1.12
CA LEU C 332 29.47 32.91 -1.72
C LEU C 332 28.03 33.30 -2.06
N LEU C 333 27.22 32.35 -2.52
CA LEU C 333 25.80 32.60 -2.74
C LEU C 333 25.10 32.97 -1.44
N LEU C 334 25.45 32.29 -0.34
CA LEU C 334 24.83 32.64 0.94
C LEU C 334 25.15 34.08 1.33
N ALA C 335 26.42 34.48 1.18
CA ALA C 335 26.78 35.86 1.50
C ALA C 335 26.01 36.85 0.62
N ASP C 336 25.91 36.56 -0.67
CA ASP C 336 25.21 37.47 -1.58
C ASP C 336 23.73 37.57 -1.23
N ARG C 337 23.11 36.46 -0.83
CA ARG C 337 21.70 36.47 -0.48
C ARG C 337 21.45 37.29 0.78
N LEU C 338 22.36 37.20 1.75
CA LEU C 338 22.28 38.08 2.92
C LEU C 338 22.44 39.54 2.52
N LEU C 339 23.33 39.81 1.55
CA LEU C 339 23.51 41.20 1.11
C LEU C 339 22.24 41.76 0.48
N LEU C 340 21.56 40.96 -0.37
CA LEU C 340 20.26 41.38 -0.87
C LEU C 340 19.29 41.66 0.27
N GLY C 341 19.26 40.79 1.28
CA GLY C 341 18.36 41.01 2.40
C GLY C 341 18.60 42.36 3.05
N TRP C 342 19.87 42.69 3.29
CA TRP C 342 20.18 43.96 3.95
C TRP C 342 19.84 45.14 3.05
N ILE C 343 20.11 45.03 1.75
CA ILE C 343 19.83 46.14 0.84
C ILE C 343 18.33 46.41 0.74
N GLY C 344 17.51 45.37 0.82
CA GLY C 344 16.08 45.55 0.65
C GLY C 344 15.42 46.47 1.67
N CYS C 345 16.15 46.94 2.68
CA CYS C 345 15.60 47.79 3.72
C CYS C 345 16.29 49.15 3.79
N GLN C 346 16.68 49.70 2.65
CA GLN C 346 17.40 50.96 2.60
C GLN C 346 16.70 51.92 1.65
N PRO C 347 16.95 53.22 1.78
CA PRO C 347 16.46 54.17 0.78
C PRO C 347 17.14 53.96 -0.56
N VAL C 348 16.43 54.34 -1.62
CA VAL C 348 16.89 54.07 -3.00
C VAL C 348 17.63 55.31 -3.51
N GLU C 349 18.93 55.33 -3.26
CA GLU C 349 19.83 56.30 -3.89
C GLU C 349 21.25 55.75 -3.81
N ALA C 350 22.22 56.57 -4.19
CA ALA C 350 23.61 56.17 -4.06
C ALA C 350 23.96 56.03 -2.58
N PRO C 351 24.84 55.09 -2.22
CA PRO C 351 25.45 54.12 -3.14
C PRO C 351 24.73 52.78 -3.19
N PHE C 352 23.41 52.77 -3.05
CA PHE C 352 22.68 51.52 -2.96
C PHE C 352 22.14 51.00 -4.28
N VAL C 353 22.14 51.82 -5.34
CA VAL C 353 21.62 51.37 -6.62
C VAL C 353 22.54 50.33 -7.24
N THR C 354 23.85 50.60 -7.24
CA THR C 354 24.80 49.64 -7.80
C THR C 354 24.84 48.35 -6.98
N ILE C 355 24.86 48.49 -5.65
CA ILE C 355 24.85 47.34 -4.75
C ILE C 355 23.50 46.66 -4.70
N GLY C 356 22.49 47.23 -5.35
CA GLY C 356 21.21 46.54 -5.46
C GLY C 356 21.02 45.93 -6.82
N GLN C 357 21.84 46.36 -7.78
CA GLN C 357 21.77 45.83 -9.14
C GLN C 357 22.77 44.71 -9.41
N ILE C 358 23.89 44.66 -8.68
CA ILE C 358 24.88 43.61 -8.90
C ILE C 358 24.48 42.30 -8.21
N PRO C 359 24.03 42.30 -6.95
CA PRO C 359 23.68 41.04 -6.29
C PRO C 359 22.62 40.24 -7.02
N PRO C 360 21.64 40.87 -7.68
CA PRO C 360 20.78 40.06 -8.57
C PRO C 360 21.55 39.37 -9.67
N LEU C 361 22.56 40.04 -10.23
CA LEU C 361 23.38 39.42 -11.24
C LEU C 361 24.09 38.20 -10.69
N VAL C 362 24.61 38.29 -9.46
CA VAL C 362 25.26 37.13 -8.85
C VAL C 362 24.24 36.04 -8.55
N PHE C 363 23.06 36.42 -8.05
CA PHE C 363 22.01 35.47 -7.71
C PHE C 363 21.54 34.71 -8.94
N PHE C 364 21.70 35.27 -10.13
CA PHE C 364 21.37 34.53 -11.34
C PHE C 364 22.57 33.80 -11.93
N LEU C 365 23.79 34.32 -11.75
CA LEU C 365 24.96 33.57 -12.16
C LEU C 365 25.12 32.28 -11.38
N PHE C 366 24.57 32.21 -10.17
CA PHE C 366 24.58 30.93 -9.48
C PHE C 366 23.83 29.87 -10.27
N PHE C 367 22.59 30.18 -10.65
CA PHE C 367 21.77 29.20 -11.36
C PHE C 367 22.22 29.03 -12.81
N ALA C 368 23.07 29.92 -13.32
CA ALA C 368 23.64 29.67 -14.63
C ALA C 368 24.90 28.81 -14.58
N ILE C 369 25.73 28.98 -13.53
CA ILE C 369 27.05 28.35 -13.55
C ILE C 369 26.96 26.84 -13.38
N THR C 370 26.10 26.37 -12.48
CA THR C 370 26.22 25.00 -11.96
C THR C 370 26.25 23.89 -13.03
N PRO C 371 25.53 23.95 -14.14
CA PRO C 371 25.72 22.91 -15.17
C PRO C 371 27.13 22.85 -15.74
N ILE C 372 27.84 23.97 -15.79
CA ILE C 372 29.22 23.95 -16.29
C ILE C 372 30.12 23.05 -15.46
N PRO C 373 30.11 23.11 -14.11
CA PRO C 373 30.78 22.06 -13.35
C PRO C 373 30.27 20.67 -13.68
N GLY C 374 28.98 20.50 -13.92
CA GLY C 374 28.45 19.21 -14.32
C GLY C 374 29.21 18.62 -15.48
N ARG C 375 29.23 19.34 -16.61
CA ARG C 375 29.97 18.88 -17.77
C ARG C 375 31.46 18.74 -17.50
N VAL C 376 32.12 19.78 -16.98
CA VAL C 376 33.58 19.79 -16.92
C VAL C 376 34.06 18.69 -15.98
N GLY C 377 33.20 18.28 -15.05
CA GLY C 377 33.57 17.24 -14.11
C GLY C 377 33.05 15.86 -14.41
N ARG C 378 32.14 15.73 -15.37
CA ARG C 378 31.74 14.38 -15.79
C ARG C 378 32.92 13.57 -16.31
N GLY C 379 33.91 14.23 -16.89
CA GLY C 379 35.08 13.55 -17.42
C GLY C 379 36.28 13.53 -16.50
N ILE C 380 36.05 13.71 -15.20
CA ILE C 380 37.13 13.73 -14.21
C ILE C 380 37.76 12.36 -13.95
N PRO C 381 37.05 11.22 -14.03
CA PRO C 381 37.74 9.95 -13.77
C PRO C 381 38.88 9.66 -14.71
N ASN C 382 38.78 10.13 -15.96
CA ASN C 382 39.76 9.81 -16.99
C ASN C 382 41.07 10.56 -16.84
N SER C 383 41.09 11.68 -16.11
CA SER C 383 42.29 12.48 -15.98
C SER C 383 43.10 12.17 -14.72
N TYR C 384 42.43 11.95 -13.59
CA TYR C 384 43.08 11.79 -12.31
C TYR C 384 43.36 10.33 -11.95
N THR C 385 43.08 9.40 -12.85
CA THR C 385 43.16 7.99 -12.52
C THR C 385 44.59 7.58 -12.18
N ASP C 386 44.70 6.60 -11.29
CA ASP C 386 45.98 6.00 -10.91
C ASP C 386 46.06 4.57 -11.40
N GLU D 1 21.45 66.58 6.65
CA GLU D 1 21.36 65.90 7.93
C GLU D 1 20.54 66.71 8.93
N ALA D 2 19.39 67.20 8.48
CA ALA D 2 18.49 67.96 9.34
C ALA D 2 17.08 67.41 9.24
N GLU D 3 16.82 66.61 8.20
CA GLU D 3 15.47 66.10 7.96
C GLU D 3 15.12 64.96 8.92
N HIS D 4 16.13 64.28 9.45
CA HIS D 4 15.85 63.13 10.31
C HIS D 4 15.60 63.55 11.77
N GLY D 5 16.32 64.55 12.24
CA GLY D 5 16.16 64.94 13.63
C GLY D 5 17.19 64.31 14.53
N LEU D 6 17.47 64.98 15.64
CA LEU D 6 18.54 64.55 16.53
C LEU D 6 18.20 63.19 17.14
N ALA D 7 19.23 62.52 17.65
CA ALA D 7 19.09 61.21 18.24
C ALA D 7 19.01 61.29 19.75
N CYS D 8 18.01 60.63 20.34
CA CYS D 8 17.80 60.63 21.78
C CYS D 8 18.66 59.56 22.43
N PRO D 9 19.46 59.90 23.44
CA PRO D 9 20.34 58.90 24.06
C PRO D 9 19.58 57.86 24.85
N SER D 10 20.28 56.96 25.53
CA SER D 10 19.66 55.92 26.35
C SER D 10 19.81 56.28 27.82
N TYR D 11 18.71 56.21 28.56
CA TYR D 11 18.71 56.57 29.97
C TYR D 11 18.47 55.33 30.84
N PRO D 12 19.01 55.31 32.06
CA PRO D 12 18.82 54.16 32.96
C PRO D 12 17.47 54.17 33.68
N TRP D 13 16.44 53.69 32.99
CA TRP D 13 15.11 53.72 33.55
C TRP D 13 14.95 52.67 34.66
N PRO D 14 14.17 52.98 35.70
CA PRO D 14 13.97 52.00 36.79
C PRO D 14 13.10 50.81 36.39
N HIS D 15 12.50 50.81 35.21
CA HIS D 15 11.74 49.66 34.72
C HIS D 15 12.51 48.86 33.68
N GLN D 16 13.76 49.22 33.41
CA GLN D 16 14.63 48.39 32.58
C GLN D 16 15.33 47.34 33.42
N GLY D 17 15.64 46.22 32.79
CA GLY D 17 16.23 45.09 33.48
C GLY D 17 15.39 43.86 33.28
N ILE D 18 15.98 42.68 33.49
CA ILE D 18 15.22 41.45 33.27
C ILE D 18 14.37 41.09 34.48
N LEU D 19 14.61 41.70 35.64
CA LEU D 19 13.86 41.42 36.85
C LEU D 19 13.48 42.73 37.54
N SER D 20 12.96 43.68 36.76
CA SER D 20 12.61 45.01 37.26
C SER D 20 11.12 45.26 37.09
N SER D 21 10.57 46.13 37.94
CA SER D 21 9.15 46.42 37.95
C SER D 21 8.92 47.91 37.89
N TYR D 22 7.64 48.28 37.79
CA TYR D 22 7.26 49.68 37.72
C TYR D 22 7.39 50.35 39.07
N ASP D 23 7.76 51.63 39.05
CA ASP D 23 7.80 52.46 40.26
C ASP D 23 6.45 53.15 40.38
N HIS D 24 5.59 52.65 41.26
CA HIS D 24 4.18 53.06 41.25
C HIS D 24 3.99 54.50 41.71
N ALA D 25 4.87 55.02 42.57
CA ALA D 25 4.78 56.42 42.94
C ALA D 25 5.03 57.32 41.73
N SER D 26 5.96 56.92 40.87
CA SER D 26 6.18 57.65 39.64
C SER D 26 4.96 57.58 38.74
N ILE D 27 4.25 56.45 38.73
CA ILE D 27 3.00 56.35 37.97
C ILE D 27 1.98 57.33 38.52
N ARG D 28 1.84 57.40 39.84
CA ARG D 28 0.89 58.32 40.46
C ARG D 28 1.18 59.76 40.06
N ARG D 29 2.43 60.18 40.22
CA ARG D 29 2.78 61.56 39.93
C ARG D 29 2.66 61.87 38.44
N GLY D 30 2.98 60.88 37.59
CA GLY D 30 2.82 61.09 36.16
C GLY D 30 1.37 61.23 35.75
N HIS D 31 0.48 60.44 36.35
CA HIS D 31 -0.94 60.60 36.06
C HIS D 31 -1.43 61.97 36.50
N GLN D 32 -0.97 62.44 37.66
CA GLN D 32 -1.34 63.78 38.09
C GLN D 32 -0.88 64.84 37.08
N VAL D 33 0.35 64.72 36.60
CA VAL D 33 0.87 65.68 35.64
C VAL D 33 0.05 65.65 34.35
N TYR D 34 -0.29 64.45 33.88
CA TYR D 34 -1.09 64.35 32.66
C TYR D 34 -2.45 64.99 32.85
N THR D 35 -3.16 64.62 33.91
CA THR D 35 -4.51 65.11 34.09
C THR D 35 -4.55 66.60 34.41
N GLN D 36 -3.44 67.20 34.82
CA GLN D 36 -3.44 68.62 35.10
C GLN D 36 -2.73 69.48 34.06
N VAL D 37 -2.03 68.90 33.10
CA VAL D 37 -1.35 69.70 32.09
C VAL D 37 -1.77 69.29 30.68
N CYS D 38 -1.82 67.99 30.42
CA CYS D 38 -1.82 67.46 29.06
C CYS D 38 -3.21 67.14 28.53
N ALA D 39 -4.16 66.78 29.38
CA ALA D 39 -5.48 66.37 28.92
C ALA D 39 -6.25 67.51 28.28
N SER D 40 -5.65 68.69 28.16
CA SER D 40 -6.29 69.83 27.52
C SER D 40 -6.41 69.66 26.00
N CYS D 41 -5.49 68.95 25.36
CA CYS D 41 -5.57 68.73 23.93
C CYS D 41 -5.44 67.25 23.53
N HIS D 42 -4.60 66.48 24.22
CA HIS D 42 -4.45 65.07 23.90
C HIS D 42 -5.57 64.25 24.54
N SER D 43 -5.59 62.96 24.21
CA SER D 43 -6.57 62.03 24.76
C SER D 43 -5.97 60.64 24.76
N MET D 44 -6.50 59.78 25.64
CA MET D 44 -6.07 58.39 25.71
C MET D 44 -7.05 57.46 25.01
N SER D 45 -8.30 57.43 25.45
CA SER D 45 -9.41 56.74 24.80
C SER D 45 -9.23 55.22 24.78
N LEU D 46 -8.09 54.71 25.22
CA LEU D 46 -7.87 53.27 25.36
C LEU D 46 -7.78 52.83 26.80
N ILE D 47 -7.40 53.73 27.72
CA ILE D 47 -7.27 53.43 29.13
C ILE D 47 -8.57 53.78 29.82
N SER D 48 -9.11 52.85 30.60
CA SER D 48 -10.33 53.11 31.34
C SER D 48 -9.99 53.55 32.76
N TYR D 49 -11.02 53.87 33.54
CA TYR D 49 -10.78 54.32 34.90
C TYR D 49 -10.39 53.16 35.81
N ARG D 50 -11.04 52.01 35.64
CA ARG D 50 -10.80 50.85 36.49
C ARG D 50 -9.39 50.31 36.39
N ASP D 51 -8.63 50.71 35.36
CA ASP D 51 -7.26 50.22 35.25
C ASP D 51 -6.39 50.70 36.41
N LEU D 52 -6.74 51.83 37.00
CA LEU D 52 -5.86 52.45 37.99
C LEU D 52 -5.95 51.80 39.36
N VAL D 53 -7.05 51.14 39.69
CA VAL D 53 -7.19 50.54 41.01
C VAL D 53 -6.22 49.38 41.16
N GLY D 54 -5.50 49.36 42.28
CA GLY D 54 -4.45 48.39 42.49
C GLY D 54 -3.12 48.73 41.86
N VAL D 55 -3.06 49.75 41.02
CA VAL D 55 -1.85 50.13 40.30
C VAL D 55 -1.27 51.43 40.84
N ALA D 56 -2.10 52.46 40.99
CA ALA D 56 -1.66 53.72 41.59
C ALA D 56 -2.62 54.32 42.60
N TYR D 57 -3.87 53.89 42.66
CA TYR D 57 -4.84 54.43 43.60
C TYR D 57 -5.61 53.27 44.22
N THR D 58 -6.17 53.50 45.40
CA THR D 58 -7.18 52.57 45.89
C THR D 58 -8.49 52.81 45.17
N GLU D 59 -9.48 51.96 45.45
CA GLU D 59 -10.72 52.01 44.67
C GLU D 59 -11.51 53.29 44.95
N GLU D 60 -11.58 53.72 46.20
CA GLU D 60 -12.45 54.83 46.56
C GLU D 60 -11.98 56.13 45.93
N GLU D 61 -10.66 56.36 45.89
CA GLU D 61 -10.14 57.55 45.22
C GLU D 61 -10.55 57.57 43.77
N VAL D 62 -10.41 56.44 43.07
CA VAL D 62 -10.77 56.39 41.66
C VAL D 62 -12.28 56.58 41.49
N LYS D 63 -13.08 56.07 42.42
CA LYS D 63 -14.53 56.23 42.32
C LYS D 63 -14.91 57.71 42.42
N ALA D 64 -14.35 58.42 43.40
CA ALA D 64 -14.65 59.84 43.54
C ALA D 64 -14.13 60.63 42.35
N MET D 65 -12.92 60.33 41.90
CA MET D 65 -12.33 61.05 40.78
C MET D 65 -13.16 60.85 39.50
N ALA D 66 -13.65 59.63 39.27
CA ALA D 66 -14.51 59.39 38.13
C ALA D 66 -15.86 60.06 38.31
N ALA D 67 -16.34 60.18 39.54
CA ALA D 67 -17.58 60.91 39.78
C ALA D 67 -17.42 62.41 39.63
N GLU D 68 -16.19 62.91 39.55
CA GLU D 68 -15.99 64.33 39.25
C GLU D 68 -16.59 64.72 37.90
N ILE D 69 -16.26 63.96 36.84
CA ILE D 69 -16.51 64.39 35.47
C ILE D 69 -17.94 64.03 35.06
N GLU D 70 -18.38 64.63 33.95
CA GLU D 70 -19.69 64.39 33.36
C GLU D 70 -19.51 63.78 31.97
N VAL D 71 -20.27 62.73 31.69
CA VAL D 71 -20.30 62.12 30.36
C VAL D 71 -21.75 61.87 29.97
N VAL D 72 -21.96 61.68 28.66
CA VAL D 72 -23.31 61.52 28.13
C VAL D 72 -23.73 60.06 28.20
N ASP D 73 -25.03 59.83 28.08
CA ASP D 73 -25.59 58.50 28.08
C ASP D 73 -26.73 58.44 27.06
N GLY D 74 -27.06 57.23 26.64
CA GLY D 74 -28.05 57.01 25.62
C GLY D 74 -29.43 57.52 26.00
N PRO D 75 -30.40 57.31 25.11
CA PRO D 75 -31.71 57.95 25.29
C PRO D 75 -32.44 57.42 26.51
N ASN D 76 -33.22 58.31 27.15
CA ASN D 76 -34.18 57.92 28.16
C ASN D 76 -35.44 57.42 27.46
N ASP D 77 -36.52 57.25 28.21
CA ASP D 77 -37.80 56.99 27.57
C ASP D 77 -38.28 58.20 26.77
N GLU D 78 -37.89 59.41 27.17
CA GLU D 78 -38.22 60.61 26.41
C GLU D 78 -37.55 60.61 25.04
N GLY D 79 -36.28 60.22 24.98
CA GLY D 79 -35.53 60.25 23.75
C GLY D 79 -34.44 61.30 23.69
N GLU D 80 -33.90 61.73 24.83
CA GLU D 80 -32.90 62.80 24.89
C GLU D 80 -31.57 62.23 25.35
N MET D 81 -30.50 62.92 24.95
CA MET D 81 -29.15 62.61 25.42
C MET D 81 -28.88 63.43 26.68
N PHE D 82 -28.91 62.78 27.83
CA PHE D 82 -28.63 63.48 29.08
C PHE D 82 -27.17 63.29 29.47
N THR D 83 -26.80 63.73 30.67
CA THR D 83 -25.47 63.51 31.23
C THR D 83 -25.62 63.08 32.68
N ARG D 84 -24.67 62.25 33.13
CA ARG D 84 -24.59 61.85 34.53
C ARG D 84 -23.14 61.59 34.87
N PRO D 85 -22.74 61.70 36.13
CA PRO D 85 -21.32 61.59 36.47
C PRO D 85 -20.75 60.23 36.13
N GLY D 86 -19.41 60.19 36.05
CA GLY D 86 -18.73 59.01 35.58
C GLY D 86 -18.71 57.87 36.58
N LYS D 87 -18.35 56.69 36.05
CA LYS D 87 -18.28 55.46 36.84
C LYS D 87 -16.90 54.83 36.71
N LEU D 88 -16.75 53.61 37.22
CA LEU D 88 -15.49 52.89 37.09
C LEU D 88 -15.25 52.35 35.68
N SER D 89 -16.32 52.15 34.91
CA SER D 89 -16.22 51.55 33.58
C SER D 89 -16.30 52.60 32.47
N ASP D 90 -15.79 53.79 32.71
CA ASP D 90 -15.69 54.83 31.70
C ASP D 90 -14.24 55.04 31.30
N ARG D 91 -14.05 55.70 30.17
CA ARG D 91 -12.72 55.93 29.63
C ARG D 91 -12.34 57.41 29.75
N PHE D 92 -11.04 57.66 29.68
CA PHE D 92 -10.52 59.00 29.89
C PHE D 92 -11.15 59.96 28.88
N PRO D 93 -11.73 61.07 29.33
CA PRO D 93 -12.46 61.94 28.42
C PRO D 93 -11.54 62.64 27.43
N GLN D 94 -12.12 62.95 26.25
CA GLN D 94 -11.48 63.64 25.14
C GLN D 94 -11.73 65.13 25.21
N PRO D 95 -10.77 65.95 24.79
CA PRO D 95 -10.95 67.41 24.90
C PRO D 95 -11.69 68.04 23.74
N TYR D 96 -11.72 67.41 22.57
CA TYR D 96 -12.41 67.93 21.41
C TYR D 96 -13.53 66.98 21.01
N ALA D 97 -14.23 67.34 19.94
CA ALA D 97 -15.32 66.51 19.44
C ALA D 97 -14.91 65.64 18.27
N ASN D 98 -13.83 66.00 17.57
CA ASN D 98 -13.36 65.25 16.42
C ASN D 98 -11.94 65.72 16.10
N GLU D 99 -11.38 65.19 15.01
CA GLU D 99 -10.07 65.64 14.56
C GLU D 99 -10.13 66.98 13.86
N ALA D 100 -11.25 67.30 13.21
CA ALA D 100 -11.37 68.59 12.53
C ALA D 100 -11.27 69.74 13.52
N ALA D 101 -11.99 69.64 14.64
CA ALA D 101 -11.89 70.67 15.67
C ALA D 101 -10.48 70.72 16.25
N ALA D 102 -9.84 69.56 16.41
CA ALA D 102 -8.49 69.54 16.95
C ALA D 102 -7.51 70.29 16.06
N ARG D 103 -7.61 70.07 14.74
CA ARG D 103 -6.77 70.82 13.81
C ARG D 103 -7.14 72.29 13.79
N PHE D 104 -8.43 72.60 13.94
CA PHE D 104 -8.86 73.99 13.92
C PHE D 104 -8.28 74.76 15.11
N ALA D 105 -8.19 74.12 16.27
CA ALA D 105 -7.80 74.83 17.48
C ALA D 105 -6.28 74.94 17.65
N ASN D 106 -5.50 74.33 16.77
CA ASN D 106 -4.04 74.33 16.90
C ASN D 106 -3.33 74.89 15.67
N GLY D 107 -4.07 75.38 14.69
CA GLY D 107 -3.44 75.88 13.49
C GLY D 107 -3.23 74.83 12.41
N GLY D 108 -4.17 73.90 12.28
CA GLY D 108 -4.07 72.85 11.29
C GLY D 108 -3.19 71.68 11.67
N ALA D 109 -2.66 71.66 12.89
CA ALA D 109 -1.83 70.57 13.37
C ALA D 109 -2.63 69.72 14.35
N TYR D 110 -2.57 68.40 14.17
CA TYR D 110 -3.36 67.47 14.97
C TYR D 110 -2.50 66.90 16.08
N PRO D 111 -2.87 67.08 17.36
CA PRO D 111 -2.10 66.47 18.44
C PRO D 111 -2.51 65.02 18.65
N PRO D 112 -1.58 64.08 18.51
CA PRO D 112 -1.98 62.67 18.41
C PRO D 112 -2.51 62.07 19.69
N ASP D 113 -2.81 60.78 19.65
CA ASP D 113 -3.28 60.04 20.81
C ASP D 113 -2.08 59.49 21.58
N LEU D 114 -2.14 59.57 22.90
CA LEU D 114 -1.01 59.23 23.75
C LEU D 114 -1.11 57.85 24.38
N SER D 115 -2.05 57.01 23.95
CA SER D 115 -2.16 55.69 24.53
C SER D 115 -0.93 54.84 24.21
N LEU D 116 -0.54 54.77 22.95
CA LEU D 116 0.54 53.92 22.48
C LEU D 116 1.78 54.72 22.07
N ILE D 117 1.86 55.98 22.49
CA ILE D 117 2.87 56.90 21.99
C ILE D 117 4.28 56.43 22.27
N THR D 118 4.47 55.48 23.17
CA THR D 118 5.83 55.00 23.39
C THR D 118 6.20 53.88 22.42
N LYS D 119 5.26 53.00 22.12
CA LYS D 119 5.54 51.92 21.18
C LYS D 119 5.54 52.36 19.72
N ALA D 120 4.90 53.48 19.40
CA ALA D 120 4.66 53.83 18.00
C ALA D 120 5.88 54.43 17.31
N PRO D 121 6.66 55.31 17.92
CA PRO D 121 7.90 55.77 17.28
C PRO D 121 9.09 54.91 17.66
N HIS D 122 10.21 55.20 17.00
CA HIS D 122 11.45 54.48 17.27
C HIS D 122 12.07 54.97 18.57
N ASN D 123 12.41 54.03 19.45
CA ASN D 123 13.03 54.34 20.74
C ASN D 123 12.14 55.26 21.58
N GLY D 124 10.97 54.72 21.94
CA GLY D 124 9.90 55.50 22.56
C GLY D 124 10.24 56.29 23.80
N GLN D 125 10.63 55.59 24.87
CA GLN D 125 10.90 56.23 26.16
C GLN D 125 11.78 57.46 26.01
N ASN D 126 13.00 57.24 25.51
CA ASN D 126 13.98 58.31 25.43
C ASN D 126 13.55 59.39 24.46
N TYR D 127 12.87 59.00 23.37
CA TYR D 127 12.38 60.00 22.43
C TYR D 127 11.42 60.96 23.10
N VAL D 128 10.42 60.42 23.81
CA VAL D 128 9.43 61.30 24.45
C VAL D 128 10.11 62.18 25.49
N PHE D 129 10.99 61.60 26.31
CA PHE D 129 11.63 62.40 27.35
C PHE D 129 12.47 63.54 26.77
N ALA D 130 13.38 63.21 25.84
CA ALA D 130 14.23 64.24 25.26
C ALA D 130 13.44 65.22 24.42
N LEU D 131 12.31 64.79 23.85
CA LEU D 131 11.45 65.71 23.12
C LEU D 131 10.85 66.75 24.05
N LEU D 132 10.32 66.29 25.19
CA LEU D 132 9.75 67.22 26.16
C LEU D 132 10.80 68.19 26.67
N THR D 133 11.99 67.70 27.00
CA THR D 133 13.01 68.54 27.60
C THR D 133 14.02 69.09 26.60
N GLY D 134 13.61 69.27 25.34
CA GLY D 134 14.59 69.57 24.31
C GLY D 134 14.43 70.88 23.56
N TYR D 135 13.39 71.66 23.86
CA TYR D 135 13.23 72.96 23.21
C TYR D 135 14.44 73.83 23.46
N ARG D 136 14.97 74.42 22.40
CA ARG D 136 16.26 75.09 22.46
C ARG D 136 16.27 76.23 21.45
N ASP D 137 17.36 76.98 21.46
CA ASP D 137 17.55 78.12 20.58
C ASP D 137 18.06 77.66 19.21
N PRO D 138 17.44 78.13 18.12
CA PRO D 138 17.80 77.62 16.81
C PRO D 138 19.24 77.96 16.46
N PRO D 139 19.90 77.12 15.66
CA PRO D 139 21.27 77.41 15.26
C PRO D 139 21.31 78.58 14.28
N ALA D 140 22.52 79.11 14.10
CA ALA D 140 22.71 80.24 13.20
C ALA D 140 22.40 79.83 11.77
N GLY D 141 21.73 80.72 11.03
CA GLY D 141 21.44 80.54 9.64
C GLY D 141 20.09 79.92 9.33
N VAL D 142 19.36 79.45 10.33
CA VAL D 142 18.05 78.86 10.14
C VAL D 142 17.00 79.75 10.79
N SER D 143 15.82 79.79 10.20
CA SER D 143 14.70 80.56 10.71
C SER D 143 13.44 79.71 10.69
N ILE D 144 12.50 80.04 11.56
CA ILE D 144 11.25 79.30 11.71
C ILE D 144 10.08 80.22 11.43
N ARG D 145 9.12 79.74 10.64
CA ARG D 145 7.93 80.52 10.33
C ARG D 145 7.12 80.77 11.59
N GLU D 146 6.46 81.92 11.64
CA GLU D 146 5.75 82.34 12.85
C GLU D 146 4.62 81.36 13.17
N GLY D 147 4.41 81.13 14.47
CA GLY D 147 3.46 80.15 14.93
C GLY D 147 4.04 78.76 15.14
N LEU D 148 5.36 78.62 15.10
CA LEU D 148 6.04 77.35 15.28
C LEU D 148 7.21 77.55 16.22
N HIS D 149 7.68 76.44 16.80
CA HIS D 149 8.81 76.47 17.73
C HIS D 149 9.86 75.47 17.26
N TYR D 150 11.06 75.62 17.80
CA TYR D 150 12.22 74.85 17.37
C TYR D 150 12.51 73.73 18.36
N ASN D 151 12.81 72.53 17.83
CA ASN D 151 13.22 71.38 18.61
C ASN D 151 14.07 70.44 17.78
N PRO D 152 15.34 70.24 18.13
CA PRO D 152 16.19 69.34 17.32
C PRO D 152 15.74 67.89 17.33
N TYR D 153 14.96 67.47 18.31
CA TYR D 153 14.49 66.09 18.40
C TYR D 153 13.23 65.84 17.58
N PHE D 154 12.93 66.71 16.63
CA PHE D 154 11.80 66.52 15.74
C PHE D 154 12.28 66.47 14.31
N PRO D 155 11.86 65.48 13.51
CA PRO D 155 12.33 65.41 12.12
C PRO D 155 11.74 66.52 11.28
N GLY D 156 12.57 67.53 10.98
CA GLY D 156 12.10 68.71 10.29
C GLY D 156 12.64 69.97 10.92
N GLY D 157 12.88 69.93 12.23
CA GLY D 157 13.47 71.02 12.95
C GLY D 157 12.48 72.00 13.56
N ALA D 158 11.25 72.00 13.08
CA ALA D 158 10.23 72.94 13.55
C ALA D 158 8.99 72.18 13.97
N ILE D 159 8.50 72.46 15.18
CA ILE D 159 7.36 71.77 15.75
C ILE D 159 6.25 72.80 16.00
N ALA D 160 5.05 72.30 16.26
CA ALA D 160 3.88 73.15 16.44
C ALA D 160 3.52 73.38 17.91
N MET D 161 3.64 72.37 18.76
CA MET D 161 3.23 72.51 20.14
C MET D 161 4.17 73.44 20.91
N PRO D 162 3.65 74.18 21.88
CA PRO D 162 4.50 75.02 22.74
C PRO D 162 4.90 74.29 24.01
N LYS D 163 6.00 74.76 24.61
CA LYS D 163 6.52 74.16 25.83
C LYS D 163 5.53 74.30 26.97
N MET D 164 5.38 73.22 27.73
CA MET D 164 4.45 73.20 28.86
C MET D 164 5.15 72.93 30.18
N LEU D 165 6.02 71.93 30.20
CA LEU D 165 6.72 71.56 31.43
C LEU D 165 7.59 72.71 31.89
N ASN D 166 7.17 73.36 32.97
CA ASN D 166 7.88 74.49 33.53
C ASN D 166 7.88 74.36 35.05
N ASP D 167 8.92 74.91 35.68
CA ASP D 167 9.11 74.75 37.10
C ASP D 167 7.91 75.28 37.88
N GLY D 168 7.18 74.39 38.53
CA GLY D 168 5.98 74.74 39.24
C GLY D 168 4.68 74.62 38.47
N ALA D 169 4.68 73.95 37.32
CA ALA D 169 3.46 73.81 36.54
C ALA D 169 2.40 72.96 37.24
N VAL D 170 2.80 72.17 38.23
CA VAL D 170 1.86 71.38 39.03
C VAL D 170 2.37 71.40 40.46
N GLU D 171 1.53 71.00 41.41
CA GLU D 171 1.92 70.95 42.81
C GLU D 171 1.60 69.56 43.34
N TYR D 172 2.63 68.79 43.64
CA TYR D 172 2.45 67.41 44.07
C TYR D 172 1.80 67.35 45.44
N GLU D 173 1.50 66.12 45.87
CA GLU D 173 0.98 65.87 47.20
C GLU D 173 1.97 65.10 48.08
N ASP D 174 3.21 64.93 47.62
CA ASP D 174 4.23 64.24 48.41
C ASP D 174 5.38 65.13 48.83
N GLY D 175 5.51 66.33 48.26
CA GLY D 175 6.57 67.24 48.65
C GLY D 175 7.82 67.12 47.80
N THR D 176 7.65 66.82 46.53
CA THR D 176 8.77 66.67 45.62
C THR D 176 8.93 67.93 44.78
N PRO D 177 10.15 68.46 44.65
CA PRO D 177 10.32 69.68 43.85
C PRO D 177 9.95 69.46 42.39
N ALA D 178 8.86 70.09 41.96
CA ALA D 178 8.31 69.88 40.62
C ALA D 178 9.19 70.58 39.59
N THR D 179 10.37 70.00 39.39
CA THR D 179 11.25 70.46 38.33
C THR D 179 10.79 69.88 36.99
N GLU D 180 11.20 70.51 35.90
CA GLU D 180 10.85 70.02 34.57
C GLU D 180 11.28 68.57 34.38
N SER D 181 12.48 68.21 34.88
CA SER D 181 12.98 66.85 34.68
C SER D 181 12.18 65.84 35.48
N GLN D 182 11.85 66.16 36.73
CA GLN D 182 11.05 65.25 37.55
C GLN D 182 9.69 65.03 36.92
N MET D 183 9.05 66.12 36.46
CA MET D 183 7.75 66.00 35.82
C MET D 183 7.84 65.18 34.55
N GLY D 184 8.88 65.39 33.74
CA GLY D 184 9.04 64.61 32.53
C GLY D 184 9.25 63.13 32.82
N LYS D 185 10.05 62.82 33.83
CA LYS D 185 10.27 61.43 34.21
C LYS D 185 8.98 60.76 34.65
N ASP D 186 8.19 61.45 35.46
CA ASP D 186 6.91 60.88 35.89
C ASP D 186 5.96 60.69 34.72
N VAL D 187 5.94 61.65 33.79
CA VAL D 187 5.06 61.53 32.62
C VAL D 187 5.46 60.31 31.79
N VAL D 188 6.77 60.13 31.57
CA VAL D 188 7.21 59.01 30.75
C VAL D 188 6.92 57.69 31.43
N SER D 189 7.10 57.62 32.76
CA SER D 189 6.74 56.40 33.48
C SER D 189 5.25 56.09 33.34
N PHE D 190 4.41 57.11 33.49
CA PHE D 190 2.97 56.90 33.33
C PHE D 190 2.64 56.39 31.94
N LEU D 191 3.24 57.01 30.92
CA LEU D 191 2.92 56.64 29.54
C LEU D 191 3.41 55.23 29.23
N SER D 192 4.58 54.85 29.75
CA SER D 192 5.09 53.51 29.56
C SER D 192 4.18 52.48 30.22
N TRP D 193 3.69 52.77 31.42
CA TRP D 193 2.71 51.87 32.02
C TRP D 193 1.45 51.79 31.18
N ALA D 194 0.99 52.92 30.66
CA ALA D 194 -0.24 52.94 29.88
C ALA D 194 -0.11 52.10 28.63
N ALA D 195 1.06 52.13 27.97
CA ALA D 195 1.25 51.38 26.75
C ALA D 195 1.40 49.88 27.00
N GLU D 196 2.15 49.51 28.04
CA GLU D 196 2.47 48.11 28.33
C GLU D 196 2.04 47.76 29.75
N PRO D 197 0.75 47.54 29.98
CA PRO D 197 0.29 47.23 31.34
C PRO D 197 0.57 45.79 31.77
N GLU D 198 1.16 44.95 30.93
CA GLU D 198 1.34 43.53 31.21
C GLU D 198 2.78 43.15 31.49
N MET D 199 3.66 44.13 31.66
CA MET D 199 5.10 43.87 31.66
C MET D 199 5.53 42.93 32.78
N GLU D 200 4.99 43.12 33.99
CA GLU D 200 5.48 42.38 35.16
C GLU D 200 5.06 40.91 35.12
N GLU D 201 3.79 40.65 34.79
CA GLU D 201 3.31 39.29 34.61
C GLU D 201 4.12 38.58 33.53
N ARG D 202 4.37 39.29 32.43
CA ARG D 202 5.19 38.76 31.34
C ARG D 202 6.55 38.32 31.84
N LYS D 203 7.24 39.20 32.58
CA LYS D 203 8.60 38.87 33.01
C LYS D 203 8.63 37.72 34.01
N LEU D 204 7.62 37.63 34.88
CA LEU D 204 7.57 36.51 35.82
C LEU D 204 7.42 35.18 35.08
N MET D 205 6.42 35.08 34.19
CA MET D 205 6.27 33.84 33.42
C MET D 205 7.55 33.51 32.66
N GLY D 206 8.17 34.53 32.08
CA GLY D 206 9.37 34.29 31.29
C GLY D 206 10.48 33.67 32.11
N PHE D 207 10.78 34.24 33.27
CA PHE D 207 11.85 33.70 34.10
C PHE D 207 11.56 32.25 34.47
N LYS D 208 10.35 31.99 34.97
CA LYS D 208 10.02 30.63 35.40
C LYS D 208 10.22 29.63 34.28
N TRP D 209 9.64 29.91 33.10
CA TRP D 209 9.64 28.88 32.06
C TRP D 209 10.98 28.74 31.37
N ILE D 210 11.78 29.80 31.25
CA ILE D 210 13.13 29.62 30.74
C ILE D 210 13.92 28.67 31.64
N PHE D 211 13.83 28.87 32.95
CA PHE D 211 14.57 27.99 33.86
C PHE D 211 14.12 26.53 33.70
N VAL D 212 12.81 26.30 33.74
CA VAL D 212 12.28 24.95 33.67
C VAL D 212 12.66 24.27 32.35
N LEU D 213 12.58 24.99 31.23
CA LEU D 213 12.88 24.37 29.95
C LEU D 213 14.36 24.09 29.79
N THR D 214 15.24 24.90 30.42
CA THR D 214 16.66 24.54 30.40
C THR D 214 16.89 23.20 31.10
N LEU D 215 16.21 22.99 32.23
CA LEU D 215 16.34 21.69 32.90
C LEU D 215 15.89 20.55 31.99
N ALA D 216 14.76 20.74 31.31
CA ALA D 216 14.27 19.69 30.40
C ALA D 216 15.25 19.42 29.27
N LEU D 217 15.91 20.46 28.76
CA LEU D 217 16.92 20.26 27.72
C LEU D 217 18.06 19.38 28.23
N LEU D 218 18.51 19.61 29.45
CA LEU D 218 19.55 18.77 30.03
C LEU D 218 19.11 17.30 30.05
N GLN D 219 17.89 17.06 30.52
CA GLN D 219 17.40 15.69 30.60
C GLN D 219 17.30 15.04 29.22
N ALA D 220 16.83 15.79 28.22
CA ALA D 220 16.69 15.21 26.88
C ALA D 220 18.05 14.86 26.28
N GLY D 221 19.06 15.70 26.50
CA GLY D 221 20.39 15.36 26.03
C GLY D 221 20.91 14.07 26.63
N TYR D 222 20.72 13.90 27.94
CA TYR D 222 21.13 12.63 28.55
C TYR D 222 20.38 11.45 27.94
N TYR D 223 19.07 11.60 27.75
CA TYR D 223 18.26 10.54 27.16
C TYR D 223 18.80 10.11 25.80
N ARG D 224 19.15 11.11 24.99
CA ARG D 224 19.68 10.87 23.66
C ARG D 224 20.98 10.06 23.71
N ARG D 225 21.93 10.51 24.53
CA ARG D 225 23.20 9.81 24.62
C ARG D 225 23.02 8.38 25.10
N LEU D 226 22.14 8.17 26.09
CA LEU D 226 21.90 6.83 26.61
C LEU D 226 21.37 5.91 25.52
N ARG D 227 20.42 6.38 24.71
CA ARG D 227 19.91 5.52 23.64
C ARG D 227 20.98 5.21 22.59
N TRP D 228 21.77 6.20 22.18
CA TRP D 228 22.69 5.97 21.07
C TRP D 228 23.99 5.30 21.49
N SER D 229 24.20 5.06 22.79
CA SER D 229 25.45 4.45 23.23
C SER D 229 25.72 3.10 22.57
N VAL D 230 24.66 2.32 22.28
CA VAL D 230 24.86 0.96 21.79
C VAL D 230 25.42 0.96 20.37
N LEU D 231 24.88 1.80 19.49
CA LEU D 231 25.43 1.90 18.14
C LEU D 231 26.77 2.61 18.14
N LYS D 232 26.93 3.64 18.96
CA LYS D 232 28.11 4.48 18.81
C LYS D 232 29.38 3.86 19.38
N SER D 233 29.32 2.68 20.01
CA SER D 233 30.51 1.96 20.43
C SER D 233 30.59 0.56 19.83
N ARG D 234 29.75 0.26 18.84
CA ARG D 234 29.73 -1.03 18.18
C ARG D 234 31.01 -1.24 17.38
N LYS D 235 31.44 -2.50 17.28
CA LYS D 235 32.62 -2.89 16.52
C LYS D 235 32.23 -3.91 15.46
N LEU D 236 32.77 -3.74 14.26
CA LEU D 236 32.46 -4.65 13.16
C LEU D 236 33.72 -4.97 12.35
N VAL D 237 33.74 -6.18 11.80
CA VAL D 237 34.81 -6.66 10.95
C VAL D 237 34.23 -6.97 9.58
N LEU D 238 34.93 -6.53 8.52
CA LEU D 238 34.29 -6.45 7.22
C LEU D 238 35.02 -7.18 6.09
N ASP D 239 36.30 -7.51 6.24
CA ASP D 239 37.01 -8.29 5.22
C ASP D 239 37.20 -7.52 3.92
N VAL D 240 37.81 -6.34 3.99
CA VAL D 240 38.20 -5.59 2.80
C VAL D 240 39.32 -4.65 3.21
N VAL D 241 40.28 -4.43 2.30
CA VAL D 241 41.46 -3.63 2.58
C VAL D 241 41.38 -2.27 1.91
N ASN D 242 41.16 -2.24 0.60
CA ASN D 242 41.02 -0.97 -0.11
C ASN D 242 39.93 -1.04 -1.17
N GLU E 1 45.48 -16.51 2.07
CA GLU E 1 45.13 -16.12 3.42
C GLU E 1 43.63 -16.21 3.65
N ILE E 2 43.24 -16.61 4.86
CA ILE E 2 41.83 -16.74 5.21
C ILE E 2 41.19 -15.36 5.32
N PRO E 3 39.91 -15.23 4.98
CA PRO E 3 39.21 -13.96 5.18
C PRO E 3 39.17 -13.55 6.65
N ALA E 4 39.22 -12.23 6.86
CA ALA E 4 39.12 -11.71 8.22
C ALA E 4 37.76 -11.99 8.82
N THR E 5 36.73 -12.13 7.98
CA THR E 5 35.37 -12.28 8.47
C THR E 5 35.07 -13.72 8.85
N VAL E 6 35.92 -14.67 8.43
CA VAL E 6 35.65 -16.07 8.74
C VAL E 6 36.55 -16.54 9.87
N ALA E 7 37.67 -15.86 10.08
CA ALA E 7 38.55 -16.21 11.19
C ALA E 7 37.92 -15.83 12.52
N ALA E 8 36.93 -14.94 12.51
CA ALA E 8 36.24 -14.54 13.73
C ALA E 8 35.02 -15.41 14.01
N VAL E 9 34.64 -16.29 13.09
CA VAL E 9 33.51 -17.20 13.34
C VAL E 9 33.95 -18.52 13.94
N LYS E 10 35.07 -19.07 13.51
CA LYS E 10 35.57 -20.35 14.01
C LYS E 10 36.60 -20.13 15.11
N ASN E 11 36.56 -18.96 15.74
CA ASN E 11 37.44 -18.69 16.86
C ASN E 11 36.68 -17.96 17.96
N PRO E 12 35.75 -18.64 18.64
CA PRO E 12 34.95 -17.95 19.67
C PRO E 12 35.78 -17.61 20.89
N SER E 13 36.66 -16.64 20.76
CA SER E 13 37.42 -16.13 21.89
C SER E 13 36.51 -15.31 22.80
N SER E 14 36.89 -15.23 24.07
CA SER E 14 36.18 -14.33 24.96
C SER E 14 37.17 -13.31 25.51
N LYS E 15 37.49 -12.33 24.67
CA LYS E 15 38.28 -11.17 25.02
C LYS E 15 37.95 -10.12 23.97
N ILE E 16 37.04 -9.21 24.30
CA ILE E 16 36.39 -8.42 23.25
C ILE E 16 36.77 -6.95 23.38
N VAL E 17 37.09 -6.32 22.26
CA VAL E 17 37.51 -4.92 22.24
C VAL E 17 36.45 -4.10 21.53
N TYR E 18 35.89 -3.12 22.22
CA TYR E 18 34.91 -2.21 21.66
C TYR E 18 35.62 -0.95 21.17
N ASP E 19 34.87 0.07 20.79
CA ASP E 19 35.43 1.31 20.26
C ASP E 19 35.26 2.40 21.31
N GLU E 20 36.33 2.69 22.04
CA GLU E 20 36.30 3.62 23.16
C GLU E 20 36.57 5.07 22.73
N HIS E 21 36.54 5.35 21.44
CA HIS E 21 36.78 6.71 20.97
C HIS E 21 35.71 7.67 21.44
N ASN E 22 34.50 7.16 21.68
CA ASN E 22 33.41 7.98 22.18
C ASN E 22 32.99 7.60 23.60
N HIS E 23 32.65 6.34 23.84
CA HIS E 23 32.10 5.89 25.11
C HIS E 23 33.04 4.91 25.80
N GLU E 24 33.40 5.21 27.04
CA GLU E 24 34.17 4.31 27.88
C GLU E 24 33.24 3.32 28.54
N ARG E 25 33.77 2.16 28.92
CA ARG E 25 33.00 1.15 29.62
C ARG E 25 33.39 1.08 31.09
N TYR E 26 32.45 0.64 31.92
CA TYR E 26 32.76 0.30 33.30
C TYR E 26 33.62 -0.96 33.34
N PRO E 27 34.51 -1.07 34.31
CA PRO E 27 35.31 -2.28 34.45
C PRO E 27 34.41 -3.48 34.70
N PRO E 28 34.74 -4.65 34.14
CA PRO E 28 33.88 -5.82 34.33
C PRO E 28 33.73 -6.17 35.81
N GLY E 29 32.49 -6.50 36.19
CA GLY E 29 32.16 -6.82 37.57
C GLY E 29 31.21 -5.84 38.23
N ASP E 30 31.18 -4.58 37.77
CA ASP E 30 30.39 -3.50 38.35
C ASP E 30 28.90 -3.69 38.05
N PRO E 31 28.04 -3.22 38.94
CA PRO E 31 26.60 -3.40 38.74
C PRO E 31 26.08 -2.56 37.57
N SER E 32 24.79 -2.74 37.30
CA SER E 32 24.12 -1.95 36.28
C SER E 32 23.74 -0.57 36.82
N LYS E 33 23.21 0.27 35.94
CA LYS E 33 22.78 1.61 36.33
C LYS E 33 21.39 1.93 35.78
N ARG E 34 20.44 1.02 35.95
CA ARG E 34 19.08 1.24 35.49
C ARG E 34 18.35 2.25 36.37
N ALA E 35 18.52 2.14 37.68
CA ALA E 35 17.81 3.02 38.61
C ALA E 35 18.20 4.48 38.40
N PHE E 36 19.50 4.73 38.25
CA PHE E 36 19.95 6.09 37.99
C PHE E 36 19.37 6.62 36.68
N ALA E 37 19.15 5.74 35.71
CA ALA E 37 18.53 6.15 34.45
C ALA E 37 17.10 6.63 34.68
N TYR E 38 16.31 5.85 35.41
CA TYR E 38 14.95 6.31 35.72
C TYR E 38 14.99 7.61 36.51
N PHE E 39 15.94 7.73 37.44
CA PHE E 39 16.11 8.94 38.21
C PHE E 39 16.29 10.15 37.31
N VAL E 40 17.17 10.03 36.31
CA VAL E 40 17.44 11.18 35.44
C VAL E 40 16.23 11.48 34.56
N LEU E 41 15.51 10.44 34.10
CA LEU E 41 14.45 10.68 33.12
C LEU E 41 13.19 11.27 33.77
N THR E 42 12.89 10.92 35.02
CA THR E 42 11.71 11.49 35.67
C THR E 42 11.78 13.01 35.79
N GLY E 43 12.99 13.55 35.98
CA GLY E 43 13.15 14.98 36.14
C GLY E 43 12.76 15.77 34.90
N GLY E 44 12.75 15.11 33.73
CA GLY E 44 12.25 15.76 32.54
C GLY E 44 10.79 15.46 32.28
N ARG E 45 10.32 14.26 32.65
CA ARG E 45 8.90 13.99 32.46
C ARG E 45 8.04 14.92 33.32
N PHE E 46 8.53 15.29 34.51
CA PHE E 46 7.83 16.30 35.31
C PHE E 46 7.63 17.58 34.51
N VAL E 47 8.71 18.07 33.89
CA VAL E 47 8.67 19.34 33.16
C VAL E 47 7.68 19.26 32.00
N TYR E 48 7.70 18.15 31.27
CA TYR E 48 6.79 18.04 30.13
C TYR E 48 5.33 18.03 30.59
N ALA E 49 5.05 17.35 31.71
CA ALA E 49 3.68 17.40 32.25
C ALA E 49 3.28 18.82 32.61
N SER E 50 4.19 19.57 33.24
CA SER E 50 3.88 20.95 33.62
C SER E 50 3.60 21.81 32.40
N LEU E 51 4.38 21.63 31.34
CA LEU E 51 4.15 22.38 30.10
C LEU E 51 2.77 22.10 29.52
N VAL E 52 2.40 20.82 29.44
CA VAL E 52 1.09 20.47 28.89
C VAL E 52 -0.02 21.12 29.71
N ARG E 53 0.09 21.05 31.03
CA ARG E 53 -0.95 21.65 31.88
C ARG E 53 -1.03 23.16 31.65
N LEU E 54 0.12 23.83 31.61
CA LEU E 54 0.14 25.27 31.40
C LEU E 54 -0.60 25.66 30.13
N LEU E 55 -0.23 25.02 29.01
CA LEU E 55 -0.84 25.41 27.74
C LEU E 55 -2.33 25.10 27.72
N ILE E 56 -2.75 23.94 28.22
CA ILE E 56 -4.16 23.60 28.20
C ILE E 56 -4.96 24.62 29.02
N LEU E 57 -4.49 24.92 30.22
CA LEU E 57 -5.24 25.84 31.08
C LEU E 57 -5.29 27.24 30.48
N LYS E 58 -4.19 27.70 29.87
CA LYS E 58 -4.21 29.04 29.31
C LYS E 58 -5.17 29.14 28.13
N PHE E 59 -5.13 28.17 27.21
CA PHE E 59 -6.06 28.21 26.08
C PHE E 59 -7.51 28.11 26.56
N VAL E 60 -7.76 27.34 27.62
CA VAL E 60 -9.12 27.21 28.13
C VAL E 60 -9.59 28.51 28.79
N LEU E 61 -8.71 29.17 29.55
CA LEU E 61 -9.10 30.38 30.25
C LEU E 61 -9.23 31.58 29.31
N SER E 62 -8.59 31.53 28.14
CA SER E 62 -8.73 32.64 27.20
C SER E 62 -10.18 32.85 26.74
N MET E 63 -11.02 31.82 26.82
CA MET E 63 -12.39 31.89 26.33
C MET E 63 -13.40 32.25 27.41
N SER E 64 -12.97 32.53 28.63
CA SER E 64 -13.88 32.91 29.69
C SER E 64 -14.20 34.39 29.63
N ALA E 65 -15.18 34.81 30.44
CA ALA E 65 -15.66 36.18 30.41
C ALA E 65 -14.54 37.18 30.69
N SER E 66 -14.52 38.26 29.91
CA SER E 66 -13.43 39.20 29.92
C SER E 66 -13.70 40.36 30.87
N LYS E 67 -12.63 41.09 31.19
CA LYS E 67 -12.71 42.15 32.21
C LYS E 67 -13.69 43.23 31.81
N ASP E 68 -13.76 43.57 30.52
CA ASP E 68 -14.70 44.58 30.05
C ASP E 68 -16.13 44.14 30.28
N VAL E 69 -16.44 42.87 30.04
CA VAL E 69 -17.79 42.36 30.27
C VAL E 69 -18.09 42.31 31.76
N LEU E 70 -17.10 41.94 32.58
CA LEU E 70 -17.33 41.81 34.01
C LEU E 70 -17.52 43.15 34.69
N ALA E 71 -16.93 44.23 34.15
CA ALA E 71 -17.12 45.54 34.75
C ALA E 71 -18.57 46.00 34.67
N LEU E 72 -19.32 45.50 33.69
CA LEU E 72 -20.71 45.90 33.48
C LEU E 72 -21.67 44.87 34.08
N ALA E 73 -21.62 44.74 35.40
CA ALA E 73 -22.43 43.71 36.06
C ALA E 73 -23.05 44.15 37.38
N SER E 74 -23.03 45.44 37.73
CA SER E 74 -23.59 45.87 39.02
C SER E 74 -24.00 47.34 38.90
N LEU E 75 -25.31 47.58 38.93
CA LEU E 75 -25.91 48.91 38.92
C LEU E 75 -27.41 48.71 39.03
N GLU E 76 -28.13 49.79 39.34
CA GLU E 76 -29.58 49.77 39.35
C GLU E 76 -30.11 51.00 38.62
N VAL E 77 -31.33 50.86 38.07
CA VAL E 77 -32.03 51.94 37.39
C VAL E 77 -33.34 52.19 38.10
N ASP E 78 -34.03 53.24 37.67
CA ASP E 78 -35.28 53.66 38.29
C ASP E 78 -36.48 52.89 37.71
N LEU E 79 -37.43 52.61 38.59
CA LEU E 79 -38.66 51.90 38.24
C LEU E 79 -39.86 52.75 38.67
N SER E 80 -40.98 52.58 37.97
CA SER E 80 -42.14 53.42 38.20
C SER E 80 -43.42 52.60 38.38
N SER E 81 -44.52 53.29 38.70
CA SER E 81 -45.80 52.65 38.98
C SER E 81 -46.43 52.11 37.70
N ILE E 82 -47.31 51.12 37.86
CA ILE E 82 -47.98 50.49 36.74
C ILE E 82 -49.44 50.24 37.10
N GLU E 83 -50.26 50.05 36.07
CA GLU E 83 -51.70 49.86 36.24
C GLU E 83 -51.99 48.58 37.00
N PRO E 84 -53.16 48.49 37.64
CA PRO E 84 -53.48 47.28 38.43
C PRO E 84 -53.44 46.01 37.60
N GLY E 85 -52.53 45.11 37.97
CA GLY E 85 -52.49 43.78 37.40
C GLY E 85 -51.81 43.66 36.05
N THR E 86 -51.28 44.74 35.50
CA THR E 86 -50.60 44.69 34.22
C THR E 86 -49.09 44.78 34.43
N THR E 87 -48.34 44.71 33.31
CA THR E 87 -46.90 44.63 33.35
C THR E 87 -46.26 45.52 32.28
N VAL E 88 -45.19 46.21 32.67
CA VAL E 88 -44.29 46.90 31.75
C VAL E 88 -42.86 46.72 32.27
N THR E 89 -42.02 46.08 31.48
CA THR E 89 -40.66 45.73 31.90
C THR E 89 -39.76 46.98 31.93
N VAL E 90 -38.57 46.80 32.49
CA VAL E 90 -37.56 47.85 32.52
C VAL E 90 -36.27 47.28 31.93
N LYS E 91 -35.21 48.09 31.94
CA LYS E 91 -33.96 47.73 31.28
C LYS E 91 -32.83 47.64 32.30
N TRP E 92 -31.92 46.71 32.09
CA TRP E 92 -30.77 46.49 32.97
C TRP E 92 -29.61 46.03 32.09
N ARG E 93 -28.60 45.41 32.71
CA ARG E 93 -27.34 45.03 32.05
C ARG E 93 -27.56 44.42 30.67
N GLY E 94 -28.20 43.26 30.62
CA GLY E 94 -28.56 42.64 29.36
C GLY E 94 -29.86 41.87 29.50
N LYS E 95 -30.54 42.08 30.63
CA LYS E 95 -31.61 41.22 31.05
C LYS E 95 -32.81 42.04 31.52
N PRO E 96 -34.03 41.69 31.08
CA PRO E 96 -35.22 42.45 31.49
C PRO E 96 -35.64 42.20 32.92
N VAL E 97 -36.75 42.81 33.34
CA VAL E 97 -37.30 42.67 34.67
C VAL E 97 -38.82 42.54 34.58
N PHE E 98 -39.38 41.55 35.28
CA PHE E 98 -40.81 41.31 35.27
C PHE E 98 -41.51 42.11 36.36
N ILE E 99 -42.73 42.56 36.07
CA ILE E 99 -43.51 43.41 36.97
C ILE E 99 -44.93 42.85 37.04
N ARG E 100 -45.49 42.81 38.25
CA ARG E 100 -46.90 42.44 38.43
C ARG E 100 -47.36 42.87 39.81
N ARG E 101 -48.34 43.78 39.86
CA ARG E 101 -49.05 44.09 41.10
C ARG E 101 -50.41 43.40 41.02
N ARG E 102 -50.49 42.18 41.56
CA ARG E 102 -51.66 41.35 41.44
C ARG E 102 -52.81 41.89 42.29
N THR E 103 -54.01 41.84 41.74
CA THR E 103 -55.19 42.34 42.44
C THR E 103 -55.53 41.43 43.62
N GLU E 104 -56.49 41.88 44.43
CA GLU E 104 -56.95 41.09 45.56
C GLU E 104 -57.55 39.76 45.09
N ASP E 105 -58.39 39.82 44.05
CA ASP E 105 -58.96 38.60 43.49
C ASP E 105 -57.88 37.70 42.90
N ASP E 106 -56.85 38.31 42.29
CA ASP E 106 -55.73 37.54 41.77
C ASP E 106 -55.03 36.77 42.89
N ILE E 107 -54.71 37.44 44.00
CA ILE E 107 -54.06 36.77 45.11
C ILE E 107 -54.95 35.66 45.67
N LYS E 108 -56.23 35.97 45.87
CA LYS E 108 -57.15 35.00 46.45
C LYS E 108 -57.29 33.77 45.56
N LEU E 109 -57.31 33.96 44.24
CA LEU E 109 -57.32 32.82 43.33
C LEU E 109 -55.99 32.06 43.39
N ALA E 110 -54.89 32.78 43.64
CA ALA E 110 -53.58 32.15 43.70
C ALA E 110 -53.16 31.75 45.11
N ASN E 111 -54.00 31.95 46.12
CA ASN E 111 -53.65 31.68 47.51
C ASN E 111 -54.49 30.55 48.09
N SER E 112 -54.70 29.49 47.30
CA SER E 112 -55.35 28.29 47.80
C SER E 112 -54.60 27.03 47.39
N VAL E 113 -53.58 27.13 46.54
CA VAL E 113 -52.78 26.00 46.11
C VAL E 113 -51.69 25.75 47.13
N ASP E 114 -51.65 24.53 47.67
CA ASP E 114 -50.73 24.22 48.76
C ASP E 114 -49.29 24.18 48.26
N VAL E 115 -48.36 24.31 49.21
CA VAL E 115 -46.94 24.05 48.93
C VAL E 115 -46.61 22.57 49.07
N GLY E 116 -47.57 21.76 49.51
CA GLY E 116 -47.38 20.33 49.62
C GLY E 116 -47.57 19.55 48.33
N SER E 117 -47.90 20.23 47.24
CA SER E 117 -48.00 19.60 45.93
C SER E 117 -47.07 20.22 44.90
N LEU E 118 -46.54 21.42 45.18
CA LEU E 118 -45.55 22.02 44.29
C LEU E 118 -44.23 21.29 44.40
N ARG E 119 -43.54 21.14 43.26
CA ARG E 119 -42.25 20.45 43.25
C ARG E 119 -41.14 21.27 43.89
N ASP E 120 -41.39 22.53 44.21
CA ASP E 120 -40.49 23.35 45.03
C ASP E 120 -41.33 24.01 46.12
N PRO E 121 -41.22 23.56 47.36
CA PRO E 121 -42.08 24.10 48.43
C PRO E 121 -41.71 25.52 48.85
N GLN E 122 -42.50 26.50 48.42
CA GLN E 122 -42.34 27.87 48.86
C GLN E 122 -43.61 28.64 48.58
N GLN E 123 -43.79 29.75 49.29
CA GLN E 123 -44.95 30.61 49.14
C GLN E 123 -44.54 31.91 48.46
N ASP E 124 -45.51 32.54 47.79
CA ASP E 124 -45.26 33.85 47.20
C ASP E 124 -45.01 34.90 48.27
N ALA E 125 -45.49 34.68 49.49
CA ALA E 125 -45.23 35.61 50.58
C ALA E 125 -43.74 35.81 50.78
N GLU E 126 -42.95 34.76 50.58
CA GLU E 126 -41.50 34.88 50.60
C GLU E 126 -40.95 35.28 49.23
N ARG E 127 -41.81 35.40 48.23
CA ARG E 127 -41.43 35.87 46.91
C ARG E 127 -41.88 37.30 46.63
N VAL E 128 -42.98 37.75 47.24
CA VAL E 128 -43.35 39.16 47.22
C VAL E 128 -42.77 39.83 48.45
N LYS E 129 -42.11 40.97 48.25
CA LYS E 129 -41.61 41.77 49.36
C LYS E 129 -42.53 42.94 49.67
N ASN E 130 -43.47 43.24 48.78
CA ASN E 130 -44.56 44.18 48.96
C ASN E 130 -45.86 43.39 48.86
N PRO E 131 -46.87 43.71 49.67
CA PRO E 131 -48.12 42.94 49.63
C PRO E 131 -48.77 42.84 48.25
N GLU E 132 -48.31 43.60 47.26
CA GLU E 132 -48.90 43.48 45.92
C GLU E 132 -47.86 43.37 44.82
N TRP E 133 -46.67 43.95 45.02
CA TRP E 133 -45.69 44.11 43.96
C TRP E 133 -44.73 42.92 43.94
N LEU E 134 -44.87 42.06 42.94
CA LEU E 134 -43.97 40.92 42.72
C LEU E 134 -43.03 41.28 41.58
N ILE E 135 -41.80 41.66 41.91
CA ILE E 135 -40.74 41.87 40.93
C ILE E 135 -39.83 40.67 40.94
N VAL E 136 -39.55 40.12 39.76
CA VAL E 136 -38.74 38.93 39.60
C VAL E 136 -37.83 39.15 38.40
N ILE E 137 -36.63 38.55 38.46
CA ILE E 137 -35.69 38.58 37.35
C ILE E 137 -36.40 38.15 36.08
N GLY E 138 -36.31 38.96 35.03
CA GLY E 138 -36.96 38.62 33.78
C GLY E 138 -36.23 37.51 33.05
N VAL E 139 -36.27 36.31 33.62
CA VAL E 139 -35.70 35.10 33.01
C VAL E 139 -36.51 33.91 33.46
N CYS E 140 -37.04 33.13 32.52
CA CYS E 140 -37.63 31.85 32.85
C CYS E 140 -36.54 30.94 33.42
N THR E 141 -36.82 30.36 34.58
CA THR E 141 -35.80 29.58 35.28
C THR E 141 -35.55 28.22 34.62
N HIS E 142 -36.40 27.79 33.71
CA HIS E 142 -36.17 26.53 33.03
C HIS E 142 -34.99 26.63 32.06
N LEU E 143 -35.07 27.58 31.12
CA LEU E 143 -34.05 27.67 30.07
C LEU E 143 -33.64 29.10 29.73
N GLY E 144 -34.00 30.08 30.56
CA GLY E 144 -33.52 31.44 30.32
C GLY E 144 -34.27 32.23 29.28
N CYS E 145 -35.56 31.96 29.07
CA CYS E 145 -36.35 32.71 28.12
C CYS E 145 -37.05 33.88 28.81
N ILE E 146 -38.01 34.47 28.10
CA ILE E 146 -38.89 35.50 28.64
C ILE E 146 -40.33 35.00 28.48
N PRO E 147 -40.94 34.50 29.54
CA PRO E 147 -42.31 33.99 29.43
C PRO E 147 -43.29 35.07 28.98
N LEU E 148 -44.27 34.66 28.16
CA LEU E 148 -45.32 35.55 27.69
C LEU E 148 -46.51 35.49 28.65
N PRO E 149 -47.28 36.56 28.77
CA PRO E 149 -48.30 36.60 29.83
C PRO E 149 -49.60 35.91 29.43
N ASN E 150 -50.39 35.58 30.46
CA ASN E 150 -51.80 35.22 30.32
C ASN E 150 -52.01 34.11 29.29
N ALA E 151 -51.20 33.06 29.38
CA ALA E 151 -51.35 31.90 28.52
C ALA E 151 -51.13 30.64 29.36
N GLY E 152 -51.68 29.53 28.88
CA GLY E 152 -51.55 28.26 29.55
C GLY E 152 -52.80 27.88 30.33
N ASP E 153 -52.60 27.00 31.30
CA ASP E 153 -53.68 26.47 32.12
C ASP E 153 -53.61 26.93 33.57
N PHE E 154 -52.93 28.05 33.83
CA PHE E 154 -52.71 28.50 35.20
C PHE E 154 -52.98 29.98 35.43
N GLY E 155 -53.10 30.79 34.38
CA GLY E 155 -53.46 32.19 34.52
C GLY E 155 -52.32 33.17 34.62
N GLY E 156 -51.07 32.70 34.71
CA GLY E 156 -49.95 33.60 34.84
C GLY E 156 -49.19 33.81 33.54
N TRP E 157 -47.92 33.39 33.50
CA TRP E 157 -47.10 33.49 32.31
C TRP E 157 -46.94 32.12 31.67
N PHE E 158 -46.60 32.12 30.39
CA PHE E 158 -46.30 30.90 29.64
C PHE E 158 -45.01 31.08 28.88
N CYS E 159 -44.16 30.06 28.89
CA CYS E 159 -42.89 30.09 28.17
C CYS E 159 -42.95 29.14 27.00
N PRO E 160 -42.95 29.63 25.75
CA PRO E 160 -43.07 28.74 24.59
C PRO E 160 -41.78 28.04 24.19
N CYS E 161 -40.68 28.22 24.93
CA CYS E 161 -39.43 27.58 24.54
C CYS E 161 -39.49 26.06 24.71
N HIS E 162 -40.00 25.60 25.85
CA HIS E 162 -40.18 24.18 26.07
C HIS E 162 -41.48 23.89 26.81
N GLY E 163 -42.50 24.71 26.58
CA GLY E 163 -43.79 24.52 27.20
C GLY E 163 -43.83 24.66 28.70
N SER E 164 -43.21 25.70 29.25
CA SER E 164 -43.31 25.99 30.67
C SER E 164 -44.61 26.73 30.95
N HIS E 165 -45.51 26.09 31.69
CA HIS E 165 -46.75 26.73 32.12
C HIS E 165 -46.56 27.22 33.55
N TYR E 166 -46.80 28.52 33.76
CA TYR E 166 -46.63 29.15 35.06
C TYR E 166 -47.96 29.67 35.57
N ASP E 167 -48.11 29.69 36.89
CA ASP E 167 -49.25 30.36 37.51
C ASP E 167 -48.97 31.85 37.62
N ILE E 168 -49.91 32.57 38.25
CA ILE E 168 -49.72 34.01 38.42
C ILE E 168 -48.60 34.27 39.41
N SER E 169 -48.54 33.49 40.49
CA SER E 169 -47.43 33.61 41.43
C SER E 169 -46.10 33.30 40.77
N GLY E 170 -46.10 32.47 39.73
CA GLY E 170 -44.91 32.15 38.99
C GLY E 170 -44.23 30.85 39.34
N ARG E 171 -44.76 30.09 40.29
CA ARG E 171 -44.18 28.82 40.69
C ARG E 171 -44.53 27.74 39.68
N ILE E 172 -43.55 26.90 39.36
CA ILE E 172 -43.78 25.80 38.44
C ILE E 172 -44.77 24.81 39.03
N ARG E 173 -45.70 24.37 38.22
CA ARG E 173 -46.71 23.38 38.60
C ARG E 173 -46.78 22.23 37.61
N LYS E 174 -46.58 22.49 36.32
CA LYS E 174 -46.53 21.47 35.29
C LYS E 174 -45.36 21.77 34.36
N GLY E 175 -44.46 20.80 34.18
CA GLY E 175 -43.39 20.93 33.23
C GLY E 175 -42.03 20.60 33.77
N PRO E 176 -40.99 21.13 33.11
CA PRO E 176 -39.61 20.77 33.45
C PRO E 176 -38.88 21.72 34.40
N ALA E 177 -39.44 22.87 34.73
CA ALA E 177 -38.75 23.80 35.62
C ALA E 177 -38.75 23.25 37.03
N PRO E 178 -37.59 23.18 37.70
CA PRO E 178 -37.57 22.63 39.06
C PRO E 178 -37.72 23.70 40.14
N TYR E 179 -37.52 24.96 39.79
CA TYR E 179 -37.43 26.04 40.76
C TYR E 179 -38.48 27.11 40.48
N ASN E 180 -38.58 28.06 41.41
CA ASN E 180 -39.42 29.23 41.24
C ASN E 180 -38.67 30.31 40.49
N LEU E 181 -39.43 31.29 39.98
CA LEU E 181 -38.82 32.42 39.28
C LEU E 181 -38.00 33.26 40.27
N GLU E 182 -36.73 33.51 39.93
CA GLU E 182 -35.76 33.96 40.91
C GLU E 182 -35.95 35.44 41.25
N VAL E 183 -36.08 35.72 42.54
CA VAL E 183 -36.33 37.07 43.04
C VAL E 183 -35.00 37.80 43.14
N PRO E 184 -34.84 38.94 42.50
CA PRO E 184 -33.65 39.78 42.73
C PRO E 184 -33.88 40.76 43.87
N THR E 185 -32.80 41.41 44.28
CA THR E 185 -32.88 42.41 45.33
C THR E 185 -33.48 43.70 44.78
N TYR E 186 -34.41 44.27 45.54
CA TYR E 186 -35.03 45.55 45.20
C TYR E 186 -35.79 46.06 46.41
N THR E 187 -36.29 47.29 46.31
CA THR E 187 -37.05 47.93 47.38
C THR E 187 -37.90 49.04 46.78
N PHE E 188 -38.45 49.90 47.65
CA PHE E 188 -39.28 51.03 47.24
C PHE E 188 -38.74 52.30 47.88
N LEU E 189 -39.04 53.45 47.28
CA LEU E 189 -38.58 54.69 47.89
C LEU E 189 -39.65 55.43 48.68
N GLU E 190 -40.66 55.97 48.00
CA GLU E 190 -41.78 56.54 48.75
C GLU E 190 -43.14 55.99 48.29
N GLU E 191 -43.46 56.14 46.99
CA GLU E 191 -44.75 55.71 46.47
C GLU E 191 -44.70 54.98 45.15
N ASN E 192 -43.74 55.28 44.26
CA ASN E 192 -43.72 54.68 42.94
C ASN E 192 -42.33 54.30 42.47
N LYS E 193 -41.28 54.59 43.23
CA LYS E 193 -39.91 54.36 42.82
C LYS E 193 -39.45 53.02 43.38
N LEU E 194 -39.21 52.05 42.49
CA LEU E 194 -38.87 50.69 42.88
C LEU E 194 -37.42 50.45 42.49
N LEU E 195 -36.50 50.87 43.36
CA LEU E 195 -35.09 50.74 43.07
C LEU E 195 -34.65 49.29 43.21
N ILE E 196 -33.64 48.91 42.43
CA ILE E 196 -33.10 47.56 42.48
C ILE E 196 -32.00 47.49 43.54
N GLN F 1 41.61 16.86 -22.38
CA GLN F 1 41.41 18.29 -22.49
C GLN F 1 42.72 19.04 -22.20
N SER F 2 42.87 20.21 -22.80
CA SER F 2 44.13 20.95 -22.69
C SER F 2 44.40 21.37 -21.25
N PHE F 3 43.37 21.66 -20.47
CA PHE F 3 43.55 22.23 -19.15
C PHE F 3 42.99 21.38 -18.01
N ILE F 4 42.20 20.34 -18.31
CA ILE F 4 41.74 19.45 -17.26
C ILE F 4 42.88 18.59 -16.74
N ASP F 5 43.84 18.25 -17.60
CA ASP F 5 44.89 17.32 -17.21
C ASP F 5 45.76 17.88 -16.10
N PRO F 6 46.20 17.05 -15.15
CA PRO F 6 47.09 17.53 -14.10
C PRO F 6 48.53 17.68 -14.59
N LYS F 7 48.83 17.06 -15.73
CA LYS F 7 50.19 17.07 -16.26
C LYS F 7 50.62 18.48 -16.66
N LYS F 8 49.72 19.24 -17.28
CA LYS F 8 50.06 20.54 -17.82
C LYS F 8 49.44 21.71 -17.08
N ASN F 9 48.43 21.48 -16.25
CA ASN F 9 47.74 22.54 -15.54
C ASN F 9 47.97 22.40 -14.04
N TRP F 10 48.28 23.51 -13.39
CA TRP F 10 48.54 23.52 -11.95
C TRP F 10 47.28 23.76 -11.15
N PHE F 11 46.14 23.99 -11.80
CA PHE F 11 44.88 24.17 -11.10
C PHE F 11 44.02 22.93 -11.25
N ALA F 12 44.64 21.80 -11.53
CA ALA F 12 43.92 20.52 -11.58
C ALA F 12 44.60 19.52 -10.65
N ALA F 13 45.92 19.65 -10.50
CA ALA F 13 46.65 18.83 -9.54
C ALA F 13 46.15 19.13 -8.14
N GLN F 14 45.92 20.40 -7.83
CA GLN F 14 45.38 20.76 -6.52
C GLN F 14 43.99 20.16 -6.33
N HIS F 15 43.17 20.20 -7.38
CA HIS F 15 41.83 19.61 -7.31
C HIS F 15 41.90 18.12 -7.01
N MET F 16 42.78 17.40 -7.70
CA MET F 16 42.86 15.96 -7.47
C MET F 16 43.44 15.65 -6.11
N LYS F 17 44.39 16.46 -5.62
CA LYS F 17 44.89 16.25 -4.27
C LYS F 17 43.78 16.42 -3.24
N ALA F 18 42.96 17.45 -3.39
CA ALA F 18 41.85 17.64 -2.46
C ALA F 18 40.88 16.47 -2.50
N ILE F 19 40.49 16.03 -3.70
CA ILE F 19 39.53 14.95 -3.81
C ILE F 19 40.12 13.65 -3.28
N SER F 20 41.39 13.38 -3.56
CA SER F 20 41.99 12.15 -3.07
C SER F 20 42.11 12.15 -1.55
N LYS F 21 42.45 13.31 -0.97
CA LYS F 21 42.49 13.38 0.50
C LYS F 21 41.12 13.10 1.09
N ARG F 22 40.08 13.74 0.55
CA ARG F 22 38.75 13.56 1.12
C ARG F 22 38.22 12.15 0.90
N LEU F 23 38.63 11.49 -0.18
CA LEU F 23 38.20 10.11 -0.39
C LEU F 23 38.96 9.14 0.50
N ARG F 24 40.25 9.36 0.70
CA ARG F 24 41.03 8.47 1.55
C ARG F 24 40.56 8.53 3.00
N ARG F 25 40.24 9.74 3.49
CA ARG F 25 39.91 9.84 4.91
C ARG F 25 38.68 9.02 5.28
N PHE F 26 37.86 8.62 4.31
CA PHE F 26 36.74 7.71 4.55
C PHE F 26 36.94 6.34 3.92
N GLY F 27 38.03 6.13 3.18
CA GLY F 27 38.32 4.82 2.62
C GLY F 27 37.34 4.33 1.58
N LEU F 28 37.21 5.05 0.47
CA LEU F 28 36.34 4.62 -0.62
C LEU F 28 36.84 5.24 -1.92
N ARG F 29 36.51 4.59 -3.02
CA ARG F 29 37.02 4.94 -4.34
C ARG F 29 36.07 5.91 -5.03
N TYR F 30 36.61 6.65 -6.01
CA TYR F 30 35.80 7.68 -6.66
C TYR F 30 34.60 7.08 -7.38
N ASP F 31 34.69 5.83 -7.82
CA ASP F 31 33.56 5.21 -8.50
C ASP F 31 32.50 4.72 -7.54
N ASP F 32 32.75 4.80 -6.23
CA ASP F 32 31.76 4.40 -5.24
C ASP F 32 30.65 5.44 -5.08
N LEU F 33 30.88 6.66 -5.52
CA LEU F 33 29.90 7.73 -5.33
C LEU F 33 28.81 7.73 -6.39
N TYR F 34 28.94 6.92 -7.44
CA TYR F 34 27.90 6.82 -8.45
C TYR F 34 26.74 6.00 -7.91
N ASP F 35 25.53 6.51 -8.10
CA ASP F 35 24.41 5.84 -7.45
C ASP F 35 23.55 5.11 -8.48
N PRO F 36 23.14 3.86 -8.20
CA PRO F 36 22.23 3.17 -9.13
C PRO F 36 20.84 3.76 -9.22
N TYR F 37 20.40 4.56 -8.24
CA TYR F 37 19.11 5.21 -8.37
C TYR F 37 19.20 6.50 -9.18
N TYR F 38 20.41 7.02 -9.38
CA TYR F 38 20.57 8.28 -10.07
C TYR F 38 20.43 8.12 -11.58
N ASP F 39 21.32 7.33 -12.19
CA ASP F 39 21.46 7.28 -13.63
C ASP F 39 20.70 6.16 -14.31
N LEU F 40 20.48 5.04 -13.63
CA LEU F 40 19.77 3.86 -14.14
C LEU F 40 20.57 3.12 -15.22
N ASP F 41 21.72 3.65 -15.64
CA ASP F 41 22.69 2.89 -16.42
C ASP F 41 23.83 2.37 -15.56
N VAL F 42 24.10 3.04 -14.44
CA VAL F 42 25.03 2.48 -13.47
C VAL F 42 24.46 1.18 -12.92
N LYS F 43 23.13 1.06 -12.87
CA LYS F 43 22.53 -0.19 -12.41
C LYS F 43 22.91 -1.35 -13.33
N GLU F 44 22.85 -1.15 -14.64
CA GLU F 44 23.27 -2.20 -15.58
C GLU F 44 24.77 -2.44 -15.53
N ALA F 45 25.55 -1.36 -15.53
CA ALA F 45 27.00 -1.52 -15.48
C ALA F 45 27.41 -2.35 -14.26
N LEU F 46 26.77 -2.12 -13.11
CA LEU F 46 27.07 -2.90 -11.93
C LEU F 46 26.48 -4.30 -12.00
N ASN F 47 25.35 -4.45 -12.69
CA ASN F 47 24.72 -5.76 -12.81
C ASN F 47 25.59 -6.70 -13.63
N ARG F 48 26.37 -6.17 -14.57
CA ARG F 48 27.18 -7.02 -15.44
C ARG F 48 28.54 -7.38 -14.88
N LEU F 49 28.99 -6.75 -13.80
CA LEU F 49 30.32 -6.99 -13.28
C LEU F 49 30.37 -8.29 -12.47
N PRO F 50 31.56 -8.86 -12.27
CA PRO F 50 31.67 -10.06 -11.44
C PRO F 50 31.28 -9.78 -10.00
N LYS F 51 30.95 -10.87 -9.30
CA LYS F 51 30.32 -10.75 -7.98
C LYS F 51 31.27 -10.16 -6.94
N GLU F 52 32.55 -10.54 -6.98
CA GLU F 52 33.47 -10.13 -5.92
C GLU F 52 33.72 -8.62 -5.93
N VAL F 53 33.77 -8.01 -7.11
CA VAL F 53 33.99 -6.57 -7.18
C VAL F 53 32.82 -5.81 -6.55
N VAL F 54 31.59 -6.24 -6.86
CA VAL F 54 30.42 -5.59 -6.29
C VAL F 54 30.36 -5.82 -4.78
N ASP F 55 30.77 -7.01 -4.32
CA ASP F 55 30.79 -7.26 -2.89
C ASP F 55 31.78 -6.35 -2.17
N ALA F 56 32.97 -6.17 -2.75
CA ALA F 56 33.93 -5.24 -2.17
C ALA F 56 33.35 -3.83 -2.12
N ARG F 57 32.60 -3.45 -3.16
CA ARG F 57 31.96 -2.13 -3.17
C ARG F 57 30.99 -1.97 -2.01
N HIS F 58 30.12 -2.97 -1.80
CA HIS F 58 29.16 -2.88 -0.69
C HIS F 58 29.86 -2.79 0.65
N GLN F 59 30.90 -3.60 0.84
CA GLN F 59 31.62 -3.56 2.12
C GLN F 59 32.27 -2.20 2.36
N ARG F 60 32.87 -1.62 1.31
CA ARG F 60 33.47 -0.30 1.48
C ARG F 60 32.43 0.75 1.82
N LEU F 61 31.27 0.69 1.16
CA LEU F 61 30.22 1.66 1.46
C LEU F 61 29.77 1.55 2.92
N LYS F 62 29.59 0.32 3.41
CA LYS F 62 29.16 0.16 4.80
C LYS F 62 30.23 0.64 5.77
N ARG F 63 31.50 0.38 5.47
CA ARG F 63 32.58 0.87 6.31
C ARG F 63 32.56 2.40 6.39
N ALA F 64 32.39 3.07 5.25
CA ALA F 64 32.37 4.53 5.25
C ALA F 64 31.18 5.07 6.02
N MET F 65 30.01 4.43 5.88
CA MET F 65 28.84 4.93 6.58
C MET F 65 28.98 4.76 8.09
N ASP F 66 29.56 3.64 8.53
CA ASP F 66 29.84 3.48 9.96
C ASP F 66 30.81 4.54 10.46
N LEU F 67 31.86 4.81 9.69
CA LEU F 67 32.81 5.85 10.08
C LEU F 67 32.14 7.20 10.23
N SER F 68 31.25 7.54 9.29
CA SER F 68 30.57 8.83 9.36
C SER F 68 29.65 8.93 10.56
N MET F 69 28.91 7.85 10.85
CA MET F 69 28.04 7.85 12.02
C MET F 69 28.85 8.03 13.31
N LYS F 70 29.98 7.34 13.44
CA LYS F 70 30.79 7.48 14.63
C LYS F 70 31.54 8.80 14.72
N HIS F 71 31.59 9.58 13.65
CA HIS F 71 32.26 10.89 13.62
C HIS F 71 33.77 10.76 13.74
N GLU F 72 34.36 9.80 13.02
CA GLU F 72 35.81 9.60 13.07
C GLU F 72 36.32 9.18 11.70
N TYR F 73 37.62 8.92 11.63
CA TYR F 73 38.29 8.58 10.38
C TYR F 73 39.18 7.37 10.59
N LEU F 74 39.59 6.75 9.48
CA LEU F 74 40.47 5.59 9.55
C LEU F 74 41.84 5.99 10.10
N PRO F 75 42.51 5.06 10.78
CA PRO F 75 43.86 5.34 11.28
C PRO F 75 44.84 5.59 10.14
N GLU F 76 46.04 6.02 10.50
CA GLU F 76 46.99 6.51 9.51
C GLU F 76 47.52 5.38 8.62
N ASP F 77 47.70 4.19 9.18
CA ASP F 77 48.20 3.07 8.38
C ASP F 77 47.15 2.60 7.37
N LEU F 78 45.92 2.42 7.81
CA LEU F 78 44.84 2.09 6.88
C LEU F 78 44.49 3.26 5.98
N GLN F 79 45.07 4.44 6.21
CA GLN F 79 44.96 5.51 5.23
C GLN F 79 46.07 5.43 4.20
N ALA F 80 47.26 4.99 4.61
CA ALA F 80 48.34 4.76 3.65
C ALA F 80 48.02 3.60 2.73
N MET F 81 47.30 2.59 3.21
CA MET F 81 46.98 1.42 2.41
C MET F 81 45.77 1.62 1.49
N GLN F 82 45.40 2.85 1.17
CA GLN F 82 44.18 3.13 0.41
C GLN F 82 44.49 3.60 -1.00
N THR F 83 43.70 3.15 -1.97
CA THR F 83 43.82 3.55 -3.38
C THR F 83 42.48 4.01 -3.91
N PRO F 84 42.18 5.30 -3.81
CA PRO F 84 41.07 5.83 -4.61
C PRO F 84 41.48 5.92 -6.06
N PHE F 85 40.55 6.23 -6.94
CA PHE F 85 40.76 6.42 -8.38
C PHE F 85 41.08 5.13 -9.12
N ARG F 86 41.22 4.00 -8.43
CA ARG F 86 41.41 2.71 -9.10
C ARG F 86 40.05 2.24 -9.59
N GLY F 87 39.71 2.62 -10.81
CA GLY F 87 38.37 2.38 -11.32
C GLY F 87 38.07 0.91 -11.53
N TYR F 88 36.76 0.63 -11.52
CA TYR F 88 36.27 -0.70 -11.86
C TYR F 88 34.99 -0.62 -12.69
N LEU F 89 34.57 0.57 -13.09
CA LEU F 89 33.23 0.79 -13.62
C LEU F 89 33.18 1.65 -14.87
N GLN F 90 34.25 2.35 -15.24
CA GLN F 90 34.17 3.33 -16.32
C GLN F 90 33.94 2.65 -17.67
N GLU F 91 34.73 1.61 -17.97
CA GLU F 91 34.68 0.99 -19.30
C GLU F 91 33.32 0.34 -19.55
N MET F 92 32.78 -0.37 -18.56
CA MET F 92 31.48 -0.98 -18.72
C MET F 92 30.39 0.08 -18.93
N LEU F 93 30.48 1.19 -18.21
CA LEU F 93 29.48 2.26 -18.37
C LEU F 93 29.57 2.87 -19.77
N ALA F 94 30.78 3.13 -20.26
CA ALA F 94 30.93 3.66 -21.60
C ALA F 94 30.38 2.70 -22.64
N LEU F 95 30.62 1.39 -22.47
CA LEU F 95 30.09 0.41 -23.40
C LEU F 95 28.56 0.38 -23.38
N VAL F 96 27.95 0.45 -22.19
CA VAL F 96 26.49 0.45 -22.12
C VAL F 96 25.93 1.68 -22.81
N LYS F 97 26.58 2.83 -22.63
CA LYS F 97 26.09 4.04 -23.28
C LYS F 97 26.24 3.96 -24.80
N ARG F 98 27.33 3.35 -25.29
CA ARG F 98 27.50 3.17 -26.73
C ARG F 98 26.39 2.31 -27.32
N GLU F 99 26.07 1.18 -26.66
CA GLU F 99 24.97 0.37 -27.16
C GLU F 99 23.66 1.15 -27.11
N LYS F 100 23.44 1.93 -26.06
CA LYS F 100 22.21 2.71 -25.96
C LYS F 100 22.07 3.65 -27.16
N ALA F 101 23.15 4.38 -27.48
CA ALA F 101 23.10 5.29 -28.61
C ALA F 101 22.85 4.55 -29.92
N GLU F 102 23.62 3.47 -30.15
CA GLU F 102 23.48 2.74 -31.41
C GLU F 102 22.08 2.14 -31.56
N ARG F 103 21.46 1.73 -30.46
CA ARG F 103 20.09 1.25 -30.53
C ARG F 103 19.13 2.39 -30.81
N GLU F 104 19.38 3.56 -30.23
CA GLU F 104 18.51 4.71 -30.49
C GLU F 104 18.52 5.11 -31.95
N SER F 105 19.69 5.09 -32.58
CA SER F 105 19.81 5.56 -33.96
C SER F 105 18.97 4.72 -34.92
N LEU F 106 18.99 3.40 -34.78
CA LEU F 106 18.31 2.49 -35.72
C LEU F 106 16.91 2.14 -35.24
N GLY F 107 16.08 3.13 -34.96
CA GLY F 107 14.77 2.83 -34.41
C GLY F 107 14.93 2.23 -33.02
N GLY F 108 14.20 1.17 -32.74
CA GLY F 108 14.42 0.42 -31.52
C GLY F 108 13.88 1.06 -30.27
N LEU F 109 13.36 0.25 -29.36
CA LEU F 109 12.78 0.67 -28.10
C LEU F 109 13.84 0.69 -27.02
N PRO F 110 13.62 1.46 -25.95
CA PRO F 110 14.54 1.40 -24.82
C PRO F 110 14.41 0.08 -24.08
N LEU F 111 15.46 -0.29 -23.34
CA LEU F 111 15.47 -1.55 -22.63
C LEU F 111 15.00 -1.42 -21.19
N TYR F 112 15.12 -0.24 -20.59
CA TYR F 112 14.65 0.01 -19.24
C TYR F 112 14.41 1.51 -19.11
N GLN F 113 13.40 1.87 -18.31
CA GLN F 113 12.92 3.24 -18.25
C GLN F 113 12.76 3.69 -16.81
N ARG F 114 13.09 4.95 -16.56
CA ARG F 114 12.88 5.56 -15.26
C ARG F 114 11.40 5.66 -14.96
N THR F 115 11.03 5.48 -13.70
CA THR F 115 9.64 5.49 -13.29
C THR F 115 9.22 6.90 -12.87
N ILE F 116 7.96 7.23 -13.17
CA ILE F 116 7.39 8.53 -12.82
C ILE F 116 7.11 8.56 -11.32
N PRO F 117 7.63 9.54 -10.57
CA PRO F 117 7.54 9.59 -9.12
C PRO F 117 6.28 10.26 -8.62
N LYS G 1 13.68 0.05 -4.12
CA LYS G 1 13.82 0.05 -2.67
C LYS G 1 13.95 -1.39 -2.16
N GLY G 2 15.19 -1.85 -2.02
CA GLY G 2 15.47 -3.21 -1.60
C GLY G 2 16.74 -3.26 -0.79
N PHE G 3 17.21 -4.47 -0.53
CA PHE G 3 18.39 -4.69 0.30
C PHE G 3 19.40 -5.56 -0.44
N VAL G 4 20.56 -5.72 0.18
CA VAL G 4 21.68 -6.41 -0.46
C VAL G 4 22.24 -7.47 0.48
N PRO G 5 22.70 -8.62 -0.04
CA PRO G 5 23.40 -9.59 0.81
C PRO G 5 24.76 -9.06 1.24
N MET G 6 25.08 -9.24 2.51
CA MET G 6 26.16 -8.44 3.09
C MET G 6 27.36 -9.24 3.61
N LYS G 7 27.15 -10.23 4.49
CA LYS G 7 28.28 -10.91 5.13
C LYS G 7 29.16 -10.00 5.97
N ALA G 8 28.69 -9.57 7.14
CA ALA G 8 29.52 -8.87 8.12
C ALA G 8 29.35 -9.50 9.50
N VAL G 9 30.19 -9.08 10.45
CA VAL G 9 30.13 -9.55 11.83
C VAL G 9 30.29 -8.35 12.77
N THR G 10 29.43 -8.27 13.80
CA THR G 10 29.41 -7.14 14.71
C THR G 10 29.28 -7.61 16.15
N TYR G 11 29.95 -6.89 17.06
CA TYR G 11 29.80 -7.07 18.51
C TYR G 11 29.23 -5.81 19.13
N GLY G 12 28.41 -5.97 20.17
CA GLY G 12 27.83 -4.83 20.86
C GLY G 12 27.87 -5.01 22.36
N LEU G 13 27.52 -3.93 23.06
CA LEU G 13 27.48 -3.92 24.52
C LEU G 13 26.22 -3.21 24.99
N SER G 14 25.74 -3.59 26.18
CA SER G 14 24.47 -3.08 26.68
C SER G 14 24.57 -1.60 27.03
N PRO G 15 23.46 -0.87 26.99
CA PRO G 15 23.52 0.55 27.36
C PRO G 15 23.97 0.79 28.78
N PHE G 16 23.59 -0.10 29.71
CA PHE G 16 23.78 0.12 31.14
C PHE G 16 25.13 -0.38 31.64
N GLN G 17 26.14 -0.45 30.76
CA GLN G 17 27.45 -0.92 31.14
C GLN G 17 28.58 0.03 30.75
N GLN G 18 28.30 1.31 30.55
CA GLN G 18 29.30 2.21 29.99
C GLN G 18 28.98 3.66 30.33
N LYS G 19 30.04 4.43 30.60
CA LYS G 19 29.92 5.83 31.00
C LYS G 19 29.52 6.71 29.83
N ILE G 20 28.53 7.57 30.05
CA ILE G 20 27.86 8.26 28.96
C ILE G 20 28.31 9.72 28.82
N MET G 21 28.17 10.51 29.88
CA MET G 21 28.50 11.94 29.78
C MET G 21 29.95 12.25 29.50
N PRO G 22 30.95 11.66 30.18
CA PRO G 22 32.34 12.15 30.05
C PRO G 22 32.88 12.30 28.62
N GLY G 23 32.15 11.80 27.62
CA GLY G 23 32.63 11.90 26.26
C GLY G 23 32.54 13.28 25.63
N LEU G 24 31.65 14.13 26.12
CA LEU G 24 31.45 15.45 25.50
C LEU G 24 32.69 16.33 25.65
N TRP G 25 33.20 16.46 26.86
CA TRP G 25 34.22 17.44 27.20
C TRP G 25 35.62 16.83 27.29
N LYS G 26 35.86 15.73 26.58
CA LYS G 26 37.09 14.97 26.79
C LYS G 26 38.32 15.77 26.38
N ASP G 27 38.43 16.13 25.10
CA ASP G 27 39.64 16.73 24.56
C ASP G 27 39.29 17.93 23.67
N LEU G 28 38.49 18.85 24.23
CA LEU G 28 37.93 19.95 23.44
C LEU G 28 38.94 20.74 22.61
N PRO G 29 40.09 21.18 23.15
CA PRO G 29 40.95 22.09 22.35
C PRO G 29 41.41 21.52 21.02
N THR G 30 41.74 20.23 20.95
CA THR G 30 42.16 19.67 19.67
C THR G 30 41.01 19.61 18.68
N LYS G 31 39.79 19.32 19.15
CA LYS G 31 38.64 19.34 18.26
C LYS G 31 38.38 20.75 17.74
N ILE G 32 38.48 21.76 18.61
CA ILE G 32 38.29 23.14 18.19
C ILE G 32 39.33 23.53 17.15
N HIS G 33 40.59 23.15 17.39
CA HIS G 33 41.65 23.45 16.44
C HIS G 33 41.41 22.78 15.11
N HIS G 34 40.96 21.52 15.13
CA HIS G 34 40.67 20.82 13.88
C HIS G 34 39.55 21.51 13.11
N LYS G 35 38.46 21.86 13.79
CA LYS G 35 37.35 22.52 13.11
C LYS G 35 37.78 23.85 12.50
N VAL G 36 38.54 24.66 13.25
CA VAL G 36 38.97 25.95 12.74
C VAL G 36 39.88 25.76 11.53
N SER G 37 40.85 24.85 11.64
CA SER G 37 41.81 24.65 10.56
C SER G 37 41.11 24.09 9.32
N GLU G 38 40.03 23.34 9.50
CA GLU G 38 39.33 22.79 8.34
C GLU G 38 38.40 23.78 7.68
N ASN G 39 37.73 24.65 8.44
CA ASN G 39 36.69 25.50 7.86
C ASN G 39 37.03 26.98 7.88
N TRP G 40 38.32 27.32 8.04
CA TRP G 40 38.71 28.73 7.95
C TRP G 40 38.36 29.32 6.59
N ILE G 41 38.50 28.56 5.51
CA ILE G 41 38.21 29.11 4.18
C ILE G 41 36.73 29.39 4.03
N SER G 42 35.87 28.48 4.49
CA SER G 42 34.43 28.72 4.43
C SER G 42 34.04 29.94 5.25
N ALA G 43 34.61 30.07 6.45
CA ALA G 43 34.31 31.25 7.27
C ALA G 43 34.76 32.53 6.58
N THR G 44 35.96 32.52 5.98
CA THR G 44 36.45 33.68 5.26
C THR G 44 35.52 34.06 4.12
N LEU G 45 35.13 33.08 3.32
CA LEU G 45 34.32 33.36 2.14
C LEU G 45 32.92 33.80 2.54
N LEU G 46 32.43 33.35 3.68
CA LEU G 46 31.11 33.78 4.14
C LEU G 46 31.15 35.21 4.66
N LEU G 47 32.19 35.57 5.42
CA LEU G 47 32.21 36.85 6.13
C LEU G 47 32.97 37.96 5.42
N GLY G 48 33.59 37.70 4.28
CA GLY G 48 34.31 38.73 3.56
C GLY G 48 33.45 39.82 2.95
N PRO G 49 32.56 39.44 2.02
CA PRO G 49 31.78 40.47 1.31
C PRO G 49 30.98 41.38 2.22
N LEU G 50 30.43 40.84 3.30
CA LEU G 50 29.66 41.67 4.23
C LEU G 50 30.53 42.79 4.80
N VAL G 51 31.71 42.44 5.28
CA VAL G 51 32.62 43.44 5.86
C VAL G 51 33.04 44.46 4.80
N GLY G 52 33.40 43.99 3.61
CA GLY G 52 33.83 44.91 2.57
C GLY G 52 32.74 45.90 2.20
N VAL G 53 31.52 45.41 1.97
CA VAL G 53 30.42 46.29 1.57
C VAL G 53 30.07 47.26 2.70
N TYR G 54 30.06 46.77 3.95
CA TYR G 54 29.72 47.64 5.06
C TYR G 54 30.73 48.78 5.18
N SER G 55 32.02 48.46 5.12
CA SER G 55 33.04 49.49 5.22
C SER G 55 32.93 50.49 4.08
N TYR G 56 32.70 50.00 2.86
CA TYR G 56 32.58 50.88 1.70
C TYR G 56 31.41 51.85 1.86
N VAL G 57 30.25 51.33 2.29
CA VAL G 57 29.07 52.19 2.45
C VAL G 57 29.30 53.22 3.55
N GLN G 58 29.87 52.80 4.68
CA GLN G 58 30.15 53.75 5.76
C GLN G 58 31.06 54.87 5.28
N ASN G 59 32.14 54.51 4.59
CA ASN G 59 33.09 55.52 4.11
C ASN G 59 32.41 56.49 3.15
N TYR G 60 31.64 55.96 2.20
CA TYR G 60 30.98 56.83 1.23
C TYR G 60 30.02 57.79 1.92
N GLN G 61 29.20 57.27 2.84
CA GLN G 61 28.21 58.11 3.50
C GLN G 61 28.87 59.22 4.32
N GLU G 62 29.90 58.88 5.09
CA GLU G 62 30.54 59.91 5.91
C GLU G 62 31.21 60.97 5.03
N LYS G 63 31.84 60.53 3.94
CA LYS G 63 32.47 61.49 3.03
C LYS G 63 31.44 62.45 2.45
N GLU G 64 30.30 61.91 1.99
CA GLU G 64 29.27 62.77 1.40
C GLU G 64 28.71 63.75 2.43
N LYS G 65 28.38 63.25 3.62
CA LYS G 65 27.83 64.12 4.65
C LYS G 65 28.80 65.24 5.01
N LEU G 66 30.08 64.91 5.22
CA LEU G 66 31.05 65.92 5.59
C LEU G 66 31.39 66.85 4.43
N SER G 67 31.11 66.44 3.19
CA SER G 67 31.34 67.35 2.07
C SER G 67 30.14 68.27 1.83
N HIS G 68 28.97 67.94 2.35
CA HIS G 68 27.82 68.83 2.19
C HIS G 68 27.79 69.99 3.18
N ARG G 69 28.70 70.05 4.14
CA ARG G 69 28.64 71.05 5.20
C ARG G 69 29.03 72.45 4.71
N TYR G 70 28.89 73.43 5.59
CA TYR G 70 29.36 74.79 5.32
C TYR G 70 30.45 75.18 6.31
N PRO H 1 12.14 76.27 42.22
CA PRO H 1 13.26 75.32 42.14
C PRO H 1 14.17 75.60 40.95
N VAL H 2 15.32 74.94 40.91
CA VAL H 2 16.28 75.07 39.82
C VAL H 2 16.45 73.71 39.15
N ASP H 3 16.47 73.73 37.82
CA ASP H 3 16.57 72.49 37.06
C ASP H 3 17.94 71.86 37.23
N GLN H 4 17.97 70.58 37.61
CA GLN H 4 19.22 69.84 37.66
C GLN H 4 19.76 69.61 36.25
N LYS H 5 18.87 69.30 35.30
CA LYS H 5 19.30 68.91 33.97
C LYS H 5 20.10 70.02 33.31
N LYS H 6 19.61 71.27 33.36
CA LYS H 6 20.35 72.38 32.78
C LYS H 6 21.66 72.63 33.50
N TYR H 7 21.69 72.37 34.81
CA TYR H 7 22.93 72.46 35.57
C TYR H 7 23.99 71.50 35.01
N LEU H 8 23.61 70.25 34.79
CA LEU H 8 24.56 69.30 34.22
C LEU H 8 24.92 69.64 32.79
N GLU H 9 23.96 70.11 31.98
CA GLU H 9 24.29 70.48 30.61
C GLU H 9 25.28 71.63 30.56
N GLU H 10 25.17 72.58 31.50
CA GLU H 10 26.17 73.64 31.54
C GLU H 10 27.46 73.19 32.23
N SER H 11 27.44 72.05 32.92
CA SER H 11 28.66 71.53 33.53
C SER H 11 29.59 70.89 32.50
N CYS H 12 29.04 70.20 31.50
CA CYS H 12 29.78 69.29 30.63
C CYS H 12 30.57 69.97 29.52
N LYS H 13 30.86 71.26 29.62
CA LYS H 13 31.64 71.94 28.58
C LYS H 13 33.00 71.29 28.31
N PRO H 14 33.81 70.92 29.31
CA PRO H 14 35.14 70.37 29.00
C PRO H 14 35.12 69.10 28.18
N LYS H 15 34.00 68.37 28.16
CA LYS H 15 33.97 67.09 27.46
C LYS H 15 34.09 67.28 25.94
N CYS H 16 33.30 68.19 25.37
CA CYS H 16 33.44 68.53 23.96
C CYS H 16 33.72 70.01 23.74
N VAL H 17 34.69 70.56 24.49
CA VAL H 17 35.31 71.82 24.08
C VAL H 17 35.68 71.79 22.59
N LYS H 18 36.08 70.63 22.08
CA LYS H 18 36.48 70.53 20.68
C LYS H 18 35.30 70.80 19.75
N ALA H 19 34.16 70.15 20.00
CA ALA H 19 32.98 70.44 19.20
C ALA H 19 32.51 71.88 19.38
N LEU H 20 32.65 72.41 20.60
CA LEU H 20 32.26 73.80 20.85
C LEU H 20 33.07 74.77 20.00
N LEU H 21 34.39 74.60 20.00
CA LEU H 21 35.25 75.46 19.20
C LEU H 21 35.03 75.25 17.71
N GLU H 22 34.70 74.03 17.30
CA GLU H 22 34.35 73.80 15.90
C GLU H 22 33.10 74.57 15.51
N TYR H 23 32.07 74.55 16.35
CA TYR H 23 30.86 75.31 16.05
C TYR H 23 31.14 76.81 16.05
N GLN H 24 31.99 77.27 16.97
CA GLN H 24 32.35 78.68 17.00
C GLN H 24 33.04 79.09 15.70
N ALA H 25 33.94 78.24 15.20
CA ALA H 25 34.57 78.50 13.91
C ALA H 25 33.53 78.52 12.79
N CYS H 26 32.55 77.61 12.86
CA CYS H 26 31.50 77.59 11.84
C CYS H 26 30.72 78.90 11.83
N VAL H 27 30.31 79.39 13.00
CA VAL H 27 29.49 80.59 13.04
C VAL H 27 30.31 81.82 12.67
N LYS H 28 31.60 81.84 13.03
CA LYS H 28 32.44 82.96 12.60
C LYS H 28 32.68 82.92 11.09
N ARG H 29 32.72 81.72 10.50
CA ARG H 29 32.92 81.62 9.06
C ARG H 29 31.68 82.05 8.29
N ILE H 30 30.50 81.61 8.74
CA ILE H 30 29.27 81.99 8.06
C ILE H 30 28.92 83.46 8.27
N GLN H 31 29.57 84.11 9.24
CA GLN H 31 29.23 85.49 9.57
C GLN H 31 29.27 86.38 8.33
N GLY H 32 28.15 87.02 8.04
CA GLY H 32 27.97 87.75 6.81
C GLY H 32 27.12 87.06 5.78
N ASP H 33 26.14 86.27 6.20
CA ASP H 33 25.30 85.52 5.25
C ASP H 33 24.45 86.47 4.42
N GLU H 34 24.48 86.27 3.10
CA GLU H 34 23.74 87.12 2.16
C GLU H 34 22.39 86.53 1.78
N THR H 35 22.40 85.35 1.16
CA THR H 35 21.21 84.77 0.57
C THR H 35 20.48 83.81 1.50
N GLY H 36 20.95 83.64 2.73
CA GLY H 36 20.47 82.56 3.55
C GLY H 36 20.96 81.26 2.97
N ASN H 37 20.26 80.16 3.25
CA ASN H 37 20.62 78.84 2.74
C ASN H 37 22.07 78.50 3.08
N LYS H 38 22.57 79.07 4.17
CA LYS H 38 23.82 78.69 4.79
C LYS H 38 23.60 78.63 6.29
N HIS H 39 24.11 77.59 6.94
CA HIS H 39 23.79 77.36 8.33
C HIS H 39 24.82 76.43 8.95
N CYS H 40 24.76 76.31 10.28
CA CYS H 40 25.70 75.49 11.02
C CYS H 40 24.97 74.39 11.79
N THR H 41 24.06 73.68 11.12
CA THR H 41 23.25 72.68 11.80
C THR H 41 24.04 71.43 12.15
N GLY H 42 25.01 71.05 11.33
CA GLY H 42 25.79 69.85 11.62
C GLY H 42 26.59 69.97 12.90
N GLN H 43 27.30 71.09 13.07
CA GLN H 43 28.04 71.31 14.30
C GLN H 43 27.10 71.41 15.49
N TYR H 44 25.91 71.97 15.27
CA TYR H 44 24.89 72.01 16.33
C TYR H 44 24.55 70.60 16.80
N PHE H 45 24.29 69.69 15.86
CA PHE H 45 23.96 68.32 16.23
C PHE H 45 25.12 67.63 16.92
N ASP H 46 26.35 67.82 16.42
CA ASP H 46 27.51 67.24 17.07
C ASP H 46 27.62 67.71 18.52
N TYR H 47 27.49 69.02 18.72
CA TYR H 47 27.63 69.60 20.05
C TYR H 47 26.59 69.04 21.00
N TRP H 48 25.33 69.02 20.57
CA TRP H 48 24.30 68.58 21.49
C TRP H 48 24.30 67.07 21.70
N SER H 49 24.82 66.30 20.75
CA SER H 49 25.05 64.88 21.00
C SER H 49 26.11 64.69 22.07
N CYS H 50 27.21 65.45 22.01
CA CYS H 50 28.18 65.43 23.10
C CYS H 50 27.52 65.70 24.44
N ILE H 51 26.77 66.80 24.52
CA ILE H 51 26.23 67.20 25.81
C ILE H 51 25.24 66.16 26.34
N ASP H 52 24.39 65.64 25.45
CA ASP H 52 23.42 64.63 25.87
C ASP H 52 24.11 63.36 26.36
N LYS H 53 25.15 62.92 25.65
CA LYS H 53 25.87 61.74 26.10
C LYS H 53 26.53 61.97 27.45
N CYS H 54 27.04 63.19 27.69
CA CYS H 54 27.59 63.49 29.02
C CYS H 54 26.52 63.40 30.10
N VAL H 55 25.33 63.94 29.81
CA VAL H 55 24.32 64.06 30.86
C VAL H 55 23.59 62.74 31.10
N ALA H 56 23.66 61.82 30.14
CA ALA H 56 22.80 60.63 30.16
C ALA H 56 22.98 59.80 31.43
N GLN H 57 24.22 59.42 31.75
CA GLN H 57 24.42 58.52 32.88
C GLN H 57 24.36 59.25 34.22
N LYS H 58 24.47 60.58 34.20
CA LYS H 58 24.56 61.31 35.46
C LYS H 58 23.19 61.80 35.93
N LEU H 59 22.26 62.07 35.00
CA LEU H 59 21.06 62.82 35.36
C LEU H 59 20.18 62.06 36.35
N PHE H 60 19.83 60.81 36.04
CA PHE H 60 18.76 60.14 36.78
C PHE H 60 19.10 59.84 38.23
N SER H 61 20.38 59.90 38.60
CA SER H 61 20.74 59.73 40.01
C SER H 61 20.19 60.86 40.86
N LYS H 62 20.24 62.10 40.33
CA LYS H 62 19.83 63.27 41.11
C LYS H 62 18.32 63.29 41.34
N LEU H 63 17.54 62.71 40.43
CA LEU H 63 16.09 62.82 40.53
C LEU H 63 15.56 61.89 41.61
N LYS H 64 14.24 61.80 41.68
CA LYS H 64 13.57 60.95 42.66
C LYS H 64 12.67 59.94 41.96
N GLY I 1 23.81 5.44 44.01
CA GLY I 1 23.90 4.81 45.32
C GLY I 1 22.80 3.79 45.57
N GLY I 2 22.73 3.29 46.81
CA GLY I 2 21.69 2.33 47.14
C GLY I 2 20.32 2.96 47.27
N ILE I 3 20.28 4.28 47.52
CA ILE I 3 19.01 4.98 47.61
C ILE I 3 18.30 4.97 46.26
N PHE I 4 19.06 5.06 45.16
CA PHE I 4 18.44 4.98 43.84
C PHE I 4 17.77 3.63 43.63
N GLU I 5 18.45 2.55 44.03
CA GLU I 5 17.86 1.21 43.90
C GLU I 5 16.64 1.07 44.79
N ALA I 6 16.70 1.62 46.00
CA ALA I 6 15.54 1.56 46.90
C ALA I 6 14.35 2.30 46.31
N LEU I 7 14.60 3.48 45.75
CA LEU I 7 13.51 4.24 45.11
C LEU I 7 12.95 3.48 43.92
N TYR I 8 13.85 2.85 43.14
CA TYR I 8 13.42 2.07 41.97
C TYR I 8 12.53 0.91 42.37
N LYS I 9 12.90 0.18 43.43
CA LYS I 9 12.07 -0.95 43.85
C LYS I 9 10.78 -0.49 44.50
N VAL I 10 10.81 0.67 45.19
CA VAL I 10 9.58 1.16 45.82
C VAL I 10 8.57 1.61 44.77
N LEU I 11 9.02 2.34 43.74
CA LEU I 11 8.06 3.00 42.85
C LEU I 11 7.78 2.28 41.53
N MET I 12 8.73 1.52 40.98
CA MET I 12 8.51 1.05 39.61
C MET I 12 8.49 -0.47 39.48
N ARG I 13 7.56 -1.12 40.18
CA ARG I 13 7.14 -2.45 39.79
C ARG I 13 5.80 -2.45 39.07
N ARG I 14 5.04 -1.36 39.18
CA ARG I 14 3.81 -1.11 38.44
C ARG I 14 3.97 0.16 37.59
N ASN I 15 2.87 0.59 36.97
CA ASN I 15 2.89 1.74 36.07
C ASN I 15 1.95 2.86 36.50
N SER I 16 0.75 2.53 36.99
CA SER I 16 -0.16 3.57 37.49
C SER I 16 0.49 4.36 38.62
N VAL I 17 1.28 3.68 39.45
CA VAL I 17 2.05 4.37 40.48
C VAL I 17 3.02 5.35 39.85
N TYR I 18 3.62 4.97 38.70
CA TYR I 18 4.51 5.88 38.00
C TYR I 18 3.77 7.12 37.51
N VAL I 19 2.57 6.93 36.96
CA VAL I 19 1.79 8.08 36.48
C VAL I 19 1.45 9.00 37.64
N THR I 20 1.00 8.43 38.75
CA THR I 20 0.68 9.23 39.93
C THR I 20 1.91 9.97 40.44
N PHE I 21 3.06 9.30 40.45
CA PHE I 21 4.30 9.94 40.89
C PHE I 21 4.65 11.14 40.01
N VAL I 22 4.50 10.98 38.69
CA VAL I 22 4.83 12.08 37.78
C VAL I 22 3.89 13.26 38.02
N ILE I 23 2.59 12.99 38.16
CA ILE I 23 1.64 14.09 38.39
C ILE I 23 1.96 14.82 39.69
N ALA I 24 2.21 14.06 40.77
CA ALA I 24 2.51 14.68 42.06
C ALA I 24 3.79 15.51 41.99
N GLY I 25 4.84 14.97 41.38
CA GLY I 25 6.06 15.74 41.23
C GLY I 25 5.86 17.01 40.44
N ALA I 26 5.05 16.97 39.39
CA ALA I 26 4.75 18.16 38.62
C ALA I 26 4.07 19.22 39.48
N PHE I 27 3.03 18.82 40.20
CA PHE I 27 2.22 19.80 40.93
C PHE I 27 2.82 20.10 42.29
N VAL I 28 4.03 19.61 42.56
CA VAL I 28 4.81 20.13 43.68
C VAL I 28 5.91 21.06 43.17
N GLY I 29 6.61 20.65 42.11
CA GLY I 29 7.66 21.48 41.55
C GLY I 29 7.15 22.81 41.03
N GLU I 30 5.94 22.81 40.46
CA GLU I 30 5.31 24.05 40.04
C GLU I 30 5.22 25.04 41.19
N ARG I 31 4.67 24.60 42.32
CA ARG I 31 4.55 25.46 43.49
C ARG I 31 5.91 25.92 43.99
N ALA I 32 6.89 25.02 44.02
CA ALA I 32 8.20 25.38 44.54
C ALA I 32 8.87 26.47 43.70
N VAL I 33 8.82 26.32 42.38
CA VAL I 33 9.45 27.33 41.53
C VAL I 33 8.66 28.64 41.56
N ASP I 34 7.33 28.57 41.68
CA ASP I 34 6.54 29.79 41.87
C ASP I 34 6.99 30.54 43.11
N TYR I 35 7.12 29.84 44.23
CA TYR I 35 7.55 30.49 45.47
C TYR I 35 8.93 31.10 45.30
N GLY I 36 9.85 30.36 44.69
CA GLY I 36 11.21 30.87 44.53
C GLY I 36 11.27 32.13 43.68
N VAL I 37 10.57 32.14 42.55
CA VAL I 37 10.65 33.29 41.66
C VAL I 37 9.94 34.49 42.27
N HIS I 38 8.80 34.26 42.95
CA HIS I 38 8.13 35.36 43.63
C HIS I 38 9.01 35.97 44.70
N LYS I 39 9.70 35.14 45.49
CA LYS I 39 10.56 35.66 46.54
C LYS I 39 11.73 36.46 45.96
N LEU I 40 12.35 35.94 44.90
CA LEU I 40 13.46 36.69 44.30
C LEU I 40 12.96 38.01 43.72
N TRP I 41 11.77 38.01 43.10
CA TRP I 41 11.19 39.22 42.55
C TRP I 41 10.95 40.25 43.64
N GLU I 42 10.40 39.82 44.78
CA GLU I 42 10.20 40.73 45.90
C GLU I 42 11.53 41.29 46.40
N HIS I 43 12.56 40.44 46.48
CA HIS I 43 13.84 40.90 47.02
C HIS I 43 14.51 41.92 46.12
N ASN I 44 14.41 41.74 44.80
CA ASN I 44 15.26 42.52 43.88
C ASN I 44 14.97 44.02 44.00
N ASN I 45 13.71 44.39 44.10
CA ASN I 45 13.29 45.80 44.01
C ASN I 45 12.31 46.18 45.13
N VAL I 46 12.87 46.63 46.25
CA VAL I 46 12.12 46.95 47.45
C VAL I 46 11.73 48.42 47.43
N GLY I 47 10.49 48.70 47.84
CA GLY I 47 10.00 50.05 47.93
C GLY I 47 9.14 50.51 46.77
N LYS I 48 9.14 49.79 45.66
CA LYS I 48 8.39 50.19 44.48
C LYS I 48 6.98 49.62 44.41
N ARG I 49 6.62 48.74 45.34
CA ARG I 49 5.35 48.03 45.21
C ARG I 49 4.17 49.00 45.37
N TYR I 50 2.97 48.46 45.13
CA TYR I 50 1.77 49.28 45.24
C TYR I 50 1.45 49.64 46.68
N GLU I 51 1.78 48.76 47.62
CA GLU I 51 1.56 49.01 49.03
C GLU I 51 2.71 49.77 49.67
N ASP I 52 3.52 50.46 48.88
CA ASP I 52 4.65 51.22 49.39
C ASP I 52 4.58 52.70 49.03
N ILE I 53 3.48 53.16 48.45
CA ILE I 53 3.29 54.59 48.20
C ILE I 53 2.78 55.24 49.47
N SER I 54 3.41 56.35 49.86
CA SER I 54 3.15 56.98 51.14
C SER I 54 1.85 57.78 51.17
N VAL I 55 1.22 58.01 50.02
CA VAL I 55 0.03 58.86 49.97
C VAL I 55 -1.15 58.10 49.39
N LEU I 56 -1.21 56.79 49.64
CA LEU I 56 -2.22 55.96 49.01
C LEU I 56 -3.63 56.30 49.49
N GLY I 57 -3.76 56.85 50.69
CA GLY I 57 -5.08 57.08 51.24
C GLY I 57 -5.39 58.52 51.62
N GLN I 58 -4.80 59.47 50.90
CA GLN I 58 -5.03 60.89 51.12
C GLN I 58 -5.65 61.57 49.91
N ARG I 59 -6.69 60.96 49.34
CA ARG I 59 -7.58 61.63 48.39
C ARG I 59 -9.03 61.30 48.79
N GLN I 60 -9.35 61.49 50.06
CA GLN I 60 -10.73 61.39 50.50
C GLN I 60 -11.40 62.76 50.50
N ILE J 1 -8.44 -13.07 38.17
CA ILE J 1 -9.24 -11.85 38.13
C ILE J 1 -8.73 -10.85 39.15
N GLN J 2 -8.17 -11.35 40.25
CA GLN J 2 -7.69 -10.47 41.31
C GLN J 2 -6.58 -9.53 40.86
N PRO J 3 -5.50 -9.99 40.21
CA PRO J 3 -4.51 -9.02 39.69
C PRO J 3 -5.12 -8.03 38.72
N THR J 4 -6.03 -8.49 37.84
CA THR J 4 -6.68 -7.57 36.92
C THR J 4 -7.60 -6.61 37.66
N ASP J 5 -8.32 -7.10 38.66
CA ASP J 5 -9.20 -6.23 39.44
C ASP J 5 -8.40 -5.14 40.16
N VAL J 6 -7.26 -5.49 40.74
CA VAL J 6 -6.48 -4.49 41.45
C VAL J 6 -5.74 -3.57 40.47
N LYS J 7 -5.37 -4.05 39.28
CA LYS J 7 -4.85 -3.16 38.26
C LYS J 7 -5.89 -2.12 37.85
N ALA J 8 -7.13 -2.57 37.65
CA ALA J 8 -8.20 -1.64 37.33
C ALA J 8 -8.45 -0.68 38.50
N ALA J 9 -8.33 -1.17 39.73
CA ALA J 9 -8.49 -0.30 40.89
C ALA J 9 -7.43 0.80 40.90
N ALA J 10 -6.18 0.44 40.60
CA ALA J 10 -5.11 1.44 40.57
C ALA J 10 -5.30 2.44 39.43
N MET J 11 -5.73 1.96 38.26
CA MET J 11 -5.99 2.87 37.15
C MET J 11 -7.15 3.81 37.46
N TRP J 12 -8.23 3.29 38.03
CA TRP J 12 -9.34 4.12 38.48
C TRP J 12 -8.89 5.12 39.52
N GLY J 13 -7.97 4.72 40.41
CA GLY J 13 -7.46 5.66 41.40
C GLY J 13 -6.67 6.79 40.79
N VAL J 14 -5.84 6.48 39.79
CA VAL J 14 -5.11 7.53 39.08
C VAL J 14 -6.08 8.50 38.41
N ALA J 15 -7.07 7.96 37.70
CA ALA J 15 -8.04 8.81 37.02
C ALA J 15 -8.85 9.64 38.00
N ALA J 16 -9.23 9.05 39.13
CA ALA J 16 -10.02 9.77 40.13
C ALA J 16 -9.18 10.86 40.79
N ALA J 17 -7.91 10.60 41.04
CA ALA J 17 -7.04 11.64 41.59
C ALA J 17 -6.92 12.81 40.62
N THR J 18 -6.72 12.51 39.34
CA THR J 18 -6.61 13.59 38.36
C THR J 18 -7.91 14.37 38.24
N GLY J 19 -9.06 13.68 38.26
CA GLY J 19 -10.33 14.36 38.17
C GLY J 19 -10.63 15.22 39.40
N GLY J 20 -10.32 14.71 40.58
CA GLY J 20 -10.46 15.52 41.78
C GLY J 20 -9.58 16.76 41.73
N LEU J 21 -8.34 16.60 41.25
CA LEU J 21 -7.47 17.76 41.07
C LEU J 21 -8.04 18.74 40.07
N TYR J 22 -8.71 18.23 39.02
CA TYR J 22 -9.41 19.12 38.09
C TYR J 22 -10.52 19.91 38.78
N LEU J 23 -11.31 19.24 39.63
CA LEU J 23 -12.44 19.92 40.26
C LEU J 23 -11.97 21.06 41.17
N ILE J 24 -11.05 20.78 42.07
CA ILE J 24 -10.47 21.78 42.97
C ILE J 24 -8.96 21.77 42.75
N GLN J 25 -8.39 22.95 42.55
CA GLN J 25 -6.96 23.11 42.27
C GLN J 25 -6.33 23.92 43.40
N PRO J 26 -6.12 23.31 44.57
CA PRO J 26 -5.52 24.05 45.69
C PRO J 26 -4.03 24.27 45.45
N TRP J 27 -3.60 25.54 45.50
CA TRP J 27 -2.22 25.87 45.19
C TRP J 27 -1.24 25.36 46.24
N GLY J 28 -1.61 25.40 47.52
CA GLY J 28 -0.73 25.01 48.61
C GLY J 28 -1.08 23.71 49.31
N TRP J 29 -1.78 22.79 48.65
CA TRP J 29 -2.16 21.53 49.27
C TRP J 29 -0.93 20.68 49.61
N ALA K 1 -3.35 0.54 -59.15
CA ALA K 1 -3.36 -0.90 -58.93
C ALA K 1 -4.76 -1.46 -59.08
N PRO K 2 -5.00 -2.21 -60.16
CA PRO K 2 -6.31 -2.82 -60.36
C PRO K 2 -6.47 -4.07 -59.51
N PRO K 3 -7.65 -4.69 -59.51
CA PRO K 3 -7.80 -5.99 -58.82
C PRO K 3 -6.83 -7.03 -59.36
N LEU K 4 -6.48 -8.00 -58.53
CA LEU K 4 -5.35 -8.88 -58.81
C LEU K 4 -5.56 -9.81 -60.00
N ASP K 5 -6.74 -9.82 -60.60
CA ASP K 5 -6.94 -10.53 -61.86
C ASP K 5 -6.83 -9.63 -63.08
N PHE K 6 -6.37 -8.39 -62.89
CA PHE K 6 -6.00 -7.51 -63.98
C PHE K 6 -4.50 -7.25 -63.92
N PRO K 7 -3.74 -7.62 -64.95
CA PRO K 7 -2.29 -7.42 -64.90
C PRO K 7 -1.92 -5.95 -64.74
N LEU K 8 -0.89 -5.70 -63.95
CA LEU K 8 -0.38 -4.35 -63.79
C LEU K 8 0.23 -3.88 -65.10
N PRO K 9 0.04 -2.61 -65.47
CA PRO K 9 0.44 -2.17 -66.82
C PRO K 9 1.94 -2.19 -67.09
N GLY K 10 2.74 -1.53 -66.25
CA GLY K 10 4.10 -1.21 -66.62
C GLY K 10 5.19 -2.14 -66.12
N VAL K 11 4.83 -3.38 -65.77
CA VAL K 11 5.80 -4.31 -65.20
C VAL K 11 6.80 -4.74 -66.26
N THR K 12 8.01 -5.07 -65.82
CA THR K 12 9.08 -5.55 -66.68
C THR K 12 9.28 -7.05 -66.46
N LEU K 13 9.26 -7.81 -67.54
CA LEU K 13 9.38 -9.24 -67.33
C LEU K 13 10.76 -9.74 -67.74
N PRO K 14 11.25 -10.80 -67.12
CA PRO K 14 12.56 -11.35 -67.48
C PRO K 14 12.45 -12.39 -68.59
N SER K 15 13.60 -12.94 -68.96
CA SER K 15 13.66 -13.91 -70.04
C SER K 15 13.40 -15.31 -69.51
N PRO K 16 12.33 -15.97 -69.96
CA PRO K 16 12.01 -17.30 -69.41
C PRO K 16 13.08 -18.34 -69.70
N LEU K 17 13.29 -19.23 -68.74
CA LEU K 17 14.21 -20.33 -68.92
C LEU K 17 13.64 -21.36 -69.89
N PRO K 18 14.50 -22.10 -70.59
CA PRO K 18 14.01 -23.17 -71.46
C PRO K 18 13.33 -24.27 -70.67
N ASP K 19 12.65 -25.16 -71.40
CA ASP K 19 11.93 -26.24 -70.74
C ASP K 19 12.88 -27.31 -70.20
N HIS K 20 14.06 -27.43 -70.80
CA HIS K 20 15.08 -28.36 -70.34
C HIS K 20 16.32 -27.56 -69.95
N VAL K 21 16.82 -27.79 -68.74
CA VAL K 21 17.97 -27.10 -68.20
C VAL K 21 19.05 -28.13 -67.90
N ALA K 22 20.25 -27.88 -68.40
CA ALA K 22 21.36 -28.81 -68.16
C ALA K 22 21.79 -28.76 -66.70
N PRO K 23 21.87 -29.90 -66.02
CA PRO K 23 22.27 -29.89 -64.61
C PRO K 23 23.72 -29.46 -64.43
N GLY K 24 24.00 -28.90 -63.26
CA GLY K 24 25.34 -28.47 -62.94
C GLY K 24 26.16 -29.59 -62.31
N LYS K 25 27.47 -29.37 -62.26
CA LYS K 25 28.39 -30.30 -61.62
C LYS K 25 29.01 -29.64 -60.39
N THR K 26 29.13 -30.42 -59.32
CA THR K 26 29.74 -29.91 -58.10
C THR K 26 31.22 -29.63 -58.34
N ILE K 27 31.67 -28.45 -57.96
CA ILE K 27 33.06 -28.04 -58.11
C ILE K 27 33.68 -27.92 -56.72
N VAL K 28 34.74 -28.66 -56.48
CA VAL K 28 35.44 -28.69 -55.20
C VAL K 28 36.78 -27.99 -55.36
N THR K 29 37.09 -27.09 -54.42
CA THR K 29 38.33 -26.34 -54.45
C THR K 29 38.97 -26.38 -53.07
N THR K 30 40.27 -26.66 -53.03
CA THR K 30 41.01 -26.75 -51.78
C THR K 30 42.08 -25.68 -51.74
N LEU K 31 42.29 -25.10 -50.58
CA LEU K 31 43.23 -24.02 -50.35
C LEU K 31 44.49 -24.54 -49.66
N PRO K 32 45.60 -23.80 -49.72
CA PRO K 32 46.85 -24.31 -49.13
C PRO K 32 46.74 -24.61 -47.64
N ASN K 33 45.89 -23.91 -46.90
CA ASN K 33 45.74 -24.19 -45.47
C ASN K 33 44.87 -25.40 -45.19
N GLY K 34 44.24 -25.99 -46.21
CA GLY K 34 43.46 -27.20 -46.05
C GLY K 34 41.96 -27.03 -46.09
N ILE K 35 41.47 -25.81 -46.24
CA ILE K 35 40.02 -25.59 -46.26
C ILE K 35 39.49 -25.87 -47.66
N LYS K 36 38.29 -26.43 -47.73
CA LYS K 36 37.68 -26.85 -48.98
C LYS K 36 36.48 -25.97 -49.29
N LEU K 37 36.36 -25.55 -50.55
CA LEU K 37 35.24 -24.73 -51.01
C LEU K 37 34.50 -25.48 -52.09
N ALA K 38 33.23 -25.77 -51.85
CA ALA K 38 32.37 -26.42 -52.83
C ALA K 38 31.30 -25.44 -53.29
N SER K 39 30.56 -25.83 -54.33
CA SER K 39 29.48 -24.99 -54.85
C SER K 39 28.60 -25.84 -55.77
N GLU K 40 27.64 -25.18 -56.40
CA GLU K 40 26.70 -25.77 -57.35
C GLU K 40 25.83 -24.65 -57.89
N THR K 41 25.11 -24.92 -58.97
CA THR K 41 24.17 -23.98 -59.57
C THR K 41 22.80 -24.63 -59.65
N SER K 42 21.76 -23.86 -59.33
CA SER K 42 20.39 -24.34 -59.36
C SER K 42 19.50 -23.33 -60.06
N ALA K 43 18.40 -23.82 -60.61
CA ALA K 43 17.51 -22.97 -61.38
C ALA K 43 16.71 -22.02 -60.50
N GLY K 44 16.50 -22.38 -59.23
CA GLY K 44 15.70 -21.58 -58.34
C GLY K 44 16.35 -20.25 -58.02
N PRO K 45 15.54 -19.27 -57.62
CA PRO K 45 16.06 -17.94 -57.29
C PRO K 45 16.67 -17.82 -55.90
N ALA K 46 16.66 -18.88 -55.11
CA ALA K 46 17.13 -18.84 -53.72
C ALA K 46 18.39 -19.65 -53.58
N ALA K 47 19.36 -19.11 -52.84
CA ALA K 47 20.66 -19.75 -52.63
C ALA K 47 20.84 -20.04 -51.15
N SER K 48 21.16 -21.29 -50.83
CA SER K 48 21.44 -21.70 -49.46
C SER K 48 22.94 -21.91 -49.30
N ILE K 49 23.52 -21.27 -48.29
CA ILE K 49 24.95 -21.34 -48.01
C ILE K 49 25.14 -21.88 -46.60
N GLY K 50 26.03 -22.87 -46.46
CA GLY K 50 26.26 -23.51 -45.19
C GLY K 50 27.73 -23.49 -44.81
N LEU K 51 28.01 -24.05 -43.63
CA LEU K 51 29.36 -24.19 -43.14
C LEU K 51 29.39 -25.36 -42.16
N TYR K 52 30.33 -26.27 -42.35
CA TYR K 52 30.38 -27.49 -41.55
C TYR K 52 31.80 -27.68 -40.99
N VAL K 53 31.87 -28.22 -39.78
CA VAL K 53 33.12 -28.42 -39.07
C VAL K 53 33.15 -29.85 -38.53
N ASP K 54 34.35 -30.46 -38.54
CA ASP K 54 34.50 -31.83 -38.07
C ASP K 54 34.37 -31.98 -36.56
N CYS K 55 34.42 -30.89 -35.81
CA CYS K 55 34.25 -30.96 -34.37
C CYS K 55 32.88 -31.54 -34.01
N GLY K 56 32.73 -31.98 -32.78
CA GLY K 56 31.49 -32.59 -32.39
C GLY K 56 31.52 -33.04 -30.94
N SER K 57 30.45 -33.73 -30.54
CA SER K 57 30.26 -34.10 -29.14
C SER K 57 31.24 -35.15 -28.65
N ILE K 58 31.98 -35.80 -29.55
CA ILE K 58 32.93 -36.82 -29.08
C ILE K 58 34.29 -36.22 -28.75
N TYR K 59 34.56 -35.00 -29.21
CA TYR K 59 35.83 -34.34 -28.88
C TYR K 59 35.72 -33.61 -27.56
N GLU K 60 35.25 -34.29 -26.52
CA GLU K 60 35.00 -33.66 -25.22
C GLU K 60 35.73 -34.44 -24.13
N THR K 61 36.73 -33.81 -23.54
CA THR K 61 37.43 -34.35 -22.38
C THR K 61 36.52 -34.26 -21.16
N PRO K 62 36.89 -34.90 -20.04
CA PRO K 62 36.02 -34.84 -18.85
C PRO K 62 35.75 -33.44 -18.32
N LEU K 63 36.56 -32.46 -18.70
CA LEU K 63 36.41 -31.11 -18.17
C LEU K 63 35.39 -30.28 -18.94
N THR K 64 35.12 -30.59 -20.21
CA THR K 64 34.24 -29.75 -21.01
C THR K 64 33.01 -30.50 -21.51
N PHE K 65 32.35 -31.25 -20.63
CA PHE K 65 31.11 -31.91 -21.01
C PHE K 65 30.01 -30.90 -21.29
N GLY K 66 29.18 -31.21 -22.27
CA GLY K 66 28.05 -30.36 -22.61
C GLY K 66 28.41 -29.03 -23.24
N ALA K 67 29.60 -28.91 -23.83
CA ALA K 67 29.98 -27.64 -24.46
C ALA K 67 29.29 -27.45 -25.80
N THR K 68 29.04 -28.55 -26.52
CA THR K 68 28.48 -28.43 -27.86
C THR K 68 27.02 -27.99 -27.83
N HIS K 69 26.29 -28.31 -26.77
CA HIS K 69 24.92 -27.82 -26.67
C HIS K 69 24.88 -26.30 -26.59
N LEU K 70 25.76 -25.71 -25.77
CA LEU K 70 25.83 -24.24 -25.73
C LEU K 70 26.37 -23.68 -27.03
N LEU K 71 27.38 -24.32 -27.63
CA LEU K 71 27.85 -23.85 -28.92
C LEU K 71 26.73 -23.82 -29.95
N GLU K 72 25.77 -24.74 -29.84
CA GLU K 72 24.54 -24.61 -30.60
C GLU K 72 23.74 -23.41 -30.15
N ARG K 73 23.65 -23.18 -28.84
CA ARG K 73 22.83 -22.09 -28.33
C ARG K 73 23.48 -20.72 -28.50
N MET K 74 24.79 -20.64 -28.38
CA MET K 74 25.53 -19.39 -28.62
C MET K 74 25.94 -19.27 -30.08
N ALA K 75 24.97 -19.41 -30.98
CA ALA K 75 25.30 -19.58 -32.40
C ALA K 75 25.69 -18.26 -33.07
N PHE K 76 24.75 -17.31 -33.14
CA PHE K 76 24.94 -16.07 -33.88
C PHE K 76 24.72 -14.91 -32.92
N LYS K 77 25.77 -14.54 -32.19
CA LYS K 77 25.67 -13.56 -31.14
C LYS K 77 26.86 -12.63 -31.25
N SER K 78 27.09 -11.85 -30.20
CA SER K 78 28.09 -10.78 -30.23
C SER K 78 29.44 -11.30 -30.68
N THR K 79 29.90 -10.82 -31.84
CA THR K 79 31.19 -11.19 -32.37
C THR K 79 32.19 -10.07 -32.11
N ARG K 80 33.40 -10.24 -32.66
CA ARG K 80 34.46 -9.28 -32.42
C ARG K 80 34.26 -7.99 -33.21
N ASN K 81 33.41 -8.00 -34.22
CA ASN K 81 33.27 -6.87 -35.13
C ASN K 81 31.91 -6.21 -35.09
N ARG K 82 30.88 -6.90 -34.63
CA ARG K 82 29.54 -6.31 -34.54
C ARG K 82 28.79 -6.98 -33.40
N THR K 83 27.77 -6.29 -32.89
CA THR K 83 27.07 -6.75 -31.71
C THR K 83 25.93 -7.68 -32.09
N HIS K 84 25.23 -8.20 -31.07
CA HIS K 84 24.08 -9.04 -31.29
C HIS K 84 22.96 -8.27 -31.97
N PHE K 85 22.82 -6.99 -31.62
CA PHE K 85 21.85 -6.12 -32.27
C PHE K 85 22.14 -6.01 -33.76
N ARG K 86 23.40 -5.74 -34.11
CA ARG K 86 23.77 -5.62 -35.52
C ARG K 86 23.47 -6.91 -36.27
N VAL K 87 23.87 -8.05 -35.71
CA VAL K 87 23.69 -9.32 -36.42
C VAL K 87 22.22 -9.55 -36.70
N VAL K 88 21.38 -9.45 -35.66
CA VAL K 88 19.96 -9.72 -35.86
C VAL K 88 19.37 -8.73 -36.85
N ARG K 89 19.77 -7.47 -36.76
CA ARG K 89 19.09 -6.46 -37.54
C ARG K 89 19.53 -6.47 -39.01
N GLU K 90 20.78 -6.81 -39.31
CA GLU K 90 21.16 -7.05 -40.70
C GLU K 90 20.43 -8.26 -41.28
N VAL K 91 20.41 -9.37 -40.53
CA VAL K 91 19.76 -10.57 -41.06
C VAL K 91 18.32 -10.27 -41.39
N GLU K 92 17.62 -9.52 -40.52
CA GLU K 92 16.26 -9.13 -40.85
C GLU K 92 16.20 -8.10 -41.97
N ALA K 93 17.25 -7.29 -42.11
CA ALA K 93 17.27 -6.28 -43.17
C ALA K 93 17.22 -6.93 -44.55
N ILE K 94 17.97 -8.01 -44.75
CA ILE K 94 17.94 -8.65 -46.08
C ILE K 94 16.83 -9.69 -46.20
N GLY K 95 16.25 -10.16 -45.10
CA GLY K 95 15.18 -11.12 -45.15
C GLY K 95 15.58 -12.57 -44.99
N GLY K 96 16.84 -12.86 -44.68
CA GLY K 96 17.29 -14.23 -44.62
C GLY K 96 16.96 -14.92 -43.30
N ASN K 97 17.13 -16.24 -43.32
CA ASN K 97 16.92 -17.10 -42.16
C ASN K 97 18.23 -17.77 -41.80
N VAL K 98 18.52 -17.86 -40.50
CA VAL K 98 19.81 -18.34 -40.03
C VAL K 98 19.56 -19.37 -38.93
N GLN K 99 20.33 -20.47 -38.95
CA GLN K 99 20.15 -21.56 -38.00
C GLN K 99 21.51 -22.20 -37.70
N ALA K 100 21.49 -23.16 -36.78
CA ALA K 100 22.67 -23.92 -36.41
C ALA K 100 22.22 -25.25 -35.82
N SER K 101 23.13 -26.22 -35.81
CA SER K 101 22.78 -27.56 -35.32
C SER K 101 24.03 -28.27 -34.86
N ALA K 102 23.85 -29.21 -33.94
CA ALA K 102 24.94 -30.02 -33.40
C ALA K 102 24.49 -31.47 -33.29
N SER K 103 25.43 -32.38 -33.53
CA SER K 103 25.21 -33.81 -33.37
C SER K 103 26.47 -34.42 -32.76
N ARG K 104 26.53 -35.75 -32.73
CA ARG K 104 27.65 -36.42 -32.09
C ARG K 104 28.94 -36.34 -32.90
N GLU K 105 28.90 -35.91 -34.15
CA GLU K 105 30.10 -36.01 -34.97
C GLU K 105 30.48 -34.71 -35.68
N GLN K 106 29.51 -33.87 -36.01
CA GLN K 106 29.85 -32.68 -36.78
C GLN K 106 28.87 -31.56 -36.51
N MET K 107 29.36 -30.33 -36.68
CA MET K 107 28.63 -29.10 -36.42
C MET K 107 28.13 -28.50 -37.73
N GLY K 108 27.06 -27.72 -37.64
CA GLY K 108 26.53 -27.06 -38.82
C GLY K 108 25.99 -25.67 -38.59
N TYR K 109 26.27 -24.76 -39.53
CA TYR K 109 25.68 -23.43 -39.54
C TYR K 109 25.09 -23.16 -40.92
N THR K 110 23.91 -22.55 -40.95
CA THR K 110 23.16 -22.38 -42.19
C THR K 110 22.68 -20.94 -42.31
N PHE K 111 22.54 -20.48 -43.55
CA PHE K 111 22.05 -19.13 -43.81
C PHE K 111 21.59 -19.08 -45.26
N ASP K 112 20.29 -18.84 -45.48
CA ASP K 112 19.74 -18.80 -46.83
C ASP K 112 18.87 -17.57 -47.04
N ALA K 113 18.90 -17.06 -48.27
CA ALA K 113 18.17 -15.86 -48.66
C ALA K 113 17.97 -15.90 -50.17
N LEU K 114 17.60 -14.76 -50.75
CA LEU K 114 17.51 -14.66 -52.20
C LEU K 114 18.90 -14.53 -52.80
N LYS K 115 18.99 -14.77 -54.11
CA LYS K 115 20.29 -15.01 -54.73
C LYS K 115 21.13 -13.74 -54.88
N THR K 116 20.53 -12.56 -54.88
CA THR K 116 21.30 -11.34 -55.08
C THR K 116 22.08 -10.92 -53.84
N HIS K 117 22.07 -11.72 -52.77
CA HIS K 117 22.64 -11.34 -51.49
C HIS K 117 23.82 -12.21 -51.09
N VAL K 118 24.50 -12.82 -52.06
CA VAL K 118 25.53 -13.81 -51.74
C VAL K 118 26.70 -13.21 -50.96
N PRO K 119 27.33 -12.11 -51.38
CA PRO K 119 28.49 -11.60 -50.63
C PRO K 119 28.17 -11.28 -49.18
N GLU K 120 26.98 -10.70 -48.95
CA GLU K 120 26.58 -10.36 -47.59
C GLU K 120 26.42 -11.61 -46.74
N MET K 121 25.78 -12.64 -47.29
CA MET K 121 25.62 -13.89 -46.56
C MET K 121 26.95 -14.50 -46.21
N VAL K 122 27.86 -14.58 -47.18
CA VAL K 122 29.17 -15.19 -46.93
C VAL K 122 29.92 -14.42 -45.86
N GLU K 123 29.95 -13.10 -45.97
CA GLU K 123 30.69 -12.29 -45.02
C GLU K 123 30.13 -12.45 -43.61
N LEU K 124 28.81 -12.37 -43.45
CA LEU K 124 28.21 -12.51 -42.13
C LEU K 124 28.47 -13.88 -41.54
N LEU K 125 28.35 -14.93 -42.35
CA LEU K 125 28.54 -16.29 -41.85
C LEU K 125 29.98 -16.51 -41.39
N VAL K 126 30.94 -16.11 -42.22
CA VAL K 126 32.34 -16.31 -41.85
C VAL K 126 32.69 -15.50 -40.61
N ASP K 127 32.13 -14.29 -40.49
CA ASP K 127 32.40 -13.49 -39.30
C ASP K 127 31.80 -14.12 -38.05
N CYS K 128 30.57 -14.65 -38.16
CA CYS K 128 29.92 -15.22 -36.99
C CYS K 128 30.49 -16.58 -36.61
N VAL K 129 31.24 -17.23 -37.49
CA VAL K 129 31.77 -18.54 -37.15
C VAL K 129 33.25 -18.45 -36.78
N ARG K 130 33.97 -17.50 -37.37
CA ARG K 130 35.42 -17.47 -37.22
C ARG K 130 35.89 -16.62 -36.04
N ASN K 131 35.23 -15.50 -35.76
CA ASN K 131 35.75 -14.55 -34.78
C ASN K 131 34.80 -14.26 -33.63
N PRO K 132 34.28 -15.27 -32.94
CA PRO K 132 33.32 -15.00 -31.87
C PRO K 132 34.00 -14.57 -30.58
N VAL K 133 33.23 -13.88 -29.74
CA VAL K 133 33.62 -13.50 -28.39
C VAL K 133 32.48 -13.91 -27.47
N PHE K 134 32.81 -14.57 -26.37
CA PHE K 134 31.82 -15.11 -25.45
C PHE K 134 31.77 -14.25 -24.20
N LEU K 135 30.92 -13.22 -24.23
CA LEU K 135 30.71 -12.39 -23.05
C LEU K 135 29.86 -13.13 -22.03
N ASP K 136 30.03 -12.77 -20.76
CA ASP K 136 29.52 -13.60 -19.68
C ASP K 136 28.00 -13.52 -19.55
N TRP K 137 27.42 -12.34 -19.75
CA TRP K 137 25.98 -12.20 -19.50
C TRP K 137 25.13 -12.97 -20.51
N GLU K 138 25.53 -13.00 -21.78
CA GLU K 138 24.82 -13.80 -22.76
C GLU K 138 24.92 -15.29 -22.43
N VAL K 139 26.10 -15.73 -22.00
CA VAL K 139 26.28 -17.13 -21.63
C VAL K 139 25.39 -17.48 -20.44
N ASN K 140 25.30 -16.58 -19.46
CA ASN K 140 24.43 -16.84 -18.31
C ASN K 140 22.97 -16.95 -18.72
N GLU K 141 22.52 -16.06 -19.62
CA GLU K 141 21.16 -16.15 -20.11
C GLU K 141 20.90 -17.50 -20.78
N GLN K 142 21.84 -17.94 -21.63
CA GLN K 142 21.66 -19.22 -22.31
C GLN K 142 21.67 -20.39 -21.33
N LEU K 143 22.53 -20.34 -20.31
CA LEU K 143 22.57 -21.41 -19.33
C LEU K 143 21.27 -21.48 -18.53
N LEU K 144 20.70 -20.33 -18.20
CA LEU K 144 19.39 -20.32 -17.54
C LEU K 144 18.35 -20.97 -18.45
N LYS K 145 18.36 -20.63 -19.74
CA LYS K 145 17.42 -21.26 -20.67
C LYS K 145 17.59 -22.77 -20.69
N VAL K 146 18.85 -23.23 -20.74
CA VAL K 146 19.13 -24.66 -20.82
C VAL K 146 18.63 -25.38 -19.56
N LYS K 147 18.90 -24.79 -18.38
CA LYS K 147 18.44 -25.42 -17.15
C LYS K 147 16.91 -25.48 -17.09
N ALA K 148 16.24 -24.40 -17.51
CA ALA K 148 14.78 -24.40 -17.51
C ALA K 148 14.24 -25.47 -18.44
N GLU K 149 14.88 -25.66 -19.59
CA GLU K 149 14.45 -26.74 -20.50
C GLU K 149 14.69 -28.11 -19.88
N VAL K 150 15.86 -28.31 -19.27
CA VAL K 150 16.20 -29.59 -18.67
C VAL K 150 15.21 -29.93 -17.56
N GLY K 151 14.68 -28.91 -16.88
CA GLY K 151 13.66 -29.15 -15.87
C GLY K 151 12.39 -29.79 -16.41
N GLU K 152 12.20 -29.77 -17.74
CA GLU K 152 11.02 -30.36 -18.35
C GLU K 152 11.36 -31.16 -19.61
N ALA K 153 12.57 -31.71 -19.69
CA ALA K 153 13.04 -32.40 -20.89
C ALA K 153 12.77 -33.90 -20.87
N SER K 154 11.76 -34.35 -20.14
CA SER K 154 11.37 -35.76 -20.11
C SER K 154 10.13 -36.05 -20.94
N LYS K 155 9.69 -35.11 -21.78
CA LYS K 155 8.50 -35.33 -22.58
C LYS K 155 8.79 -36.13 -23.85
N ASN K 156 10.05 -36.35 -24.18
CA ASN K 156 10.41 -37.00 -25.43
C ASN K 156 11.10 -38.33 -25.15
N PRO K 157 10.33 -39.41 -24.92
CA PRO K 157 10.97 -40.68 -24.57
C PRO K 157 11.80 -41.29 -25.69
N GLN K 158 11.56 -40.93 -26.94
CA GLN K 158 12.32 -41.54 -28.04
C GLN K 158 13.79 -41.13 -27.99
N ASP K 159 14.05 -39.83 -27.89
CA ASP K 159 15.43 -39.38 -27.76
C ASP K 159 16.04 -39.84 -26.44
N LEU K 160 15.22 -39.96 -25.39
CA LEU K 160 15.72 -40.46 -24.12
C LEU K 160 16.22 -41.90 -24.29
N LEU K 161 15.45 -42.74 -24.98
CA LEU K 161 15.89 -44.11 -25.22
C LEU K 161 17.11 -44.15 -26.12
N LEU K 162 17.17 -43.28 -27.14
CA LEU K 162 18.34 -43.26 -28.00
C LEU K 162 19.60 -42.91 -27.22
N GLU K 163 19.51 -41.91 -26.34
CA GLU K 163 20.66 -41.56 -25.51
C GLU K 163 21.01 -42.67 -24.53
N ALA K 164 20.00 -43.33 -23.96
CA ALA K 164 20.25 -44.45 -23.06
C ALA K 164 20.95 -45.59 -23.79
N ILE K 165 20.53 -45.87 -25.03
CA ILE K 165 21.17 -46.90 -25.83
C ILE K 165 22.62 -46.53 -26.11
N HIS K 166 22.85 -45.28 -26.52
CA HIS K 166 24.23 -44.88 -26.81
C HIS K 166 25.08 -44.80 -25.56
N SER K 167 24.48 -44.73 -24.39
CA SER K 167 25.24 -44.81 -23.15
C SER K 167 25.58 -46.25 -22.80
N ALA K 168 24.56 -47.09 -22.66
CA ALA K 168 24.78 -48.46 -22.22
C ALA K 168 25.55 -49.29 -23.25
N GLY K 169 25.09 -49.26 -24.50
CA GLY K 169 25.67 -50.12 -25.53
C GLY K 169 27.08 -49.74 -25.95
N TYR K 170 27.54 -48.55 -25.59
CA TYR K 170 28.87 -48.10 -25.95
C TYR K 170 29.66 -47.74 -24.70
N SER K 171 30.98 -47.69 -24.84
CA SER K 171 31.86 -47.39 -23.73
C SER K 171 32.94 -46.37 -24.03
N GLY K 172 33.20 -46.06 -25.29
CA GLY K 172 34.25 -45.14 -25.68
C GLY K 172 33.75 -43.72 -25.80
N ALA K 173 34.26 -43.01 -26.81
CA ALA K 173 33.87 -41.62 -27.02
C ALA K 173 32.39 -41.51 -27.39
N LEU K 174 31.88 -42.47 -28.16
CA LEU K 174 30.48 -42.46 -28.56
C LEU K 174 29.52 -42.63 -27.39
N ALA K 175 30.02 -42.83 -26.18
CA ALA K 175 29.18 -42.89 -24.99
C ALA K 175 29.02 -41.54 -24.31
N ASN K 176 29.70 -40.50 -24.79
CA ASN K 176 29.60 -39.19 -24.19
C ASN K 176 28.17 -38.66 -24.33
N PRO K 177 27.71 -37.83 -23.40
CA PRO K 177 26.37 -37.27 -23.51
C PRO K 177 26.30 -36.18 -24.56
N LEU K 178 25.17 -36.14 -25.27
CA LEU K 178 24.92 -35.07 -26.23
C LEU K 178 24.06 -33.97 -25.61
N LEU K 179 22.91 -34.33 -25.07
CA LEU K 179 22.12 -33.41 -24.26
C LEU K 179 22.65 -33.44 -22.84
N ALA K 180 23.15 -32.30 -22.36
CA ALA K 180 24.05 -32.27 -21.21
C ALA K 180 23.31 -32.48 -19.90
N SER K 181 24.08 -32.61 -18.83
CA SER K 181 23.61 -32.83 -17.47
C SER K 181 24.02 -31.63 -16.59
N GLU K 182 23.43 -31.59 -15.39
CA GLU K 182 23.45 -30.36 -14.60
C GLU K 182 24.84 -30.02 -14.07
N SER K 183 25.70 -31.00 -13.82
CA SER K 183 27.01 -30.71 -13.24
C SER K 183 27.88 -29.91 -14.22
N ALA K 184 27.98 -30.37 -15.46
CA ALA K 184 28.70 -29.61 -16.47
C ALA K 184 28.11 -28.22 -16.63
N LEU K 185 26.78 -28.11 -16.54
CA LEU K 185 26.13 -26.81 -16.64
C LEU K 185 26.60 -25.88 -15.53
N ASN K 186 26.69 -26.39 -14.30
CA ASN K 186 27.27 -25.59 -13.22
C ASN K 186 28.75 -25.33 -13.45
N GLY K 187 29.42 -26.13 -14.27
CA GLY K 187 30.84 -25.96 -14.50
C GLY K 187 31.21 -25.09 -15.69
N LEU K 188 30.25 -24.73 -16.53
CA LEU K 188 30.53 -24.04 -17.79
C LEU K 188 30.46 -22.53 -17.63
N ASN K 189 31.30 -21.83 -18.41
CA ASN K 189 31.32 -20.38 -18.46
C ASN K 189 31.92 -19.97 -19.80
N GLY K 190 32.28 -18.69 -19.92
CA GLY K 190 32.79 -18.21 -21.19
C GLY K 190 34.13 -18.80 -21.58
N SER K 191 35.04 -18.94 -20.61
CA SER K 191 36.40 -19.37 -20.91
C SER K 191 36.42 -20.81 -21.46
N ILE K 192 35.55 -21.67 -20.94
CA ILE K 192 35.52 -23.05 -21.40
C ILE K 192 35.12 -23.12 -22.87
N LEU K 193 34.05 -22.41 -23.23
CA LEU K 193 33.61 -22.40 -24.61
C LEU K 193 34.67 -21.76 -25.51
N GLU K 194 35.30 -20.69 -25.04
CA GLU K 194 36.36 -20.06 -25.82
C GLU K 194 37.51 -21.01 -26.11
N GLU K 195 37.96 -21.75 -25.10
CA GLU K 195 39.07 -22.68 -25.32
C GLU K 195 38.65 -23.83 -26.21
N PHE K 196 37.42 -24.33 -26.03
CA PHE K 196 36.91 -25.40 -26.89
C PHE K 196 36.94 -24.97 -28.36
N VAL K 197 36.39 -23.78 -28.65
CA VAL K 197 36.36 -23.29 -30.02
C VAL K 197 37.76 -23.07 -30.55
N ALA K 198 38.63 -22.45 -29.74
CA ALA K 198 39.98 -22.19 -30.21
C ALA K 198 40.71 -23.47 -30.55
N GLU K 199 40.49 -24.53 -29.77
CA GLU K 199 41.19 -25.78 -30.02
C GLU K 199 40.64 -26.53 -31.23
N ASN K 200 39.32 -26.59 -31.38
CA ASN K 200 38.72 -27.56 -32.29
C ASN K 200 38.22 -26.99 -33.61
N TYR K 201 38.16 -25.67 -33.78
CA TYR K 201 37.71 -25.10 -35.05
C TYR K 201 38.92 -24.69 -35.89
N THR K 202 39.67 -25.69 -36.34
CA THR K 202 40.86 -25.44 -37.14
C THR K 202 40.51 -25.43 -38.63
N ALA K 203 41.49 -25.01 -39.43
CA ALA K 203 41.26 -24.89 -40.87
C ALA K 203 40.97 -26.21 -41.57
N PRO K 204 41.75 -27.29 -41.39
CA PRO K 204 41.52 -28.49 -42.20
C PRO K 204 40.17 -29.15 -41.96
N ARG K 205 39.43 -28.76 -40.92
CA ARG K 205 38.16 -29.39 -40.58
C ARG K 205 36.95 -28.57 -41.02
N ILE K 206 37.15 -27.56 -41.86
CA ILE K 206 36.07 -26.67 -42.28
C ILE K 206 35.84 -26.83 -43.78
N VAL K 207 34.58 -26.70 -44.19
CA VAL K 207 34.22 -26.73 -45.60
C VAL K 207 32.94 -25.91 -45.81
N LEU K 208 32.99 -24.99 -46.78
CA LEU K 208 31.78 -24.33 -47.22
C LEU K 208 31.02 -25.20 -48.22
N ALA K 209 29.78 -24.81 -48.50
CA ALA K 209 28.96 -25.50 -49.48
C ALA K 209 27.81 -24.59 -49.88
N ALA K 210 27.73 -24.28 -51.18
CA ALA K 210 26.68 -23.45 -51.71
C ALA K 210 25.80 -24.27 -52.64
N SER K 211 24.49 -23.98 -52.62
CA SER K 211 23.55 -24.71 -53.45
C SER K 211 22.95 -23.90 -54.58
N GLY K 212 23.25 -22.60 -54.66
CA GLY K 212 22.74 -21.81 -55.76
C GLY K 212 23.68 -20.73 -56.25
N VAL K 213 24.98 -20.94 -56.04
CA VAL K 213 25.98 -19.90 -56.27
C VAL K 213 26.98 -20.39 -57.31
N GLU K 214 27.13 -19.62 -58.39
CA GLU K 214 28.18 -19.91 -59.36
C GLU K 214 29.54 -19.78 -58.67
N HIS K 215 30.48 -20.64 -59.08
CA HIS K 215 31.68 -20.85 -58.29
C HIS K 215 32.52 -19.58 -58.18
N GLU K 216 32.57 -18.77 -59.24
CA GLU K 216 33.48 -17.63 -59.24
C GLU K 216 33.10 -16.61 -58.16
N GLU K 217 31.80 -16.33 -58.01
CA GLU K 217 31.35 -15.39 -56.98
C GLU K 217 31.85 -15.82 -55.60
N LEU K 218 31.46 -17.03 -55.18
CA LEU K 218 31.78 -17.49 -53.84
C LEU K 218 33.29 -17.61 -53.65
N LEU K 219 34.01 -18.02 -54.68
CA LEU K 219 35.46 -18.13 -54.55
C LEU K 219 36.09 -16.76 -54.34
N SER K 220 35.75 -15.78 -55.19
CA SER K 220 36.34 -14.46 -55.06
C SER K 220 35.89 -13.77 -53.78
N ILE K 221 34.79 -14.21 -53.18
CA ILE K 221 34.36 -13.61 -51.92
C ILE K 221 35.05 -14.27 -50.74
N ALA K 222 35.18 -15.60 -50.77
CA ALA K 222 35.70 -16.33 -49.62
C ALA K 222 37.23 -16.39 -49.57
N GLU K 223 37.92 -16.11 -50.68
CA GLU K 223 39.38 -16.08 -50.61
C GLU K 223 39.93 -15.02 -49.67
N PRO K 224 39.50 -13.75 -49.73
CA PRO K 224 40.09 -12.75 -48.81
C PRO K 224 39.86 -13.04 -47.35
N LEU K 225 38.74 -13.67 -46.99
CA LEU K 225 38.40 -13.86 -45.59
C LEU K 225 38.94 -15.15 -45.00
N LEU K 226 38.90 -16.25 -45.77
CA LEU K 226 39.20 -17.57 -45.22
C LEU K 226 40.62 -18.04 -45.53
N SER K 227 41.47 -17.18 -46.07
CA SER K 227 42.83 -17.59 -46.40
C SER K 227 43.83 -17.32 -45.28
N ASP K 228 43.37 -16.82 -44.12
CA ASP K 228 44.27 -16.45 -43.03
C ASP K 228 44.35 -17.49 -41.92
N LEU K 229 43.50 -18.49 -41.93
CA LEU K 229 43.51 -19.48 -40.86
C LEU K 229 44.83 -20.25 -40.88
N PRO K 230 45.54 -20.32 -39.76
CA PRO K 230 46.87 -20.97 -39.76
C PRO K 230 46.77 -22.47 -39.99
N ASN K 231 47.90 -23.03 -40.42
CA ASN K 231 47.97 -24.44 -40.79
C ASN K 231 48.33 -25.29 -39.58
N VAL K 232 47.58 -26.37 -39.38
CA VAL K 232 47.75 -27.27 -38.23
C VAL K 232 47.30 -28.66 -38.66
N PRO K 233 48.03 -29.72 -38.31
CA PRO K 233 47.62 -31.07 -38.76
C PRO K 233 46.55 -31.68 -37.88
N ARG K 234 45.48 -32.17 -38.51
CA ARG K 234 44.32 -32.76 -37.85
C ARG K 234 44.72 -33.84 -36.84
N PRO K 235 44.42 -33.64 -35.56
CA PRO K 235 44.67 -34.71 -34.57
C PRO K 235 43.85 -35.95 -34.89
N GLU K 236 44.33 -37.10 -34.45
CA GLU K 236 43.67 -38.36 -34.74
C GLU K 236 42.31 -38.43 -34.02
N GLU K 237 41.46 -39.29 -34.53
CA GLU K 237 40.12 -39.47 -34.00
C GLU K 237 40.17 -40.34 -32.74
N PRO K 238 39.28 -40.07 -31.76
CA PRO K 238 39.26 -40.91 -30.56
C PRO K 238 38.83 -42.34 -30.84
N LYS K 239 38.72 -43.16 -29.80
CA LYS K 239 38.40 -44.56 -30.05
C LYS K 239 37.14 -44.93 -29.31
N SER K 240 36.26 -45.65 -30.01
CA SER K 240 35.07 -46.23 -29.42
C SER K 240 35.01 -47.70 -29.77
N VAL K 241 34.51 -48.50 -28.84
CA VAL K 241 34.32 -49.92 -29.04
C VAL K 241 32.88 -50.27 -28.69
N TYR K 242 32.37 -51.34 -29.30
CA TYR K 242 31.02 -51.81 -29.00
C TYR K 242 31.10 -52.94 -27.99
N THR K 243 30.39 -52.80 -26.89
CA THR K 243 30.28 -53.83 -25.87
C THR K 243 28.81 -54.09 -25.60
N GLY K 244 28.54 -55.19 -24.92
CA GLY K 244 27.21 -55.42 -24.39
C GLY K 244 26.84 -54.37 -23.36
N GLY K 245 25.65 -54.51 -22.81
CA GLY K 245 25.27 -53.60 -21.75
C GLY K 245 23.80 -53.70 -21.43
N ASP K 246 23.40 -52.94 -20.42
CA ASP K 246 22.01 -52.85 -20.01
C ASP K 246 21.84 -51.58 -19.22
N TYR K 247 20.67 -50.96 -19.38
CA TYR K 247 20.34 -49.75 -18.66
C TYR K 247 18.89 -49.84 -18.25
N ARG K 248 18.55 -49.23 -17.12
CA ARG K 248 17.22 -49.39 -16.56
C ARG K 248 16.91 -48.22 -15.67
N CYS K 249 15.71 -47.65 -15.83
CA CYS K 249 15.23 -46.59 -14.96
C CYS K 249 13.71 -46.61 -15.04
N HIS K 250 13.07 -47.17 -14.01
CA HIS K 250 11.62 -47.14 -13.93
C HIS K 250 11.16 -45.70 -13.85
N THR K 251 10.03 -45.41 -14.51
CA THR K 251 9.52 -44.05 -14.55
C THR K 251 9.23 -43.54 -13.14
N GLU K 252 9.03 -42.23 -13.05
CA GLU K 252 8.79 -41.59 -11.77
C GLU K 252 7.50 -42.13 -11.15
N SER K 253 7.50 -42.21 -9.82
CA SER K 253 6.28 -42.59 -9.11
C SER K 253 5.16 -41.57 -9.30
N GLY K 254 5.47 -40.38 -9.80
CA GLY K 254 4.45 -39.41 -10.17
C GLY K 254 3.78 -39.68 -11.50
N HIS K 255 4.15 -40.77 -12.18
CA HIS K 255 3.55 -41.17 -13.44
C HIS K 255 2.92 -42.55 -13.41
N ILE K 256 3.02 -43.27 -12.29
CA ILE K 256 2.70 -44.70 -12.28
C ILE K 256 1.19 -44.92 -12.34
N LEU K 257 0.43 -44.16 -11.53
CA LEU K 257 -1.01 -44.44 -11.42
C LEU K 257 -1.77 -44.17 -12.71
N ASN K 258 -1.19 -43.41 -13.64
CA ASN K 258 -1.86 -43.05 -14.87
C ASN K 258 -1.76 -44.14 -15.94
N GLY K 259 -1.08 -45.24 -15.64
CA GLY K 259 -0.85 -46.27 -16.63
C GLY K 259 0.30 -45.91 -17.54
N GLN K 260 1.46 -45.62 -16.96
CA GLN K 260 2.63 -45.26 -17.74
C GLN K 260 3.00 -46.40 -18.69
N ARG K 261 3.30 -46.03 -19.93
CA ARG K 261 3.65 -47.00 -20.96
C ARG K 261 4.97 -47.67 -20.63
N THR K 262 5.38 -48.65 -21.44
CA THR K 262 6.70 -49.23 -21.36
C THR K 262 7.47 -48.91 -22.63
N HIS K 263 8.76 -48.63 -22.47
CA HIS K 263 9.62 -48.27 -23.60
C HIS K 263 10.89 -49.09 -23.49
N PHE K 264 11.25 -49.82 -24.53
CA PHE K 264 12.49 -50.60 -24.52
C PHE K 264 12.94 -50.82 -25.96
N ALA K 265 14.22 -51.16 -26.10
CA ALA K 265 14.83 -51.24 -27.41
C ALA K 265 15.90 -52.32 -27.41
N LEU K 266 16.48 -52.56 -28.58
CA LEU K 266 17.59 -53.49 -28.78
C LEU K 266 18.64 -52.80 -29.63
N ALA K 267 19.78 -53.48 -29.84
CA ALA K 267 20.82 -52.88 -30.66
C ALA K 267 21.80 -53.95 -31.13
N PHE K 268 22.49 -53.62 -32.22
CA PHE K 268 23.59 -54.40 -32.77
C PHE K 268 24.51 -53.42 -33.48
N GLU K 269 25.58 -53.94 -34.10
CA GLU K 269 26.52 -53.06 -34.78
C GLU K 269 27.07 -53.72 -36.03
N LEU K 270 27.74 -52.91 -36.85
CA LEU K 270 28.40 -53.35 -38.06
C LEU K 270 29.80 -52.74 -38.04
N PRO K 271 30.86 -53.53 -38.27
CA PRO K 271 32.21 -53.01 -38.00
C PRO K 271 32.59 -51.79 -38.82
N GLY K 272 32.02 -51.63 -40.01
CA GLY K 272 32.38 -50.50 -40.85
C GLY K 272 31.19 -49.64 -41.22
N GLY K 273 31.34 -48.33 -41.10
CA GLY K 273 30.24 -47.43 -41.33
C GLY K 273 30.11 -47.00 -42.78
N TRP K 274 30.15 -45.69 -43.03
CA TRP K 274 29.93 -45.18 -44.37
C TRP K 274 31.05 -45.60 -45.32
N HIS K 275 32.17 -46.07 -44.78
CA HIS K 275 33.23 -46.60 -45.61
C HIS K 275 32.94 -48.00 -46.13
N LYS K 276 32.01 -48.71 -45.51
CA LYS K 276 31.44 -49.93 -46.08
C LYS K 276 30.15 -49.56 -46.80
N LEU K 277 30.33 -48.88 -47.93
CA LEU K 277 29.29 -48.29 -48.75
C LEU K 277 28.18 -49.27 -49.12
N LYS K 278 28.54 -50.32 -49.84
CA LYS K 278 27.59 -51.35 -50.27
C LYS K 278 26.98 -52.05 -49.08
N ASP K 279 27.69 -52.08 -47.96
CA ASP K 279 27.09 -52.57 -46.72
C ASP K 279 26.10 -51.57 -46.16
N ALA K 280 26.42 -50.28 -46.27
CA ALA K 280 25.56 -49.25 -45.69
C ALA K 280 24.22 -49.19 -46.38
N MET K 281 24.20 -49.22 -47.72
CA MET K 281 22.91 -49.18 -48.39
C MET K 281 22.13 -50.48 -48.25
N VAL K 282 22.81 -51.61 -48.09
CA VAL K 282 22.08 -52.84 -47.74
C VAL K 282 21.41 -52.68 -46.38
N LEU K 283 22.11 -52.07 -45.42
CA LEU K 283 21.51 -51.81 -44.12
C LEU K 283 20.32 -50.87 -44.25
N THR K 284 20.43 -49.86 -45.11
CA THR K 284 19.35 -48.90 -45.30
C THR K 284 18.11 -49.56 -45.90
N VAL K 285 18.30 -50.38 -46.92
CA VAL K 285 17.16 -51.06 -47.54
C VAL K 285 16.58 -52.09 -46.58
N LEU K 286 17.41 -52.70 -45.74
CA LEU K 286 16.90 -53.57 -44.68
C LEU K 286 16.04 -52.78 -43.71
N GLN K 287 16.48 -51.55 -43.37
CA GLN K 287 15.68 -50.69 -42.50
C GLN K 287 14.33 -50.39 -43.13
N MET K 288 14.30 -50.09 -44.42
CA MET K 288 13.02 -49.85 -45.08
C MET K 288 12.17 -51.12 -45.12
N LEU K 289 12.81 -52.28 -45.32
CA LEU K 289 12.06 -53.53 -45.35
C LEU K 289 11.39 -53.81 -44.01
N LEU K 290 12.15 -53.72 -42.91
CA LEU K 290 11.53 -53.76 -41.59
C LEU K 290 10.58 -52.58 -41.39
N GLY K 291 11.01 -51.39 -41.80
CA GLY K 291 10.13 -50.24 -41.73
C GLY K 291 9.69 -49.94 -40.31
N GLY K 292 8.39 -49.84 -40.14
CA GLY K 292 7.83 -49.52 -38.84
C GLY K 292 6.53 -48.78 -39.00
N GLY K 293 5.94 -48.42 -37.87
CA GLY K 293 4.70 -47.67 -37.88
C GLY K 293 4.07 -47.50 -36.52
N GLY K 294 3.59 -46.29 -36.24
CA GLY K 294 3.00 -45.97 -34.95
C GLY K 294 1.54 -46.33 -34.80
N SER K 295 0.85 -46.60 -35.90
CA SER K 295 -0.57 -46.98 -35.94
C SER K 295 -1.48 -45.86 -35.48
N PHE K 296 -0.95 -44.72 -35.05
CA PHE K 296 -1.75 -43.56 -34.68
C PHE K 296 -1.73 -42.48 -35.75
N SER K 297 -1.28 -42.80 -36.95
CA SER K 297 -1.20 -41.82 -38.02
C SER K 297 -2.38 -41.96 -38.98
N ALA K 298 -2.61 -40.91 -39.76
CA ALA K 298 -3.70 -40.88 -40.73
C ALA K 298 -3.24 -40.45 -42.11
N GLY K 299 -1.95 -40.45 -42.38
CA GLY K 299 -1.39 -39.94 -43.61
C GLY K 299 -1.69 -40.79 -44.82
N GLY K 300 -0.96 -40.52 -45.90
CA GLY K 300 -1.15 -41.20 -47.16
C GLY K 300 -0.80 -42.68 -47.08
N PRO K 301 -1.55 -43.50 -47.82
CA PRO K 301 -1.33 -44.95 -47.76
C PRO K 301 0.02 -45.40 -48.30
N GLY K 302 0.88 -44.49 -48.73
CA GLY K 302 2.20 -44.85 -49.21
C GLY K 302 3.33 -44.59 -48.25
N LYS K 303 3.04 -44.25 -46.99
CA LYS K 303 4.07 -43.93 -46.02
C LYS K 303 4.66 -45.16 -45.35
N GLY K 304 4.52 -46.34 -45.94
CA GLY K 304 5.19 -47.52 -45.44
C GLY K 304 4.34 -48.38 -44.52
N MET K 305 3.07 -48.56 -44.87
CA MET K 305 2.15 -49.36 -44.07
C MET K 305 2.03 -50.78 -44.58
N TYR K 306 2.87 -51.18 -45.53
CA TYR K 306 3.05 -52.58 -45.93
C TYR K 306 4.46 -53.08 -45.63
N SER K 307 5.16 -52.45 -44.70
CA SER K 307 6.42 -52.98 -44.24
C SER K 307 6.17 -54.28 -43.47
N ARG K 308 7.23 -55.10 -43.39
CA ARG K 308 7.14 -56.38 -42.70
C ARG K 308 6.61 -56.22 -41.29
N LEU K 309 7.21 -55.29 -40.53
CA LEU K 309 6.92 -55.17 -39.11
C LEU K 309 5.47 -54.75 -38.88
N TYR K 310 5.00 -53.75 -39.61
CA TYR K 310 3.61 -53.32 -39.50
C TYR K 310 2.66 -54.48 -39.76
N LEU K 311 2.84 -55.16 -40.90
CA LEU K 311 1.93 -56.22 -41.30
C LEU K 311 1.91 -57.35 -40.28
N ARG K 312 3.08 -57.77 -39.80
CA ARG K 312 3.20 -58.97 -38.98
C ARG K 312 3.18 -58.68 -37.49
N VAL K 313 2.96 -57.43 -37.08
CA VAL K 313 2.80 -57.15 -35.66
C VAL K 313 1.47 -56.43 -35.40
N LEU K 314 1.22 -55.34 -36.12
CA LEU K 314 0.13 -54.45 -35.74
C LEU K 314 -1.23 -54.94 -36.20
N ASN K 315 -1.33 -55.50 -37.42
CA ASN K 315 -2.60 -56.06 -37.87
C ASN K 315 -3.01 -57.32 -37.11
N GLU K 316 -2.23 -57.73 -36.13
CA GLU K 316 -2.51 -58.92 -35.33
C GLU K 316 -2.60 -58.62 -33.84
N TYR K 317 -1.72 -57.77 -33.32
CA TYR K 317 -1.60 -57.56 -31.87
C TYR K 317 -2.12 -56.18 -31.50
N PRO K 318 -3.27 -56.08 -30.83
CA PRO K 318 -3.81 -54.76 -30.47
C PRO K 318 -3.14 -54.13 -29.26
N GLN K 319 -2.37 -54.88 -28.49
CA GLN K 319 -1.75 -54.33 -27.29
C GLN K 319 -0.69 -53.27 -27.61
N PHE K 320 -0.06 -53.38 -28.78
CA PHE K 320 1.06 -52.51 -29.11
C PHE K 320 0.59 -51.08 -29.30
N HIS K 321 1.45 -50.13 -28.93
CA HIS K 321 1.24 -48.73 -29.29
C HIS K 321 1.95 -48.41 -30.61
N SER K 322 3.27 -48.59 -30.63
CA SER K 322 4.07 -48.15 -31.78
C SER K 322 5.30 -49.03 -31.88
N ILE K 323 5.41 -49.76 -32.98
CA ILE K 323 6.63 -50.50 -33.31
C ILE K 323 7.45 -49.63 -34.25
N SER K 324 8.73 -49.93 -34.42
CA SER K 324 9.59 -49.13 -35.27
C SER K 324 10.93 -49.80 -35.50
N ALA K 325 11.78 -49.16 -36.30
CA ALA K 325 13.16 -49.58 -36.49
C ALA K 325 13.96 -48.35 -36.86
N PHE K 326 15.18 -48.26 -36.36
CA PHE K 326 16.04 -47.11 -36.60
C PHE K 326 17.43 -47.58 -36.99
N ASN K 327 18.29 -46.62 -37.32
CA ASN K 327 19.69 -46.91 -37.57
C ASN K 327 20.50 -45.64 -37.32
N ASN K 328 21.79 -45.82 -37.12
CA ASN K 328 22.71 -44.71 -36.88
C ASN K 328 24.05 -45.08 -37.48
N ILE K 329 24.29 -44.66 -38.71
CA ILE K 329 25.50 -45.03 -39.44
C ILE K 329 26.50 -43.89 -39.28
N TYR K 330 27.38 -44.01 -38.30
CA TYR K 330 28.42 -43.03 -38.07
C TYR K 330 29.57 -43.25 -39.05
N ASN K 331 30.67 -42.54 -38.83
CA ASN K 331 31.89 -42.85 -39.54
C ASN K 331 32.53 -44.09 -38.92
N ASN K 332 32.92 -45.04 -39.76
CA ASN K 332 33.67 -46.23 -39.40
C ASN K 332 32.89 -47.21 -38.54
N THR K 333 31.64 -46.92 -38.19
CA THR K 333 30.84 -47.83 -37.36
C THR K 333 29.38 -47.45 -37.54
N GLY K 334 28.49 -48.37 -37.15
CA GLY K 334 27.06 -48.14 -37.25
C GLY K 334 26.31 -48.81 -36.12
N ILE K 335 25.00 -48.63 -36.13
CA ILE K 335 24.10 -49.17 -35.11
C ILE K 335 22.77 -49.50 -35.77
N PHE K 336 22.22 -50.67 -35.43
CA PHE K 336 20.89 -51.07 -35.87
C PHE K 336 20.13 -51.61 -34.67
N GLY K 337 18.82 -51.40 -34.65
CA GLY K 337 18.03 -51.87 -33.55
C GLY K 337 16.55 -51.70 -33.80
N ILE K 338 15.76 -52.01 -32.76
CA ILE K 338 14.31 -51.92 -32.80
C ILE K 338 13.84 -51.34 -31.48
N GLN K 339 12.83 -50.48 -31.52
CA GLN K 339 12.29 -49.83 -30.34
C GLN K 339 10.77 -49.80 -30.41
N VAL K 340 10.13 -50.06 -29.28
CA VAL K 340 8.67 -50.20 -29.23
C VAL K 340 8.14 -49.68 -27.90
N THR K 341 6.96 -49.07 -27.96
CA THR K 341 6.14 -48.78 -26.78
C THR K 341 4.81 -49.51 -26.90
N THR K 342 4.27 -49.90 -25.76
CA THR K 342 3.07 -50.73 -25.72
C THR K 342 2.46 -50.67 -24.33
N GLY K 343 1.46 -51.50 -24.09
CA GLY K 343 0.92 -51.63 -22.75
C GLY K 343 1.95 -52.18 -21.78
N SER K 344 1.79 -51.85 -20.51
CA SER K 344 2.82 -52.11 -19.52
C SER K 344 2.86 -53.55 -19.03
N ASP K 345 1.82 -54.34 -19.33
CA ASP K 345 1.82 -55.75 -18.94
C ASP K 345 2.37 -56.67 -20.02
N PHE K 346 2.35 -56.22 -21.29
CA PHE K 346 2.58 -57.07 -22.44
C PHE K 346 4.08 -57.11 -22.81
N VAL K 347 4.96 -56.85 -21.84
CA VAL K 347 6.34 -56.49 -22.15
C VAL K 347 7.13 -57.70 -22.64
N SER K 348 7.16 -58.77 -21.85
CA SER K 348 7.95 -59.94 -22.24
C SER K 348 7.38 -60.57 -23.50
N LYS K 349 6.07 -60.49 -23.68
CA LYS K 349 5.45 -60.95 -24.92
C LYS K 349 5.95 -60.12 -26.11
N ALA K 350 6.05 -58.80 -25.93
CA ALA K 350 6.59 -57.95 -26.99
C ALA K 350 8.05 -58.32 -27.28
N ILE K 351 8.82 -58.63 -26.24
CA ILE K 351 10.18 -59.12 -26.44
C ILE K 351 10.17 -60.36 -27.31
N ASP K 352 9.25 -61.29 -27.01
CA ASP K 352 9.14 -62.51 -27.79
C ASP K 352 8.86 -62.20 -29.26
N ILE K 353 7.88 -61.34 -29.52
CA ILE K 353 7.50 -61.04 -30.91
C ILE K 353 8.65 -60.37 -31.65
N THR K 354 9.31 -59.41 -31.00
CA THR K 354 10.44 -58.74 -31.65
C THR K 354 11.57 -59.72 -31.95
N VAL K 355 11.86 -60.62 -31.01
CA VAL K 355 12.89 -61.62 -31.21
C VAL K 355 12.54 -62.50 -32.40
N ASN K 356 11.28 -62.93 -32.49
CA ASN K 356 10.87 -63.78 -33.61
C ASN K 356 10.98 -63.04 -34.94
N GLU K 357 10.60 -61.76 -34.97
CA GLU K 357 10.71 -60.99 -36.20
C GLU K 357 12.17 -60.86 -36.65
N LEU K 358 13.06 -60.52 -35.71
CA LEU K 358 14.47 -60.39 -36.07
C LEU K 358 15.05 -61.72 -36.53
N LEU K 359 14.69 -62.82 -35.84
CA LEU K 359 15.17 -64.13 -36.26
C LEU K 359 14.67 -64.50 -37.64
N ALA K 360 13.40 -64.23 -37.93
CA ALA K 360 12.86 -64.54 -39.25
C ALA K 360 13.58 -63.74 -40.33
N VAL K 361 13.86 -62.46 -40.06
CA VAL K 361 14.61 -61.67 -41.02
C VAL K 361 16.02 -62.22 -41.20
N ALA K 362 16.61 -62.72 -40.13
CA ALA K 362 18.01 -63.14 -40.16
C ALA K 362 18.24 -64.29 -41.13
N THR K 363 17.48 -65.37 -40.99
CA THR K 363 17.74 -66.58 -41.76
C THR K 363 17.39 -66.38 -43.22
N SER K 364 18.02 -67.19 -44.09
CA SER K 364 17.77 -67.11 -45.52
C SER K 364 16.61 -68.03 -45.90
N GLY K 365 15.70 -67.49 -46.72
CA GLY K 365 14.57 -68.26 -47.22
C GLY K 365 13.21 -67.75 -46.79
N GLN K 366 13.14 -66.83 -45.83
CA GLN K 366 11.87 -66.35 -45.32
C GLN K 366 11.37 -65.08 -45.98
N VAL K 367 12.23 -64.36 -46.69
CA VAL K 367 11.89 -63.06 -47.24
C VAL K 367 11.49 -63.21 -48.71
N ASP K 368 10.29 -62.75 -49.05
CA ASP K 368 9.82 -62.81 -50.42
C ASP K 368 10.59 -61.84 -51.30
N GLN K 369 10.62 -62.15 -52.60
CA GLN K 369 11.32 -61.29 -53.56
C GLN K 369 10.52 -60.04 -53.87
N VAL K 370 9.19 -60.13 -53.90
CA VAL K 370 8.38 -58.94 -54.15
C VAL K 370 8.54 -57.94 -53.02
N GLN K 371 8.68 -58.43 -51.78
CA GLN K 371 8.95 -57.53 -50.66
C GLN K 371 10.29 -56.83 -50.84
N LEU K 372 11.30 -57.55 -51.28
CA LEU K 372 12.61 -56.96 -51.51
C LEU K 372 12.54 -55.86 -52.58
N ASP K 373 11.84 -56.15 -53.68
CA ASP K 373 11.73 -55.14 -54.73
C ASP K 373 10.94 -53.93 -54.28
N ARG K 374 9.87 -54.15 -53.51
CA ARG K 374 9.10 -53.05 -52.95
C ARG K 374 9.98 -52.16 -52.08
N ALA K 375 10.77 -52.78 -51.20
CA ALA K 375 11.64 -52.00 -50.33
C ALA K 375 12.68 -51.24 -51.12
N LYS K 376 13.25 -51.87 -52.15
CA LYS K 376 14.25 -51.19 -52.99
C LYS K 376 13.66 -49.98 -53.67
N GLN K 377 12.46 -50.13 -54.25
CA GLN K 377 11.83 -49.02 -54.93
C GLN K 377 11.46 -47.90 -53.97
N ALA K 378 10.95 -48.26 -52.79
CA ALA K 378 10.61 -47.24 -51.80
C ALA K 378 11.86 -46.47 -51.36
N THR K 379 12.98 -47.17 -51.14
CA THR K 379 14.21 -46.49 -50.77
C THR K 379 14.67 -45.53 -51.86
N LYS K 380 14.67 -46.00 -53.11
CA LYS K 380 15.14 -45.17 -54.21
C LYS K 380 14.26 -43.92 -54.35
N SER K 381 12.95 -44.11 -54.30
CA SER K 381 12.03 -42.97 -54.39
C SER K 381 12.24 -42.00 -53.24
N ALA K 382 12.43 -42.53 -52.03
CA ALA K 382 12.58 -41.66 -50.86
C ALA K 382 13.84 -40.81 -50.96
N ILE K 383 14.96 -41.40 -51.36
CA ILE K 383 16.17 -40.60 -51.47
C ILE K 383 16.06 -39.59 -52.61
N LEU K 384 15.46 -39.99 -53.73
CA LEU K 384 15.30 -39.05 -54.83
C LEU K 384 14.45 -37.85 -54.44
N MET K 385 13.37 -38.10 -53.71
CA MET K 385 12.52 -36.99 -53.25
C MET K 385 13.19 -36.18 -52.16
N ASN K 386 14.06 -36.81 -51.35
CA ASN K 386 14.77 -36.06 -50.32
C ASN K 386 15.78 -35.09 -50.92
N LEU K 387 16.44 -35.49 -52.01
CA LEU K 387 17.39 -34.57 -52.65
C LEU K 387 16.72 -33.39 -53.36
N GLU K 388 15.43 -33.11 -53.19
CA GLU K 388 14.78 -32.08 -54.00
C GLU K 388 14.93 -30.68 -53.39
N SER K 389 14.97 -30.57 -52.06
CA SER K 389 15.11 -29.27 -51.43
C SER K 389 16.53 -28.74 -51.57
N ARG K 390 16.68 -27.42 -51.51
CA ARG K 390 18.01 -26.81 -51.62
C ARG K 390 18.82 -27.01 -50.35
N MET K 391 18.16 -26.94 -49.19
CA MET K 391 18.86 -27.09 -47.92
C MET K 391 19.43 -28.50 -47.78
N VAL K 392 18.64 -29.50 -48.17
CA VAL K 392 19.10 -30.89 -48.12
C VAL K 392 20.29 -31.08 -49.05
N VAL K 393 20.26 -30.44 -50.23
CA VAL K 393 21.38 -30.55 -51.16
C VAL K 393 22.64 -29.93 -50.56
N SER K 394 22.52 -28.75 -49.97
CA SER K 394 23.69 -28.12 -49.36
C SER K 394 24.26 -28.97 -48.23
N GLU K 395 23.38 -29.51 -47.39
CA GLU K 395 23.81 -30.39 -46.31
C GLU K 395 24.51 -31.63 -46.85
N ASP K 396 23.96 -32.22 -47.92
CA ASP K 396 24.57 -33.40 -48.52
C ASP K 396 25.97 -33.08 -49.02
N ILE K 397 26.12 -31.96 -49.74
CA ILE K 397 27.44 -31.59 -50.24
C ILE K 397 28.42 -31.43 -49.08
N GLY K 398 28.03 -30.70 -48.05
CA GLY K 398 28.95 -30.44 -46.95
C GLY K 398 29.36 -31.71 -46.23
N ARG K 399 28.39 -32.54 -45.86
CA ARG K 399 28.70 -33.76 -45.12
C ARG K 399 29.52 -34.73 -45.96
N GLN K 400 29.18 -34.87 -47.25
CA GLN K 400 29.92 -35.78 -48.11
C GLN K 400 31.36 -35.33 -48.27
N VAL K 401 31.58 -34.03 -48.47
CA VAL K 401 32.96 -33.56 -48.62
C VAL K 401 33.72 -33.70 -47.31
N LEU K 402 33.05 -33.54 -46.17
CA LEU K 402 33.71 -33.76 -44.89
C LEU K 402 34.12 -35.22 -44.72
N THR K 403 33.27 -36.15 -45.14
CA THR K 403 33.49 -37.55 -44.82
C THR K 403 34.42 -38.24 -45.83
N TYR K 404 34.33 -37.88 -47.11
CA TYR K 404 35.12 -38.53 -48.14
C TYR K 404 36.20 -37.64 -48.73
N GLY K 405 35.87 -36.41 -49.10
CA GLY K 405 36.76 -35.52 -49.83
C GLY K 405 36.28 -35.19 -51.21
N GLU K 406 35.15 -35.77 -51.64
CA GLU K 406 34.59 -35.54 -52.96
C GLU K 406 33.14 -36.01 -52.95
N ARG K 407 32.29 -35.30 -53.68
CA ARG K 407 30.87 -35.63 -53.70
C ARG K 407 30.64 -36.80 -54.65
N LYS K 408 30.37 -37.97 -54.11
CA LYS K 408 30.03 -39.11 -54.94
C LYS K 408 28.61 -38.93 -55.49
N PRO K 409 28.41 -39.01 -56.80
CA PRO K 409 27.14 -38.59 -57.39
C PRO K 409 26.00 -39.52 -57.02
N VAL K 410 24.81 -39.13 -57.47
CA VAL K 410 23.60 -39.89 -57.20
C VAL K 410 23.61 -41.22 -57.96
N GLU K 411 24.25 -41.25 -59.13
CA GLU K 411 24.27 -42.48 -59.93
C GLU K 411 24.95 -43.61 -59.19
N ASP K 412 26.07 -43.32 -58.51
CA ASP K 412 26.75 -44.32 -57.71
C ASP K 412 25.82 -44.92 -56.66
N PHE K 413 25.10 -44.06 -55.95
CA PHE K 413 24.21 -44.53 -54.89
C PHE K 413 23.08 -45.39 -55.46
N LEU K 414 22.50 -44.96 -56.58
CA LEU K 414 21.41 -45.72 -57.18
C LEU K 414 21.90 -47.09 -57.67
N LYS K 415 23.07 -47.12 -58.29
CA LYS K 415 23.66 -48.39 -58.74
C LYS K 415 23.88 -49.30 -57.54
N ALA K 416 24.35 -48.74 -56.43
CA ALA K 416 24.57 -49.52 -55.22
C ALA K 416 23.25 -50.09 -54.70
N VAL K 417 22.18 -49.29 -54.73
CA VAL K 417 20.87 -49.78 -54.32
C VAL K 417 20.42 -50.92 -55.22
N ASP K 418 20.77 -50.85 -56.51
CA ASP K 418 20.41 -51.94 -57.41
C ASP K 418 21.14 -53.25 -57.08
N GLU K 419 22.19 -53.18 -56.27
CA GLU K 419 23.03 -54.33 -55.97
C GLU K 419 22.54 -55.16 -54.78
N VAL K 420 21.25 -55.09 -54.46
CA VAL K 420 20.73 -55.78 -53.28
C VAL K 420 20.05 -57.08 -53.71
N THR K 421 20.38 -58.17 -53.02
CA THR K 421 19.78 -59.47 -53.26
C THR K 421 19.54 -60.15 -51.91
N LEU K 422 18.82 -61.26 -51.95
CA LEU K 422 18.47 -61.96 -50.72
C LEU K 422 19.71 -62.53 -50.04
N LYS K 423 20.70 -62.98 -50.81
CA LYS K 423 21.95 -63.45 -50.23
C LYS K 423 22.65 -62.34 -49.47
N ASP K 424 22.68 -61.13 -50.05
CA ASP K 424 23.37 -60.02 -49.40
C ASP K 424 22.69 -59.62 -48.10
N ILE K 425 21.36 -59.52 -48.09
CA ILE K 425 20.68 -59.13 -46.86
C ILE K 425 20.82 -60.24 -45.82
N ALA K 426 20.78 -61.50 -46.24
CA ALA K 426 20.98 -62.59 -45.30
C ALA K 426 22.36 -62.53 -44.67
N SER K 427 23.39 -62.29 -45.50
CA SER K 427 24.76 -62.22 -44.97
C SER K 427 24.93 -61.03 -44.03
N ILE K 428 24.37 -59.88 -44.37
CA ILE K 428 24.49 -58.71 -43.50
C ILE K 428 23.79 -58.97 -42.18
N SER K 429 22.60 -59.58 -42.22
CA SER K 429 21.92 -59.88 -40.96
C SER K 429 22.70 -60.90 -40.13
N GLN K 430 23.33 -61.89 -40.77
CA GLN K 430 24.16 -62.84 -40.02
C GLN K 430 25.34 -62.14 -39.36
N LYS K 431 25.96 -61.20 -40.06
CA LYS K 431 26.98 -60.37 -39.40
C LYS K 431 26.38 -59.56 -38.27
N LEU K 432 25.10 -59.20 -38.38
CA LEU K 432 24.48 -58.34 -37.38
C LEU K 432 24.15 -59.10 -36.10
N ILE K 433 23.76 -60.37 -36.20
CA ILE K 433 23.32 -61.11 -35.03
C ILE K 433 24.47 -61.90 -34.44
N SER K 434 25.70 -61.50 -34.78
CA SER K 434 26.90 -62.09 -34.21
C SER K 434 27.62 -61.13 -33.27
N SER K 435 26.89 -60.27 -32.59
CA SER K 435 27.44 -59.27 -31.68
C SER K 435 26.66 -59.24 -30.37
N PRO K 436 27.28 -58.74 -29.30
CA PRO K 436 26.57 -58.62 -28.03
C PRO K 436 25.26 -57.86 -28.18
N LEU K 437 24.28 -58.23 -27.36
CA LEU K 437 22.99 -57.57 -27.34
C LEU K 437 23.00 -56.39 -26.39
N THR K 438 22.26 -55.34 -26.76
CA THR K 438 22.09 -54.16 -25.94
C THR K 438 20.61 -53.94 -25.66
N MET K 439 20.27 -53.57 -24.44
CA MET K 439 18.90 -53.26 -24.07
C MET K 439 18.88 -51.95 -23.30
N ALA K 440 17.74 -51.26 -23.35
CA ALA K 440 17.53 -50.06 -22.57
C ALA K 440 16.03 -49.89 -22.38
N SER K 441 15.58 -50.02 -21.13
CA SER K 441 14.16 -50.00 -20.81
C SER K 441 13.81 -48.74 -20.04
N TYR K 442 12.57 -48.31 -20.18
CA TYR K 442 12.07 -47.13 -19.48
C TYR K 442 10.56 -47.20 -19.49
N GLY K 443 9.94 -47.01 -18.33
CA GLY K 443 8.51 -47.18 -18.16
C GLY K 443 8.20 -48.07 -16.98
N ASP K 444 7.26 -48.99 -17.17
CA ASP K 444 6.94 -50.00 -16.17
C ASP K 444 7.92 -51.14 -16.35
N VAL K 445 8.98 -51.13 -15.55
CA VAL K 445 10.14 -51.98 -15.81
C VAL K 445 10.22 -53.21 -14.92
N ILE K 446 9.63 -53.17 -13.71
CA ILE K 446 9.77 -54.30 -12.80
C ILE K 446 9.11 -55.56 -13.34
N TYR K 447 8.43 -55.48 -14.48
CA TYR K 447 7.88 -56.66 -15.13
C TYR K 447 8.77 -57.16 -16.26
N VAL K 448 9.82 -56.42 -16.60
CA VAL K 448 10.66 -56.71 -17.75
C VAL K 448 11.69 -57.78 -17.39
N PRO K 449 11.95 -58.75 -18.25
CA PRO K 449 13.06 -59.68 -18.02
C PRO K 449 14.38 -58.94 -17.89
N ASN K 450 15.39 -59.68 -17.47
CA ASN K 450 16.73 -59.13 -17.32
C ASN K 450 17.50 -59.28 -18.63
N TYR K 451 18.76 -58.85 -18.62
CA TYR K 451 19.61 -59.02 -19.79
C TYR K 451 19.90 -60.50 -20.03
N GLU K 452 19.85 -61.32 -18.99
CA GLU K 452 20.10 -62.75 -19.13
C GLU K 452 19.05 -63.43 -20.00
N SER K 453 17.77 -63.18 -19.71
CA SER K 453 16.70 -63.89 -20.41
C SER K 453 16.70 -63.56 -21.89
N VAL K 454 16.89 -62.28 -22.24
CA VAL K 454 16.79 -61.87 -23.63
C VAL K 454 18.10 -62.10 -24.37
N SER K 455 19.23 -62.13 -23.66
CA SER K 455 20.47 -62.55 -24.31
C SER K 455 20.48 -64.05 -24.57
N SER K 456 19.76 -64.82 -23.75
CA SER K 456 19.73 -66.26 -23.91
C SER K 456 19.10 -66.67 -25.24
N LYS K 457 18.09 -65.92 -25.71
CA LYS K 457 17.40 -66.28 -26.94
C LYS K 457 18.31 -66.18 -28.16
N PHE K 458 19.19 -65.18 -28.21
CA PHE K 458 20.03 -64.96 -29.38
C PHE K 458 21.31 -65.79 -29.27
N ARG K 459 22.20 -65.60 -30.24
CA ARG K 459 23.52 -66.20 -30.23
C ARG K 459 24.43 -65.39 -29.33
N SER K 460 25.74 -65.61 -29.44
CA SER K 460 26.73 -64.82 -28.72
C SER K 460 26.60 -63.34 -29.08
N SER L 1 53.45 2.21 -1.16
CA SER L 1 52.68 2.10 0.08
C SER L 1 51.45 1.18 -0.05
N PRO L 2 50.64 1.34 -1.10
CA PRO L 2 49.49 0.44 -1.27
C PRO L 2 49.90 -0.84 -1.97
N PRO L 3 49.07 -1.89 -1.89
CA PRO L 3 49.43 -3.16 -2.53
C PRO L 3 49.46 -3.03 -4.04
N PRO L 4 50.25 -3.86 -4.71
CA PRO L 4 50.27 -3.85 -6.19
C PRO L 4 48.92 -4.27 -6.75
N PRO L 5 48.64 -3.94 -8.02
CA PRO L 5 47.31 -4.22 -8.59
C PRO L 5 46.95 -5.69 -8.72
N ASN L 6 47.82 -6.58 -8.25
CA ASN L 6 47.60 -8.02 -8.34
C ASN L 6 47.44 -8.68 -6.97
N ALA L 7 47.60 -7.94 -5.88
CA ALA L 7 47.68 -8.53 -4.56
C ALA L 7 46.36 -9.03 -4.01
N MET L 8 45.23 -8.58 -4.53
CA MET L 8 43.93 -8.93 -3.97
C MET L 8 43.04 -9.55 -5.03
N VAL L 9 42.00 -10.25 -4.56
CA VAL L 9 41.15 -11.04 -5.46
C VAL L 9 40.37 -10.14 -6.40
N TYR L 10 39.70 -9.11 -5.87
CA TYR L 10 38.83 -8.30 -6.71
C TYR L 10 39.59 -7.46 -7.72
N ASP L 11 40.82 -7.06 -7.41
CA ASP L 11 41.62 -6.29 -8.36
C ASP L 11 41.94 -7.11 -9.61
N ARG L 12 42.29 -8.38 -9.42
CA ARG L 12 42.62 -9.24 -10.55
C ARG L 12 41.42 -9.44 -11.46
N LEU L 13 40.26 -9.71 -10.88
CA LEU L 13 39.05 -9.90 -11.69
C LEU L 13 38.68 -8.62 -12.43
N ALA L 14 38.83 -7.47 -11.76
CA ALA L 14 38.56 -6.20 -12.45
C ALA L 14 39.49 -6.02 -13.63
N GLU L 15 40.77 -6.34 -13.46
CA GLU L 15 41.72 -6.21 -14.55
C GLU L 15 41.37 -7.15 -15.70
N ALA L 16 40.90 -8.36 -15.39
CA ALA L 16 40.49 -9.29 -16.44
C ALA L 16 39.31 -8.74 -17.23
N VAL L 17 38.32 -8.18 -16.53
CA VAL L 17 37.16 -7.61 -17.22
C VAL L 17 37.60 -6.47 -18.13
N LYS L 18 38.47 -5.58 -17.64
CA LYS L 18 38.92 -4.48 -18.49
C LYS L 18 39.75 -4.99 -19.66
N ALA L 19 40.48 -6.09 -19.49
CA ALA L 19 41.22 -6.67 -20.61
C ALA L 19 40.29 -7.16 -21.71
N LYS L 20 39.20 -7.84 -21.32
CA LYS L 20 38.23 -8.27 -22.32
C LYS L 20 37.59 -7.08 -23.02
N LEU L 21 37.19 -6.06 -22.26
CA LEU L 21 36.59 -4.89 -22.87
C LEU L 21 37.57 -4.20 -23.81
N ARG L 22 38.87 -4.24 -23.48
CA ARG L 22 39.88 -3.75 -24.41
C ARG L 22 39.88 -4.55 -25.70
N GLN L 23 39.86 -5.87 -25.59
CA GLN L 23 39.93 -6.69 -26.79
C GLN L 23 38.61 -6.73 -27.55
N LEU L 24 37.59 -6.02 -27.09
CA LEU L 24 36.38 -5.83 -27.87
C LEU L 24 36.38 -4.52 -28.68
N GLU L 25 37.36 -3.65 -28.50
CA GLU L 25 37.25 -2.27 -28.97
C GLU L 25 37.26 -2.09 -30.48
N ASN L 26 38.35 -2.43 -31.15
CA ASN L 26 38.46 -1.92 -32.52
C ASN L 26 37.98 -2.97 -33.53
N PRO L 27 37.11 -2.58 -34.47
CA PRO L 27 36.63 -3.54 -35.48
C PRO L 27 37.54 -3.63 -36.70
N ASP L 28 37.17 -4.48 -37.65
CA ASP L 28 37.96 -4.71 -38.86
C ASP L 28 37.09 -4.41 -40.08
N PRO L 29 37.46 -3.43 -40.90
CA PRO L 29 36.58 -3.05 -42.03
C PRO L 29 36.34 -4.15 -43.04
N ARG L 30 37.32 -5.01 -43.31
CA ARG L 30 37.14 -6.01 -44.35
C ARG L 30 36.06 -7.04 -44.03
N PHE L 31 35.62 -7.12 -42.78
CA PHE L 31 34.46 -7.92 -42.40
C PHE L 31 33.19 -7.10 -42.37
N LEU L 32 33.26 -5.82 -42.75
CA LEU L 32 32.13 -4.91 -42.73
C LEU L 32 32.02 -4.17 -44.06
N LYS L 33 32.10 -4.91 -45.17
CA LYS L 33 32.18 -4.28 -46.48
C LYS L 33 30.84 -4.24 -47.21
N TYR L 34 30.01 -5.27 -47.06
CA TYR L 34 28.86 -5.44 -47.92
C TYR L 34 27.51 -5.36 -47.21
N GLY L 35 27.48 -5.46 -45.88
CA GLY L 35 26.21 -5.50 -45.18
C GLY L 35 25.96 -4.31 -44.27
N SER L 36 24.69 -3.92 -44.14
CA SER L 36 24.29 -2.79 -43.32
C SER L 36 22.98 -3.14 -42.63
N PRO L 37 22.74 -2.63 -41.42
CA PRO L 37 21.49 -2.94 -40.72
C PRO L 37 20.30 -2.08 -41.15
N ARG L 38 20.52 -1.06 -41.97
CA ARG L 38 19.44 -0.18 -42.38
C ARG L 38 18.75 -0.74 -43.61
N PRO L 39 17.45 -1.02 -43.55
CA PRO L 39 16.79 -1.62 -44.71
C PRO L 39 16.77 -0.68 -45.90
N THR L 40 16.93 -1.27 -47.09
CA THR L 40 16.80 -0.55 -48.35
C THR L 40 15.96 -1.38 -49.30
N LEU L 41 15.40 -0.71 -50.31
CA LEU L 41 14.54 -1.36 -51.29
C LEU L 41 15.36 -1.63 -52.55
N THR L 42 15.41 -2.89 -52.98
CA THR L 42 16.27 -3.33 -54.06
C THR L 42 15.45 -4.08 -55.11
N ASP L 43 15.91 -4.03 -56.35
CA ASP L 43 15.24 -4.67 -57.47
C ASP L 43 15.86 -6.03 -57.76
N HIS L 44 15.02 -7.01 -58.05
CA HIS L 44 15.46 -8.37 -58.28
C HIS L 44 15.05 -8.87 -59.67
N THR L 45 15.26 -8.07 -60.71
CA THR L 45 14.73 -8.43 -62.03
C THR L 45 15.54 -9.53 -62.72
N ARG L 46 16.84 -9.63 -62.46
CA ARG L 46 17.71 -10.51 -63.22
C ARG L 46 17.86 -11.90 -62.63
N ILE L 47 17.12 -12.21 -61.56
CA ILE L 47 17.11 -13.56 -61.00
C ILE L 47 15.73 -14.18 -60.99
N LEU L 48 14.67 -13.40 -61.22
CA LEU L 48 13.30 -13.89 -61.08
C LEU L 48 12.84 -14.72 -62.28
N ALA L 49 13.71 -14.96 -63.25
CA ALA L 49 13.33 -15.76 -64.41
C ALA L 49 13.04 -17.19 -64.00
N ALA L 50 12.01 -17.78 -64.60
CA ALA L 50 11.56 -19.12 -64.25
C ALA L 50 10.82 -19.71 -65.44
N PRO L 51 10.70 -21.03 -65.50
CA PRO L 51 9.97 -21.65 -66.62
C PRO L 51 8.51 -21.21 -66.68
N GLU L 52 7.86 -21.59 -67.77
CA GLU L 52 6.52 -21.15 -68.10
C GLU L 52 5.47 -21.97 -67.37
N THR L 53 4.24 -21.48 -67.39
CA THR L 53 3.08 -22.14 -66.82
C THR L 53 2.03 -22.28 -67.92
N ARG L 54 2.13 -23.36 -68.70
CA ARG L 54 1.22 -23.55 -69.81
C ARG L 54 -0.16 -23.95 -69.29
N VAL L 55 -1.14 -23.10 -69.52
CA VAL L 55 -2.52 -23.36 -69.12
C VAL L 55 -3.34 -23.59 -70.37
N THR L 56 -4.07 -24.71 -70.41
CA THR L 56 -4.84 -25.09 -71.58
C THR L 56 -6.22 -25.54 -71.15
N THR L 57 -7.20 -24.64 -71.25
CA THR L 57 -8.59 -25.00 -71.04
C THR L 57 -9.05 -25.91 -72.16
N LEU L 58 -10.04 -26.75 -71.87
CA LEU L 58 -10.50 -27.77 -72.78
C LEU L 58 -11.97 -27.58 -73.10
N PRO L 59 -12.47 -28.17 -74.19
CA PRO L 59 -13.88 -27.94 -74.57
C PRO L 59 -14.88 -28.31 -73.50
N ASN L 60 -14.55 -29.25 -72.61
CA ASN L 60 -15.40 -29.54 -71.47
C ASN L 60 -15.24 -28.52 -70.34
N GLY L 61 -14.30 -27.58 -70.46
CA GLY L 61 -14.12 -26.56 -69.44
C GLY L 61 -13.29 -26.99 -68.25
N LEU L 62 -12.30 -27.84 -68.46
CA LEU L 62 -11.47 -28.37 -67.38
C LEU L 62 -10.05 -27.85 -67.58
N ARG L 63 -9.67 -26.85 -66.80
CA ARG L 63 -8.34 -26.25 -66.96
C ARG L 63 -7.25 -27.24 -66.57
N VAL L 64 -6.11 -27.11 -67.24
CA VAL L 64 -4.96 -27.98 -67.05
C VAL L 64 -3.70 -27.13 -67.16
N ALA L 65 -2.90 -27.10 -66.10
CA ALA L 65 -1.69 -26.30 -66.07
C ALA L 65 -0.51 -27.16 -65.66
N THR L 66 0.66 -26.89 -66.25
CA THR L 66 1.89 -27.58 -65.91
C THR L 66 3.04 -26.59 -65.88
N GLU L 67 4.01 -26.86 -65.02
CA GLU L 67 5.27 -26.11 -64.96
C GLU L 67 6.38 -27.08 -65.33
N SER L 68 6.62 -27.23 -66.63
CA SER L 68 7.50 -28.28 -67.13
C SER L 68 8.97 -27.91 -66.92
N SER L 69 9.70 -28.81 -66.27
CA SER L 69 11.15 -28.69 -66.14
C SER L 69 11.72 -30.09 -66.27
N LEU L 70 12.48 -30.31 -67.34
CA LEU L 70 12.82 -31.66 -67.80
C LEU L 70 14.18 -32.15 -67.30
N ALA L 71 14.65 -31.65 -66.17
CA ALA L 71 15.90 -32.14 -65.59
C ALA L 71 15.67 -33.00 -64.36
N ALA L 72 14.48 -32.97 -63.77
CA ALA L 72 14.22 -33.68 -62.53
C ALA L 72 13.80 -35.12 -62.80
N ARG L 73 13.86 -35.93 -61.74
CA ARG L 73 13.52 -37.35 -61.81
C ARG L 73 12.24 -37.68 -61.04
N THR L 74 11.52 -36.66 -60.56
CA THR L 74 10.25 -36.86 -59.88
C THR L 74 9.26 -35.82 -60.38
N ALA L 75 7.98 -36.13 -60.21
CA ALA L 75 6.91 -35.22 -60.59
C ALA L 75 5.72 -35.45 -59.68
N THR L 76 4.86 -34.45 -59.60
CA THR L 76 3.67 -34.50 -58.75
C THR L 76 2.45 -34.10 -59.56
N VAL L 77 1.34 -34.79 -59.30
CA VAL L 77 0.08 -34.56 -60.00
C VAL L 77 -1.03 -34.46 -58.97
N GLY L 78 -1.99 -33.58 -59.21
CA GLY L 78 -3.08 -33.41 -58.26
C GLY L 78 -4.28 -32.77 -58.92
N VAL L 79 -5.39 -32.78 -58.17
CA VAL L 79 -6.67 -32.24 -58.65
C VAL L 79 -7.23 -31.32 -57.58
N TRP L 80 -6.97 -30.02 -57.72
CA TRP L 80 -7.55 -29.03 -56.83
C TRP L 80 -8.99 -28.78 -57.25
N ILE L 81 -9.88 -28.66 -56.27
CA ILE L 81 -11.32 -28.54 -56.53
C ILE L 81 -11.84 -27.30 -55.81
N ASP L 82 -12.72 -26.56 -56.48
CA ASP L 82 -13.28 -25.33 -55.93
C ASP L 82 -14.57 -25.63 -55.15
N ALA L 83 -14.46 -26.59 -54.24
CA ALA L 83 -15.55 -26.95 -53.35
C ALA L 83 -14.97 -27.24 -51.97
N GLY L 84 -15.79 -27.03 -50.95
CA GLY L 84 -15.28 -27.14 -49.59
C GLY L 84 -16.40 -27.18 -48.58
N SER L 85 -16.05 -26.81 -47.35
CA SER L 85 -16.98 -26.94 -46.24
C SER L 85 -17.95 -25.77 -46.14
N ARG L 86 -17.80 -24.75 -46.99
CA ARG L 86 -18.72 -23.63 -46.95
C ARG L 86 -20.08 -23.98 -47.54
N PHE L 87 -20.13 -24.93 -48.47
CA PHE L 87 -21.31 -25.16 -49.31
C PHE L 87 -22.18 -26.31 -48.81
N GLU L 88 -22.31 -26.47 -47.50
CA GLU L 88 -23.21 -27.44 -46.90
C GLU L 88 -24.42 -26.75 -46.30
N THR L 89 -25.35 -27.56 -45.78
CA THR L 89 -26.68 -27.07 -45.43
C THR L 89 -26.98 -27.16 -43.94
N GLU L 90 -25.97 -27.38 -43.10
CA GLU L 90 -26.07 -27.49 -41.64
C GLU L 90 -26.82 -28.76 -41.20
N GLU L 91 -27.38 -29.53 -42.14
CA GLU L 91 -27.86 -30.87 -41.81
C GLU L 91 -26.97 -31.96 -42.39
N SER L 92 -26.10 -31.61 -43.35
CA SER L 92 -25.00 -32.48 -43.78
C SER L 92 -23.75 -31.59 -43.78
N ASN L 93 -23.14 -31.44 -42.59
CA ASN L 93 -22.07 -30.47 -42.43
C ASN L 93 -20.71 -31.07 -42.75
N GLY L 94 -20.38 -32.20 -42.12
CA GLY L 94 -19.07 -32.79 -42.29
C GLY L 94 -18.99 -33.71 -43.48
N THR L 95 -19.93 -33.57 -44.42
CA THR L 95 -19.98 -34.44 -45.58
C THR L 95 -18.70 -34.34 -46.41
N ALA L 96 -18.05 -33.17 -46.44
CA ALA L 96 -16.85 -33.02 -47.24
C ALA L 96 -15.69 -33.83 -46.66
N HIS L 97 -15.46 -33.71 -45.35
CA HIS L 97 -14.39 -34.48 -44.71
C HIS L 97 -14.66 -35.98 -44.81
N PHE L 98 -15.93 -36.38 -44.62
CA PHE L 98 -16.29 -37.78 -44.76
C PHE L 98 -16.03 -38.28 -46.18
N LEU L 99 -16.39 -37.48 -47.19
CA LEU L 99 -16.15 -37.87 -48.57
C LEU L 99 -14.66 -37.99 -48.85
N GLU L 100 -13.85 -37.09 -48.30
CA GLU L 100 -12.40 -37.23 -48.46
C GLU L 100 -11.90 -38.54 -47.87
N HIS L 101 -12.36 -38.86 -46.65
CA HIS L 101 -11.90 -40.09 -46.02
C HIS L 101 -12.40 -41.33 -46.76
N MET L 102 -13.53 -41.21 -47.46
CA MET L 102 -14.15 -42.40 -48.06
C MET L 102 -13.74 -42.62 -49.50
N ILE L 103 -13.29 -41.58 -50.21
CA ILE L 103 -13.01 -41.72 -51.63
C ILE L 103 -11.86 -42.69 -51.88
N PHE L 104 -11.04 -42.95 -50.86
CA PHE L 104 -9.86 -43.80 -50.96
C PHE L 104 -10.16 -45.28 -50.78
N LYS L 105 -11.42 -45.71 -50.64
CA LYS L 105 -11.68 -47.09 -50.27
C LYS L 105 -12.73 -47.78 -51.15
N GLY L 106 -13.12 -47.18 -52.27
CA GLY L 106 -14.07 -47.81 -53.17
C GLY L 106 -13.41 -48.35 -54.43
N THR L 107 -13.78 -47.79 -55.58
CA THR L 107 -13.11 -48.08 -56.86
C THR L 107 -13.16 -49.58 -57.19
N GLU L 108 -14.37 -50.04 -57.47
CA GLU L 108 -14.66 -51.45 -57.74
C GLU L 108 -13.62 -52.15 -58.60
N LYS L 109 -13.01 -51.44 -59.56
CA LYS L 109 -12.00 -52.06 -60.40
C LYS L 109 -10.77 -52.47 -59.61
N ARG L 110 -10.49 -51.82 -58.48
CA ARG L 110 -9.36 -52.20 -57.64
C ARG L 110 -9.72 -51.90 -56.19
N ASN L 111 -9.79 -52.94 -55.37
CA ASN L 111 -10.20 -52.75 -53.99
C ASN L 111 -9.14 -51.97 -53.23
N ALA L 112 -9.45 -51.64 -51.97
CA ALA L 112 -8.57 -50.80 -51.17
C ALA L 112 -7.16 -51.39 -51.11
N ARG L 113 -7.07 -52.66 -50.68
CA ARG L 113 -5.78 -53.31 -50.57
C ARG L 113 -4.99 -53.16 -51.86
N GLU L 114 -5.66 -53.35 -53.00
CA GLU L 114 -4.99 -53.17 -54.28
C GLU L 114 -4.48 -51.75 -54.44
N LEU L 115 -5.27 -50.76 -54.00
CA LEU L 115 -4.83 -49.37 -54.11
C LEU L 115 -3.53 -49.15 -53.35
N GLU L 116 -3.48 -49.51 -52.07
CA GLU L 116 -2.25 -49.17 -51.34
C GLU L 116 -1.08 -50.05 -51.76
N GLU L 117 -1.31 -51.34 -52.09
CA GLU L 117 -0.17 -52.13 -52.55
C GLU L 117 0.36 -51.62 -53.87
N GLU L 118 -0.54 -51.17 -54.76
CA GLU L 118 -0.12 -50.64 -56.04
C GLU L 118 0.71 -49.38 -55.87
N ILE L 119 0.22 -48.45 -55.05
CA ILE L 119 0.97 -47.20 -54.88
C ILE L 119 2.29 -47.44 -54.14
N GLU L 120 2.31 -48.39 -53.20
CA GLU L 120 3.53 -48.65 -52.45
C GLU L 120 4.58 -49.36 -53.31
N ASN L 121 4.14 -50.23 -54.23
CA ASN L 121 5.08 -51.00 -55.04
C ASN L 121 5.95 -50.10 -55.90
N MET L 122 5.38 -49.06 -56.50
CA MET L 122 6.16 -48.14 -57.33
C MET L 122 7.04 -47.22 -56.51
N GLY L 123 6.73 -47.01 -55.24
CA GLY L 123 7.53 -46.16 -54.38
C GLY L 123 6.99 -44.77 -54.13
N GLY L 124 5.80 -44.45 -54.60
CA GLY L 124 5.20 -43.14 -54.40
C GLY L 124 4.03 -43.20 -53.43
N HIS L 125 3.51 -42.02 -53.12
CA HIS L 125 2.39 -41.89 -52.20
C HIS L 125 1.55 -40.70 -52.59
N LEU L 126 0.32 -40.67 -52.09
CA LEU L 126 -0.63 -39.61 -52.37
C LEU L 126 -1.31 -39.19 -51.07
N ASN L 127 -1.70 -37.92 -51.01
CA ASN L 127 -2.31 -37.33 -49.83
C ASN L 127 -3.66 -36.72 -50.20
N ALA L 128 -4.27 -36.04 -49.23
CA ALA L 128 -5.54 -35.36 -49.43
C ALA L 128 -5.81 -34.49 -48.21
N TYR L 129 -6.35 -33.30 -48.45
CA TYR L 129 -6.75 -32.41 -47.36
C TYR L 129 -7.87 -31.51 -47.85
N THR L 130 -8.63 -30.97 -46.89
CA THR L 130 -9.76 -30.13 -47.21
C THR L 130 -9.77 -28.91 -46.31
N SER L 131 -10.60 -27.94 -46.67
CA SER L 131 -10.77 -26.71 -45.89
C SER L 131 -12.20 -26.22 -46.09
N ARG L 132 -12.44 -24.97 -45.72
CA ARG L 132 -13.80 -24.42 -45.85
C ARG L 132 -14.15 -24.09 -47.29
N GLU L 133 -13.16 -23.95 -48.18
CA GLU L 133 -13.45 -23.56 -49.55
C GLU L 133 -12.66 -24.32 -50.61
N GLN L 134 -11.84 -25.31 -50.24
CA GLN L 134 -11.07 -26.05 -51.22
C GLN L 134 -10.91 -27.49 -50.76
N THR L 135 -10.62 -28.37 -51.72
CA THR L 135 -10.37 -29.78 -51.46
C THR L 135 -9.29 -30.26 -52.44
N THR L 136 -8.38 -31.09 -51.93
CA THR L 136 -7.19 -31.47 -52.69
C THR L 136 -6.97 -32.97 -52.62
N TYR L 137 -6.56 -33.56 -53.74
CA TYR L 137 -6.07 -34.93 -53.80
C TYR L 137 -4.90 -34.96 -54.76
N TYR L 138 -3.68 -35.08 -54.25
CA TYR L 138 -2.51 -35.06 -55.11
C TYR L 138 -1.61 -36.27 -54.82
N ALA L 139 -0.94 -36.74 -55.87
CA ALA L 139 -0.11 -37.93 -55.81
C ALA L 139 1.33 -37.55 -56.16
N LYS L 140 2.24 -37.81 -55.24
CA LYS L 140 3.66 -37.62 -55.51
C LYS L 140 4.24 -38.95 -55.98
N VAL L 141 4.87 -38.93 -57.15
CA VAL L 141 5.20 -40.14 -57.90
C VAL L 141 6.57 -39.96 -58.53
N ALA L 142 7.07 -41.01 -59.17
CA ALA L 142 8.30 -40.96 -59.92
C ALA L 142 8.02 -40.60 -61.38
N ASP L 143 9.02 -40.01 -62.02
CA ASP L 143 8.82 -39.42 -63.35
C ASP L 143 8.32 -40.45 -64.36
N LYS L 144 8.85 -41.67 -64.29
CA LYS L 144 8.49 -42.70 -65.26
C LYS L 144 7.02 -43.10 -65.17
N ASP L 145 6.38 -42.90 -64.01
CA ASP L 145 5.09 -43.50 -63.72
C ASP L 145 4.00 -42.46 -63.48
N VAL L 146 4.03 -41.34 -64.20
CA VAL L 146 2.93 -40.37 -64.13
C VAL L 146 1.61 -40.92 -64.67
N PRO L 147 1.56 -41.62 -65.82
CA PRO L 147 0.24 -42.01 -66.35
C PRO L 147 -0.55 -42.92 -65.41
N LYS L 148 0.14 -43.81 -64.70
CA LYS L 148 -0.55 -44.65 -63.73
C LYS L 148 -1.19 -43.80 -62.65
N ALA L 149 -0.46 -42.81 -62.13
CA ALA L 149 -1.00 -41.93 -61.10
C ALA L 149 -2.22 -41.17 -61.62
N LEU L 150 -2.14 -40.69 -62.87
CA LEU L 150 -3.29 -39.97 -63.44
C LEU L 150 -4.50 -40.89 -63.57
N ASP L 151 -4.28 -42.14 -63.97
CA ASP L 151 -5.38 -43.10 -64.05
C ASP L 151 -5.99 -43.36 -62.67
N ILE L 152 -5.14 -43.53 -61.65
CA ILE L 152 -5.65 -43.70 -60.29
C ILE L 152 -6.53 -42.52 -59.90
N LEU L 153 -6.04 -41.31 -60.16
CA LEU L 153 -6.77 -40.10 -59.78
C LEU L 153 -8.12 -40.05 -60.48
N ALA L 154 -8.14 -40.29 -61.79
CA ALA L 154 -9.40 -40.23 -62.53
C ALA L 154 -10.39 -41.27 -62.02
N ASP L 155 -9.92 -42.49 -61.80
CA ASP L 155 -10.82 -43.56 -61.36
C ASP L 155 -11.38 -43.27 -59.97
N ILE L 156 -10.53 -42.83 -59.05
CA ILE L 156 -11.01 -42.56 -57.70
C ILE L 156 -11.96 -41.37 -57.68
N LEU L 157 -11.76 -40.41 -58.59
CA LEU L 157 -12.69 -39.28 -58.62
C LEU L 157 -14.03 -39.65 -59.22
N GLN L 158 -14.05 -40.50 -60.25
CA GLN L 158 -15.27 -40.75 -61.01
C GLN L 158 -16.09 -41.93 -60.49
N ASN L 159 -15.51 -43.12 -60.48
CA ASN L 159 -16.27 -44.35 -60.24
C ASN L 159 -16.17 -44.85 -58.80
N SER L 160 -16.11 -43.95 -57.82
CA SER L 160 -16.05 -44.36 -56.42
C SER L 160 -17.35 -44.99 -55.97
N ARG L 161 -17.27 -45.92 -55.01
CA ARG L 161 -18.45 -46.53 -54.43
C ARG L 161 -18.29 -46.57 -52.92
N PHE L 162 -19.41 -46.68 -52.21
CA PHE L 162 -19.44 -46.58 -50.76
C PHE L 162 -20.26 -47.73 -50.19
N ASP L 163 -19.75 -48.36 -49.13
CA ASP L 163 -20.38 -49.52 -48.51
C ASP L 163 -20.78 -49.21 -47.07
N GLU L 164 -21.75 -49.98 -46.56
CA GLU L 164 -22.34 -49.68 -45.25
C GLU L 164 -21.39 -50.02 -44.11
N ASN L 165 -20.78 -51.20 -44.14
CA ASN L 165 -19.76 -51.51 -43.14
C ASN L 165 -18.56 -50.58 -43.26
N ARG L 166 -18.19 -50.23 -44.50
CA ARG L 166 -17.20 -49.19 -44.73
C ARG L 166 -17.62 -47.89 -44.04
N ILE L 167 -18.89 -47.52 -44.19
CA ILE L 167 -19.41 -46.32 -43.54
C ILE L 167 -19.26 -46.41 -42.04
N SER L 168 -19.56 -47.58 -41.46
CA SER L 168 -19.53 -47.72 -40.02
C SER L 168 -18.11 -47.58 -39.47
N ARG L 169 -17.16 -48.32 -40.06
CA ARG L 169 -15.80 -48.22 -39.56
C ARG L 169 -15.23 -46.83 -39.78
N GLU L 170 -15.59 -46.17 -40.89
CA GLU L 170 -15.13 -44.80 -41.09
C GLU L 170 -15.74 -43.85 -40.07
N ARG L 171 -17.03 -43.99 -39.74
CA ARG L 171 -17.60 -43.07 -38.76
C ARG L 171 -16.98 -43.30 -37.39
N ASP L 172 -16.62 -44.54 -37.06
CA ASP L 172 -15.92 -44.78 -35.80
C ASP L 172 -14.55 -44.09 -35.78
N VAL L 173 -13.78 -44.23 -36.87
CA VAL L 173 -12.46 -43.61 -36.85
C VAL L 173 -12.56 -42.09 -36.87
N ILE L 174 -13.60 -41.54 -37.51
CA ILE L 174 -13.77 -40.08 -37.52
C ILE L 174 -14.24 -39.57 -36.15
N LEU L 175 -15.07 -40.34 -35.44
CA LEU L 175 -15.40 -39.98 -34.07
C LEU L 175 -14.14 -39.94 -33.21
N ARG L 176 -13.25 -40.92 -33.40
CA ARG L 176 -11.96 -40.86 -32.71
C ARG L 176 -11.21 -39.58 -33.08
N GLU L 177 -11.06 -39.33 -34.39
CA GLU L 177 -10.32 -38.16 -34.86
C GLU L 177 -10.86 -36.87 -34.25
N MET L 178 -12.18 -36.77 -34.09
CA MET L 178 -12.75 -35.66 -33.35
C MET L 178 -12.29 -35.70 -31.90
N GLU L 179 -12.24 -36.89 -31.30
CA GLU L 179 -11.89 -36.97 -29.89
C GLU L 179 -10.44 -36.56 -29.61
N GLU L 180 -9.54 -36.67 -30.61
CA GLU L 180 -8.18 -36.17 -30.39
C GLU L 180 -7.90 -34.84 -31.06
N VAL L 181 -8.92 -34.05 -31.42
CA VAL L 181 -8.64 -32.69 -31.88
C VAL L 181 -8.72 -31.69 -30.74
N GLU L 182 -9.10 -32.13 -29.55
CA GLU L 182 -9.35 -31.24 -28.42
C GLU L 182 -8.14 -31.04 -27.53
N GLY L 183 -7.02 -31.70 -27.81
CA GLY L 183 -5.88 -31.62 -26.93
C GLY L 183 -4.83 -30.59 -27.28
N GLN L 184 -5.06 -29.78 -28.30
CA GLN L 184 -4.11 -28.75 -28.72
C GLN L 184 -4.63 -27.33 -28.62
N THR L 185 -5.94 -27.12 -28.79
CA THR L 185 -6.64 -25.90 -28.40
C THR L 185 -6.29 -24.67 -29.24
N GLU L 186 -5.32 -24.76 -30.15
CA GLU L 186 -5.18 -23.67 -31.10
C GLU L 186 -6.27 -23.73 -32.15
N GLU L 187 -6.54 -24.92 -32.69
CA GLU L 187 -7.68 -25.09 -33.57
C GLU L 187 -9.00 -24.95 -32.83
N VAL L 188 -9.04 -25.24 -31.54
CA VAL L 188 -10.27 -24.98 -30.77
C VAL L 188 -10.53 -23.49 -30.68
N ILE L 189 -9.51 -22.71 -30.34
CA ILE L 189 -9.66 -21.26 -30.28
C ILE L 189 -10.06 -20.71 -31.64
N PHE L 190 -9.46 -21.22 -32.71
CA PHE L 190 -9.78 -20.69 -34.02
C PHE L 190 -11.15 -21.12 -34.50
N ASP L 191 -11.61 -22.32 -34.14
CA ASP L 191 -12.99 -22.70 -34.46
C ASP L 191 -13.99 -21.81 -33.73
N HIS L 192 -13.73 -21.52 -32.46
CA HIS L 192 -14.64 -20.62 -31.73
C HIS L 192 -14.62 -19.22 -32.31
N LEU L 193 -13.43 -18.72 -32.66
CA LEU L 193 -13.32 -17.41 -33.27
C LEU L 193 -14.07 -17.35 -34.61
N HIS L 194 -13.95 -18.38 -35.43
CA HIS L 194 -14.65 -18.39 -36.70
C HIS L 194 -16.14 -18.60 -36.52
N ALA L 195 -16.57 -19.22 -35.43
CA ALA L 195 -17.99 -19.46 -35.21
C ALA L 195 -18.66 -18.33 -34.44
N THR L 196 -17.90 -17.37 -33.93
CA THR L 196 -18.50 -16.18 -33.35
C THR L 196 -18.33 -14.93 -34.20
N ALA L 197 -17.22 -14.79 -34.93
CA ALA L 197 -17.04 -13.64 -35.79
C ALA L 197 -17.90 -13.74 -37.04
N PHE L 198 -18.35 -14.94 -37.38
CA PHE L 198 -19.16 -15.19 -38.58
C PHE L 198 -20.40 -15.99 -38.22
N GLN L 199 -21.07 -15.62 -37.14
CA GLN L 199 -22.28 -16.31 -36.74
C GLN L 199 -23.38 -16.13 -37.78
N TYR L 200 -24.18 -17.18 -37.97
CA TYR L 200 -25.38 -17.13 -38.81
C TYR L 200 -25.03 -16.93 -40.29
N THR L 201 -23.96 -17.59 -40.73
CA THR L 201 -23.52 -17.52 -42.12
C THR L 201 -22.67 -18.76 -42.39
N PRO L 202 -22.51 -19.15 -43.67
CA PRO L 202 -21.79 -20.40 -43.96
C PRO L 202 -20.37 -20.47 -43.42
N LEU L 203 -19.65 -19.36 -43.28
CA LEU L 203 -18.31 -19.47 -42.71
C LEU L 203 -18.32 -19.77 -41.22
N GLY L 204 -19.48 -19.72 -40.57
CA GLY L 204 -19.52 -20.03 -39.15
C GLY L 204 -19.19 -21.48 -38.85
N ARG L 205 -19.61 -22.38 -39.73
CA ARG L 205 -19.56 -23.81 -39.45
C ARG L 205 -18.12 -24.31 -39.39
N THR L 206 -17.96 -25.48 -38.77
CA THR L 206 -16.65 -26.12 -38.64
C THR L 206 -16.47 -27.19 -39.70
N ILE L 207 -15.21 -27.54 -39.96
CA ILE L 207 -14.90 -28.48 -41.03
C ILE L 207 -15.35 -29.88 -40.66
N LEU L 208 -15.12 -30.31 -39.42
CA LEU L 208 -15.47 -31.66 -39.03
C LEU L 208 -16.97 -31.87 -38.99
N GLY L 209 -17.71 -30.92 -38.41
CA GLY L 209 -19.13 -31.04 -38.28
C GLY L 209 -19.54 -31.59 -36.94
N PRO L 210 -20.82 -31.46 -36.60
CA PRO L 210 -21.29 -31.95 -35.30
C PRO L 210 -21.25 -33.47 -35.22
N ALA L 211 -21.01 -33.97 -34.01
CA ALA L 211 -21.15 -35.40 -33.76
C ALA L 211 -22.59 -35.85 -33.82
N GLN L 212 -23.54 -34.92 -33.70
CA GLN L 212 -24.95 -35.18 -33.95
C GLN L 212 -25.22 -35.53 -35.41
N ASN L 213 -24.27 -35.29 -36.30
CA ASN L 213 -24.49 -35.40 -37.73
C ASN L 213 -23.65 -36.53 -38.32
N ILE L 214 -22.48 -36.80 -37.72
CA ILE L 214 -21.56 -37.81 -38.24
C ILE L 214 -22.21 -39.20 -38.14
N LYS L 215 -23.20 -39.33 -37.28
CA LYS L 215 -23.88 -40.61 -37.10
C LYS L 215 -24.85 -40.96 -38.22
N THR L 216 -25.38 -39.98 -38.94
CA THR L 216 -26.45 -40.19 -39.92
C THR L 216 -26.01 -39.77 -41.32
N ILE L 217 -24.86 -40.24 -41.77
CA ILE L 217 -24.16 -39.68 -42.92
C ILE L 217 -24.07 -40.69 -44.06
N THR L 218 -25.12 -41.49 -44.24
CA THR L 218 -25.11 -42.64 -45.13
C THR L 218 -24.86 -42.24 -46.59
N LYS L 219 -24.80 -43.27 -47.46
CA LYS L 219 -24.26 -43.12 -48.81
C LYS L 219 -25.05 -42.15 -49.67
N ASP L 220 -26.34 -41.98 -49.39
CA ASP L 220 -27.15 -41.08 -50.22
C ASP L 220 -26.59 -39.66 -50.21
N HIS L 221 -26.22 -39.17 -49.02
CA HIS L 221 -25.63 -37.84 -48.92
C HIS L 221 -24.35 -37.75 -49.73
N LEU L 222 -23.50 -38.76 -49.63
CA LEU L 222 -22.22 -38.75 -50.34
C LEU L 222 -22.43 -38.70 -51.85
N GLN L 223 -23.33 -39.53 -52.36
CA GLN L 223 -23.58 -39.57 -53.79
C GLN L 223 -24.16 -38.25 -54.29
N ASN L 224 -25.15 -37.71 -53.57
CA ASN L 224 -25.72 -36.43 -53.97
C ASN L 224 -24.67 -35.32 -53.94
N TYR L 225 -23.85 -35.29 -52.89
CA TYR L 225 -22.84 -34.25 -52.77
C TYR L 225 -21.82 -34.32 -53.91
N ILE L 226 -21.34 -35.54 -54.20
CA ILE L 226 -20.32 -35.67 -55.23
C ILE L 226 -20.90 -35.37 -56.61
N GLN L 227 -22.17 -35.73 -56.85
CA GLN L 227 -22.77 -35.39 -58.13
C GLN L 227 -23.12 -33.91 -58.24
N THR L 228 -23.26 -33.21 -57.12
CA THR L 228 -23.65 -31.80 -57.16
C THR L 228 -22.45 -30.87 -57.24
N HIS L 229 -21.42 -31.09 -56.42
CA HIS L 229 -20.34 -30.12 -56.29
C HIS L 229 -19.07 -30.50 -57.03
N TYR L 230 -18.94 -31.73 -57.49
CA TYR L 230 -17.76 -32.14 -58.26
C TYR L 230 -18.10 -32.11 -59.75
N THR L 231 -18.04 -30.91 -60.32
CA THR L 231 -18.42 -30.68 -61.70
C THR L 231 -17.21 -30.35 -62.56
N ALA L 232 -17.46 -30.27 -63.87
CA ALA L 232 -16.36 -30.11 -64.83
C ALA L 232 -15.64 -28.77 -64.70
N PRO L 233 -16.31 -27.62 -64.63
CA PRO L 233 -15.57 -26.34 -64.61
C PRO L 233 -14.90 -26.03 -63.28
N ARG L 234 -15.35 -26.65 -62.18
CA ARG L 234 -14.85 -26.34 -60.85
C ARG L 234 -13.63 -27.16 -60.46
N MET L 235 -12.92 -27.71 -61.42
CA MET L 235 -11.74 -28.52 -61.17
C MET L 235 -10.57 -28.01 -61.98
N VAL L 236 -9.37 -28.15 -61.44
CA VAL L 236 -8.14 -27.84 -62.16
C VAL L 236 -7.17 -29.00 -61.98
N ILE L 237 -6.55 -29.42 -63.07
CA ILE L 237 -5.54 -30.47 -63.06
C ILE L 237 -4.19 -29.79 -63.17
N ALA L 238 -3.31 -30.03 -62.20
CA ALA L 238 -2.00 -29.41 -62.17
C ALA L 238 -0.92 -30.48 -62.11
N ALA L 239 0.29 -30.09 -62.51
CA ALA L 239 1.42 -31.01 -62.53
C ALA L 239 2.72 -30.24 -62.68
N SER L 240 3.71 -30.53 -61.84
CA SER L 240 4.99 -29.85 -61.91
C SER L 240 6.10 -30.89 -61.89
N GLY L 241 7.30 -30.44 -62.22
CA GLY L 241 8.44 -31.34 -62.29
C GLY L 241 8.80 -31.70 -63.71
N ALA L 242 9.06 -32.99 -63.95
CA ALA L 242 9.47 -33.46 -65.27
C ALA L 242 8.28 -34.10 -65.97
N VAL L 243 7.45 -33.25 -66.58
CA VAL L 243 6.31 -33.68 -67.39
C VAL L 243 6.30 -32.87 -68.67
N LYS L 244 5.52 -33.34 -69.63
CA LYS L 244 5.28 -32.63 -70.88
C LYS L 244 3.82 -32.22 -70.96
N HIS L 245 3.59 -30.97 -71.39
CA HIS L 245 2.22 -30.45 -71.41
C HIS L 245 1.34 -31.22 -72.39
N GLU L 246 1.88 -31.58 -73.56
CA GLU L 246 1.06 -32.14 -74.62
C GLU L 246 0.65 -33.58 -74.34
N ASP L 247 1.56 -34.42 -73.85
CA ASP L 247 1.14 -35.76 -73.42
C ASP L 247 0.03 -35.64 -72.38
N ILE L 248 0.29 -34.86 -71.32
CA ILE L 248 -0.67 -34.75 -70.23
C ILE L 248 -2.03 -34.32 -70.75
N VAL L 249 -2.07 -33.32 -71.65
CA VAL L 249 -3.37 -32.89 -72.16
C VAL L 249 -4.01 -34.00 -72.99
N GLU L 250 -3.20 -34.81 -73.67
CA GLU L 250 -3.75 -35.96 -74.40
C GLU L 250 -4.51 -36.90 -73.47
N GLN L 251 -3.83 -37.46 -72.47
CA GLN L 251 -4.59 -38.40 -71.64
C GLN L 251 -5.59 -37.72 -70.70
N VAL L 252 -5.48 -36.41 -70.46
CA VAL L 252 -6.57 -35.74 -69.76
C VAL L 252 -7.82 -35.71 -70.64
N LYS L 253 -7.65 -35.37 -71.91
CA LYS L 253 -8.78 -35.43 -72.84
C LYS L 253 -9.29 -36.85 -73.04
N LYS L 254 -8.44 -37.85 -72.78
CA LYS L 254 -8.85 -39.24 -72.98
C LYS L 254 -9.57 -39.85 -71.78
N LEU L 255 -9.04 -39.68 -70.57
CA LEU L 255 -9.58 -40.34 -69.37
C LEU L 255 -10.65 -39.54 -68.65
N PHE L 256 -10.49 -38.23 -68.51
CA PHE L 256 -11.43 -37.45 -67.70
C PHE L 256 -12.72 -37.26 -68.47
N THR L 257 -13.68 -38.16 -68.20
CA THR L 257 -15.02 -38.08 -68.77
C THR L 257 -16.06 -38.35 -67.69
N LYS L 258 -17.32 -38.50 -68.09
CA LYS L 258 -18.44 -38.85 -67.21
C LYS L 258 -18.67 -37.82 -66.11
N LEU L 259 -17.97 -36.69 -66.14
CA LEU L 259 -18.17 -35.67 -65.12
C LEU L 259 -19.54 -35.02 -65.27
N SER L 260 -20.17 -34.71 -64.14
CA SER L 260 -21.45 -34.04 -64.16
C SER L 260 -21.29 -32.62 -64.68
N THR L 261 -22.12 -32.24 -65.65
CA THR L 261 -22.07 -30.90 -66.22
C THR L 261 -23.23 -30.08 -65.65
N ASP L 262 -22.92 -29.36 -64.58
CA ASP L 262 -23.90 -28.54 -63.88
C ASP L 262 -23.58 -27.06 -64.08
N PRO L 263 -24.58 -26.23 -64.33
CA PRO L 263 -24.34 -24.78 -64.47
C PRO L 263 -24.35 -24.07 -63.12
N THR L 264 -23.35 -24.38 -62.28
CA THR L 264 -23.24 -23.81 -60.95
C THR L 264 -21.78 -23.47 -60.70
N THR L 265 -21.47 -22.18 -60.62
CA THR L 265 -20.14 -21.72 -60.29
C THR L 265 -20.07 -21.28 -58.83
N ALA L 266 -18.86 -21.25 -58.29
CA ALA L 266 -18.67 -20.87 -56.90
C ALA L 266 -19.12 -19.43 -56.65
N SER L 267 -18.84 -18.53 -57.60
CA SER L 267 -19.14 -17.12 -57.41
C SER L 267 -20.63 -16.89 -57.21
N GLN L 268 -21.46 -17.63 -57.93
CA GLN L 268 -22.90 -17.44 -57.83
C GLN L 268 -23.52 -18.24 -56.68
N LEU L 269 -22.71 -19.01 -55.95
CA LEU L 269 -23.14 -19.55 -54.67
C LEU L 269 -22.68 -18.68 -53.51
N VAL L 270 -21.58 -17.95 -53.69
CA VAL L 270 -21.10 -17.02 -52.68
C VAL L 270 -21.87 -15.70 -52.75
N ALA L 271 -22.33 -15.32 -53.93
CA ALA L 271 -23.01 -14.03 -54.10
C ALA L 271 -24.24 -13.94 -53.21
N LYS L 272 -25.04 -15.00 -53.17
CA LYS L 272 -26.12 -15.10 -52.19
C LYS L 272 -25.59 -15.80 -50.95
N GLU L 273 -26.01 -15.30 -49.79
CA GLU L 273 -25.50 -15.68 -48.48
C GLU L 273 -24.00 -15.38 -48.37
N PRO L 274 -23.61 -14.11 -48.36
CA PRO L 274 -22.19 -13.77 -48.17
C PRO L 274 -21.75 -13.86 -46.73
N ALA L 275 -20.53 -13.44 -46.44
CA ALA L 275 -20.00 -13.41 -45.08
C ALA L 275 -20.21 -12.03 -44.48
N ILE L 276 -20.70 -11.98 -43.25
CA ILE L 276 -20.98 -10.74 -42.55
C ILE L 276 -20.26 -10.79 -41.21
N PHE L 277 -19.35 -9.85 -40.99
CA PHE L 277 -18.56 -9.76 -39.76
C PHE L 277 -19.33 -8.96 -38.72
N THR L 278 -19.58 -9.56 -37.55
CA THR L 278 -20.41 -8.91 -36.54
C THR L 278 -19.60 -8.27 -35.42
N GLY L 279 -18.82 -9.05 -34.69
CA GLY L 279 -18.10 -8.51 -33.55
C GLY L 279 -18.69 -8.92 -32.21
N SER L 280 -18.02 -9.82 -31.51
CA SER L 280 -18.55 -10.44 -30.30
C SER L 280 -17.38 -11.00 -29.50
N GLU L 281 -17.70 -11.82 -28.49
CA GLU L 281 -16.67 -12.49 -27.71
C GLU L 281 -17.22 -13.77 -27.11
N VAL L 282 -16.33 -14.74 -26.94
CA VAL L 282 -16.62 -15.96 -26.19
C VAL L 282 -15.51 -16.15 -25.18
N ARG L 283 -15.88 -16.27 -23.91
CA ARG L 283 -14.92 -16.45 -22.83
C ARG L 283 -15.18 -17.79 -22.17
N MET L 284 -14.24 -18.72 -22.33
CA MET L 284 -14.31 -20.04 -21.71
C MET L 284 -13.36 -20.05 -20.53
N LEU L 285 -13.90 -20.26 -19.34
CA LEU L 285 -13.14 -20.21 -18.10
C LEU L 285 -13.08 -21.61 -17.51
N ASP L 286 -11.88 -22.11 -17.25
CA ASP L 286 -11.68 -23.39 -16.60
C ASP L 286 -10.91 -23.27 -15.30
N ASP L 287 -9.81 -22.53 -15.30
CA ASP L 287 -9.01 -22.15 -14.14
C ASP L 287 -8.21 -23.30 -13.54
N GLU L 288 -8.39 -24.52 -14.03
CA GLU L 288 -7.52 -25.64 -13.70
C GLU L 288 -6.34 -25.75 -14.66
N ILE L 289 -6.27 -24.88 -15.66
CA ILE L 289 -5.26 -24.91 -16.70
C ILE L 289 -4.14 -23.95 -16.32
N PRO L 290 -2.88 -24.25 -16.62
CA PRO L 290 -1.81 -23.32 -16.21
C PRO L 290 -1.67 -22.11 -17.11
N LEU L 291 -2.07 -22.19 -18.38
CA LEU L 291 -1.82 -21.11 -19.34
C LEU L 291 -3.12 -20.69 -20.02
N ALA L 292 -3.15 -19.43 -20.46
CA ALA L 292 -4.31 -18.85 -21.11
C ALA L 292 -3.98 -18.49 -22.55
N GLN L 293 -4.94 -18.70 -23.45
CA GLN L 293 -4.80 -18.42 -24.88
C GLN L 293 -5.96 -17.56 -25.33
N PHE L 294 -5.70 -16.62 -26.23
CA PHE L 294 -6.76 -15.76 -26.73
C PHE L 294 -6.34 -15.13 -28.06
N ALA L 295 -7.34 -14.73 -28.85
CA ALA L 295 -7.12 -14.11 -30.14
C ALA L 295 -8.06 -12.93 -30.30
N VAL L 296 -7.57 -11.85 -30.91
CA VAL L 296 -8.35 -10.66 -31.22
C VAL L 296 -8.16 -10.30 -32.68
N ALA L 297 -9.25 -10.07 -33.39
CA ALA L 297 -9.21 -9.96 -34.84
C ALA L 297 -10.18 -8.91 -35.36
N PHE L 298 -9.73 -8.13 -36.33
CA PHE L 298 -10.57 -7.22 -37.09
C PHE L 298 -11.13 -7.97 -38.30
N GLU L 299 -11.69 -7.25 -39.27
CA GLU L 299 -12.08 -7.83 -40.54
C GLU L 299 -11.00 -7.55 -41.57
N GLY L 300 -11.11 -8.19 -42.74
CA GLY L 300 -10.04 -8.11 -43.71
C GLY L 300 -10.46 -8.00 -45.15
N ALA L 301 -9.54 -8.34 -46.05
CA ALA L 301 -9.69 -8.17 -47.48
C ALA L 301 -10.10 -9.47 -48.15
N SER L 302 -10.43 -9.36 -49.43
CA SER L 302 -10.80 -10.52 -50.23
C SER L 302 -9.56 -11.04 -50.97
N TRP L 303 -9.76 -12.09 -51.77
CA TRP L 303 -8.65 -12.58 -52.58
C TRP L 303 -8.30 -11.60 -53.69
N LYS L 304 -9.31 -11.08 -54.38
CA LYS L 304 -9.10 -10.18 -55.51
C LYS L 304 -9.11 -8.71 -55.12
N ASP L 305 -9.25 -8.41 -53.83
CA ASP L 305 -9.17 -7.04 -53.36
C ASP L 305 -7.74 -6.54 -53.48
N PRO L 306 -7.49 -5.35 -54.04
CA PRO L 306 -6.11 -4.88 -54.19
C PRO L 306 -5.39 -4.58 -52.89
N ASP L 307 -6.10 -4.52 -51.76
CA ASP L 307 -5.50 -4.13 -50.50
C ASP L 307 -4.90 -5.30 -49.72
N SER L 308 -5.09 -6.54 -50.20
CA SER L 308 -4.55 -7.69 -49.48
C SER L 308 -3.03 -7.65 -49.44
N ILE L 309 -2.38 -7.06 -50.45
CA ILE L 309 -0.94 -6.93 -50.43
C ILE L 309 -0.51 -6.03 -49.26
N ALA L 310 -1.19 -4.90 -49.09
CA ALA L 310 -0.88 -4.03 -47.97
C ALA L 310 -1.19 -4.70 -46.64
N LEU L 311 -2.25 -5.50 -46.59
CA LEU L 311 -2.55 -6.22 -45.35
C LEU L 311 -1.44 -7.21 -44.99
N MET L 312 -0.90 -7.91 -45.99
CA MET L 312 0.21 -8.83 -45.71
C MET L 312 1.46 -8.08 -45.30
N VAL L 313 1.71 -6.91 -45.90
CA VAL L 313 2.84 -6.09 -45.43
C VAL L 313 2.64 -5.70 -43.97
N MET L 314 1.41 -5.34 -43.61
CA MET L 314 1.10 -4.98 -42.22
C MET L 314 1.35 -6.17 -41.28
N GLN L 315 0.90 -7.36 -41.68
CA GLN L 315 1.13 -8.54 -40.86
C GLN L 315 2.62 -8.82 -40.70
N ALA L 316 3.40 -8.57 -41.76
CA ALA L 316 4.84 -8.73 -41.65
C ALA L 316 5.45 -7.74 -40.67
N MET L 317 4.94 -6.50 -40.67
CA MET L 317 5.47 -5.47 -39.77
C MET L 317 4.84 -5.53 -38.38
N LEU L 318 3.99 -6.52 -38.12
CA LEU L 318 3.48 -6.82 -36.79
C LEU L 318 3.89 -8.23 -36.37
N GLY L 319 5.17 -8.56 -36.52
CA GLY L 319 5.63 -9.95 -36.55
C GLY L 319 5.40 -10.82 -35.34
N SER L 320 5.99 -12.01 -35.35
CA SER L 320 5.76 -13.02 -34.34
C SER L 320 6.99 -13.22 -33.45
N TRP L 321 6.74 -13.63 -32.22
CA TRP L 321 7.78 -13.86 -31.23
C TRP L 321 7.54 -15.21 -30.57
N ASN L 322 8.63 -15.85 -30.15
CA ASN L 322 8.55 -17.14 -29.47
C ASN L 322 9.70 -17.25 -28.48
N LYS L 323 9.46 -17.98 -27.39
CA LYS L 323 10.40 -18.03 -26.28
C LYS L 323 11.70 -18.74 -26.64
N THR L 324 11.76 -19.44 -27.77
CA THR L 324 12.96 -20.16 -28.18
C THR L 324 13.55 -19.60 -29.47
N ALA L 325 13.35 -18.31 -29.73
CA ALA L 325 13.83 -17.70 -30.95
C ALA L 325 15.19 -17.04 -30.73
N GLY L 326 15.91 -16.84 -31.83
CA GLY L 326 17.22 -16.23 -31.77
C GLY L 326 17.22 -14.72 -31.71
N GLY L 327 16.10 -14.07 -32.02
CA GLY L 327 16.05 -12.62 -31.91
C GLY L 327 16.13 -12.16 -30.47
N GLY L 328 15.12 -12.48 -29.68
CA GLY L 328 15.10 -12.06 -28.29
C GLY L 328 14.49 -10.70 -28.10
N LYS L 329 15.32 -9.71 -27.79
CA LYS L 329 14.87 -8.34 -27.57
C LYS L 329 15.29 -7.40 -28.70
N HIS L 330 15.75 -7.93 -29.82
CA HIS L 330 16.30 -7.14 -30.93
C HIS L 330 15.57 -7.44 -32.22
N MET L 331 14.25 -7.65 -32.17
CA MET L 331 13.56 -8.34 -33.26
C MET L 331 12.78 -7.37 -34.14
N GLY L 332 13.32 -6.17 -34.37
CA GLY L 332 12.80 -5.32 -35.43
C GLY L 332 11.47 -4.65 -35.16
N SER L 333 10.39 -5.43 -35.09
CA SER L 333 9.08 -4.85 -34.84
C SER L 333 8.96 -4.41 -33.39
N GLU L 334 8.10 -3.42 -33.15
CA GLU L 334 7.98 -2.86 -31.80
C GLU L 334 7.16 -3.76 -30.89
N LEU L 335 6.18 -4.49 -31.45
CA LEU L 335 5.39 -5.39 -30.61
C LEU L 335 6.24 -6.53 -30.08
N ALA L 336 7.04 -7.15 -30.95
CA ALA L 336 7.92 -8.21 -30.50
C ALA L 336 8.95 -7.68 -29.50
N GLN L 337 9.41 -6.45 -29.69
CA GLN L 337 10.35 -5.86 -28.74
C GLN L 337 9.72 -5.67 -27.37
N ARG L 338 8.48 -5.16 -27.33
CA ARG L 338 7.81 -4.98 -26.05
C ARG L 338 7.61 -6.32 -25.34
N VAL L 339 7.11 -7.31 -26.07
CA VAL L 339 6.85 -8.61 -25.46
C VAL L 339 8.14 -9.27 -25.00
N GLY L 340 9.21 -9.15 -25.79
CA GLY L 340 10.46 -9.79 -25.41
C GLY L 340 11.16 -9.11 -24.25
N ILE L 341 11.17 -7.78 -24.23
CA ILE L 341 11.86 -7.08 -23.15
C ILE L 341 11.09 -7.24 -21.84
N ASN L 342 9.77 -7.12 -21.88
CA ASN L 342 9.00 -7.12 -20.65
C ASN L 342 8.61 -8.51 -20.16
N GLU L 343 8.87 -9.54 -20.96
CA GLU L 343 8.59 -10.93 -20.58
C GLU L 343 7.15 -11.11 -20.13
N VAL L 344 6.22 -10.85 -21.06
CA VAL L 344 4.80 -10.88 -20.75
C VAL L 344 4.05 -11.87 -21.64
N ALA L 345 4.75 -12.81 -22.25
CA ALA L 345 4.09 -13.80 -23.09
C ALA L 345 4.98 -15.00 -23.29
N GLU L 346 4.38 -16.08 -23.79
CA GLU L 346 5.11 -17.24 -24.28
C GLU L 346 5.33 -17.14 -25.78
N SER L 347 4.30 -16.77 -26.53
CA SER L 347 4.40 -16.62 -27.98
C SER L 347 3.24 -15.77 -28.48
N MET L 348 3.48 -15.08 -29.58
CA MET L 348 2.47 -14.31 -30.28
C MET L 348 2.69 -14.45 -31.78
N MET L 349 1.60 -14.38 -32.55
CA MET L 349 1.70 -14.69 -33.97
C MET L 349 0.57 -13.97 -34.71
N ALA L 350 0.88 -12.83 -35.32
CA ALA L 350 -0.11 -12.14 -36.14
C ALA L 350 -0.47 -12.99 -37.35
N PHE L 351 -1.75 -13.01 -37.70
CA PHE L 351 -2.24 -13.83 -38.79
C PHE L 351 -3.02 -12.99 -39.79
N ASN L 352 -3.22 -13.55 -40.98
CA ASN L 352 -3.97 -12.87 -42.03
C ASN L 352 -4.58 -13.91 -42.93
N THR L 353 -5.88 -14.16 -42.75
CA THR L 353 -6.62 -15.16 -43.52
C THR L 353 -7.47 -14.46 -44.56
N ASN L 354 -7.30 -14.84 -45.82
CA ASN L 354 -8.08 -14.28 -46.92
C ASN L 354 -9.13 -15.29 -47.36
N TYR L 355 -10.17 -14.77 -48.01
CA TYR L 355 -11.24 -15.58 -48.58
C TYR L 355 -11.74 -14.88 -49.83
N LYS L 356 -12.77 -15.45 -50.45
CA LYS L 356 -13.53 -14.74 -51.45
C LYS L 356 -14.64 -13.98 -50.74
N ASP L 357 -14.54 -12.65 -50.74
CA ASP L 357 -15.44 -11.64 -50.20
C ASP L 357 -15.31 -11.32 -48.71
N THR L 358 -14.28 -11.82 -48.02
CA THR L 358 -14.05 -11.44 -46.62
C THR L 358 -12.65 -11.90 -46.21
N GLY L 359 -12.31 -11.68 -44.95
CA GLY L 359 -11.01 -12.05 -44.43
C GLY L 359 -10.91 -11.76 -42.95
N LEU L 360 -9.71 -11.95 -42.40
CA LEU L 360 -9.45 -11.72 -40.97
C LEU L 360 -8.01 -11.27 -40.80
N PHE L 361 -7.74 -10.65 -39.64
CA PHE L 361 -6.42 -10.06 -39.38
C PHE L 361 -6.28 -9.84 -37.87
N GLY L 362 -5.36 -10.56 -37.21
CA GLY L 362 -5.30 -10.56 -35.76
C GLY L 362 -3.95 -10.83 -35.12
N VAL L 363 -3.92 -11.28 -33.85
CA VAL L 363 -2.66 -11.43 -33.13
C VAL L 363 -2.44 -12.79 -32.45
N TYR L 364 -3.38 -13.26 -31.62
CA TYR L 364 -3.23 -14.57 -30.98
C TYR L 364 -1.99 -14.75 -30.10
N ALA L 365 -1.98 -14.20 -28.89
CA ALA L 365 -0.91 -14.48 -27.94
C ALA L 365 -1.31 -15.56 -26.93
N VAL L 366 -0.31 -16.06 -26.19
CA VAL L 366 -0.49 -17.01 -25.10
C VAL L 366 0.47 -16.64 -23.97
N ALA L 367 -0.03 -16.66 -22.73
CA ALA L 367 0.76 -16.15 -21.62
C ALA L 367 0.19 -16.67 -20.29
N LYS L 368 0.90 -16.32 -19.21
CA LYS L 368 0.51 -16.61 -17.83
C LYS L 368 -0.67 -15.73 -17.41
N PRO L 369 -1.45 -16.17 -16.42
CA PRO L 369 -2.65 -15.40 -16.04
C PRO L 369 -2.37 -14.15 -15.24
N ASP L 370 -1.12 -13.79 -14.99
CA ASP L 370 -0.80 -12.59 -14.22
C ASP L 370 -0.14 -11.50 -15.06
N CYS L 371 -0.13 -11.64 -16.38
CA CYS L 371 0.43 -10.63 -17.27
C CYS L 371 -0.52 -10.28 -18.41
N LEU L 372 -1.81 -10.58 -18.26
CA LEU L 372 -2.73 -10.50 -19.39
C LEU L 372 -3.03 -9.07 -19.78
N ASP L 373 -3.16 -8.17 -18.80
CA ASP L 373 -3.55 -6.80 -19.12
C ASP L 373 -2.42 -6.02 -19.77
N ASP L 374 -1.18 -6.22 -19.31
CA ASP L 374 -0.04 -5.58 -19.97
C ASP L 374 0.11 -6.08 -21.41
N LEU L 375 -0.08 -7.38 -21.62
CA LEU L 375 -0.02 -7.94 -22.95
C LEU L 375 -1.08 -7.31 -23.86
N SER L 376 -2.31 -7.23 -23.37
CA SER L 376 -3.38 -6.65 -24.19
C SER L 376 -3.11 -5.19 -24.49
N TYR L 377 -2.59 -4.45 -23.50
CA TYR L 377 -2.25 -3.05 -23.73
C TYR L 377 -1.24 -2.90 -24.85
N ALA L 378 -0.14 -3.66 -24.78
CA ALA L 378 0.89 -3.53 -25.82
C ALA L 378 0.35 -3.91 -27.19
N ILE L 379 -0.45 -4.97 -27.25
CA ILE L 379 -1.02 -5.42 -28.52
C ILE L 379 -1.82 -4.31 -29.16
N MET L 380 -2.75 -3.71 -28.39
CA MET L 380 -3.62 -2.72 -29.00
C MET L 380 -2.87 -1.42 -29.30
N TYR L 381 -1.91 -1.06 -28.46
CA TYR L 381 -1.11 0.13 -28.72
C TYR L 381 -0.45 0.05 -30.09
N GLU L 382 0.23 -1.06 -30.38
CA GLU L 382 0.93 -1.14 -31.67
C GLU L 382 -0.07 -1.26 -32.82
N THR L 383 -1.14 -2.02 -32.62
CA THR L 383 -2.15 -2.16 -33.67
C THR L 383 -2.71 -0.81 -34.11
N THR L 384 -2.87 0.13 -33.19
CA THR L 384 -3.37 1.46 -33.55
C THR L 384 -2.26 2.40 -34.01
N LYS L 385 -1.06 2.30 -33.45
CA LYS L 385 0.03 3.15 -33.90
C LYS L 385 0.32 2.93 -35.37
N LEU L 386 0.01 1.75 -35.91
CA LEU L 386 0.10 1.57 -37.35
C LEU L 386 -0.74 2.60 -38.09
N ALA L 387 -2.00 2.78 -37.67
CA ALA L 387 -2.88 3.73 -38.32
C ALA L 387 -2.51 5.18 -38.04
N TYR L 388 -1.74 5.43 -36.98
CA TYR L 388 -1.39 6.82 -36.69
C TYR L 388 -0.05 7.27 -37.27
N ARG L 389 1.06 6.65 -36.88
CA ARG L 389 2.37 7.23 -37.20
C ARG L 389 3.37 6.18 -37.70
N VAL L 390 2.97 5.38 -38.70
CA VAL L 390 3.87 4.40 -39.29
C VAL L 390 5.14 5.08 -39.81
N SER L 391 6.29 4.46 -39.54
CA SER L 391 7.60 4.98 -39.92
C SER L 391 7.97 4.46 -41.32
N ASP L 392 9.23 4.63 -41.70
CA ASP L 392 9.68 4.25 -43.04
C ASP L 392 10.61 3.05 -43.05
N ASP L 393 11.59 2.99 -42.14
CA ASP L 393 12.43 1.81 -42.04
C ASP L 393 11.58 0.57 -41.77
N ASP L 394 10.51 0.73 -40.99
CA ASP L 394 9.60 -0.38 -40.74
C ASP L 394 9.00 -0.90 -42.04
N VAL L 395 8.55 0.01 -42.90
CA VAL L 395 7.88 -0.42 -44.12
C VAL L 395 8.86 -1.06 -45.09
N THR L 396 10.06 -0.49 -45.21
CA THR L 396 11.05 -1.11 -46.08
C THR L 396 11.43 -2.51 -45.59
N ARG L 397 11.64 -2.66 -44.29
CA ARG L 397 11.97 -3.97 -43.73
C ARG L 397 10.84 -4.96 -43.94
N ALA L 398 9.59 -4.53 -43.76
CA ALA L 398 8.46 -5.43 -43.94
C ALA L 398 8.31 -5.86 -45.39
N ARG L 399 8.52 -4.95 -46.34
CA ARG L 399 8.46 -5.32 -47.75
C ARG L 399 9.56 -6.32 -48.11
N ASN L 400 10.78 -6.08 -47.61
CA ASN L 400 11.86 -7.03 -47.85
C ASN L 400 11.51 -8.41 -47.31
N GLN L 401 10.99 -8.47 -46.07
CA GLN L 401 10.66 -9.74 -45.46
C GLN L 401 9.57 -10.46 -46.23
N LEU L 402 8.55 -9.73 -46.70
CA LEU L 402 7.47 -10.38 -47.45
C LEU L 402 7.99 -10.96 -48.75
N LYS L 403 8.83 -10.21 -49.49
CA LYS L 403 9.43 -10.77 -50.70
C LYS L 403 10.17 -12.06 -50.41
N SER L 404 11.08 -12.02 -49.43
CA SER L 404 11.90 -13.19 -49.14
C SER L 404 11.05 -14.38 -48.73
N SER L 405 10.07 -14.16 -47.85
CA SER L 405 9.21 -15.26 -47.42
C SER L 405 8.48 -15.89 -48.61
N LEU L 406 7.82 -15.06 -49.43
CA LEU L 406 7.02 -15.59 -50.52
C LEU L 406 7.86 -16.41 -51.49
N LEU L 407 9.05 -15.94 -51.85
CA LEU L 407 9.85 -16.71 -52.79
C LEU L 407 10.51 -17.93 -52.14
N LEU L 408 11.06 -17.78 -50.94
CA LEU L 408 11.73 -18.90 -50.30
C LEU L 408 10.78 -20.03 -49.97
N TYR L 409 9.48 -19.77 -49.85
CA TYR L 409 8.55 -20.87 -49.59
C TYR L 409 8.45 -21.82 -50.78
N ILE L 410 8.69 -21.33 -52.00
CA ILE L 410 8.53 -22.13 -53.21
C ILE L 410 9.81 -22.97 -53.37
N ASP L 411 9.70 -24.28 -53.12
CA ASP L 411 10.86 -25.16 -53.17
C ASP L 411 10.37 -26.59 -53.33
N GLY L 412 10.70 -27.21 -54.45
CA GLY L 412 10.28 -28.57 -54.74
C GLY L 412 9.21 -28.60 -55.82
N THR L 413 8.50 -29.73 -55.88
CA THR L 413 7.43 -29.86 -56.85
C THR L 413 6.05 -29.76 -56.19
N SER L 414 5.91 -30.30 -54.98
CA SER L 414 4.64 -30.14 -54.27
C SER L 414 4.30 -28.68 -54.02
N PRO L 415 5.20 -27.84 -53.48
CA PRO L 415 4.85 -26.41 -53.35
C PRO L 415 4.53 -25.75 -54.67
N VAL L 416 5.23 -26.10 -55.75
CA VAL L 416 4.99 -25.45 -57.03
C VAL L 416 3.61 -25.81 -57.57
N ALA L 417 3.26 -27.10 -57.55
CA ALA L 417 1.94 -27.50 -58.02
C ALA L 417 0.84 -26.95 -57.13
N GLU L 418 1.06 -26.93 -55.82
CA GLU L 418 0.06 -26.35 -54.91
C GLU L 418 -0.13 -24.87 -55.19
N ASP L 419 0.96 -24.15 -55.44
CA ASP L 419 0.87 -22.75 -55.85
C ASP L 419 0.03 -22.60 -57.11
N ILE L 420 0.33 -23.40 -58.13
CA ILE L 420 -0.35 -23.26 -59.41
C ILE L 420 -1.85 -23.50 -59.24
N GLY L 421 -2.22 -24.59 -58.56
CA GLY L 421 -3.63 -24.90 -58.39
C GLY L 421 -4.36 -23.86 -57.55
N ARG L 422 -3.78 -23.47 -56.42
CA ARG L 422 -4.42 -22.50 -55.55
C ARG L 422 -4.63 -21.17 -56.27
N GLN L 423 -3.59 -20.67 -56.94
CA GLN L 423 -3.72 -19.38 -57.60
C GLN L 423 -4.68 -19.45 -58.77
N LEU L 424 -4.66 -20.54 -59.54
CA LEU L 424 -5.65 -20.65 -60.61
C LEU L 424 -7.07 -20.75 -60.08
N LEU L 425 -7.25 -21.17 -58.83
CA LEU L 425 -8.62 -21.16 -58.29
C LEU L 425 -8.99 -19.80 -57.71
N THR L 426 -8.03 -19.07 -57.14
CA THR L 426 -8.36 -17.81 -56.48
C THR L 426 -8.35 -16.63 -57.45
N TYR L 427 -7.21 -16.34 -58.07
CA TYR L 427 -7.10 -15.21 -58.99
C TYR L 427 -7.59 -15.52 -60.40
N GLY L 428 -7.86 -16.79 -60.72
CA GLY L 428 -8.15 -17.15 -62.08
C GLY L 428 -6.97 -17.14 -63.01
N ARG L 429 -5.78 -16.84 -62.49
CA ARG L 429 -4.55 -16.79 -63.26
C ARG L 429 -3.40 -16.88 -62.27
N ARG L 430 -2.22 -17.19 -62.79
CA ARG L 430 -1.02 -17.30 -61.95
C ARG L 430 -0.23 -16.01 -62.06
N ILE L 431 -0.04 -15.34 -60.92
CA ILE L 431 0.75 -14.11 -60.88
C ILE L 431 2.20 -14.47 -61.11
N PRO L 432 2.88 -13.84 -62.07
CA PRO L 432 4.32 -14.04 -62.19
C PRO L 432 5.07 -13.48 -61.00
N PHE L 433 6.39 -13.63 -60.97
CA PHE L 433 7.16 -13.07 -59.87
C PHE L 433 7.31 -11.56 -60.03
N ALA L 434 7.51 -11.09 -61.27
CA ALA L 434 7.78 -9.68 -61.50
C ALA L 434 6.60 -8.81 -61.12
N GLU L 435 5.38 -9.20 -61.51
CA GLU L 435 4.22 -8.40 -61.17
C GLU L 435 3.98 -8.39 -59.67
N LEU L 436 4.21 -9.53 -59.00
CA LEU L 436 4.04 -9.58 -57.56
C LEU L 436 5.03 -8.66 -56.85
N PHE L 437 6.29 -8.65 -57.29
CA PHE L 437 7.25 -7.70 -56.74
C PHE L 437 6.85 -6.26 -57.01
N ALA L 438 6.44 -5.96 -58.25
CA ALA L 438 6.08 -4.59 -58.60
C ALA L 438 4.87 -4.11 -57.79
N ARG L 439 3.99 -5.03 -57.41
CA ARG L 439 2.89 -4.67 -56.52
C ARG L 439 3.36 -4.51 -55.09
N ILE L 440 4.32 -5.33 -54.66
CA ILE L 440 4.74 -5.30 -53.26
C ILE L 440 5.51 -4.03 -52.95
N ASP L 441 6.45 -3.64 -53.81
CA ASP L 441 7.20 -2.43 -53.53
C ASP L 441 6.46 -1.16 -53.92
N ALA L 442 5.16 -1.25 -54.21
CA ALA L 442 4.33 -0.08 -54.47
C ALA L 442 3.53 0.34 -53.25
N VAL L 443 3.82 -0.22 -52.09
CA VAL L 443 3.18 0.13 -50.83
C VAL L 443 4.13 1.01 -50.04
N ASP L 444 3.72 2.24 -49.75
CA ASP L 444 4.54 3.19 -49.03
C ASP L 444 3.89 3.48 -47.68
N ALA L 445 4.50 4.39 -46.91
CA ALA L 445 3.96 4.75 -45.60
C ALA L 445 2.55 5.31 -45.73
N SER L 446 2.30 6.12 -46.75
CA SER L 446 0.97 6.71 -46.94
C SER L 446 -0.07 5.63 -47.19
N THR L 447 0.25 4.63 -48.01
CA THR L 447 -0.70 3.56 -48.26
C THR L 447 -0.95 2.74 -47.00
N ILE L 448 0.10 2.52 -46.21
CA ILE L 448 -0.08 1.82 -44.93
C ILE L 448 -1.05 2.59 -44.06
N LYS L 449 -0.86 3.91 -43.95
CA LYS L 449 -1.76 4.73 -43.14
C LYS L 449 -3.19 4.65 -43.65
N ARG L 450 -3.37 4.74 -44.98
CA ARG L 450 -4.72 4.77 -45.54
C ARG L 450 -5.43 3.45 -45.33
N VAL L 451 -4.76 2.33 -45.60
CA VAL L 451 -5.39 1.02 -45.42
C VAL L 451 -5.67 0.77 -43.94
N ALA L 452 -4.75 1.16 -43.07
CA ALA L 452 -5.00 1.00 -41.64
C ALA L 452 -6.20 1.80 -41.19
N ASN L 453 -6.34 3.03 -41.69
CA ASN L 453 -7.52 3.82 -41.37
C ASN L 453 -8.79 3.16 -41.87
N ARG L 454 -8.70 2.50 -43.03
CA ARG L 454 -9.87 1.82 -43.58
C ARG L 454 -10.27 0.61 -42.73
N PHE L 455 -9.29 -0.17 -42.28
CA PHE L 455 -9.55 -1.49 -41.69
C PHE L 455 -9.48 -1.52 -40.17
N ILE L 456 -8.53 -0.80 -39.58
CA ILE L 456 -8.26 -0.87 -38.15
C ILE L 456 -9.02 0.18 -37.36
N TYR L 457 -8.95 1.44 -37.81
CA TYR L 457 -9.37 2.59 -37.03
C TYR L 457 -10.85 2.57 -36.66
N ASP L 458 -11.14 2.36 -35.37
CA ASP L 458 -12.48 2.51 -34.82
C ASP L 458 -13.49 1.58 -35.49
N LYS L 459 -13.16 0.29 -35.51
CA LYS L 459 -14.05 -0.75 -36.00
C LYS L 459 -14.26 -1.79 -34.91
N ASP L 460 -15.26 -2.63 -35.10
CA ASP L 460 -15.54 -3.65 -34.11
C ASP L 460 -14.48 -4.76 -34.15
N ILE L 461 -14.51 -5.60 -33.13
CA ILE L 461 -13.52 -6.65 -32.93
C ILE L 461 -14.25 -7.93 -32.51
N ALA L 462 -13.53 -9.04 -32.59
CA ALA L 462 -14.01 -10.33 -32.13
C ALA L 462 -12.94 -10.97 -31.27
N ILE L 463 -13.32 -11.46 -30.09
CA ILE L 463 -12.38 -12.00 -29.12
C ILE L 463 -12.79 -13.43 -28.79
N ALA L 464 -11.79 -14.28 -28.54
CA ALA L 464 -12.02 -15.64 -28.06
C ALA L 464 -10.90 -16.01 -27.11
N ALA L 465 -11.24 -16.36 -25.88
CA ALA L 465 -10.26 -16.62 -24.83
C ALA L 465 -10.62 -17.89 -24.11
N MET L 466 -9.61 -18.55 -23.54
CA MET L 466 -9.81 -19.84 -22.88
C MET L 466 -8.73 -20.03 -21.82
N GLY L 467 -9.14 -20.54 -20.66
CA GLY L 467 -8.21 -20.81 -19.57
C GLY L 467 -8.47 -19.97 -18.34
N PRO L 468 -7.40 -19.63 -17.61
CA PRO L 468 -7.53 -18.70 -16.47
C PRO L 468 -7.51 -17.23 -16.90
N ILE L 469 -8.68 -16.74 -17.32
CA ILE L 469 -8.77 -15.44 -17.97
C ILE L 469 -9.59 -14.48 -17.12
N GLN L 470 -9.51 -14.63 -15.80
CA GLN L 470 -10.23 -13.75 -14.88
C GLN L 470 -9.60 -12.37 -14.78
N ARG L 471 -8.39 -12.18 -15.32
CA ARG L 471 -7.74 -10.87 -15.35
C ARG L 471 -7.68 -10.27 -16.75
N LEU L 472 -8.46 -10.78 -17.68
CA LEU L 472 -8.46 -10.24 -19.04
C LEU L 472 -9.44 -9.07 -19.13
N PRO L 473 -9.02 -7.93 -19.66
CA PRO L 473 -9.90 -6.77 -19.71
C PRO L 473 -11.15 -7.03 -20.52
N ASP L 474 -12.25 -6.39 -20.12
CA ASP L 474 -13.55 -6.66 -20.70
C ASP L 474 -13.64 -6.13 -22.13
N TYR L 475 -14.81 -6.28 -22.73
CA TYR L 475 -14.99 -5.93 -24.14
C TYR L 475 -14.89 -4.43 -24.36
N ASN L 476 -15.40 -3.63 -23.41
CA ASN L 476 -15.37 -2.18 -23.59
C ASN L 476 -13.96 -1.63 -23.61
N TRP L 477 -13.07 -2.22 -22.82
CA TRP L 477 -11.65 -1.83 -22.86
C TRP L 477 -11.07 -2.01 -24.25
N PHE L 478 -11.23 -3.20 -24.82
CA PHE L 478 -10.69 -3.47 -26.15
C PHE L 478 -11.36 -2.58 -27.20
N ARG L 479 -12.66 -2.38 -27.09
CA ARG L 479 -13.37 -1.56 -28.07
C ARG L 479 -12.88 -0.12 -28.04
N ARG L 480 -12.67 0.44 -26.84
CA ARG L 480 -12.23 1.81 -26.74
C ARG L 480 -10.74 1.97 -27.07
N ARG L 481 -9.97 0.90 -27.03
CA ARG L 481 -8.55 1.06 -27.34
C ARG L 481 -8.26 1.10 -28.84
N THR L 482 -9.26 1.39 -29.69
CA THR L 482 -9.08 1.47 -31.12
C THR L 482 -8.93 2.90 -31.64
N TYR L 483 -8.79 3.88 -30.76
CA TYR L 483 -8.50 5.24 -31.18
C TYR L 483 -7.78 5.99 -30.07
N TRP L 484 -7.09 7.06 -30.47
CA TRP L 484 -6.32 7.90 -29.55
C TRP L 484 -6.94 9.28 -29.49
N ASN L 485 -7.17 9.78 -28.28
CA ASN L 485 -7.78 11.09 -28.08
C ASN L 485 -6.77 12.21 -28.04
N ARG L 486 -5.48 11.93 -28.23
CA ARG L 486 -4.47 12.98 -28.23
C ARG L 486 -4.27 13.61 -29.60
N TYR L 487 -4.84 13.03 -30.65
CA TYR L 487 -4.72 13.57 -32.00
C TYR L 487 -6.04 14.16 -32.46
N MET M 1 5.17 -5.98 -17.73
CA MET M 1 5.41 -6.30 -16.34
C MET M 1 6.01 -5.04 -15.71
N ARG M 2 7.25 -5.10 -15.23
CA ARG M 2 7.94 -3.88 -14.82
C ARG M 2 9.36 -3.89 -15.36
N ASN M 3 9.55 -3.48 -16.61
CA ASN M 3 10.89 -3.23 -17.12
C ASN M 3 10.88 -1.97 -17.97
N GLN M 4 9.68 -1.53 -18.36
CA GLN M 4 9.48 -0.26 -19.03
C GLN M 4 8.00 0.09 -18.91
N ARG M 5 7.72 1.39 -18.99
CA ARG M 5 6.38 1.87 -18.68
C ARG M 5 5.36 1.39 -19.68
N PHE M 6 4.28 0.80 -19.20
CA PHE M 6 3.15 0.46 -20.05
C PHE M 6 2.10 1.57 -20.02
N SER M 7 1.50 1.80 -18.86
CA SER M 7 0.46 2.81 -18.71
C SER M 7 0.89 3.84 -17.68
N LEU M 8 0.50 5.10 -17.92
CA LEU M 8 0.73 6.13 -16.93
C LEU M 8 -0.27 6.06 -15.78
N LEU M 9 -1.36 5.31 -15.96
CA LEU M 9 -2.30 5.11 -14.85
C LEU M 9 -1.74 4.18 -13.78
N LYS M 10 -0.93 3.20 -14.18
CA LYS M 10 -0.35 2.25 -13.24
C LYS M 10 0.99 2.73 -12.69
N GLN M 11 1.38 3.96 -13.01
CA GLN M 11 2.58 4.54 -12.45
C GLN M 11 2.35 4.98 -11.01
N PRO M 12 3.42 5.15 -10.23
CA PRO M 12 3.25 5.62 -8.85
C PRO M 12 2.52 6.95 -8.74
N ILE M 13 2.74 7.85 -9.70
CA ILE M 13 2.15 9.18 -9.62
C ILE M 13 0.63 9.12 -9.62
N SER M 14 0.05 8.04 -10.13
CA SER M 14 -1.39 7.88 -10.15
C SER M 14 -1.80 6.45 -9.81
N SER M 15 -1.01 5.77 -8.98
CA SER M 15 -1.32 4.39 -8.62
C SER M 15 -2.56 4.31 -7.74
N THR M 16 -2.64 5.09 -6.67
CA THR M 16 -3.74 4.97 -5.73
C THR M 16 -5.05 5.51 -6.26
N LEU M 17 -5.03 6.58 -7.08
CA LEU M 17 -6.25 7.02 -7.72
C LEU M 17 -6.77 5.95 -8.66
N ASN M 18 -5.87 5.35 -9.45
CA ASN M 18 -6.21 4.20 -10.27
C ASN M 18 -6.90 3.14 -9.44
N GLN M 19 -6.25 2.72 -8.36
CA GLN M 19 -6.70 1.57 -7.58
C GLN M 19 -8.04 1.82 -6.88
N HIS M 20 -8.26 3.03 -6.36
CA HIS M 20 -9.47 3.30 -5.60
C HIS M 20 -10.56 4.02 -6.36
N LEU M 21 -10.34 4.40 -7.62
CA LEU M 21 -11.43 5.03 -8.35
C LEU M 21 -11.69 4.38 -9.70
N ILE M 22 -10.64 3.95 -10.39
CA ILE M 22 -10.81 3.48 -11.77
C ILE M 22 -11.01 1.97 -11.77
N ASP M 23 -10.08 1.24 -11.17
CA ASP M 23 -10.07 -0.21 -11.25
C ASP M 23 -10.79 -0.89 -10.09
N TYR M 24 -11.27 -0.14 -9.11
CA TYR M 24 -11.65 -0.74 -7.84
C TYR M 24 -12.83 -1.70 -8.04
N PRO M 25 -12.65 -3.00 -7.76
CA PRO M 25 -13.71 -3.97 -8.04
C PRO M 25 -14.91 -3.78 -7.13
N THR M 26 -16.09 -3.72 -7.74
CA THR M 26 -17.35 -3.57 -7.04
C THR M 26 -18.34 -4.62 -7.50
N PRO M 27 -19.26 -5.06 -6.64
CA PRO M 27 -20.27 -6.01 -7.08
C PRO M 27 -21.11 -5.45 -8.22
N SER M 28 -21.55 -6.32 -9.11
CA SER M 28 -22.16 -5.87 -10.35
C SER M 28 -23.67 -5.66 -10.25
N ASN M 29 -24.29 -5.92 -9.10
CA ASN M 29 -25.74 -5.76 -8.97
C ASN M 29 -26.13 -4.63 -8.03
N LEU M 30 -25.22 -3.72 -7.73
CA LEU M 30 -25.55 -2.56 -6.91
C LEU M 30 -26.63 -1.73 -7.57
N SER M 31 -27.57 -1.24 -6.76
CA SER M 31 -28.65 -0.41 -7.24
C SER M 31 -28.34 1.04 -6.96
N TYR M 32 -29.33 1.91 -7.12
CA TYR M 32 -29.12 3.35 -7.06
C TYR M 32 -28.87 3.86 -5.64
N TRP M 33 -29.25 3.09 -4.61
CA TRP M 33 -29.10 3.51 -3.22
C TRP M 33 -27.64 3.55 -2.76
N TRP M 34 -26.73 3.23 -3.66
CA TRP M 34 -25.29 3.39 -3.47
C TRP M 34 -24.70 4.63 -4.16
N GLY M 35 -25.53 5.56 -4.60
CA GLY M 35 -25.00 6.81 -5.14
C GLY M 35 -24.96 7.99 -4.18
N PHE M 36 -25.64 7.85 -3.03
CA PHE M 36 -25.83 8.98 -2.15
C PHE M 36 -24.57 9.36 -1.38
N GLY M 37 -23.60 8.46 -1.23
CA GLY M 37 -22.34 8.85 -0.62
C GLY M 37 -21.58 9.85 -1.48
N SER M 38 -21.48 9.56 -2.78
CA SER M 38 -20.85 10.50 -3.70
C SER M 38 -21.65 11.79 -3.79
N LEU M 39 -22.97 11.67 -3.78
CA LEU M 39 -23.80 12.86 -3.86
C LEU M 39 -23.59 13.74 -2.63
N ALA M 40 -23.41 13.14 -1.46
CA ALA M 40 -23.12 13.90 -0.24
C ALA M 40 -21.75 14.55 -0.30
N GLY M 41 -20.76 13.88 -0.90
CA GLY M 41 -19.48 14.54 -1.12
C GLY M 41 -19.61 15.78 -1.99
N ILE M 42 -20.41 15.69 -3.05
CA ILE M 42 -20.68 16.85 -3.89
C ILE M 42 -21.30 17.97 -3.07
N CYS M 43 -22.28 17.63 -2.24
CA CYS M 43 -22.96 18.65 -1.43
C CYS M 43 -21.98 19.34 -0.48
N LEU M 44 -21.07 18.56 0.11
CA LEU M 44 -20.11 19.15 1.04
C LEU M 44 -19.15 20.09 0.33
N VAL M 45 -18.71 19.73 -0.89
CA VAL M 45 -17.84 20.64 -1.63
C VAL M 45 -18.56 21.93 -2.00
N ILE M 46 -19.84 21.82 -2.39
CA ILE M 46 -20.61 23.02 -2.70
C ILE M 46 -20.69 23.94 -1.48
N GLN M 47 -20.97 23.36 -0.30
CA GLN M 47 -21.04 24.17 0.90
C GLN M 47 -19.72 24.88 1.17
N ILE M 48 -18.60 24.16 1.07
CA ILE M 48 -17.32 24.80 1.36
C ILE M 48 -17.06 25.96 0.41
N VAL M 49 -17.31 25.76 -0.88
CA VAL M 49 -16.98 26.81 -1.85
C VAL M 49 -17.85 28.04 -1.66
N THR M 50 -19.17 27.86 -1.59
CA THR M 50 -20.02 29.03 -1.42
C THR M 50 -19.77 29.71 -0.08
N GLY M 51 -19.37 28.96 0.94
CA GLY M 51 -19.02 29.59 2.20
C GLY M 51 -17.77 30.45 2.11
N VAL M 52 -16.73 29.93 1.45
CA VAL M 52 -15.50 30.69 1.33
C VAL M 52 -15.74 31.96 0.54
N PHE M 53 -16.72 31.96 -0.37
CA PHE M 53 -17.01 33.20 -1.07
C PHE M 53 -17.98 34.11 -0.32
N LEU M 54 -18.89 33.55 0.47
CA LEU M 54 -19.78 34.37 1.28
C LEU M 54 -19.02 35.11 2.37
N ALA M 55 -18.06 34.46 3.00
CA ALA M 55 -17.36 35.08 4.12
C ALA M 55 -16.37 36.11 3.70
N MET M 56 -16.45 36.51 2.43
CA MET M 56 -15.66 37.60 1.87
C MET M 56 -16.40 38.93 1.94
N HIS M 57 -17.63 38.94 2.42
CA HIS M 57 -18.47 40.11 2.47
C HIS M 57 -19.16 40.31 3.81
N TYR M 58 -19.02 39.39 4.76
CA TYR M 58 -19.78 39.37 5.99
C TYR M 58 -18.93 39.86 7.16
N THR M 59 -19.53 40.70 8.01
CA THR M 59 -18.86 41.27 9.18
C THR M 59 -19.50 40.75 10.45
N PRO M 60 -18.80 39.98 11.30
CA PRO M 60 -19.40 39.38 12.51
C PRO M 60 -19.40 40.26 13.75
N HIS M 61 -20.35 41.19 13.80
CA HIS M 61 -20.55 42.08 14.93
C HIS M 61 -22.05 42.26 15.12
N VAL M 62 -22.48 42.52 16.35
CA VAL M 62 -23.91 42.64 16.61
C VAL M 62 -24.50 43.94 16.07
N ASP M 63 -23.66 44.87 15.63
CA ASP M 63 -24.14 46.09 15.02
C ASP M 63 -24.19 46.03 13.51
N LEU M 64 -23.42 45.14 12.88
CA LEU M 64 -23.20 45.18 11.45
C LEU M 64 -23.43 43.85 10.74
N ALA M 65 -24.06 42.87 11.39
CA ALA M 65 -24.17 41.54 10.78
C ALA M 65 -25.39 41.45 9.87
N PHE M 66 -26.57 41.80 10.39
CA PHE M 66 -27.77 41.83 9.58
C PHE M 66 -27.58 42.73 8.36
N ASN M 67 -26.92 43.87 8.55
CA ASN M 67 -26.67 44.78 7.44
C ASN M 67 -25.69 44.18 6.45
N SER M 68 -24.70 43.42 6.91
CA SER M 68 -23.80 42.76 5.98
C SER M 68 -24.54 41.75 5.11
N VAL M 69 -25.43 40.97 5.71
CA VAL M 69 -26.18 40.00 4.93
C VAL M 69 -27.07 40.70 3.90
N GLU M 70 -27.75 41.78 4.32
CA GLU M 70 -28.60 42.49 3.37
C GLU M 70 -27.79 43.14 2.26
N HIS M 71 -26.62 43.69 2.58
CA HIS M 71 -25.75 44.27 1.56
C HIS M 71 -25.28 43.22 0.57
N VAL M 72 -24.94 42.03 1.06
CA VAL M 72 -24.59 40.92 0.16
C VAL M 72 -25.74 40.63 -0.78
N MET M 73 -26.93 40.45 -0.23
CA MET M 73 -28.05 39.92 -0.98
C MET M 73 -28.74 40.97 -1.84
N ARG M 74 -28.41 42.25 -1.65
CA ARG M 74 -29.09 43.34 -2.33
C ARG M 74 -28.18 44.19 -3.20
N ASP M 75 -26.86 44.06 -3.06
CA ASP M 75 -25.94 45.04 -3.64
C ASP M 75 -24.75 44.43 -4.36
N VAL M 76 -24.47 43.16 -4.22
CA VAL M 76 -23.32 42.53 -4.86
C VAL M 76 -23.80 41.82 -6.11
N GLU M 77 -22.98 41.84 -7.15
CA GLU M 77 -23.35 41.30 -8.46
C GLU M 77 -23.50 39.79 -8.37
N GLY M 78 -24.74 39.31 -8.33
CA GLY M 78 -24.99 37.88 -8.22
C GLY M 78 -24.85 37.32 -6.83
N GLY M 79 -24.88 38.14 -5.79
CA GLY M 79 -24.72 37.63 -4.43
C GLY M 79 -25.94 36.88 -3.93
N TRP M 80 -27.11 37.19 -4.47
CA TRP M 80 -28.30 36.45 -4.07
C TRP M 80 -28.17 34.97 -4.42
N LEU M 81 -27.52 34.66 -5.53
CA LEU M 81 -27.29 33.27 -5.90
C LEU M 81 -26.42 32.56 -4.88
N LEU M 82 -25.33 33.20 -4.45
CA LEU M 82 -24.46 32.60 -3.44
C LEU M 82 -25.21 32.35 -2.15
N ARG M 83 -25.93 33.37 -1.65
CA ARG M 83 -26.61 33.20 -0.37
C ARG M 83 -27.66 32.10 -0.45
N TYR M 84 -28.43 32.06 -1.53
CA TYR M 84 -29.48 31.06 -1.63
C TYR M 84 -28.90 29.66 -1.80
N MET M 85 -27.81 29.53 -2.56
CA MET M 85 -27.17 28.22 -2.66
C MET M 85 -26.68 27.74 -1.30
N HIS M 86 -26.09 28.62 -0.49
CA HIS M 86 -25.63 28.17 0.83
C HIS M 86 -26.80 27.74 1.71
N ALA M 87 -27.79 28.61 1.85
CA ALA M 87 -28.88 28.37 2.78
C ALA M 87 -29.79 27.23 2.35
N ASN M 88 -29.75 26.83 1.08
CA ASN M 88 -30.53 25.66 0.67
C ASN M 88 -29.68 24.41 0.48
N GLY M 89 -28.37 24.56 0.23
CA GLY M 89 -27.51 23.42 0.17
C GLY M 89 -27.33 22.76 1.52
N ALA M 90 -27.48 23.52 2.61
CA ALA M 90 -27.51 22.88 3.93
C ALA M 90 -28.67 21.88 4.02
N SER M 91 -29.86 22.28 3.57
CA SER M 91 -31.01 21.38 3.59
C SER M 91 -30.79 20.17 2.68
N MET M 92 -30.22 20.41 1.50
CA MET M 92 -29.96 19.30 0.58
C MET M 92 -28.98 18.30 1.19
N PHE M 93 -27.94 18.81 1.86
CA PHE M 93 -26.92 17.96 2.47
C PHE M 93 -27.54 17.08 3.57
N LEU M 94 -28.41 17.66 4.39
CA LEU M 94 -29.07 16.84 5.42
C LEU M 94 -30.00 15.81 4.80
N ILE M 95 -30.72 16.16 3.73
CA ILE M 95 -31.61 15.18 3.10
C ILE M 95 -30.81 13.99 2.57
N VAL M 96 -29.70 14.28 1.90
CA VAL M 96 -28.89 13.22 1.32
C VAL M 96 -28.36 12.29 2.41
N VAL M 97 -27.88 12.86 3.52
CA VAL M 97 -27.34 11.98 4.57
C VAL M 97 -28.45 11.16 5.24
N HIS M 98 -29.65 11.71 5.41
CA HIS M 98 -30.72 10.90 5.98
C HIS M 98 -31.04 9.69 5.10
N LEU M 99 -31.13 9.92 3.78
CA LEU M 99 -31.38 8.79 2.88
C LEU M 99 -30.24 7.77 2.94
N HIS M 100 -29.00 8.25 3.06
CA HIS M 100 -27.85 7.37 3.15
C HIS M 100 -27.94 6.47 4.38
N ILE M 101 -28.25 7.06 5.53
CA ILE M 101 -28.35 6.30 6.77
C ILE M 101 -29.44 5.24 6.65
N PHE M 102 -30.60 5.63 6.10
CA PHE M 102 -31.68 4.64 6.05
C PHE M 102 -31.39 3.52 5.07
N ARG M 103 -30.69 3.80 3.95
CA ARG M 103 -30.25 2.72 3.10
C ARG M 103 -29.38 1.75 3.88
N GLY M 104 -28.35 2.26 4.56
CA GLY M 104 -27.48 1.38 5.32
C GLY M 104 -28.19 0.61 6.41
N LEU M 105 -29.30 1.16 6.92
CA LEU M 105 -30.08 0.47 7.93
C LEU M 105 -31.01 -0.58 7.36
N TYR M 106 -31.31 -0.52 6.06
CA TYR M 106 -32.16 -1.54 5.45
C TYR M 106 -31.38 -2.82 5.17
N HIS M 107 -30.28 -2.72 4.43
CA HIS M 107 -29.48 -3.87 4.04
C HIS M 107 -28.45 -4.25 5.10
N ALA M 108 -28.62 -3.81 6.34
CA ALA M 108 -27.83 -4.27 7.48
C ALA M 108 -26.33 -4.12 7.25
N SER M 109 -25.92 -2.97 6.73
CA SER M 109 -24.50 -2.76 6.44
C SER M 109 -23.67 -2.48 7.67
N TYR M 110 -24.26 -2.36 8.85
CA TYR M 110 -23.45 -2.07 10.04
C TYR M 110 -22.71 -3.31 10.54
N SER M 111 -23.26 -4.50 10.30
CA SER M 111 -22.75 -5.73 10.89
C SER M 111 -21.35 -6.04 10.37
N SER M 112 -20.76 -7.08 10.93
CA SER M 112 -19.36 -7.39 10.67
C SER M 112 -19.14 -7.71 9.19
N PRO M 113 -17.99 -7.35 8.63
CA PRO M 113 -16.91 -6.60 9.28
C PRO M 113 -16.94 -5.09 9.03
N ARG M 114 -18.13 -4.48 9.03
CA ARG M 114 -18.25 -3.07 8.68
C ARG M 114 -18.88 -2.24 9.79
N GLU M 115 -18.37 -2.37 11.01
CA GLU M 115 -18.82 -1.52 12.12
C GLU M 115 -17.89 -0.35 12.41
N PHE M 116 -16.61 -0.42 12.04
CA PHE M 116 -15.76 0.77 12.14
C PHE M 116 -16.28 1.87 11.23
N VAL M 117 -16.80 1.49 10.06
CA VAL M 117 -17.42 2.44 9.14
C VAL M 117 -18.65 3.08 9.78
N ARG M 118 -19.47 2.28 10.47
CA ARG M 118 -20.63 2.82 11.16
C ARG M 118 -20.23 3.83 12.24
N CYS M 119 -19.20 3.50 13.02
CA CYS M 119 -18.77 4.40 14.09
C CYS M 119 -18.27 5.73 13.52
N LEU M 120 -17.47 5.68 12.45
CA LEU M 120 -17.01 6.92 11.83
C LEU M 120 -18.18 7.71 11.26
N GLY M 121 -19.19 7.03 10.72
CA GLY M 121 -20.36 7.74 10.24
C GLY M 121 -21.09 8.48 11.35
N VAL M 122 -21.24 7.85 12.51
CA VAL M 122 -21.93 8.52 13.62
C VAL M 122 -21.16 9.75 14.08
N VAL M 123 -19.83 9.65 14.15
CA VAL M 123 -19.02 10.82 14.47
C VAL M 123 -19.26 11.94 13.45
N ILE M 124 -19.30 11.58 12.16
CA ILE M 124 -19.55 12.57 11.13
C ILE M 124 -20.91 13.23 11.33
N PHE M 125 -21.91 12.45 11.75
CA PHE M 125 -23.24 13.02 11.94
C PHE M 125 -23.24 14.06 13.06
N LEU M 126 -22.53 13.78 14.15
CA LEU M 126 -22.38 14.80 15.19
C LEU M 126 -21.73 16.07 14.65
N LEU M 127 -20.68 15.92 13.85
CA LEU M 127 -20.02 17.11 13.32
C LEU M 127 -20.97 17.93 12.45
N MET M 128 -21.76 17.26 11.61
CA MET M 128 -22.73 17.96 10.77
C MET M 128 -23.72 18.75 11.60
N ILE M 129 -24.29 18.12 12.63
CA ILE M 129 -25.28 18.80 13.46
C ILE M 129 -24.67 20.02 14.12
N VAL M 130 -23.47 19.87 14.68
CA VAL M 130 -22.83 20.98 15.37
C VAL M 130 -22.59 22.14 14.40
N THR M 131 -22.09 21.84 13.20
CA THR M 131 -21.75 22.90 12.26
C THR M 131 -22.99 23.67 11.80
N ALA M 132 -24.05 22.95 11.45
CA ALA M 132 -25.26 23.64 11.01
C ALA M 132 -25.86 24.50 12.12
N PHE M 133 -25.93 23.96 13.36
CA PHE M 133 -26.51 24.74 14.43
C PHE M 133 -25.68 25.98 14.75
N THR M 134 -24.35 25.84 14.78
CA THR M 134 -23.51 27.02 15.03
C THR M 134 -23.69 28.06 13.93
N GLY M 135 -23.83 27.62 12.69
CA GLY M 135 -23.92 28.57 11.60
C GLY M 135 -25.29 29.15 11.34
N TYR M 136 -26.34 28.67 12.02
CA TYR M 136 -27.62 29.36 11.88
C TYR M 136 -27.68 30.69 12.61
N VAL M 137 -26.70 30.98 13.47
CA VAL M 137 -26.66 32.19 14.30
C VAL M 137 -26.12 33.44 13.60
N PRO M 138 -25.06 33.38 12.78
CA PRO M 138 -24.37 34.61 12.34
C PRO M 138 -25.23 35.64 11.64
N PRO M 139 -26.32 35.28 10.94
CA PRO M 139 -27.18 36.36 10.43
C PRO M 139 -27.84 37.19 11.51
N TRP M 140 -27.97 36.66 12.73
CA TRP M 140 -28.38 37.45 13.90
C TRP M 140 -29.78 38.02 13.75
N GLY M 141 -30.75 37.15 13.52
CA GLY M 141 -32.15 37.51 13.57
C GLY M 141 -32.78 37.13 14.89
N GLN M 142 -34.11 37.10 14.90
CA GLN M 142 -34.82 36.68 16.11
C GLN M 142 -34.57 35.21 16.42
N MET M 143 -34.78 34.35 15.42
CA MET M 143 -34.61 32.92 15.62
C MET M 143 -33.18 32.57 16.01
N SER M 144 -32.20 33.21 15.38
CA SER M 144 -30.81 32.95 15.73
C SER M 144 -30.58 33.20 17.21
N PHE M 145 -30.96 34.39 17.68
CA PHE M 145 -30.70 34.78 19.06
C PHE M 145 -31.43 33.86 20.05
N TRP M 146 -32.71 33.65 19.84
CA TRP M 146 -33.46 32.89 20.84
C TRP M 146 -33.19 31.39 20.77
N GLY M 147 -32.93 30.83 19.59
CA GLY M 147 -32.48 29.46 19.53
C GLY M 147 -31.15 29.25 20.22
N ALA M 148 -30.19 30.15 20.01
CA ALA M 148 -28.92 30.05 20.72
C ALA M 148 -29.15 30.09 22.22
N THR M 149 -29.95 31.05 22.70
CA THR M 149 -30.23 31.14 24.13
C THR M 149 -30.79 29.82 24.67
N VAL M 150 -31.86 29.34 24.05
CA VAL M 150 -32.55 28.16 24.59
C VAL M 150 -31.64 26.94 24.57
N ILE M 151 -31.00 26.67 23.43
CA ILE M 151 -30.26 25.41 23.30
C ILE M 151 -28.99 25.45 24.15
N THR M 152 -28.30 26.58 24.21
CA THR M 152 -27.10 26.63 25.02
C THR M 152 -27.39 26.84 26.50
N SER M 153 -28.62 27.14 26.89
CA SER M 153 -28.99 27.11 28.29
C SER M 153 -29.60 25.78 28.71
N LEU M 154 -29.92 24.90 27.76
CA LEU M 154 -30.17 23.51 28.12
C LEU M 154 -28.95 22.84 28.73
N ALA M 155 -27.76 23.37 28.49
CA ALA M 155 -26.53 22.78 29.03
C ALA M 155 -26.37 23.00 30.52
N SER M 156 -27.35 23.59 31.20
CA SER M 156 -27.30 23.77 32.65
C SER M 156 -28.14 22.75 33.40
N ALA M 157 -28.66 21.73 32.71
CA ALA M 157 -29.37 20.65 33.39
C ALA M 157 -28.41 19.72 34.10
N ILE M 158 -27.13 19.77 33.75
CA ILE M 158 -26.08 18.98 34.38
C ILE M 158 -26.00 19.39 35.85
N PRO M 159 -25.62 18.49 36.77
CA PRO M 159 -25.42 18.90 38.17
C PRO M 159 -24.28 19.89 38.31
N VAL M 160 -23.88 20.18 39.55
CA VAL M 160 -23.30 21.46 39.98
C VAL M 160 -22.41 22.11 38.92
N VAL M 161 -21.60 21.32 38.24
CA VAL M 161 -20.64 21.83 37.26
C VAL M 161 -21.31 22.48 36.05
N GLY M 162 -22.62 22.31 35.91
CA GLY M 162 -23.29 22.76 34.69
C GLY M 162 -23.27 24.26 34.48
N ASP M 163 -23.49 25.02 35.54
CA ASP M 163 -23.59 26.47 35.42
C ASP M 163 -22.28 27.09 34.93
N THR M 164 -21.16 26.59 35.45
CA THR M 164 -19.86 27.06 34.98
C THR M 164 -19.69 26.75 33.50
N ILE M 165 -20.13 25.57 33.07
CA ILE M 165 -20.02 25.20 31.66
C ILE M 165 -20.82 26.18 30.80
N VAL M 166 -22.05 26.49 31.21
CA VAL M 166 -22.88 27.40 30.42
C VAL M 166 -22.28 28.79 30.38
N THR M 167 -21.81 29.29 31.52
CA THR M 167 -21.21 30.62 31.55
C THR M 167 -19.97 30.70 30.67
N TRP M 168 -19.16 29.64 30.67
CA TRP M 168 -17.99 29.59 29.80
C TRP M 168 -18.39 29.52 28.33
N LEU M 169 -19.44 28.77 28.02
CA LEU M 169 -19.87 28.64 26.63
C LEU M 169 -20.44 29.94 26.07
N TRP M 170 -21.16 30.69 26.89
CA TRP M 170 -21.76 31.94 26.44
C TRP M 170 -20.75 33.08 26.32
N GLY M 171 -19.58 32.97 26.96
CA GLY M 171 -18.63 34.05 26.91
C GLY M 171 -18.98 35.23 27.79
N GLY M 172 -20.01 35.10 28.62
CA GLY M 172 -20.43 36.17 29.50
C GLY M 172 -21.62 35.77 30.34
N PHE M 173 -22.60 36.66 30.47
CA PHE M 173 -23.80 36.38 31.22
C PHE M 173 -25.02 36.11 30.36
N SER M 174 -24.91 36.31 29.05
CA SER M 174 -26.03 36.08 28.13
C SER M 174 -25.46 36.01 26.72
N VAL M 175 -26.36 35.86 25.74
CA VAL M 175 -25.96 35.79 24.34
C VAL M 175 -25.68 37.21 23.85
N ASP M 176 -24.46 37.45 23.40
CA ASP M 176 -24.04 38.81 23.06
C ASP M 176 -22.88 38.68 22.07
N ASN M 177 -22.11 39.76 21.89
CA ASN M 177 -21.15 39.85 20.81
C ASN M 177 -20.08 38.76 20.88
N ALA M 178 -19.67 38.40 22.09
CA ALA M 178 -18.65 37.35 22.24
C ALA M 178 -19.13 36.04 21.65
N THR M 179 -20.40 35.70 21.87
CA THR M 179 -20.95 34.49 21.28
C THR M 179 -20.93 34.56 19.76
N LEU M 180 -21.23 35.73 19.20
CA LEU M 180 -21.24 35.87 17.75
C LEU M 180 -19.84 35.65 17.16
N ASN M 181 -18.83 36.32 17.72
CA ASN M 181 -17.48 36.16 17.20
C ASN M 181 -16.99 34.72 17.35
N ARG M 182 -17.20 34.13 18.52
CA ARG M 182 -16.79 32.76 18.77
C ARG M 182 -17.46 31.79 17.80
N PHE M 183 -18.76 31.97 17.59
CA PHE M 183 -19.49 31.07 16.71
C PHE M 183 -19.03 31.20 15.27
N PHE M 184 -18.69 32.42 14.84
CA PHE M 184 -18.18 32.57 13.48
C PHE M 184 -16.88 31.82 13.30
N SER M 185 -15.95 31.95 14.26
CA SER M 185 -14.68 31.24 14.10
C SER M 185 -14.88 29.72 14.09
N LEU M 186 -15.72 29.20 14.98
CA LEU M 186 -15.97 27.77 15.00
C LEU M 186 -16.61 27.30 13.70
N HIS M 187 -17.56 28.08 13.18
CA HIS M 187 -18.22 27.70 11.94
C HIS M 187 -17.25 27.68 10.77
N HIS M 188 -16.28 28.59 10.76
CA HIS M 188 -15.35 28.56 9.65
C HIS M 188 -14.41 27.37 9.79
N LEU M 189 -14.13 26.93 11.03
CA LEU M 189 -13.13 25.88 11.23
C LEU M 189 -13.68 24.46 11.01
N LEU M 190 -14.87 24.17 11.51
CA LEU M 190 -15.31 22.77 11.58
C LEU M 190 -15.38 22.00 10.27
N PRO M 191 -15.80 22.58 9.13
CA PRO M 191 -15.96 21.76 7.92
C PRO M 191 -14.69 21.05 7.44
N PHE M 192 -13.50 21.55 7.76
CA PHE M 192 -12.29 20.86 7.35
C PHE M 192 -12.10 19.57 8.17
N ILE M 193 -12.42 19.62 9.46
CA ILE M 193 -12.46 18.40 10.27
C ILE M 193 -13.49 17.43 9.70
N LEU M 194 -14.61 17.95 9.22
CA LEU M 194 -15.62 17.08 8.62
C LEU M 194 -15.07 16.39 7.36
N VAL M 195 -14.30 17.12 6.55
CA VAL M 195 -13.67 16.53 5.36
C VAL M 195 -12.73 15.40 5.76
N GLY M 196 -11.88 15.65 6.77
CA GLY M 196 -10.96 14.60 7.20
C GLY M 196 -11.68 13.35 7.67
N ALA M 197 -12.74 13.53 8.46
CA ALA M 197 -13.50 12.37 8.92
C ALA M 197 -14.10 11.61 7.74
N SER M 198 -14.55 12.32 6.71
CA SER M 198 -15.10 11.64 5.55
C SER M 198 -14.03 10.82 4.83
N LEU M 199 -12.81 11.34 4.73
CA LEU M 199 -11.75 10.57 4.07
C LEU M 199 -11.43 9.30 4.85
N LEU M 200 -11.36 9.38 6.18
CA LEU M 200 -11.13 8.18 6.98
C LEU M 200 -12.27 7.17 6.82
N HIS M 201 -13.50 7.67 6.81
CA HIS M 201 -14.68 6.86 6.53
C HIS M 201 -14.50 6.06 5.24
N LEU M 202 -14.06 6.74 4.19
CA LEU M 202 -13.97 6.07 2.88
C LEU M 202 -12.86 5.04 2.85
N ALA M 203 -11.71 5.33 3.47
CA ALA M 203 -10.64 4.33 3.50
C ALA M 203 -11.08 3.08 4.30
N ALA M 204 -11.77 3.29 5.42
CA ALA M 204 -12.23 2.16 6.20
C ALA M 204 -13.27 1.35 5.45
N LEU M 205 -14.05 1.97 4.57
CA LEU M 205 -14.92 1.17 3.70
C LEU M 205 -14.10 0.36 2.71
N HIS M 206 -13.16 1.02 2.02
CA HIS M 206 -12.42 0.34 0.96
C HIS M 206 -11.57 -0.81 1.46
N GLN M 207 -11.25 -0.86 2.75
CA GLN M 207 -10.40 -1.96 3.22
C GLN M 207 -11.11 -3.30 3.18
N TYR M 208 -12.44 -3.32 2.97
CA TYR M 208 -13.18 -4.57 2.75
C TYR M 208 -14.04 -4.59 1.50
N GLY M 209 -14.42 -3.44 0.96
CA GLY M 209 -15.40 -3.40 -0.11
C GLY M 209 -16.82 -3.29 0.40
N SER M 210 -17.74 -3.14 -0.54
CA SER M 210 -19.11 -2.78 -0.21
C SER M 210 -20.03 -3.98 -0.21
N ASN M 211 -21.21 -3.79 0.39
CA ASN M 211 -22.22 -4.81 0.50
C ASN M 211 -22.94 -4.94 -0.83
N ASN M 212 -24.07 -5.65 -0.86
CA ASN M 212 -24.83 -5.78 -2.09
C ASN M 212 -26.27 -6.13 -1.73
N PRO M 213 -27.24 -5.84 -2.61
CA PRO M 213 -28.65 -6.04 -2.26
C PRO M 213 -29.05 -7.45 -1.87
N LEU M 214 -28.12 -8.40 -1.94
CA LEU M 214 -28.40 -9.77 -1.51
C LEU M 214 -27.78 -10.12 -0.17
N GLY M 215 -26.75 -9.39 0.28
CA GLY M 215 -26.11 -9.70 1.53
C GLY M 215 -25.40 -11.02 1.58
N VAL M 216 -24.73 -11.41 0.50
CA VAL M 216 -24.01 -12.67 0.42
C VAL M 216 -22.58 -12.41 0.01
N HIS M 217 -21.75 -13.45 0.08
CA HIS M 217 -20.41 -13.36 -0.47
C HIS M 217 -20.50 -13.03 -1.95
N SER M 218 -19.73 -12.03 -2.37
CA SER M 218 -19.92 -11.44 -3.70
C SER M 218 -18.60 -11.26 -4.45
N GLU M 219 -17.62 -12.13 -4.24
CA GLU M 219 -16.31 -11.89 -4.82
C GLU M 219 -16.13 -12.61 -6.16
N MET M 220 -17.03 -13.53 -6.52
CA MET M 220 -16.88 -14.22 -7.80
C MET M 220 -17.29 -13.37 -9.00
N ASP M 221 -18.28 -12.48 -8.84
CA ASP M 221 -18.80 -11.69 -9.94
C ASP M 221 -18.68 -10.20 -9.60
N GLN M 222 -17.62 -9.57 -10.10
CA GLN M 222 -17.37 -8.15 -9.86
C GLN M 222 -16.83 -7.52 -11.14
N ILE M 223 -17.01 -6.21 -11.24
CA ILE M 223 -16.57 -5.44 -12.41
C ILE M 223 -15.72 -4.27 -11.95
N SER M 224 -15.31 -3.43 -12.89
CA SER M 224 -14.57 -2.22 -12.56
C SER M 224 -15.53 -1.12 -12.13
N PHE M 225 -14.96 -0.03 -11.60
CA PHE M 225 -15.78 1.12 -11.26
C PHE M 225 -16.02 1.99 -12.48
N TYR M 226 -14.94 2.48 -13.09
CA TYR M 226 -15.04 3.19 -14.35
C TYR M 226 -14.96 2.21 -15.51
N PRO M 227 -15.86 2.28 -16.50
CA PRO M 227 -16.89 3.30 -16.65
C PRO M 227 -18.29 2.87 -16.23
N TYR M 228 -18.43 1.84 -15.41
CA TYR M 228 -19.71 1.19 -15.27
C TYR M 228 -20.59 1.79 -14.19
N PHE M 229 -20.01 2.29 -13.10
CA PHE M 229 -20.78 2.96 -12.06
C PHE M 229 -20.60 4.47 -12.08
N TYR M 230 -19.56 4.97 -12.75
CA TYR M 230 -19.41 6.40 -12.94
C TYR M 230 -20.58 6.99 -13.71
N VAL M 231 -21.08 6.27 -14.72
CA VAL M 231 -22.21 6.78 -15.49
C VAL M 231 -23.49 6.78 -14.65
N LYS M 232 -23.66 5.76 -13.80
CA LYS M 232 -24.80 5.75 -12.90
C LYS M 232 -24.75 6.93 -11.93
N ASP M 233 -23.56 7.20 -11.40
CA ASP M 233 -23.40 8.37 -10.53
C ASP M 233 -23.68 9.66 -11.29
N LEU M 234 -23.30 9.71 -12.57
CA LEU M 234 -23.59 10.90 -13.38
C LEU M 234 -25.08 11.13 -13.50
N VAL M 235 -25.85 10.06 -13.75
CA VAL M 235 -27.31 10.21 -13.81
C VAL M 235 -27.85 10.76 -12.50
N GLY M 236 -27.36 10.22 -11.39
CA GLY M 236 -27.77 10.73 -10.08
C GLY M 236 -27.47 12.21 -9.91
N TRP M 237 -26.26 12.62 -10.28
CA TRP M 237 -25.87 14.02 -10.11
C TRP M 237 -26.72 14.95 -10.94
N VAL M 238 -27.10 14.54 -12.15
CA VAL M 238 -27.91 15.41 -12.99
C VAL M 238 -29.32 15.57 -12.42
N ALA M 239 -29.94 14.47 -11.97
CA ALA M 239 -31.24 14.62 -11.33
C ALA M 239 -31.14 15.50 -10.09
N PHE M 240 -30.06 15.34 -9.33
CA PHE M 240 -29.84 16.16 -8.14
C PHE M 240 -29.76 17.64 -8.51
N ALA M 241 -29.04 17.96 -9.59
CA ALA M 241 -28.91 19.35 -10.00
C ALA M 241 -30.26 19.94 -10.38
N ILE M 242 -31.12 19.15 -11.02
CA ILE M 242 -32.46 19.64 -11.34
C ILE M 242 -33.21 19.99 -10.06
N PHE M 243 -33.20 19.08 -9.09
CA PHE M 243 -33.91 19.31 -7.82
C PHE M 243 -33.38 20.55 -7.10
N PHE M 244 -32.05 20.65 -7.02
CA PHE M 244 -31.40 21.77 -6.35
C PHE M 244 -31.75 23.10 -7.02
N SER M 245 -31.72 23.13 -8.35
CA SER M 245 -32.03 24.36 -9.06
C SER M 245 -33.48 24.77 -8.88
N ILE M 246 -34.39 23.79 -8.81
CA ILE M 246 -35.78 24.13 -8.55
C ILE M 246 -35.91 24.83 -7.20
N TRP M 247 -35.21 24.32 -6.19
CA TRP M 247 -35.28 24.99 -4.88
C TRP M 247 -34.64 26.37 -4.91
N ILE M 248 -33.51 26.53 -5.62
CA ILE M 248 -32.79 27.80 -5.58
C ILE M 248 -33.55 28.90 -6.31
N PHE M 249 -34.13 28.60 -7.48
CA PHE M 249 -34.56 29.66 -8.38
C PHE M 249 -36.03 30.02 -8.27
N TYR M 250 -36.91 29.09 -7.89
CA TYR M 250 -38.34 29.35 -7.94
C TYR M 250 -39.05 29.25 -6.60
N ALA M 251 -38.36 28.89 -5.53
CA ALA M 251 -38.95 28.84 -4.20
C ALA M 251 -37.84 28.87 -3.16
N PRO M 252 -37.09 29.97 -3.04
CA PRO M 252 -35.89 29.95 -2.19
C PRO M 252 -36.17 30.18 -0.72
N ASN M 253 -37.35 30.66 -0.33
CA ASN M 253 -37.64 30.97 1.07
C ASN M 253 -38.64 29.99 1.69
N VAL M 254 -38.94 28.88 1.02
CA VAL M 254 -39.96 27.97 1.54
C VAL M 254 -39.40 27.12 2.68
N LEU M 255 -38.09 26.90 2.71
CA LEU M 255 -37.46 26.02 3.69
C LEU M 255 -36.86 26.78 4.87
N GLY M 256 -37.50 27.85 5.31
CA GLY M 256 -37.01 28.58 6.47
C GLY M 256 -38.13 29.13 7.33
N HIS M 257 -37.80 30.03 8.24
CA HIS M 257 -38.79 30.68 9.09
C HIS M 257 -38.75 32.18 8.82
N PRO M 258 -39.91 32.83 8.68
CA PRO M 258 -39.92 34.26 8.35
C PRO M 258 -39.26 35.13 9.40
N ASP M 259 -39.29 34.72 10.67
CA ASP M 259 -38.88 35.56 11.77
C ASP M 259 -37.39 35.90 11.75
N ASN M 260 -36.59 35.20 10.97
CA ASN M 260 -35.18 35.56 10.87
C ASN M 260 -34.96 36.78 9.97
N TYR M 261 -36.04 37.45 9.55
CA TYR M 261 -35.95 38.72 8.85
C TYR M 261 -36.32 39.89 9.75
N ILE M 262 -36.30 39.69 11.05
CA ILE M 262 -36.49 40.74 12.05
C ILE M 262 -35.19 40.85 12.84
N PRO M 263 -34.58 42.03 12.94
CA PRO M 263 -33.30 42.14 13.66
C PRO M 263 -33.46 41.71 15.11
N ALA M 264 -32.35 41.25 15.69
CA ALA M 264 -32.39 40.69 17.04
C ALA M 264 -32.85 41.72 18.05
N ASN M 265 -33.67 41.29 19.00
CA ASN M 265 -34.15 42.15 20.07
C ASN M 265 -34.30 41.34 21.34
N PRO M 266 -33.41 41.54 22.32
CA PRO M 266 -33.47 40.74 23.55
C PRO M 266 -34.70 40.99 24.42
N MET M 267 -35.40 42.10 24.25
CA MET M 267 -36.55 42.34 25.12
C MET M 267 -37.79 41.57 24.67
N PRO M 268 -38.27 41.68 23.43
CA PRO M 268 -39.43 40.89 23.03
C PRO M 268 -39.06 39.44 22.74
N THR M 269 -40.07 38.58 22.71
CA THR M 269 -39.91 37.20 22.33
C THR M 269 -40.87 36.82 21.22
N PRO M 270 -40.46 35.97 20.29
CA PRO M 270 -41.42 35.41 19.34
C PRO M 270 -42.38 34.48 20.06
N PRO M 271 -43.61 34.34 19.58
CA PRO M 271 -44.57 33.44 20.23
C PRO M 271 -44.35 31.98 19.89
N HIS M 272 -43.46 31.66 18.96
CA HIS M 272 -43.24 30.30 18.51
C HIS M 272 -41.77 30.14 18.16
N ILE M 273 -41.03 29.42 19.00
CA ILE M 273 -39.60 29.18 18.79
C ILE M 273 -39.40 27.73 18.37
N VAL M 274 -38.68 27.54 17.27
CA VAL M 274 -38.34 26.22 16.74
C VAL M 274 -36.95 26.26 16.13
N PRO M 275 -36.30 25.11 16.04
CA PRO M 275 -35.03 25.05 15.30
C PRO M 275 -35.26 24.67 13.85
N GLU M 276 -34.22 24.80 13.02
CA GLU M 276 -34.31 24.55 11.59
C GLU M 276 -34.84 23.15 11.31
N TRP M 277 -35.53 22.95 10.18
CA TRP M 277 -36.41 21.81 9.97
C TRP M 277 -35.78 20.45 10.27
N TYR M 278 -34.46 20.32 10.18
CA TYR M 278 -33.81 19.02 10.29
C TYR M 278 -33.33 18.71 11.71
N PHE M 279 -33.77 19.47 12.70
CA PHE M 279 -33.44 19.22 14.10
C PHE M 279 -34.65 18.76 14.90
N LEU M 280 -35.78 18.56 14.27
CA LEU M 280 -37.06 18.44 14.97
C LEU M 280 -37.25 17.12 15.72
N PRO M 281 -36.87 15.96 15.16
CA PRO M 281 -36.99 14.73 15.95
C PRO M 281 -36.21 14.75 17.26
N ILE M 282 -35.00 15.30 17.26
CA ILE M 282 -34.23 15.43 18.49
C ILE M 282 -34.93 16.37 19.46
N HIS M 283 -35.49 17.47 18.93
CA HIS M 283 -36.22 18.40 19.77
C HIS M 283 -37.41 17.73 20.44
N ALA M 284 -38.17 16.93 19.69
CA ALA M 284 -39.32 16.24 20.26
C ALA M 284 -38.89 15.23 21.32
N ILE M 285 -37.80 14.51 21.07
CA ILE M 285 -37.30 13.57 22.06
C ILE M 285 -36.91 14.31 23.33
N LEU M 286 -36.25 15.45 23.20
CA LEU M 286 -35.76 16.19 24.36
C LEU M 286 -36.90 16.82 25.16
N ARG M 287 -37.96 17.28 24.49
CA ARG M 287 -39.09 17.86 25.21
C ARG M 287 -40.09 16.81 25.69
N SER M 288 -39.94 15.56 25.26
CA SER M 288 -40.85 14.53 25.74
C SER M 288 -40.74 14.31 27.24
N ILE M 289 -39.54 14.28 27.78
CA ILE M 289 -39.31 14.03 29.20
C ILE M 289 -39.48 15.35 29.95
N PRO M 290 -40.39 15.43 30.92
CA PRO M 290 -40.60 16.70 31.64
C PRO M 290 -39.63 16.90 32.79
N ASP M 291 -38.34 16.95 32.46
CA ASP M 291 -37.30 17.15 33.47
C ASP M 291 -36.00 17.54 32.76
N LYS M 292 -35.37 18.61 33.22
CA LYS M 292 -34.16 19.12 32.60
C LYS M 292 -33.09 18.04 32.51
N SER M 293 -32.79 17.39 33.64
CA SER M 293 -31.78 16.34 33.64
C SER M 293 -32.18 15.21 32.71
N GLY M 294 -33.45 14.80 32.76
CA GLY M 294 -33.93 13.82 31.80
C GLY M 294 -33.83 14.31 30.37
N GLY M 295 -34.07 15.60 30.15
CA GLY M 295 -33.94 16.15 28.82
C GLY M 295 -32.55 15.99 28.25
N VAL M 296 -31.54 16.37 29.02
CA VAL M 296 -30.17 16.24 28.52
C VAL M 296 -29.76 14.77 28.47
N ALA M 297 -30.26 13.94 29.39
CA ALA M 297 -29.87 12.55 29.49
C ALA M 297 -30.71 11.63 28.63
N ALA M 298 -31.59 12.18 27.80
CA ALA M 298 -32.26 11.37 26.79
C ALA M 298 -31.50 11.30 25.47
N ILE M 299 -30.74 12.35 25.13
CA ILE M 299 -30.08 12.36 23.82
C ILE M 299 -28.80 11.54 23.85
N ALA M 300 -28.16 11.39 25.01
CA ALA M 300 -27.01 10.51 25.09
C ALA M 300 -27.36 9.05 24.86
N PRO M 301 -28.44 8.48 25.43
CA PRO M 301 -28.82 7.12 25.05
C PRO M 301 -29.16 6.96 23.58
N VAL M 302 -29.67 8.00 22.92
CA VAL M 302 -29.94 7.90 21.49
C VAL M 302 -28.66 7.59 20.73
N PHE M 303 -27.61 8.39 20.98
CA PHE M 303 -26.38 8.17 20.24
C PHE M 303 -25.65 6.93 20.72
N ILE M 304 -25.81 6.57 21.99
CA ILE M 304 -25.23 5.32 22.50
C ILE M 304 -25.84 4.13 21.80
N CYS M 305 -27.17 4.11 21.64
CA CYS M 305 -27.83 3.01 20.96
C CYS M 305 -27.43 2.97 19.48
N LEU M 306 -27.37 4.14 18.84
CA LEU M 306 -26.93 4.17 17.44
C LEU M 306 -25.52 3.60 17.30
N LEU M 307 -24.62 3.94 18.20
CA LEU M 307 -23.23 3.49 18.10
C LEU M 307 -23.04 2.07 18.60
N ALA M 308 -24.00 1.51 19.33
CA ALA M 308 -23.90 0.14 19.81
C ALA M 308 -24.80 -0.83 19.07
N LEU M 309 -25.47 -0.39 17.99
CA LEU M 309 -26.08 -1.35 17.07
C LEU M 309 -25.16 -2.46 16.59
N PRO M 310 -23.95 -2.19 16.08
CA PRO M 310 -23.26 -3.23 15.30
C PRO M 310 -22.57 -4.30 16.13
N PHE M 311 -22.62 -4.23 17.45
CA PHE M 311 -21.87 -5.14 18.31
C PHE M 311 -22.72 -6.23 18.93
N PHE M 312 -24.03 -6.22 18.71
CA PHE M 312 -24.84 -7.37 19.08
C PHE M 312 -24.48 -8.53 18.16
N LYS M 313 -23.83 -9.55 18.71
CA LYS M 313 -23.59 -10.77 17.95
C LYS M 313 -24.93 -11.37 17.59
N SER M 314 -25.29 -11.29 16.31
CA SER M 314 -26.68 -11.53 15.91
C SER M 314 -26.80 -12.35 14.64
N MET M 315 -27.96 -12.26 14.00
CA MET M 315 -28.42 -13.19 12.98
C MET M 315 -27.43 -13.22 11.82
N TYR M 316 -27.48 -14.32 11.06
CA TYR M 316 -26.50 -14.60 10.03
C TYR M 316 -26.92 -14.14 8.65
N VAL M 317 -28.02 -13.39 8.54
CA VAL M 317 -28.51 -12.91 7.25
C VAL M 317 -28.60 -11.40 7.31
N ARG M 318 -28.05 -10.73 6.31
CA ARG M 318 -27.98 -9.27 6.28
C ARG M 318 -29.16 -8.63 5.57
N SER M 319 -29.32 -8.94 4.28
CA SER M 319 -30.33 -8.27 3.46
C SER M 319 -31.72 -8.49 4.03
N SER M 320 -32.43 -7.39 4.29
CA SER M 320 -33.78 -7.47 4.82
C SER M 320 -34.78 -8.02 3.82
N SER M 321 -34.34 -8.45 2.64
CA SER M 321 -35.25 -9.05 1.67
C SER M 321 -35.71 -10.43 2.12
N PHE M 322 -34.79 -11.22 2.68
CA PHE M 322 -35.09 -12.55 3.18
C PHE M 322 -35.54 -12.54 4.65
N ARG M 323 -36.11 -11.43 5.13
CA ARG M 323 -36.44 -11.27 6.54
C ARG M 323 -37.73 -10.46 6.67
N PRO M 324 -38.88 -11.13 6.62
CA PRO M 324 -40.16 -10.37 6.64
C PRO M 324 -40.34 -9.46 7.85
N ILE M 325 -39.95 -9.93 9.03
CA ILE M 325 -40.29 -9.21 10.25
C ILE M 325 -39.38 -8.01 10.46
N HIS M 326 -38.08 -8.16 10.16
CA HIS M 326 -37.19 -7.01 10.18
C HIS M 326 -37.59 -5.97 9.13
N GLN M 327 -38.12 -6.42 8.00
CA GLN M 327 -38.64 -5.50 6.98
C GLN M 327 -39.80 -4.68 7.52
N GLY M 328 -40.80 -5.36 8.11
CA GLY M 328 -41.93 -4.65 8.67
C GLY M 328 -41.52 -3.68 9.77
N ILE M 329 -40.58 -4.10 10.62
CA ILE M 329 -40.12 -3.22 11.70
C ILE M 329 -39.37 -2.02 11.13
N PHE M 330 -38.63 -2.21 10.04
CA PHE M 330 -37.98 -1.07 9.39
C PHE M 330 -39.00 -0.05 8.93
N TRP M 331 -40.08 -0.51 8.29
CA TRP M 331 -41.09 0.46 7.83
C TRP M 331 -41.78 1.14 9.01
N LEU M 332 -42.03 0.40 10.09
CA LEU M 332 -42.61 1.02 11.29
C LEU M 332 -41.71 2.10 11.85
N LEU M 333 -40.42 1.82 11.98
CA LEU M 333 -39.48 2.81 12.49
C LEU M 333 -39.41 4.04 11.59
N LEU M 334 -39.42 3.83 10.27
CA LEU M 334 -39.36 4.96 9.36
C LEU M 334 -40.59 5.85 9.49
N ALA M 335 -41.78 5.24 9.63
CA ALA M 335 -42.98 6.04 9.84
C ALA M 335 -42.92 6.80 11.16
N ASP M 336 -42.40 6.14 12.20
CA ASP M 336 -42.29 6.75 13.52
C ASP M 336 -41.36 7.94 13.55
N ARG M 337 -40.24 7.91 12.84
CA ARG M 337 -39.27 9.00 12.89
C ARG M 337 -39.71 10.18 12.03
N LEU M 338 -40.78 10.02 11.26
CA LEU M 338 -41.47 11.14 10.61
C LEU M 338 -42.54 11.74 11.51
N LEU M 339 -43.35 10.87 12.14
CA LEU M 339 -44.33 11.36 13.11
C LEU M 339 -43.66 12.15 14.22
N LEU M 340 -42.50 11.68 14.68
CA LEU M 340 -41.76 12.40 15.71
C LEU M 340 -41.36 13.79 15.25
N GLY M 341 -40.87 13.89 14.00
CA GLY M 341 -40.47 15.18 13.49
C GLY M 341 -41.63 16.14 13.39
N TRP M 342 -42.78 15.66 12.93
CA TRP M 342 -43.94 16.54 12.84
C TRP M 342 -44.41 17.00 14.21
N ILE M 343 -44.36 16.12 15.21
CA ILE M 343 -44.72 16.52 16.56
C ILE M 343 -43.72 17.54 17.11
N GLY M 344 -42.46 17.42 16.74
CA GLY M 344 -41.43 18.31 17.27
C GLY M 344 -41.53 19.76 16.85
N CYS M 345 -42.66 20.17 16.28
CA CYS M 345 -42.89 21.54 15.85
C CYS M 345 -44.18 22.14 16.41
N GLN M 346 -45.04 21.35 17.02
CA GLN M 346 -46.35 21.82 17.46
C GLN M 346 -46.25 22.43 18.87
N PRO M 347 -47.30 23.09 19.33
CA PRO M 347 -47.29 23.62 20.69
C PRO M 347 -47.20 22.51 21.74
N VAL M 348 -46.61 22.86 22.88
CA VAL M 348 -46.41 21.91 23.98
C VAL M 348 -47.71 21.92 24.80
N GLU M 349 -48.61 21.01 24.47
CA GLU M 349 -49.91 20.91 25.12
C GLU M 349 -50.61 19.66 24.60
N ALA M 350 -51.76 19.37 25.20
CA ALA M 350 -52.56 18.24 24.74
C ALA M 350 -53.06 18.51 23.32
N PRO M 351 -53.15 17.47 22.46
CA PRO M 351 -52.80 16.07 22.75
C PRO M 351 -51.33 15.79 22.54
N PHE M 352 -50.55 16.80 22.19
CA PHE M 352 -49.23 16.58 21.64
C PHE M 352 -48.26 15.97 22.63
N VAL M 353 -48.49 16.12 23.94
CA VAL M 353 -47.55 15.59 24.91
C VAL M 353 -47.57 14.06 24.92
N THR M 354 -48.75 13.45 24.87
CA THR M 354 -48.84 12.00 24.83
C THR M 354 -48.22 11.44 23.55
N ILE M 355 -48.53 12.08 22.41
CA ILE M 355 -48.08 11.64 21.10
C ILE M 355 -46.63 12.09 20.91
N GLY M 356 -46.07 12.74 21.91
CA GLY M 356 -44.65 13.03 21.90
C GLY M 356 -43.91 12.20 22.93
N GLN M 357 -44.66 11.54 23.80
CA GLN M 357 -44.08 10.63 24.77
C GLN M 357 -44.02 9.19 24.28
N ILE M 358 -44.98 8.76 23.46
CA ILE M 358 -45.00 7.38 23.00
C ILE M 358 -44.01 7.13 21.85
N PRO M 359 -43.88 8.02 20.85
CA PRO M 359 -42.92 7.78 19.78
C PRO M 359 -41.50 7.57 20.25
N PRO M 360 -41.01 8.31 21.27
CA PRO M 360 -39.67 7.97 21.78
C PRO M 360 -39.60 6.59 22.39
N LEU M 361 -40.67 6.15 23.06
CA LEU M 361 -40.73 4.78 23.55
C LEU M 361 -40.53 3.80 22.41
N VAL M 362 -41.21 4.03 21.29
CA VAL M 362 -41.08 3.14 20.14
C VAL M 362 -39.68 3.24 19.53
N PHE M 363 -39.13 4.45 19.49
CA PHE M 363 -37.81 4.67 18.89
C PHE M 363 -36.72 3.97 19.68
N PHE M 364 -36.92 3.78 20.98
CA PHE M 364 -35.98 2.97 21.76
C PHE M 364 -36.33 1.49 21.73
N LEU M 365 -37.61 1.16 21.59
CA LEU M 365 -38.02 -0.24 21.54
C LEU M 365 -37.52 -0.91 20.26
N PHE M 366 -37.31 -0.13 19.20
CA PHE M 366 -36.69 -0.70 18.00
C PHE M 366 -35.32 -1.28 18.32
N PHE M 367 -34.45 -0.47 18.94
CA PHE M 367 -33.12 -0.97 19.28
C PHE M 367 -33.18 -2.02 20.37
N ALA M 368 -34.22 -1.99 21.21
CA ALA M 368 -34.37 -3.02 22.22
C ALA M 368 -34.65 -4.38 21.60
N ILE M 369 -35.62 -4.45 20.69
CA ILE M 369 -36.11 -5.75 20.23
C ILE M 369 -35.09 -6.46 19.35
N THR M 370 -34.37 -5.72 18.50
CA THR M 370 -33.62 -6.26 17.36
C THR M 370 -32.68 -7.42 17.66
N PRO M 371 -31.97 -7.45 18.80
CA PRO M 371 -31.20 -8.67 19.12
C PRO M 371 -32.04 -9.93 19.24
N ILE M 372 -33.29 -9.81 19.71
CA ILE M 372 -34.13 -11.00 19.88
C ILE M 372 -34.36 -11.75 18.58
N PRO M 373 -34.67 -11.10 17.45
CA PRO M 373 -34.69 -11.86 16.19
C PRO M 373 -33.38 -12.58 15.88
N GLY M 374 -32.22 -11.99 16.19
CA GLY M 374 -30.97 -12.70 15.95
C GLY M 374 -30.86 -13.99 16.76
N ARG M 375 -31.15 -13.89 18.06
CA ARG M 375 -31.08 -15.08 18.91
C ARG M 375 -32.13 -16.12 18.51
N VAL M 376 -33.35 -15.68 18.20
CA VAL M 376 -34.40 -16.64 17.87
C VAL M 376 -34.27 -17.14 16.43
N GLY M 377 -33.44 -16.50 15.61
CA GLY M 377 -33.17 -16.96 14.28
C GLY M 377 -31.90 -17.77 14.14
N ARG M 378 -31.08 -17.84 15.18
CA ARG M 378 -30.09 -18.92 15.24
C ARG M 378 -30.66 -20.29 14.89
N GLY M 379 -31.91 -20.57 15.25
CA GLY M 379 -32.49 -21.89 15.13
C GLY M 379 -33.38 -22.16 13.93
N ILE M 380 -33.47 -21.23 12.97
CA ILE M 380 -34.21 -21.51 11.74
C ILE M 380 -33.57 -22.65 10.94
N PRO M 381 -32.25 -22.73 10.75
CA PRO M 381 -31.70 -23.84 9.95
C PRO M 381 -32.00 -25.21 10.51
N ASN M 382 -32.21 -25.33 11.82
CA ASN M 382 -32.46 -26.62 12.45
C ASN M 382 -33.95 -26.96 12.53
N SER M 383 -34.82 -26.09 12.05
CA SER M 383 -36.26 -26.29 12.19
C SER M 383 -37.00 -26.42 10.87
N TYR M 384 -36.76 -25.52 9.91
CA TYR M 384 -37.53 -25.49 8.68
C TYR M 384 -37.02 -26.45 7.62
N THR M 385 -36.20 -27.43 7.96
CA THR M 385 -35.72 -28.39 6.98
C THR M 385 -36.83 -29.36 6.59
N GLU N 1 -59.53 30.57 20.31
CA GLU N 1 -58.75 30.85 19.11
C GLU N 1 -58.57 32.35 18.86
N ALA N 2 -57.71 32.95 19.68
CA ALA N 2 -57.32 34.34 19.54
C ALA N 2 -55.80 34.44 19.46
N GLU N 3 -55.26 35.65 19.56
CA GLU N 3 -53.82 35.93 19.58
C GLU N 3 -53.06 35.19 18.48
N HIS N 4 -53.75 34.84 17.41
CA HIS N 4 -53.12 34.34 16.19
C HIS N 4 -53.58 35.17 15.00
N GLY N 5 -54.85 35.58 15.00
CA GLY N 5 -55.39 36.40 13.94
C GLY N 5 -56.37 35.64 13.07
N LEU N 6 -57.03 36.41 12.20
CA LEU N 6 -57.90 35.80 11.20
C LEU N 6 -57.05 35.26 10.05
N ALA N 7 -57.61 34.32 9.30
CA ALA N 7 -56.91 33.70 8.18
C ALA N 7 -57.12 34.53 6.93
N CYS N 8 -56.05 35.14 6.43
CA CYS N 8 -56.18 35.96 5.23
C CYS N 8 -56.25 35.07 3.99
N PRO N 9 -57.12 35.39 3.04
CA PRO N 9 -57.20 34.58 1.81
C PRO N 9 -56.03 34.86 0.88
N SER N 10 -56.06 34.29 -0.32
CA SER N 10 -55.00 34.48 -1.30
C SER N 10 -55.57 35.20 -2.52
N TYR N 11 -54.84 36.23 -2.97
CA TYR N 11 -55.23 37.04 -4.10
C TYR N 11 -54.31 36.77 -5.29
N PRO N 12 -54.84 36.81 -6.51
CA PRO N 12 -54.02 36.53 -7.71
C PRO N 12 -53.14 37.71 -8.11
N TRP N 13 -51.99 37.79 -7.47
CA TRP N 13 -51.10 38.94 -7.69
C TRP N 13 -50.52 38.89 -9.10
N PRO N 14 -50.41 40.04 -9.76
CA PRO N 14 -49.85 40.05 -11.12
C PRO N 14 -48.44 39.48 -11.21
N HIS N 15 -47.61 39.65 -10.19
CA HIS N 15 -46.24 39.14 -10.21
C HIS N 15 -46.16 37.68 -9.76
N GLN N 16 -47.28 36.96 -9.69
CA GLN N 16 -47.25 35.53 -9.49
C GLN N 16 -47.36 34.80 -10.83
N GLY N 17 -46.79 33.60 -10.85
CA GLY N 17 -46.68 32.83 -12.07
C GLY N 17 -45.26 32.37 -12.27
N ILE N 18 -45.02 31.58 -13.33
CA ILE N 18 -43.68 31.10 -13.61
C ILE N 18 -42.89 32.04 -14.50
N LEU N 19 -43.55 32.84 -15.33
CA LEU N 19 -42.88 33.76 -16.23
C LEU N 19 -43.48 35.14 -16.12
N SER N 20 -43.99 35.50 -14.94
CA SER N 20 -44.63 36.78 -14.70
C SER N 20 -43.63 37.76 -14.07
N SER N 21 -43.93 39.05 -14.22
CA SER N 21 -43.02 40.11 -13.78
C SER N 21 -43.79 41.18 -13.02
N TYR N 22 -43.04 42.13 -12.49
CA TYR N 22 -43.61 43.24 -11.75
C TYR N 22 -44.41 44.15 -12.67
N ASP N 23 -45.21 45.03 -12.06
CA ASP N 23 -46.01 46.01 -12.76
C ASP N 23 -45.46 47.38 -12.37
N HIS N 24 -44.71 48.01 -13.27
CA HIS N 24 -43.92 49.17 -12.89
C HIS N 24 -44.78 50.41 -12.69
N ALA N 25 -45.91 50.52 -13.39
CA ALA N 25 -46.84 51.60 -13.10
C ALA N 25 -47.39 51.47 -11.68
N SER N 26 -47.69 50.23 -11.26
CA SER N 26 -48.16 50.01 -9.90
C SER N 26 -47.06 50.30 -8.88
N ILE N 27 -45.80 49.99 -9.20
CA ILE N 27 -44.70 50.33 -8.30
C ILE N 27 -44.59 51.84 -8.15
N ARG N 28 -44.69 52.58 -9.26
CA ARG N 28 -44.63 54.03 -9.20
C ARG N 28 -45.75 54.58 -8.32
N ARG N 29 -46.97 54.12 -8.56
CA ARG N 29 -48.10 54.59 -7.75
C ARG N 29 -47.92 54.24 -6.28
N GLY N 30 -47.42 53.04 -5.99
CA GLY N 30 -47.23 52.64 -4.61
C GLY N 30 -46.16 53.47 -3.90
N HIS N 31 -45.07 53.79 -4.60
CA HIS N 31 -44.06 54.66 -4.01
C HIS N 31 -44.63 56.05 -3.76
N GLN N 32 -45.51 56.52 -4.62
CA GLN N 32 -46.20 57.79 -4.37
C GLN N 32 -47.02 57.71 -3.08
N VAL N 33 -47.80 56.64 -2.93
CA VAL N 33 -48.62 56.49 -1.73
C VAL N 33 -47.74 56.43 -0.49
N TYR N 34 -46.65 55.67 -0.55
CA TYR N 34 -45.73 55.60 0.58
C TYR N 34 -45.22 56.99 0.93
N THR N 35 -44.57 57.66 -0.02
CA THR N 35 -43.92 58.92 0.29
C THR N 35 -44.90 60.02 0.65
N GLN N 36 -46.20 59.83 0.40
CA GLN N 36 -47.15 60.86 0.82
C GLN N 36 -47.87 60.54 2.13
N VAL N 37 -48.24 59.29 2.40
CA VAL N 37 -49.04 59.03 3.60
C VAL N 37 -48.49 57.89 4.45
N CYS N 38 -47.20 57.58 4.33
CA CYS N 38 -46.64 56.48 5.10
C CYS N 38 -45.36 56.85 5.84
N ALA N 39 -44.51 57.65 5.21
CA ALA N 39 -43.15 57.86 5.70
C ALA N 39 -43.09 58.78 6.91
N SER N 40 -44.20 59.39 7.29
CA SER N 40 -44.22 60.22 8.50
C SER N 40 -43.98 59.40 9.75
N CYS N 41 -44.23 58.09 9.70
CA CYS N 41 -44.14 57.22 10.87
C CYS N 41 -43.12 56.10 10.71
N HIS N 42 -43.17 55.33 9.62
CA HIS N 42 -42.24 54.22 9.41
C HIS N 42 -41.01 54.68 8.64
N SER N 43 -40.16 53.72 8.28
CA SER N 43 -38.95 54.00 7.50
C SER N 43 -38.57 52.76 6.70
N MET N 44 -37.76 52.97 5.66
CA MET N 44 -37.20 51.88 4.88
C MET N 44 -35.72 51.67 5.18
N SER N 45 -34.89 52.70 4.98
CA SER N 45 -33.50 52.71 5.45
C SER N 45 -32.65 51.62 4.82
N LEU N 46 -33.25 50.78 3.98
CA LEU N 46 -32.51 49.81 3.19
C LEU N 46 -32.59 50.08 1.70
N ILE N 47 -33.60 50.82 1.25
CA ILE N 47 -33.74 51.22 -0.14
C ILE N 47 -33.00 52.54 -0.31
N SER N 48 -32.12 52.60 -1.30
CA SER N 48 -31.47 53.85 -1.62
C SER N 48 -32.33 54.62 -2.62
N TYR N 49 -31.84 55.79 -3.05
CA TYR N 49 -32.59 56.55 -4.04
C TYR N 49 -32.33 56.04 -5.44
N ARG N 50 -31.07 55.74 -5.76
CA ARG N 50 -30.68 55.30 -7.09
C ARG N 50 -31.30 53.97 -7.48
N ASP N 51 -31.82 53.20 -6.52
CA ASP N 51 -32.43 51.91 -6.84
C ASP N 51 -33.71 52.05 -7.65
N LEU N 52 -34.27 53.25 -7.76
CA LEU N 52 -35.51 53.46 -8.50
C LEU N 52 -35.29 53.90 -9.95
N VAL N 53 -34.09 54.32 -10.31
CA VAL N 53 -33.83 54.70 -11.70
C VAL N 53 -33.84 53.46 -12.57
N GLY N 54 -34.53 53.54 -13.70
CA GLY N 54 -34.69 52.38 -14.55
C GLY N 54 -35.69 51.37 -14.05
N VAL N 55 -36.43 51.68 -12.97
CA VAL N 55 -37.46 50.80 -12.43
C VAL N 55 -38.82 51.50 -12.40
N ALA N 56 -38.86 52.73 -11.91
CA ALA N 56 -40.09 53.52 -11.97
C ALA N 56 -39.88 54.99 -12.28
N TYR N 57 -38.65 55.44 -12.51
CA TYR N 57 -38.39 56.82 -12.93
C TYR N 57 -37.17 56.83 -13.84
N THR N 58 -36.84 58.02 -14.35
CA THR N 58 -35.57 58.24 -15.03
C THR N 58 -34.55 58.73 -14.01
N GLU N 59 -33.37 59.12 -14.48
CA GLU N 59 -32.37 59.64 -13.55
C GLU N 59 -32.67 61.06 -13.13
N GLU N 60 -33.21 61.87 -14.05
CA GLU N 60 -33.48 63.27 -13.73
C GLU N 60 -34.60 63.41 -12.70
N GLU N 61 -35.65 62.62 -12.84
CA GLU N 61 -36.73 62.66 -11.86
C GLU N 61 -36.23 62.35 -10.46
N VAL N 62 -35.44 61.29 -10.32
CA VAL N 62 -34.96 60.91 -9.00
C VAL N 62 -33.92 61.90 -8.51
N LYS N 63 -33.17 62.55 -9.40
CA LYS N 63 -32.26 63.58 -8.96
C LYS N 63 -33.02 64.76 -8.35
N ALA N 64 -34.15 65.13 -8.96
CA ALA N 64 -35.00 66.17 -8.39
C ALA N 64 -35.57 65.74 -7.05
N MET N 65 -36.08 64.50 -6.98
CA MET N 65 -36.60 63.98 -5.72
C MET N 65 -35.56 64.04 -4.61
N ALA N 66 -34.35 63.56 -4.89
CA ALA N 66 -33.31 63.52 -3.87
C ALA N 66 -32.81 64.92 -3.53
N ALA N 67 -32.91 65.87 -4.47
CA ALA N 67 -32.54 67.24 -4.16
C ALA N 67 -33.61 67.97 -3.37
N GLU N 68 -34.83 67.45 -3.32
CA GLU N 68 -35.88 68.10 -2.52
C GLU N 68 -35.52 68.10 -1.03
N ILE N 69 -35.04 66.96 -0.50
CA ILE N 69 -34.81 66.83 0.93
C ILE N 69 -33.47 67.43 1.33
N GLU N 70 -33.27 67.62 2.63
CA GLU N 70 -32.04 68.17 3.18
C GLU N 70 -31.53 67.22 4.25
N VAL N 71 -30.30 66.72 4.08
CA VAL N 71 -29.74 65.73 4.98
C VAL N 71 -28.52 66.31 5.67
N VAL N 72 -28.15 65.69 6.79
CA VAL N 72 -26.95 66.11 7.52
C VAL N 72 -25.71 65.59 6.81
N ASP N 73 -24.56 66.16 7.16
CA ASP N 73 -23.31 65.79 6.52
C ASP N 73 -22.18 65.90 7.54
N GLY N 74 -21.06 65.26 7.20
CA GLY N 74 -19.92 65.18 8.09
C GLY N 74 -19.34 66.53 8.44
N PRO N 75 -18.37 66.54 9.34
CA PRO N 75 -17.83 67.82 9.84
C PRO N 75 -17.23 68.66 8.72
N ASN N 76 -17.60 69.94 8.71
CA ASN N 76 -16.92 70.88 7.84
C ASN N 76 -15.57 71.24 8.44
N ASP N 77 -14.65 71.68 7.58
CA ASP N 77 -13.27 71.91 8.02
C ASP N 77 -13.17 72.87 9.19
N GLU N 78 -14.21 73.67 9.44
CA GLU N 78 -14.25 74.45 10.66
C GLU N 78 -14.30 73.54 11.89
N GLY N 79 -15.08 72.46 11.81
CA GLY N 79 -15.20 71.52 12.92
C GLY N 79 -16.63 71.26 13.32
N GLU N 80 -17.58 71.66 12.47
CA GLU N 80 -18.99 71.62 12.78
C GLU N 80 -19.73 70.80 11.73
N MET N 81 -20.99 70.46 12.04
CA MET N 81 -21.83 69.68 11.15
C MET N 81 -22.85 70.61 10.49
N PHE N 82 -23.14 70.36 9.21
CA PHE N 82 -24.06 71.18 8.44
C PHE N 82 -25.13 70.31 7.78
N THR N 83 -25.90 70.91 6.88
CA THR N 83 -26.98 70.24 6.17
C THR N 83 -26.92 70.62 4.71
N ARG N 84 -27.03 69.63 3.83
CA ARG N 84 -26.98 69.84 2.39
C ARG N 84 -28.04 68.97 1.73
N PRO N 85 -28.46 69.32 0.51
CA PRO N 85 -29.50 68.52 -0.16
C PRO N 85 -28.98 67.15 -0.57
N GLY N 86 -29.92 66.21 -0.67
CA GLY N 86 -29.56 64.83 -0.89
C GLY N 86 -29.16 64.53 -2.32
N LYS N 87 -28.35 63.48 -2.45
CA LYS N 87 -27.86 62.98 -3.73
C LYS N 87 -28.60 61.69 -4.09
N LEU N 88 -28.26 61.14 -5.24
CA LEU N 88 -28.84 59.86 -5.65
C LEU N 88 -28.41 58.72 -4.74
N SER N 89 -27.24 58.85 -4.12
CA SER N 89 -26.69 57.78 -3.30
C SER N 89 -27.18 57.82 -1.85
N ASP N 90 -28.05 58.75 -1.50
CA ASP N 90 -28.56 58.82 -0.14
C ASP N 90 -29.69 57.83 0.05
N ARG N 91 -30.06 57.61 1.32
CA ARG N 91 -31.09 56.65 1.69
C ARG N 91 -32.38 57.38 2.07
N PHE N 92 -33.46 56.61 2.09
CA PHE N 92 -34.75 57.18 2.44
C PHE N 92 -34.71 57.75 3.85
N PRO N 93 -35.12 59.01 4.05
CA PRO N 93 -34.98 59.62 5.37
C PRO N 93 -35.90 58.98 6.40
N GLN N 94 -35.45 59.02 7.66
CA GLN N 94 -36.13 58.46 8.83
C GLN N 94 -36.97 59.53 9.52
N PRO N 95 -38.16 59.16 10.01
CA PRO N 95 -39.05 60.15 10.60
C PRO N 95 -38.70 60.52 12.04
N TYR N 96 -38.12 59.59 12.78
CA TYR N 96 -37.75 59.80 14.17
C TYR N 96 -36.25 59.65 14.34
N ALA N 97 -35.72 60.31 15.37
CA ALA N 97 -34.27 60.29 15.58
C ALA N 97 -33.81 58.96 16.16
N ASN N 98 -34.64 58.27 16.93
CA ASN N 98 -34.29 56.99 17.50
C ASN N 98 -35.57 56.22 17.81
N GLU N 99 -35.40 54.99 18.30
CA GLU N 99 -36.53 54.11 18.54
C GLU N 99 -37.30 54.52 19.80
N ALA N 100 -36.60 55.07 20.79
CA ALA N 100 -37.26 55.53 22.00
C ALA N 100 -38.25 56.65 21.70
N ALA N 101 -37.84 57.60 20.86
CA ALA N 101 -38.76 58.67 20.46
C ALA N 101 -39.93 58.12 19.65
N ALA N 102 -39.68 57.06 18.85
CA ALA N 102 -40.77 56.43 18.12
C ALA N 102 -41.81 55.86 19.05
N ARG N 103 -41.37 55.19 20.12
CA ARG N 103 -42.34 54.70 21.10
C ARG N 103 -43.02 55.86 21.82
N PHE N 104 -42.27 56.91 22.11
CA PHE N 104 -42.85 58.04 22.85
C PHE N 104 -43.97 58.70 22.06
N ALA N 105 -43.80 58.83 20.74
CA ALA N 105 -44.74 59.60 19.94
C ALA N 105 -45.92 58.79 19.42
N ASN N 106 -46.03 57.51 19.79
CA ASN N 106 -47.12 56.67 19.31
C ASN N 106 -47.79 55.89 20.43
N GLY N 107 -47.70 56.37 21.67
CA GLY N 107 -48.33 55.68 22.78
C GLY N 107 -47.62 54.44 23.24
N GLY N 108 -46.30 54.38 23.07
CA GLY N 108 -45.51 53.26 23.50
C GLY N 108 -45.19 52.24 22.43
N ALA N 109 -46.07 52.08 21.43
CA ALA N 109 -45.85 51.10 20.39
C ALA N 109 -44.76 51.55 19.44
N TYR N 110 -44.15 50.59 18.76
CA TYR N 110 -43.11 50.86 17.79
C TYR N 110 -43.58 50.50 16.39
N PRO N 111 -43.68 51.46 15.48
CA PRO N 111 -44.00 51.13 14.09
C PRO N 111 -42.78 50.54 13.39
N PRO N 112 -42.85 49.28 12.97
CA PRO N 112 -41.65 48.59 12.52
C PRO N 112 -41.10 49.15 11.21
N ASP N 113 -39.83 48.85 10.96
CA ASP N 113 -39.22 49.14 9.68
C ASP N 113 -39.97 48.38 8.59
N LEU N 114 -40.07 49.00 7.42
CA LEU N 114 -40.92 48.47 6.35
C LEU N 114 -40.13 47.91 5.17
N SER N 115 -38.80 47.78 5.29
CA SER N 115 -38.02 47.28 4.18
C SER N 115 -38.38 45.83 3.86
N LEU N 116 -38.40 44.96 4.87
CA LEU N 116 -38.60 43.54 4.69
C LEU N 116 -39.92 43.06 5.28
N ILE N 117 -40.91 43.96 5.36
CA ILE N 117 -42.14 43.71 6.09
C ILE N 117 -42.99 42.67 5.39
N THR N 118 -42.61 42.28 4.17
CA THR N 118 -43.35 41.27 3.44
C THR N 118 -42.84 39.87 3.70
N LYS N 119 -41.53 39.70 3.78
CA LYS N 119 -40.99 38.38 4.11
C LYS N 119 -41.16 38.05 5.58
N ALA N 120 -41.01 39.05 6.46
CA ALA N 120 -40.95 38.76 7.89
C ALA N 120 -42.23 38.19 8.48
N PRO N 121 -43.43 38.68 8.17
CA PRO N 121 -44.63 37.92 8.54
C PRO N 121 -44.75 36.62 7.78
N HIS N 122 -45.75 35.84 8.18
CA HIS N 122 -46.14 34.63 7.44
C HIS N 122 -47.17 35.00 6.39
N ASN N 123 -46.91 34.59 5.14
CA ASN N 123 -47.78 34.92 4.01
C ASN N 123 -47.92 36.44 3.88
N GLY N 124 -46.78 37.08 3.58
CA GLY N 124 -46.67 38.51 3.81
C GLY N 124 -47.59 39.36 2.96
N GLN N 125 -47.65 39.09 1.66
CA GLN N 125 -48.33 40.01 0.74
C GLN N 125 -49.82 40.12 1.06
N ASN N 126 -50.51 38.97 1.12
CA ASN N 126 -51.93 39.00 1.39
C ASN N 126 -52.22 39.48 2.81
N TYR N 127 -51.35 39.15 3.75
CA TYR N 127 -51.54 39.62 5.12
C TYR N 127 -51.48 41.13 5.18
N VAL N 128 -50.47 41.75 4.57
CA VAL N 128 -50.35 43.19 4.57
C VAL N 128 -51.54 43.83 3.89
N PHE N 129 -51.94 43.30 2.72
CA PHE N 129 -53.08 43.87 2.02
C PHE N 129 -54.34 43.85 2.88
N ALA N 130 -54.70 42.67 3.40
CA ALA N 130 -55.93 42.56 4.17
C ALA N 130 -55.83 43.24 5.53
N LEU N 131 -54.62 43.43 6.05
CA LEU N 131 -54.45 44.18 7.30
C LEU N 131 -54.73 45.65 7.08
N LEU N 132 -54.14 46.24 6.04
CA LEU N 132 -54.38 47.65 5.76
C LEU N 132 -55.83 47.90 5.38
N THR N 133 -56.42 46.99 4.63
CA THR N 133 -57.76 47.25 4.11
C THR N 133 -58.86 46.86 5.07
N GLY N 134 -58.67 45.81 5.87
CA GLY N 134 -59.76 45.21 6.60
C GLY N 134 -60.03 45.65 8.02
N TYR N 135 -59.94 46.94 8.32
CA TYR N 135 -60.44 47.42 9.60
C TYR N 135 -61.95 47.22 9.68
N ARG N 136 -62.45 46.97 10.88
CA ARG N 136 -63.83 46.55 11.02
C ARG N 136 -64.35 46.90 12.40
N ASP N 137 -65.61 46.51 12.65
CA ASP N 137 -66.43 46.72 13.83
C ASP N 137 -66.34 45.52 14.77
N PRO N 138 -66.13 45.78 16.06
CA PRO N 138 -65.90 44.70 17.02
C PRO N 138 -67.12 43.80 17.15
N PRO N 139 -66.93 42.56 17.57
CA PRO N 139 -68.05 41.62 17.69
C PRO N 139 -68.82 41.83 18.98
N ALA N 140 -69.87 41.03 19.13
CA ALA N 140 -70.82 41.19 20.23
C ALA N 140 -70.21 40.67 21.52
N GLY N 141 -69.74 41.59 22.37
CA GLY N 141 -69.22 41.24 23.68
C GLY N 141 -67.77 41.59 23.90
N VAL N 142 -67.06 42.10 22.89
CA VAL N 142 -65.66 42.47 23.00
C VAL N 142 -65.57 43.98 23.02
N SER N 143 -64.82 44.50 23.98
CA SER N 143 -64.63 45.94 24.14
C SER N 143 -63.17 46.29 23.99
N ILE N 144 -62.91 47.41 23.32
CA ILE N 144 -61.56 47.88 23.04
C ILE N 144 -61.28 49.05 23.98
N ARG N 145 -60.13 49.02 24.65
CA ARG N 145 -59.74 50.15 25.48
C ARG N 145 -59.54 51.39 24.62
N GLU N 146 -59.48 52.54 25.28
CA GLU N 146 -59.29 53.80 24.57
C GLU N 146 -57.82 53.94 24.17
N GLY N 147 -57.59 54.33 22.92
CA GLY N 147 -56.26 54.44 22.38
C GLY N 147 -55.83 53.28 21.50
N LEU N 148 -56.71 52.31 21.26
CA LEU N 148 -56.44 51.19 20.39
C LEU N 148 -57.60 50.99 19.44
N HIS N 149 -57.33 50.34 18.31
CA HIS N 149 -58.32 50.12 17.27
C HIS N 149 -58.46 48.64 16.99
N TYR N 150 -59.65 48.24 16.52
CA TYR N 150 -59.97 46.83 16.32
C TYR N 150 -59.72 46.42 14.87
N ASN N 151 -59.13 45.24 14.70
CA ASN N 151 -58.82 44.60 13.43
C ASN N 151 -58.73 43.11 13.70
N PRO N 152 -59.41 42.26 12.91
CA PRO N 152 -59.34 40.82 13.17
C PRO N 152 -58.08 40.16 12.65
N TYR N 153 -57.20 40.89 11.96
CA TYR N 153 -56.01 40.31 11.36
C TYR N 153 -54.76 40.52 12.21
N PHE N 154 -54.91 41.03 13.42
CA PHE N 154 -53.72 41.22 14.24
C PHE N 154 -53.78 40.32 15.46
N PRO N 155 -52.64 39.77 15.91
CA PRO N 155 -52.65 38.98 17.14
C PRO N 155 -53.20 39.76 18.33
N GLY N 156 -54.34 39.33 18.84
CA GLY N 156 -54.98 40.01 19.94
C GLY N 156 -56.26 40.69 19.55
N GLY N 157 -56.29 41.30 18.37
CA GLY N 157 -57.42 42.03 17.87
C GLY N 157 -57.36 43.52 18.10
N ALA N 158 -56.48 43.99 18.98
CA ALA N 158 -56.34 45.40 19.31
C ALA N 158 -55.01 45.91 18.79
N ILE N 159 -55.06 46.79 17.80
CA ILE N 159 -53.87 47.33 17.17
C ILE N 159 -53.71 48.78 17.58
N ALA N 160 -52.49 49.30 17.44
CA ALA N 160 -52.19 50.68 17.81
C ALA N 160 -52.26 51.64 16.63
N MET N 161 -52.41 51.16 15.40
CA MET N 161 -52.42 52.12 14.30
C MET N 161 -53.84 52.40 13.83
N PRO N 162 -54.12 53.65 13.48
CA PRO N 162 -55.46 54.02 12.99
C PRO N 162 -55.55 53.92 11.47
N LYS N 163 -56.79 53.80 10.99
CA LYS N 163 -57.02 53.68 9.56
C LYS N 163 -56.66 54.98 8.86
N MET N 164 -56.02 54.85 7.70
CA MET N 164 -55.56 56.00 6.94
C MET N 164 -55.78 55.90 5.45
N LEU N 165 -55.98 54.70 4.90
CA LEU N 165 -56.26 54.56 3.47
C LEU N 165 -57.71 54.97 3.20
N ASN N 166 -58.02 56.22 3.54
CA ASN N 166 -59.33 56.78 3.28
C ASN N 166 -59.46 57.14 1.81
N ASP N 167 -60.69 57.11 1.32
CA ASP N 167 -60.93 57.35 -0.10
C ASP N 167 -60.47 58.74 -0.49
N GLY N 168 -59.71 58.82 -1.58
CA GLY N 168 -59.17 60.08 -2.04
C GLY N 168 -58.13 60.71 -1.14
N ALA N 169 -57.28 59.90 -0.52
CA ALA N 169 -56.23 60.41 0.36
C ALA N 169 -54.94 60.72 -0.37
N VAL N 170 -54.89 60.49 -1.69
CA VAL N 170 -53.70 60.75 -2.49
C VAL N 170 -54.16 61.07 -3.90
N GLU N 171 -53.36 61.87 -4.60
CA GLU N 171 -53.67 62.32 -5.95
C GLU N 171 -52.73 61.63 -6.93
N TYR N 172 -53.30 60.90 -7.89
CA TYR N 172 -52.52 60.15 -8.85
C TYR N 172 -52.26 60.98 -10.10
N GLU N 173 -51.03 60.90 -10.60
CA GLU N 173 -50.65 61.65 -11.78
C GLU N 173 -51.02 60.95 -13.09
N ASP N 174 -51.90 59.95 -13.03
CA ASP N 174 -52.36 59.25 -14.23
C ASP N 174 -53.87 59.18 -14.34
N GLY N 175 -54.61 59.79 -13.42
CA GLY N 175 -56.05 59.81 -13.49
C GLY N 175 -56.67 58.47 -13.16
N THR N 176 -56.51 58.02 -11.92
CA THR N 176 -57.02 56.74 -11.47
C THR N 176 -57.85 56.94 -10.21
N PRO N 177 -59.06 56.39 -10.13
CA PRO N 177 -59.90 56.63 -8.94
C PRO N 177 -59.33 55.96 -7.70
N ALA N 178 -58.76 56.76 -6.79
CA ALA N 178 -57.97 56.25 -5.69
C ALA N 178 -58.88 55.82 -4.54
N THR N 179 -59.51 54.66 -4.72
CA THR N 179 -60.23 54.02 -3.64
C THR N 179 -59.22 53.40 -2.66
N GLU N 180 -59.72 52.86 -1.56
CA GLU N 180 -58.80 52.24 -0.60
C GLU N 180 -58.17 50.97 -1.16
N SER N 181 -58.92 50.22 -1.97
CA SER N 181 -58.39 48.98 -2.53
C SER N 181 -57.28 49.26 -3.54
N GLN N 182 -57.48 50.26 -4.40
CA GLN N 182 -56.46 50.63 -5.37
C GLN N 182 -55.17 51.04 -4.68
N MET N 183 -55.27 51.88 -3.65
CA MET N 183 -54.10 52.32 -2.91
C MET N 183 -53.43 51.13 -2.21
N GLY N 184 -54.23 50.25 -1.61
CA GLY N 184 -53.65 49.09 -0.96
C GLY N 184 -52.89 48.20 -1.92
N LYS N 185 -53.48 47.95 -3.10
CA LYS N 185 -52.82 47.13 -4.11
C LYS N 185 -51.50 47.75 -4.54
N ASP N 186 -51.49 49.05 -4.82
CA ASP N 186 -50.26 49.70 -5.26
C ASP N 186 -49.20 49.69 -4.17
N VAL N 187 -49.60 49.92 -2.91
CA VAL N 187 -48.63 49.90 -1.83
C VAL N 187 -48.04 48.50 -1.67
N VAL N 188 -48.88 47.48 -1.73
CA VAL N 188 -48.37 46.12 -1.58
C VAL N 188 -47.40 45.79 -2.70
N SER N 189 -47.71 46.23 -3.93
CA SER N 189 -46.78 45.97 -5.03
C SER N 189 -45.44 46.68 -4.83
N PHE N 190 -45.47 47.93 -4.38
CA PHE N 190 -44.23 48.65 -4.12
C PHE N 190 -43.42 47.95 -3.03
N LEU N 191 -44.08 47.55 -1.94
CA LEU N 191 -43.37 46.92 -0.83
C LEU N 191 -42.82 45.56 -1.22
N SER N 192 -43.56 44.81 -2.03
CA SER N 192 -43.07 43.53 -2.51
C SER N 192 -41.85 43.71 -3.40
N TRP N 193 -41.86 44.74 -4.26
CA TRP N 193 -40.65 45.05 -5.02
C TRP N 193 -39.49 45.38 -4.09
N ALA N 194 -39.74 46.19 -3.07
CA ALA N 194 -38.67 46.57 -2.15
C ALA N 194 -38.11 45.37 -1.43
N ALA N 195 -38.94 44.36 -1.14
CA ALA N 195 -38.46 43.17 -0.44
C ALA N 195 -37.65 42.26 -1.34
N GLU N 196 -38.08 42.04 -2.58
CA GLU N 196 -37.48 41.07 -3.49
C GLU N 196 -37.19 41.73 -4.82
N PRO N 197 -36.14 42.56 -4.91
CA PRO N 197 -35.87 43.27 -6.16
C PRO N 197 -35.25 42.41 -7.25
N GLU N 198 -34.87 41.16 -6.97
CA GLU N 198 -34.18 40.32 -7.92
C GLU N 198 -35.05 39.22 -8.50
N MET N 199 -36.38 39.33 -8.37
CA MET N 199 -37.26 38.24 -8.78
C MET N 199 -37.18 37.98 -10.28
N GLU N 200 -36.88 39.00 -11.08
CA GLU N 200 -36.97 38.86 -12.53
C GLU N 200 -35.75 38.16 -13.12
N GLU N 201 -34.56 38.65 -12.78
CA GLU N 201 -33.32 37.95 -13.11
C GLU N 201 -33.37 36.50 -12.64
N ARG N 202 -33.85 36.29 -11.42
CA ARG N 202 -33.97 34.96 -10.85
C ARG N 202 -34.84 34.06 -11.72
N LYS N 203 -36.05 34.52 -12.04
CA LYS N 203 -36.97 33.67 -12.78
C LYS N 203 -36.46 33.35 -14.18
N LEU N 204 -35.89 34.35 -14.86
CA LEU N 204 -35.35 34.11 -16.20
C LEU N 204 -34.27 33.04 -16.17
N MET N 205 -33.27 33.21 -15.30
CA MET N 205 -32.18 32.26 -15.24
C MET N 205 -32.68 30.86 -14.86
N GLY N 206 -33.66 30.79 -13.96
CA GLY N 206 -34.18 29.50 -13.55
C GLY N 206 -34.83 28.75 -14.70
N PHE N 207 -35.69 29.44 -15.47
CA PHE N 207 -36.35 28.79 -16.59
C PHE N 207 -35.32 28.26 -17.59
N LYS N 208 -34.35 29.10 -17.93
CA LYS N 208 -33.31 28.69 -18.87
C LYS N 208 -32.61 27.41 -18.41
N TRP N 209 -32.13 27.41 -17.17
CA TRP N 209 -31.29 26.30 -16.74
C TRP N 209 -32.07 25.02 -16.49
N ILE N 210 -33.33 25.11 -16.06
CA ILE N 210 -34.13 23.89 -15.94
C ILE N 210 -34.31 23.24 -17.32
N PHE N 211 -34.58 24.06 -18.34
CA PHE N 211 -34.70 23.49 -19.68
C PHE N 211 -33.42 22.74 -20.09
N VAL N 212 -32.29 23.43 -19.98
CA VAL N 212 -31.03 22.85 -20.45
C VAL N 212 -30.69 21.58 -19.66
N LEU N 213 -30.95 21.59 -18.35
CA LEU N 213 -30.57 20.44 -17.54
C LEU N 213 -31.47 19.23 -17.80
N THR N 214 -32.75 19.45 -18.15
CA THR N 214 -33.56 18.29 -18.53
C THR N 214 -33.02 17.65 -19.80
N LEU N 215 -32.57 18.47 -20.75
CA LEU N 215 -31.93 17.91 -21.94
C LEU N 215 -30.71 17.05 -21.55
N ALA N 216 -29.86 17.59 -20.68
CA ALA N 216 -28.69 16.82 -20.24
C ALA N 216 -29.09 15.53 -19.53
N LEU N 217 -30.24 15.53 -18.84
CA LEU N 217 -30.68 14.29 -18.18
C LEU N 217 -31.01 13.21 -19.21
N LEU N 218 -31.71 13.59 -20.28
CA LEU N 218 -31.95 12.62 -21.35
C LEU N 218 -30.64 12.04 -21.86
N GLN N 219 -29.66 12.91 -22.11
CA GLN N 219 -28.38 12.44 -22.62
C GLN N 219 -27.69 11.48 -21.64
N ALA N 220 -27.72 11.80 -20.35
CA ALA N 220 -27.07 10.94 -19.37
C ALA N 220 -27.70 9.56 -19.32
N GLY N 221 -29.04 9.50 -19.38
CA GLY N 221 -29.70 8.21 -19.43
C GLY N 221 -29.26 7.38 -20.62
N TYR N 222 -29.16 8.01 -21.79
CA TYR N 222 -28.70 7.25 -22.96
C TYR N 222 -27.27 6.74 -22.79
N TYR N 223 -26.38 7.59 -22.26
CA TYR N 223 -24.99 7.18 -22.06
C TYR N 223 -24.91 5.97 -21.15
N ARG N 224 -25.70 5.97 -20.07
CA ARG N 224 -25.70 4.86 -19.14
C ARG N 224 -26.15 3.56 -19.81
N ARG N 225 -27.27 3.63 -20.54
CA ARG N 225 -27.75 2.42 -21.21
C ARG N 225 -26.74 1.89 -22.22
N LEU N 226 -26.12 2.80 -22.99
CA LEU N 226 -25.11 2.40 -23.96
C LEU N 226 -23.98 1.63 -23.29
N ARG N 227 -23.45 2.14 -22.18
CA ARG N 227 -22.35 1.43 -21.53
C ARG N 227 -22.80 0.10 -20.94
N TRP N 228 -23.98 0.04 -20.33
CA TRP N 228 -24.37 -1.17 -19.62
C TRP N 228 -25.01 -2.24 -20.51
N SER N 229 -25.18 -1.94 -21.80
CA SER N 229 -25.84 -2.88 -22.69
C SER N 229 -25.14 -4.24 -22.73
N VAL N 230 -23.80 -4.25 -22.78
CA VAL N 230 -23.07 -5.51 -22.97
C VAL N 230 -23.32 -6.45 -21.79
N LEU N 231 -23.19 -5.93 -20.57
CA LEU N 231 -23.44 -6.76 -19.39
C LEU N 231 -24.88 -7.21 -19.31
N LYS N 232 -25.83 -6.31 -19.54
CA LYS N 232 -27.22 -6.68 -19.26
C LYS N 232 -27.84 -7.58 -20.32
N SER N 233 -27.06 -8.14 -21.25
CA SER N 233 -27.65 -9.05 -22.23
C SER N 233 -26.80 -10.27 -22.54
N ARG N 234 -25.71 -10.52 -21.81
CA ARG N 234 -24.87 -11.67 -22.07
C ARG N 234 -25.60 -12.96 -21.68
N LYS N 235 -24.95 -14.09 -21.93
CA LYS N 235 -25.47 -15.40 -21.53
C LYS N 235 -24.33 -16.24 -20.97
N LEU N 236 -24.56 -16.92 -19.85
CA LEU N 236 -23.54 -17.75 -19.24
C LEU N 236 -24.06 -19.14 -18.93
N VAL N 237 -23.18 -20.13 -19.07
CA VAL N 237 -23.48 -21.54 -18.84
C VAL N 237 -22.72 -21.96 -17.58
N LEU N 238 -23.43 -22.57 -16.62
CA LEU N 238 -22.90 -22.65 -15.27
C LEU N 238 -22.71 -24.06 -14.72
N ASP N 239 -23.35 -25.08 -15.28
CA ASP N 239 -23.13 -26.46 -14.83
C ASP N 239 -23.62 -26.69 -13.40
N VAL N 240 -24.91 -26.47 -13.13
CA VAL N 240 -25.52 -26.80 -11.85
C VAL N 240 -27.01 -26.82 -12.06
N VAL N 241 -27.74 -27.53 -11.18
CA VAL N 241 -29.18 -27.66 -11.35
C VAL N 241 -29.92 -27.01 -10.19
N ASN N 242 -29.71 -27.50 -8.97
CA ASN N 242 -30.47 -27.03 -7.83
C ASN N 242 -29.59 -26.56 -6.68
N GLU O 1 -24.69 -38.28 -17.53
CA GLU O 1 -24.71 -37.06 -18.33
C GLU O 1 -23.34 -36.40 -18.33
N ILE O 2 -23.05 -35.62 -19.38
CA ILE O 2 -21.82 -34.86 -19.44
C ILE O 2 -22.12 -33.42 -19.01
N PRO O 3 -21.18 -32.72 -18.37
CA PRO O 3 -21.48 -31.37 -17.86
C PRO O 3 -21.88 -30.40 -18.96
N ALA O 4 -22.73 -29.45 -18.59
CA ALA O 4 -23.19 -28.44 -19.54
C ALA O 4 -22.03 -27.53 -19.96
N THR O 5 -21.12 -27.24 -19.04
CA THR O 5 -20.09 -26.25 -19.32
C THR O 5 -19.02 -26.82 -20.25
N VAL O 6 -18.92 -28.15 -20.33
CA VAL O 6 -17.88 -28.74 -21.19
C VAL O 6 -18.48 -29.19 -22.51
N ALA O 7 -19.78 -29.49 -22.53
CA ALA O 7 -20.43 -29.85 -23.78
C ALA O 7 -20.57 -28.64 -24.69
N ALA O 8 -20.25 -27.45 -24.17
CA ALA O 8 -20.34 -26.23 -24.95
C ALA O 8 -18.98 -25.73 -25.42
N VAL O 9 -17.88 -26.25 -24.85
CA VAL O 9 -16.56 -25.88 -25.33
C VAL O 9 -15.98 -26.90 -26.29
N LYS O 10 -16.76 -27.89 -26.70
CA LYS O 10 -16.37 -28.82 -27.75
C LYS O 10 -17.54 -28.97 -28.73
N ASN O 11 -18.28 -27.87 -28.88
CA ASN O 11 -19.33 -27.74 -29.87
C ASN O 11 -19.39 -26.28 -30.30
N PRO O 12 -18.35 -25.77 -30.96
CA PRO O 12 -18.34 -24.35 -31.31
C PRO O 12 -19.33 -24.04 -32.43
N SER O 13 -20.60 -23.94 -32.06
CA SER O 13 -21.66 -23.71 -33.03
C SER O 13 -21.74 -22.23 -33.40
N SER O 14 -22.48 -21.94 -34.46
CA SER O 14 -22.84 -20.55 -34.72
C SER O 14 -24.34 -20.43 -34.92
N LYS O 15 -25.07 -20.45 -33.81
CA LYS O 15 -26.39 -19.86 -33.69
C LYS O 15 -26.56 -19.49 -32.22
N ILE O 16 -26.22 -18.25 -31.88
CA ILE O 16 -26.01 -17.89 -30.49
C ILE O 16 -27.23 -17.12 -29.98
N VAL O 17 -27.71 -17.49 -28.80
CA VAL O 17 -28.89 -16.88 -28.22
C VAL O 17 -28.48 -16.09 -26.99
N TYR O 18 -28.75 -14.79 -26.98
CA TYR O 18 -28.47 -13.94 -25.83
C TYR O 18 -29.76 -13.70 -25.05
N ASP O 19 -29.67 -12.81 -24.06
CA ASP O 19 -30.88 -12.35 -23.38
C ASP O 19 -31.58 -11.29 -24.21
N GLU O 20 -32.91 -11.35 -24.22
CA GLU O 20 -33.73 -10.40 -24.96
C GLU O 20 -34.75 -9.70 -24.08
N HIS O 21 -34.87 -10.08 -22.80
CA HIS O 21 -35.83 -9.47 -21.90
C HIS O 21 -35.52 -8.01 -21.61
N ASN O 22 -34.26 -7.59 -21.80
CA ASN O 22 -33.85 -6.21 -21.56
C ASN O 22 -33.51 -5.46 -22.83
N HIS O 23 -32.60 -5.98 -23.65
CA HIS O 23 -32.23 -5.37 -24.92
C HIS O 23 -32.63 -6.29 -26.07
N GLU O 24 -32.73 -5.70 -27.26
CA GLU O 24 -33.11 -6.42 -28.47
C GLU O 24 -32.07 -6.15 -29.55
N ARG O 25 -31.78 -7.17 -30.35
CA ARG O 25 -30.69 -7.09 -31.31
C ARG O 25 -31.20 -6.75 -32.70
N TYR O 26 -30.38 -6.02 -33.45
CA TYR O 26 -30.66 -5.75 -34.85
C TYR O 26 -30.49 -7.03 -35.65
N PRO O 27 -31.18 -7.15 -36.77
CA PRO O 27 -30.91 -8.25 -37.70
C PRO O 27 -29.45 -8.23 -38.12
N PRO O 28 -28.80 -9.39 -38.15
CA PRO O 28 -27.38 -9.41 -38.53
C PRO O 28 -27.19 -8.94 -39.97
N GLY O 29 -26.17 -8.10 -40.17
CA GLY O 29 -25.93 -7.46 -41.44
C GLY O 29 -26.39 -6.02 -41.51
N ASP O 30 -26.88 -5.45 -40.41
CA ASP O 30 -27.31 -4.06 -40.40
C ASP O 30 -26.14 -3.13 -40.15
N PRO O 31 -26.24 -1.88 -40.59
CA PRO O 31 -25.19 -0.90 -40.30
C PRO O 31 -25.11 -0.59 -38.81
N SER O 32 -23.90 -0.26 -38.38
CA SER O 32 -23.64 0.09 -36.98
C SER O 32 -24.32 1.42 -36.63
N LYS O 33 -24.62 1.57 -35.33
CA LYS O 33 -25.22 2.79 -34.78
C LYS O 33 -24.19 3.67 -34.10
N ARG O 34 -23.00 3.71 -34.65
CA ARG O 34 -21.84 4.37 -34.10
C ARG O 34 -21.69 5.87 -34.46
N ALA O 35 -22.42 6.33 -35.46
CA ALA O 35 -22.50 7.73 -35.70
C ALA O 35 -23.57 8.22 -34.82
N PHE O 36 -24.74 7.59 -34.81
CA PHE O 36 -25.78 7.99 -33.87
C PHE O 36 -25.21 8.07 -32.46
N ALA O 37 -24.36 7.14 -32.13
CA ALA O 37 -23.70 7.14 -30.86
C ALA O 37 -22.96 8.38 -30.75
N TYR O 38 -21.87 8.61 -31.46
CA TYR O 38 -21.17 9.89 -31.27
C TYR O 38 -21.96 11.19 -31.53
N PHE O 39 -23.26 11.18 -31.88
CA PHE O 39 -24.08 12.43 -31.89
C PHE O 39 -25.13 12.56 -30.80
N VAL O 40 -25.26 11.59 -29.93
CA VAL O 40 -26.03 11.77 -28.74
C VAL O 40 -25.16 11.98 -27.48
N LEU O 41 -23.87 12.09 -27.62
CA LEU O 41 -22.85 12.40 -26.62
C LEU O 41 -22.35 13.84 -26.77
N THR O 42 -22.30 14.35 -28.01
CA THR O 42 -21.85 15.72 -28.20
C THR O 42 -22.86 16.73 -27.70
N GLY O 43 -24.16 16.49 -27.90
CA GLY O 43 -25.14 17.37 -27.28
C GLY O 43 -24.99 17.42 -25.78
N GLY O 44 -24.83 16.25 -25.17
CA GLY O 44 -24.57 16.20 -23.75
C GLY O 44 -23.37 17.02 -23.33
N ARG O 45 -22.27 16.92 -24.09
CA ARG O 45 -21.06 17.62 -23.71
C ARG O 45 -21.10 19.12 -24.07
N PHE O 46 -22.05 19.52 -24.90
CA PHE O 46 -22.38 20.94 -25.07
C PHE O 46 -22.93 21.50 -23.76
N VAL O 47 -23.94 20.81 -23.24
CA VAL O 47 -24.68 21.30 -22.08
C VAL O 47 -23.77 21.51 -20.87
N TYR O 48 -22.83 20.59 -20.65
CA TYR O 48 -22.00 20.66 -19.46
C TYR O 48 -20.96 21.77 -19.55
N ALA O 49 -20.41 22.00 -20.74
CA ALA O 49 -19.48 23.10 -20.93
C ALA O 49 -20.16 24.43 -20.64
N SER O 50 -21.40 24.59 -21.10
CA SER O 50 -22.11 25.83 -20.80
C SER O 50 -22.26 26.04 -19.28
N LEU O 51 -22.62 24.98 -18.55
CA LEU O 51 -22.84 25.10 -17.11
C LEU O 51 -21.54 25.45 -16.38
N VAL O 52 -20.43 24.83 -16.77
CA VAL O 52 -19.15 25.14 -16.15
C VAL O 52 -18.80 26.61 -16.37
N ARG O 53 -19.02 27.11 -17.60
CA ARG O 53 -18.75 28.53 -17.85
C ARG O 53 -19.62 29.42 -16.97
N LEU O 54 -20.90 29.07 -16.82
CA LEU O 54 -21.79 29.83 -15.96
C LEU O 54 -21.23 29.96 -14.55
N LEU O 55 -20.89 28.82 -13.95
CA LEU O 55 -20.45 28.86 -12.56
C LEU O 55 -19.15 29.64 -12.40
N ILE O 56 -18.20 29.43 -13.31
CA ILE O 56 -16.93 30.13 -13.20
C ILE O 56 -17.14 31.63 -13.29
N LEU O 57 -17.94 32.08 -14.26
CA LEU O 57 -18.15 33.52 -14.40
C LEU O 57 -18.86 34.11 -13.20
N LYS O 58 -19.89 33.43 -12.69
CA LYS O 58 -20.62 33.98 -11.53
C LYS O 58 -19.68 34.15 -10.34
N PHE O 59 -18.87 33.12 -10.06
CA PHE O 59 -17.99 33.20 -8.90
C PHE O 59 -16.90 34.24 -9.09
N VAL O 60 -16.38 34.40 -10.31
CA VAL O 60 -15.30 35.36 -10.49
C VAL O 60 -15.81 36.80 -10.53
N LEU O 61 -17.03 37.03 -11.01
CA LEU O 61 -17.58 38.38 -11.02
C LEU O 61 -18.22 38.77 -9.70
N SER O 62 -18.45 37.81 -8.79
CA SER O 62 -18.91 38.18 -7.46
C SER O 62 -17.90 39.04 -6.70
N MET O 63 -16.63 39.03 -7.10
CA MET O 63 -15.57 39.74 -6.40
C MET O 63 -15.31 41.14 -6.93
N SER O 64 -16.08 41.61 -7.90
CA SER O 64 -15.84 42.93 -8.48
C SER O 64 -16.55 44.01 -7.65
N ALA O 65 -16.19 45.26 -7.94
CA ALA O 65 -16.71 46.38 -7.17
C ALA O 65 -18.23 46.43 -7.22
N SER O 66 -18.85 46.77 -6.10
CA SER O 66 -20.29 46.67 -5.93
C SER O 66 -20.98 47.97 -6.28
N LYS O 67 -22.31 47.91 -6.31
CA LYS O 67 -23.10 49.06 -6.72
C LYS O 67 -22.91 50.24 -5.77
N ASP O 68 -22.75 49.97 -4.48
CA ASP O 68 -22.51 51.03 -3.51
C ASP O 68 -21.24 51.80 -3.83
N VAL O 69 -20.16 51.10 -4.16
CA VAL O 69 -18.89 51.77 -4.45
C VAL O 69 -18.98 52.52 -5.77
N LEU O 70 -19.62 51.94 -6.78
CA LEU O 70 -19.73 52.60 -8.08
C LEU O 70 -20.64 53.81 -8.03
N ALA O 71 -21.57 53.87 -7.07
CA ALA O 71 -22.42 55.06 -6.96
C ALA O 71 -21.61 56.29 -6.60
N LEU O 72 -20.60 56.13 -5.74
CA LEU O 72 -19.73 57.23 -5.35
C LEU O 72 -18.43 57.15 -6.14
N ALA O 73 -18.46 57.70 -7.35
CA ALA O 73 -17.29 57.70 -8.22
C ALA O 73 -17.12 58.99 -9.02
N SER O 74 -17.88 60.05 -8.69
CA SER O 74 -17.73 61.31 -9.40
C SER O 74 -18.46 62.40 -8.62
N LEU O 75 -17.79 63.55 -8.46
CA LEU O 75 -18.32 64.69 -7.73
C LEU O 75 -17.38 65.89 -7.86
N GLU O 76 -17.74 67.03 -7.24
CA GLU O 76 -16.85 68.18 -7.16
C GLU O 76 -16.96 68.81 -5.78
N VAL O 77 -15.81 69.13 -5.18
CA VAL O 77 -15.73 69.74 -3.86
C VAL O 77 -14.84 70.98 -3.92
N ASP O 78 -14.57 71.59 -2.76
CA ASP O 78 -13.93 72.89 -2.71
C ASP O 78 -12.60 72.84 -1.97
N LEU O 79 -11.69 73.74 -2.38
CA LEU O 79 -10.37 73.91 -1.80
C LEU O 79 -10.30 75.21 -1.02
N SER O 80 -9.09 75.53 -0.56
CA SER O 80 -8.83 76.82 0.07
C SER O 80 -7.61 77.49 -0.58
N SER O 81 -7.25 78.69 -0.11
CA SER O 81 -6.16 79.43 -0.72
C SER O 81 -4.80 78.89 -0.25
N ILE O 82 -3.77 79.17 -1.05
CA ILE O 82 -2.41 78.73 -0.76
C ILE O 82 -1.42 79.73 -1.33
N GLU O 83 -0.26 79.81 -0.68
CA GLU O 83 0.78 80.78 -1.01
C GLU O 83 1.49 80.40 -2.31
N PRO O 84 2.13 81.38 -2.99
CA PRO O 84 2.77 81.08 -4.28
C PRO O 84 3.98 80.17 -4.16
N GLY O 85 3.88 78.96 -4.71
CA GLY O 85 4.94 77.97 -4.63
C GLY O 85 4.75 76.94 -3.55
N THR O 86 3.66 77.02 -2.78
CA THR O 86 3.38 76.09 -1.70
C THR O 86 2.11 75.31 -2.00
N THR O 87 1.76 74.40 -1.08
CA THR O 87 0.64 73.50 -1.29
C THR O 87 0.02 73.08 0.04
N VAL O 88 -1.31 73.01 0.04
CA VAL O 88 -2.08 72.33 1.09
C VAL O 88 -2.95 71.28 0.41
N THR O 89 -2.74 70.01 0.78
CA THR O 89 -3.45 68.92 0.16
C THR O 89 -4.91 68.89 0.61
N VAL O 90 -5.77 68.37 -0.26
CA VAL O 90 -7.22 68.39 -0.08
C VAL O 90 -7.73 66.96 -0.25
N LYS O 91 -9.04 66.77 -0.12
CA LYS O 91 -9.65 65.45 -0.13
C LYS O 91 -10.84 65.41 -1.08
N TRP O 92 -11.10 64.22 -1.61
CA TRP O 92 -12.18 63.98 -2.56
C TRP O 92 -12.80 62.64 -2.15
N ARG O 93 -13.58 62.03 -3.04
CA ARG O 93 -14.20 60.73 -2.79
C ARG O 93 -13.25 59.76 -2.11
N GLY O 94 -12.14 59.45 -2.76
CA GLY O 94 -11.14 58.59 -2.17
C GLY O 94 -9.72 58.94 -2.56
N LYS O 95 -9.51 60.13 -3.11
CA LYS O 95 -8.19 60.47 -3.63
C LYS O 95 -7.81 61.91 -3.35
N PRO O 96 -6.62 62.15 -2.81
CA PRO O 96 -6.16 63.53 -2.59
C PRO O 96 -5.87 64.26 -3.90
N VAL O 97 -5.39 65.49 -3.76
CA VAL O 97 -5.13 66.37 -4.89
C VAL O 97 -3.75 67.02 -4.72
N PHE O 98 -2.85 66.76 -5.68
CA PHE O 98 -1.57 67.44 -5.71
C PHE O 98 -1.75 68.89 -6.19
N ILE O 99 -1.04 69.80 -5.54
CA ILE O 99 -1.24 71.24 -5.74
C ILE O 99 0.13 71.91 -5.81
N ARG O 100 0.26 72.89 -6.70
CA ARG O 100 1.42 73.78 -6.73
C ARG O 100 1.13 74.97 -7.62
N ARG O 101 1.37 76.18 -7.09
CA ARG O 101 1.28 77.42 -7.86
C ARG O 101 2.68 78.05 -7.85
N ARG O 102 3.49 77.68 -8.84
CA ARG O 102 4.92 77.93 -8.84
C ARG O 102 5.25 79.41 -9.04
N THR O 103 6.42 79.79 -8.54
CA THR O 103 6.93 81.15 -8.73
C THR O 103 7.60 81.28 -10.10
N GLU O 104 8.33 82.38 -10.28
CA GLU O 104 8.98 82.64 -11.57
C GLU O 104 10.15 81.70 -11.79
N ASP O 105 10.98 81.47 -10.77
CA ASP O 105 12.16 80.64 -10.92
C ASP O 105 11.79 79.18 -11.14
N ASP O 106 10.75 78.69 -10.46
CA ASP O 106 10.27 77.34 -10.72
C ASP O 106 9.73 77.23 -12.15
N ILE O 107 9.04 78.25 -12.63
CA ILE O 107 8.60 78.28 -14.02
C ILE O 107 9.79 78.16 -14.95
N LYS O 108 10.86 78.90 -14.66
CA LYS O 108 12.07 78.82 -15.48
C LYS O 108 12.64 77.41 -15.48
N LEU O 109 12.80 76.81 -14.30
CA LEU O 109 13.51 75.53 -14.22
C LEU O 109 12.68 74.39 -14.82
N ALA O 110 11.37 74.37 -14.56
CA ALA O 110 10.55 73.24 -14.98
C ALA O 110 10.25 73.27 -16.48
N ASN O 111 10.05 74.46 -17.04
CA ASN O 111 9.64 74.62 -18.44
C ASN O 111 10.81 74.56 -19.41
N SER O 112 12.02 74.27 -18.93
CA SER O 112 13.23 74.37 -19.74
C SER O 112 14.07 73.11 -19.62
N VAL O 113 13.45 71.95 -19.79
CA VAL O 113 14.14 70.67 -19.76
C VAL O 113 13.99 70.02 -21.12
N ASP O 114 14.98 69.19 -21.49
CA ASP O 114 14.96 68.53 -22.80
C ASP O 114 13.70 67.68 -22.94
N VAL O 115 13.14 67.68 -24.16
CA VAL O 115 11.85 67.05 -24.39
C VAL O 115 12.00 65.55 -24.62
N GLY O 116 13.03 65.14 -25.36
CA GLY O 116 13.15 63.74 -25.75
C GLY O 116 13.61 62.82 -24.64
N SER O 117 14.25 63.38 -23.61
CA SER O 117 14.81 62.56 -22.53
C SER O 117 13.75 62.08 -21.55
N LEU O 118 12.50 62.49 -21.71
CA LEU O 118 11.42 62.05 -20.84
C LEU O 118 10.67 60.90 -21.51
N ARG O 119 10.47 59.81 -20.75
CA ARG O 119 9.86 58.61 -21.33
C ARG O 119 8.43 58.82 -21.77
N ASP O 120 7.74 59.83 -21.24
CA ASP O 120 6.46 60.30 -21.75
C ASP O 120 6.67 61.75 -22.16
N PRO O 121 7.08 62.00 -23.41
CA PRO O 121 7.41 63.37 -23.82
C PRO O 121 6.19 64.27 -23.90
N GLN O 122 6.08 65.19 -22.95
CA GLN O 122 5.07 66.23 -22.97
C GLN O 122 5.62 67.43 -22.21
N GLN O 123 5.09 68.61 -22.54
CA GLN O 123 5.47 69.84 -21.87
C GLN O 123 4.41 70.20 -20.84
N ASP O 124 4.83 70.89 -19.78
CA ASP O 124 3.92 71.22 -18.70
C ASP O 124 2.82 72.17 -19.16
N ALA O 125 3.06 72.94 -20.22
CA ALA O 125 2.07 73.90 -20.70
C ALA O 125 0.75 73.22 -21.02
N GLU O 126 0.81 72.01 -21.60
CA GLU O 126 -0.40 71.23 -21.78
C GLU O 126 -0.85 70.60 -20.46
N ARG O 127 0.11 70.24 -19.62
CA ARG O 127 -0.21 69.62 -18.33
C ARG O 127 -0.70 70.65 -17.32
N VAL O 128 -0.13 71.84 -17.30
CA VAL O 128 -0.62 72.92 -16.45
C VAL O 128 -1.84 73.55 -17.11
N LYS O 129 -2.82 73.91 -16.30
CA LYS O 129 -3.97 74.68 -16.75
C LYS O 129 -3.85 76.15 -16.36
N ASN O 130 -2.68 76.57 -15.89
CA ASN O 130 -2.43 77.90 -15.37
C ASN O 130 -0.96 78.25 -15.58
N PRO O 131 -0.65 79.52 -15.88
CA PRO O 131 0.77 79.91 -15.97
C PRO O 131 1.55 79.70 -14.68
N GLU O 132 0.89 79.63 -13.53
CA GLU O 132 1.58 79.37 -12.27
C GLU O 132 1.10 78.12 -11.55
N TRP O 133 -0.20 77.83 -11.57
CA TRP O 133 -0.74 76.69 -10.83
C TRP O 133 -0.46 75.38 -11.55
N LEU O 134 -0.54 74.29 -10.80
CA LEU O 134 -0.46 72.94 -11.36
C LEU O 134 -1.24 72.01 -10.44
N ILE O 135 -2.48 71.71 -10.81
CA ILE O 135 -3.30 70.73 -10.10
C ILE O 135 -3.25 69.43 -10.87
N VAL O 136 -2.84 68.36 -10.19
CA VAL O 136 -2.85 67.03 -10.76
C VAL O 136 -3.41 66.06 -9.72
N ILE O 137 -4.23 65.12 -10.18
CA ILE O 137 -4.82 64.14 -9.27
C ILE O 137 -3.72 63.41 -8.52
N GLY O 138 -3.87 63.29 -7.21
CA GLY O 138 -2.79 62.95 -6.30
C GLY O 138 -2.33 61.52 -6.26
N VAL O 139 -2.90 60.63 -7.05
CA VAL O 139 -2.49 59.22 -6.99
C VAL O 139 -1.28 59.00 -7.89
N CYS O 140 -0.24 58.40 -7.32
CA CYS O 140 0.95 58.04 -8.08
C CYS O 140 0.59 57.09 -9.22
N THR O 141 0.84 57.52 -10.45
CA THR O 141 0.66 56.63 -11.58
C THR O 141 1.73 55.55 -11.64
N HIS O 142 2.77 55.66 -10.81
CA HIS O 142 3.79 54.62 -10.76
C HIS O 142 3.33 53.43 -9.93
N LEU O 143 2.96 53.69 -8.66
CA LEU O 143 2.53 52.60 -7.79
C LEU O 143 1.35 52.95 -6.88
N GLY O 144 0.61 54.02 -7.16
CA GLY O 144 -0.58 54.30 -6.42
C GLY O 144 -0.39 54.92 -5.06
N CYS O 145 0.85 55.19 -4.65
CA CYS O 145 1.08 55.86 -3.38
C CYS O 145 0.70 57.33 -3.49
N ILE O 146 0.94 58.06 -2.42
CA ILE O 146 0.91 59.53 -2.47
C ILE O 146 2.36 60.00 -2.36
N PRO O 147 3.05 60.20 -3.48
CA PRO O 147 4.46 60.59 -3.41
C PRO O 147 4.66 61.83 -2.57
N LEU O 148 5.66 61.77 -1.69
CA LEU O 148 5.91 62.86 -0.77
C LEU O 148 6.38 64.10 -1.53
N PRO O 149 5.72 65.25 -1.37
CA PRO O 149 6.37 66.50 -1.71
C PRO O 149 7.55 66.71 -0.79
N ASN O 150 8.48 67.57 -1.22
CA ASN O 150 9.68 67.90 -0.45
C ASN O 150 10.58 66.67 -0.30
N ALA O 151 10.86 66.02 -1.42
CA ALA O 151 11.73 64.85 -1.43
C ALA O 151 12.26 64.63 -2.83
N GLY O 152 13.37 63.89 -2.91
CA GLY O 152 14.02 63.59 -4.16
C GLY O 152 15.07 64.61 -4.55
N ASP O 153 15.61 64.40 -5.76
CA ASP O 153 16.60 65.31 -6.33
C ASP O 153 15.97 66.50 -7.05
N PHE O 154 14.64 66.57 -7.09
CA PHE O 154 13.96 67.59 -7.89
C PHE O 154 13.09 68.52 -7.05
N GLY O 155 13.03 68.32 -5.73
CA GLY O 155 12.25 69.18 -4.86
C GLY O 155 10.75 69.02 -5.08
N GLY O 156 10.37 68.02 -5.87
CA GLY O 156 8.98 67.81 -6.22
C GLY O 156 8.31 66.75 -5.37
N TRP O 157 7.51 65.90 -6.02
CA TRP O 157 6.72 64.88 -5.33
C TRP O 157 7.38 63.53 -5.57
N PHE O 158 8.27 63.13 -4.66
CA PHE O 158 9.01 61.90 -4.76
C PHE O 158 8.30 60.79 -3.99
N CYS O 159 8.32 59.58 -4.55
CA CYS O 159 7.61 58.46 -3.96
C CYS O 159 8.61 57.41 -3.49
N PRO O 160 8.95 57.35 -2.20
CA PRO O 160 9.90 56.35 -1.72
C PRO O 160 9.34 54.92 -1.69
N CYS O 161 8.12 54.69 -2.18
CA CYS O 161 7.59 53.33 -2.22
C CYS O 161 8.45 52.44 -3.10
N HIS O 162 8.85 52.95 -4.27
CA HIS O 162 9.75 52.22 -5.16
C HIS O 162 10.79 53.12 -5.83
N GLY O 163 10.83 54.41 -5.51
CA GLY O 163 11.86 55.28 -6.02
C GLY O 163 11.57 55.99 -7.33
N SER O 164 10.48 56.75 -7.39
CA SER O 164 10.12 57.54 -8.57
C SER O 164 10.39 59.02 -8.27
N HIS O 165 11.48 59.55 -8.82
CA HIS O 165 11.82 60.96 -8.65
C HIS O 165 11.09 61.76 -9.72
N TYR O 166 9.92 62.28 -9.37
CA TYR O 166 9.24 63.26 -10.20
C TYR O 166 9.88 64.62 -10.02
N ASP O 167 9.69 65.49 -11.01
CA ASP O 167 10.15 66.86 -10.86
C ASP O 167 9.05 67.71 -10.23
N ILE O 168 9.34 69.01 -10.04
CA ILE O 168 8.30 69.93 -9.62
C ILE O 168 7.25 70.06 -10.71
N SER O 169 7.68 70.00 -11.98
CA SER O 169 6.75 70.03 -13.10
C SER O 169 5.80 68.84 -13.08
N GLY O 170 6.13 67.79 -12.35
CA GLY O 170 5.28 66.61 -12.29
C GLY O 170 5.62 65.53 -13.28
N ARG O 171 6.55 65.78 -14.20
CA ARG O 171 6.97 64.77 -15.17
C ARG O 171 7.97 63.82 -14.53
N ILE O 172 7.78 62.53 -14.73
CA ILE O 172 8.67 61.54 -14.13
C ILE O 172 10.02 61.61 -14.82
N ARG O 173 11.02 62.13 -14.11
CA ARG O 173 12.39 62.20 -14.61
C ARG O 173 13.14 60.91 -14.30
N LYS O 174 13.25 60.58 -13.01
CA LYS O 174 13.91 59.37 -12.56
C LYS O 174 12.88 58.44 -11.93
N GLY O 175 12.74 57.25 -12.48
CA GLY O 175 11.78 56.30 -11.99
C GLY O 175 11.11 55.52 -13.10
N PRO O 176 10.56 54.36 -12.75
CA PRO O 176 9.95 53.51 -13.78
C PRO O 176 8.48 53.83 -14.05
N ALA O 177 8.03 55.00 -13.62
CA ALA O 177 6.64 55.37 -13.81
C ALA O 177 6.30 55.42 -15.29
N PRO O 178 5.32 54.65 -15.75
CA PRO O 178 4.99 54.67 -17.20
C PRO O 178 4.11 55.83 -17.61
N TYR O 179 3.59 56.61 -16.67
CA TYR O 179 2.78 57.77 -16.98
C TYR O 179 3.07 58.87 -15.98
N ASN O 180 2.82 60.11 -16.40
CA ASN O 180 2.94 61.25 -15.50
C ASN O 180 1.66 61.42 -14.69
N LEU O 181 1.69 62.39 -13.77
CA LEU O 181 0.54 62.62 -12.90
C LEU O 181 -0.64 63.12 -13.71
N GLU O 182 -1.82 62.57 -13.41
CA GLU O 182 -3.01 62.84 -14.21
C GLU O 182 -3.48 64.27 -13.99
N VAL O 183 -3.83 64.94 -15.09
CA VAL O 183 -4.29 66.33 -15.07
C VAL O 183 -5.81 66.32 -15.12
N PRO O 184 -6.51 66.77 -14.07
CA PRO O 184 -7.97 66.77 -14.08
C PRO O 184 -8.56 68.03 -14.68
N THR O 185 -9.90 68.13 -14.64
CA THR O 185 -10.60 69.29 -15.17
C THR O 185 -10.89 70.28 -14.05
N TYR O 186 -10.52 71.55 -14.28
CA TYR O 186 -10.71 72.60 -13.29
C TYR O 186 -10.43 73.96 -13.94
N THR O 187 -11.25 74.95 -13.59
CA THR O 187 -11.07 76.30 -14.09
C THR O 187 -11.58 77.27 -13.04
N PHE O 188 -11.12 78.52 -13.15
CA PHE O 188 -11.42 79.56 -12.18
C PHE O 188 -12.90 79.94 -12.22
N LEU O 189 -13.38 80.52 -11.11
CA LEU O 189 -14.67 81.19 -11.09
C LEU O 189 -14.50 82.70 -11.25
N GLU O 190 -13.81 83.35 -10.32
CA GLU O 190 -13.25 84.67 -10.57
C GLU O 190 -11.73 84.69 -10.45
N GLU O 191 -11.17 84.37 -9.27
CA GLU O 191 -9.71 84.31 -9.13
C GLU O 191 -9.19 83.15 -8.29
N ASN O 192 -9.96 82.57 -7.36
CA ASN O 192 -9.38 81.80 -6.27
C ASN O 192 -9.93 80.40 -6.09
N LYS O 193 -11.05 80.04 -6.71
CA LYS O 193 -11.66 78.74 -6.48
C LYS O 193 -11.69 77.93 -7.76
N LEU O 194 -11.35 76.64 -7.64
CA LEU O 194 -11.32 75.72 -8.77
C LEU O 194 -11.83 74.37 -8.27
N LEU O 195 -13.02 73.98 -8.70
CA LEU O 195 -13.66 72.76 -8.23
C LEU O 195 -12.89 71.53 -8.69
N ILE O 196 -13.04 70.44 -7.94
CA ILE O 196 -12.29 69.21 -8.23
C ILE O 196 -13.11 68.28 -9.12
N GLN P 1 -37.36 -25.33 20.44
CA GLN P 1 -38.48 -24.53 20.95
C GLN P 1 -39.79 -25.10 20.42
N SER P 2 -40.90 -24.73 21.07
CA SER P 2 -42.22 -25.21 20.66
C SER P 2 -42.80 -24.38 19.52
N PHE P 3 -42.90 -23.06 19.71
CA PHE P 3 -43.56 -22.22 18.72
C PHE P 3 -42.72 -22.00 17.48
N ILE P 4 -41.40 -22.15 17.57
CA ILE P 4 -40.56 -22.09 16.37
C ILE P 4 -40.82 -23.29 15.46
N ASP P 5 -41.31 -24.39 16.00
CA ASP P 5 -41.57 -25.56 15.18
C ASP P 5 -42.65 -25.26 14.15
N PRO P 6 -42.47 -25.61 12.88
CA PRO P 6 -43.52 -25.35 11.89
C PRO P 6 -44.78 -26.15 12.09
N LYS P 7 -44.66 -27.44 12.42
CA LYS P 7 -45.83 -28.32 12.41
C LYS P 7 -46.80 -28.06 13.55
N LYS P 8 -46.46 -27.27 14.54
CA LYS P 8 -47.46 -27.00 15.54
C LYS P 8 -47.99 -25.63 15.32
N ASN P 9 -47.09 -24.66 15.37
CA ASN P 9 -47.50 -23.31 15.21
C ASN P 9 -47.98 -23.17 13.83
N TRP P 10 -48.67 -22.08 13.60
CA TRP P 10 -49.40 -21.91 12.40
C TRP P 10 -48.96 -20.71 11.70
N PHE P 11 -48.21 -19.85 12.37
CA PHE P 11 -47.57 -18.79 11.68
C PHE P 11 -46.39 -19.58 11.21
N ALA P 12 -45.54 -19.92 12.13
CA ALA P 12 -44.25 -20.48 11.71
C ALA P 12 -44.36 -21.11 10.33
N ALA P 13 -45.48 -21.77 10.03
CA ALA P 13 -45.67 -22.32 8.69
C ALA P 13 -45.70 -21.22 7.64
N GLN P 14 -46.42 -20.12 7.92
CA GLN P 14 -46.43 -19.01 6.98
C GLN P 14 -45.05 -18.41 6.80
N HIS P 15 -44.29 -18.29 7.89
CA HIS P 15 -42.92 -17.78 7.81
C HIS P 15 -42.06 -18.68 6.93
N MET P 16 -42.19 -19.99 7.11
CA MET P 16 -41.43 -20.93 6.29
C MET P 16 -41.80 -20.80 4.82
N LYS P 17 -43.09 -20.68 4.51
CA LYS P 17 -43.51 -20.56 3.12
C LYS P 17 -42.96 -19.29 2.49
N ALA P 18 -43.00 -18.17 3.23
CA ALA P 18 -42.50 -16.91 2.69
C ALA P 18 -40.99 -16.99 2.41
N ILE P 19 -40.23 -17.55 3.36
CA ILE P 19 -38.78 -17.63 3.17
C ILE P 19 -38.45 -18.57 2.02
N SER P 20 -39.14 -19.72 1.93
CA SER P 20 -38.87 -20.65 0.86
C SER P 20 -39.17 -20.04 -0.50
N LYS P 21 -40.27 -19.28 -0.59
CA LYS P 21 -40.58 -18.59 -1.85
C LYS P 21 -39.49 -17.61 -2.23
N ARG P 22 -39.06 -16.78 -1.27
CA ARG P 22 -38.04 -15.79 -1.58
C ARG P 22 -36.71 -16.43 -1.94
N LEU P 23 -36.43 -17.63 -1.42
CA LEU P 23 -35.17 -18.29 -1.78
C LEU P 23 -35.28 -19.00 -3.11
N ARG P 24 -36.44 -19.60 -3.41
CA ARG P 24 -36.61 -20.27 -4.69
C ARG P 24 -36.59 -19.29 -5.84
N ARG P 25 -36.99 -18.04 -5.61
CA ARG P 25 -36.98 -17.06 -6.70
C ARG P 25 -35.60 -16.93 -7.33
N PHE P 26 -34.56 -16.82 -6.50
CA PHE P 26 -33.20 -16.62 -6.99
C PHE P 26 -32.40 -17.91 -7.09
N GLY P 27 -32.99 -19.06 -6.78
CA GLY P 27 -32.32 -20.33 -6.93
C GLY P 27 -31.10 -20.56 -6.06
N LEU P 28 -31.20 -20.27 -4.76
CA LEU P 28 -30.12 -20.54 -3.83
C LEU P 28 -30.69 -21.07 -2.52
N ARG P 29 -29.82 -21.72 -1.75
CA ARG P 29 -30.20 -22.38 -0.50
C ARG P 29 -29.94 -21.48 0.70
N TYR P 30 -30.62 -21.79 1.81
CA TYR P 30 -30.52 -20.94 2.98
C TYR P 30 -29.11 -20.90 3.56
N ASP P 31 -28.33 -21.93 3.32
CA ASP P 31 -26.96 -21.96 3.84
C ASP P 31 -26.00 -21.14 3.00
N ASP P 32 -26.46 -20.61 1.85
CA ASP P 32 -25.62 -19.74 1.05
C ASP P 32 -25.54 -18.34 1.65
N LEU P 33 -26.58 -17.90 2.34
CA LEU P 33 -26.62 -16.57 2.93
C LEU P 33 -25.57 -16.37 4.01
N TYR P 34 -25.01 -17.45 4.55
CA TYR P 34 -23.91 -17.33 5.50
C TYR P 34 -22.67 -16.81 4.79
N ASP P 35 -21.80 -16.16 5.54
CA ASP P 35 -20.73 -15.39 4.96
C ASP P 35 -19.43 -15.70 5.69
N PRO P 36 -18.35 -16.06 4.96
CA PRO P 36 -17.07 -16.34 5.63
C PRO P 36 -16.43 -15.13 6.27
N TYR P 37 -16.90 -13.92 5.98
CA TYR P 37 -16.36 -12.72 6.61
C TYR P 37 -17.09 -12.36 7.89
N TYR P 38 -18.27 -12.94 8.13
CA TYR P 38 -19.01 -12.65 9.34
C TYR P 38 -18.39 -13.34 10.56
N ASP P 39 -18.21 -14.67 10.49
CA ASP P 39 -17.95 -15.45 11.69
C ASP P 39 -16.53 -15.99 11.80
N LEU P 40 -15.90 -16.38 10.69
CA LEU P 40 -14.62 -17.09 10.65
C LEU P 40 -14.75 -18.53 11.12
N ASP P 41 -15.92 -18.93 11.61
CA ASP P 41 -16.24 -20.34 11.74
C ASP P 41 -16.85 -20.89 10.47
N VAL P 42 -17.59 -20.05 9.74
CA VAL P 42 -18.06 -20.44 8.42
C VAL P 42 -16.87 -20.67 7.50
N LYS P 43 -15.80 -19.90 7.69
CA LYS P 43 -14.60 -20.10 6.90
C LYS P 43 -14.03 -21.50 7.11
N GLU P 44 -13.98 -21.96 8.37
CA GLU P 44 -13.43 -23.29 8.64
C GLU P 44 -14.37 -24.39 8.18
N ALA P 45 -15.67 -24.23 8.41
CA ALA P 45 -16.63 -25.22 7.95
C ALA P 45 -16.54 -25.41 6.44
N LEU P 46 -16.40 -24.31 5.69
CA LEU P 46 -16.25 -24.41 4.26
C LEU P 46 -14.86 -24.86 3.84
N ASN P 47 -13.87 -24.70 4.71
CA ASN P 47 -12.53 -25.19 4.45
C ASN P 47 -12.38 -26.68 4.72
N ARG P 48 -13.37 -27.30 5.38
CA ARG P 48 -13.33 -28.73 5.60
C ARG P 48 -14.24 -29.55 4.68
N LEU P 49 -15.23 -28.92 4.05
CA LEU P 49 -16.14 -29.65 3.18
C LEU P 49 -15.42 -30.10 1.91
N PRO P 50 -15.92 -31.14 1.25
CA PRO P 50 -15.31 -31.57 -0.01
C PRO P 50 -15.46 -30.51 -1.10
N LYS P 51 -14.63 -30.65 -2.14
CA LYS P 51 -14.50 -29.60 -3.15
C LYS P 51 -15.76 -29.44 -3.99
N GLU P 52 -16.46 -30.54 -4.29
CA GLU P 52 -17.64 -30.45 -5.15
C GLU P 52 -18.74 -29.62 -4.52
N VAL P 53 -18.95 -29.75 -3.21
CA VAL P 53 -20.04 -29.04 -2.56
C VAL P 53 -19.76 -27.53 -2.57
N VAL P 54 -18.52 -27.14 -2.27
CA VAL P 54 -18.16 -25.72 -2.31
C VAL P 54 -18.27 -25.17 -3.72
N ASP P 55 -17.89 -25.98 -4.72
CA ASP P 55 -17.99 -25.51 -6.10
C ASP P 55 -19.44 -25.29 -6.50
N ALA P 56 -20.34 -26.21 -6.13
CA ALA P 56 -21.75 -26.00 -6.41
C ALA P 56 -22.26 -24.75 -5.73
N ARG P 57 -21.81 -24.49 -4.49
CA ARG P 57 -22.20 -23.27 -3.80
C ARG P 57 -21.78 -22.03 -4.58
N HIS P 58 -20.53 -22.02 -5.08
CA HIS P 58 -20.04 -20.86 -5.83
C HIS P 58 -20.84 -20.66 -7.12
N GLN P 59 -21.14 -21.74 -7.84
CA GLN P 59 -21.94 -21.62 -9.06
C GLN P 59 -23.33 -21.06 -8.76
N ARG P 60 -23.97 -21.53 -7.70
CA ARG P 60 -25.29 -21.03 -7.34
C ARG P 60 -25.24 -19.54 -7.01
N LEU P 61 -24.21 -19.12 -6.25
CA LEU P 61 -24.09 -17.71 -5.90
C LEU P 61 -23.92 -16.84 -7.15
N LYS P 62 -23.08 -17.28 -8.09
CA LYS P 62 -22.89 -16.51 -9.32
C LYS P 62 -24.17 -16.42 -10.13
N ARG P 63 -24.91 -17.53 -10.23
CA ARG P 63 -26.18 -17.50 -10.94
C ARG P 63 -27.15 -16.50 -10.32
N ALA P 64 -27.29 -16.53 -9.00
CA ALA P 64 -28.22 -15.62 -8.33
C ALA P 64 -27.79 -14.17 -8.52
N MET P 65 -26.49 -13.90 -8.47
CA MET P 65 -26.03 -12.53 -8.61
C MET P 65 -26.24 -12.00 -10.01
N ASP P 66 -26.03 -12.83 -11.02
CA ASP P 66 -26.35 -12.43 -12.40
C ASP P 66 -27.83 -12.12 -12.54
N LEU P 67 -28.70 -12.98 -11.99
CA LEU P 67 -30.13 -12.70 -12.05
C LEU P 67 -30.48 -11.37 -11.41
N SER P 68 -29.90 -11.09 -10.24
CA SER P 68 -30.23 -9.85 -9.54
C SER P 68 -29.72 -8.64 -10.32
N MET P 69 -28.56 -8.74 -10.96
CA MET P 69 -28.11 -7.64 -11.80
C MET P 69 -29.06 -7.39 -12.95
N LYS P 70 -29.57 -8.44 -13.58
CA LYS P 70 -30.41 -8.25 -14.76
C LYS P 70 -31.86 -7.89 -14.41
N HIS P 71 -32.24 -7.91 -13.13
CA HIS P 71 -33.60 -7.61 -12.69
C HIS P 71 -34.60 -8.61 -13.25
N GLU P 72 -34.34 -9.90 -13.03
CA GLU P 72 -35.26 -10.94 -13.48
C GLU P 72 -35.12 -12.16 -12.58
N TYR P 73 -36.01 -13.14 -12.81
CA TYR P 73 -36.09 -14.32 -11.97
C TYR P 73 -36.02 -15.58 -12.84
N LEU P 74 -35.65 -16.69 -12.19
CA LEU P 74 -35.54 -17.96 -12.90
C LEU P 74 -36.87 -18.36 -13.51
N PRO P 75 -36.85 -19.09 -14.63
CA PRO P 75 -38.10 -19.58 -15.22
C PRO P 75 -38.83 -20.51 -14.27
N GLU P 76 -40.12 -20.74 -14.57
CA GLU P 76 -40.97 -21.48 -13.66
C GLU P 76 -40.51 -22.94 -13.54
N ASP P 77 -39.97 -23.51 -14.61
CA ASP P 77 -39.54 -24.91 -14.57
C ASP P 77 -38.32 -25.09 -13.67
N LEU P 78 -37.29 -24.26 -13.84
CA LEU P 78 -36.16 -24.30 -12.93
C LEU P 78 -36.54 -23.84 -11.54
N GLN P 79 -37.65 -23.13 -11.37
CA GLN P 79 -38.16 -22.86 -10.04
C GLN P 79 -38.91 -24.04 -9.46
N ALA P 80 -39.34 -24.97 -10.31
CA ALA P 80 -39.94 -26.21 -9.81
C ALA P 80 -38.87 -27.22 -9.46
N MET P 81 -37.75 -27.21 -10.17
CA MET P 81 -36.65 -28.12 -9.88
C MET P 81 -35.75 -27.62 -8.74
N GLN P 82 -36.21 -26.65 -7.96
CA GLN P 82 -35.43 -26.13 -6.85
C GLN P 82 -35.74 -26.88 -5.56
N THR P 83 -34.83 -26.77 -4.60
CA THR P 83 -35.03 -27.33 -3.27
C THR P 83 -34.16 -26.61 -2.25
N PRO P 84 -34.62 -25.46 -1.76
CA PRO P 84 -33.94 -24.82 -0.64
C PRO P 84 -34.19 -25.62 0.63
N PHE P 85 -33.44 -25.27 1.67
CA PHE P 85 -33.48 -25.96 2.96
C PHE P 85 -32.97 -27.39 2.87
N ARG P 86 -32.05 -27.64 1.96
CA ARG P 86 -31.26 -28.87 1.93
C ARG P 86 -29.84 -28.49 2.33
N GLY P 87 -29.54 -28.58 3.61
CA GLY P 87 -28.31 -28.02 4.12
C GLY P 87 -27.07 -28.82 3.77
N TYR P 88 -25.93 -28.16 3.88
CA TYR P 88 -24.64 -28.80 3.72
C TYR P 88 -23.61 -28.27 4.70
N LEU P 89 -24.00 -27.44 5.67
CA LEU P 89 -23.05 -26.67 6.45
C LEU P 89 -23.34 -26.66 7.95
N GLN P 90 -24.52 -27.09 8.39
CA GLN P 90 -24.89 -26.88 9.80
C GLN P 90 -24.12 -27.82 10.72
N GLU P 91 -24.01 -29.09 10.36
CA GLU P 91 -23.35 -30.05 11.24
C GLU P 91 -21.87 -29.75 11.40
N MET P 92 -21.20 -29.40 10.30
CA MET P 92 -19.80 -29.03 10.39
C MET P 92 -19.61 -27.79 11.24
N LEU P 93 -20.51 -26.81 11.12
CA LEU P 93 -20.44 -25.61 11.94
C LEU P 93 -20.61 -25.94 13.42
N ALA P 94 -21.56 -26.82 13.74
CA ALA P 94 -21.73 -27.22 15.13
C ALA P 94 -20.49 -27.93 15.66
N LEU P 95 -19.88 -28.79 14.84
CA LEU P 95 -18.66 -29.46 15.25
C LEU P 95 -17.55 -28.46 15.55
N VAL P 96 -17.34 -27.49 14.66
CA VAL P 96 -16.27 -26.52 14.85
C VAL P 96 -16.52 -25.69 16.11
N LYS P 97 -17.76 -25.27 16.33
CA LYS P 97 -18.05 -24.44 17.51
C LYS P 97 -17.92 -25.25 18.80
N ARG P 98 -18.32 -26.52 18.78
CA ARG P 98 -18.18 -27.37 19.95
C ARG P 98 -16.71 -27.61 20.28
N GLU P 99 -15.88 -27.84 19.27
CA GLU P 99 -14.45 -27.95 19.50
C GLU P 99 -13.87 -26.66 20.05
N LYS P 100 -14.36 -25.52 19.56
CA LYS P 100 -13.90 -24.23 20.08
C LYS P 100 -14.23 -24.09 21.56
N ALA P 101 -15.45 -24.45 21.96
CA ALA P 101 -15.83 -24.36 23.37
C ALA P 101 -14.98 -25.28 24.23
N GLU P 102 -14.81 -26.53 23.79
CA GLU P 102 -14.03 -27.47 24.58
C GLU P 102 -12.58 -27.03 24.70
N ARG P 103 -12.03 -26.38 23.67
CA ARG P 103 -10.69 -25.83 23.80
C ARG P 103 -10.67 -24.62 24.73
N GLU P 104 -11.75 -23.83 24.76
CA GLU P 104 -11.79 -22.69 25.68
C GLU P 104 -11.80 -23.15 27.13
N SER P 105 -12.47 -24.25 27.42
CA SER P 105 -12.56 -24.73 28.80
C SER P 105 -11.19 -25.05 29.38
N LEU P 106 -10.35 -25.74 28.61
CA LEU P 106 -9.07 -26.25 29.09
C LEU P 106 -7.91 -25.31 28.73
N GLY P 107 -8.01 -24.03 29.05
CA GLY P 107 -6.93 -23.12 28.72
C GLY P 107 -6.74 -23.01 27.22
N GLY P 108 -5.49 -23.01 26.77
CA GLY P 108 -5.21 -22.98 25.35
C GLY P 108 -5.42 -21.61 24.74
N LEU P 109 -5.12 -21.53 23.44
CA LEU P 109 -5.29 -20.32 22.66
C LEU P 109 -6.21 -20.59 21.48
N PRO P 110 -6.92 -19.58 20.99
CA PRO P 110 -7.73 -19.77 19.79
C PRO P 110 -6.86 -20.05 18.58
N LEU P 111 -7.40 -20.81 17.65
CA LEU P 111 -6.65 -21.16 16.49
C LEU P 111 -6.63 -20.11 15.38
N TYR P 112 -7.58 -19.20 15.39
CA TYR P 112 -7.61 -18.06 14.46
C TYR P 112 -8.36 -16.89 15.07
N GLN P 113 -7.81 -15.70 14.93
CA GLN P 113 -8.34 -14.55 15.57
C GLN P 113 -8.51 -13.58 14.47
N ARG P 114 -9.62 -12.86 14.51
CA ARG P 114 -9.95 -11.77 13.58
C ARG P 114 -9.01 -10.62 13.67
N THR P 115 -8.86 -9.90 12.61
CA THR P 115 -8.02 -8.71 12.57
C THR P 115 -8.78 -7.51 13.13
N ILE P 116 -8.02 -6.55 13.67
CA ILE P 116 -8.61 -5.34 14.22
C ILE P 116 -8.78 -4.33 13.10
N PRO P 117 -10.02 -3.94 12.75
CA PRO P 117 -10.30 -3.20 11.53
C PRO P 117 -10.02 -1.71 11.66
N LYS Q 1 -11.29 -11.19 0.01
CA LYS Q 1 -11.74 -10.80 -1.31
C LYS Q 1 -10.67 -11.12 -2.35
N GLY Q 2 -10.69 -12.35 -2.87
CA GLY Q 2 -9.74 -12.70 -3.90
C GLY Q 2 -9.81 -14.13 -4.41
N PHE Q 3 -9.80 -14.27 -5.73
CA PHE Q 3 -9.63 -15.55 -6.42
C PHE Q 3 -10.47 -16.71 -5.90
N VAL Q 4 -11.77 -16.67 -6.16
CA VAL Q 4 -12.54 -17.91 -6.08
C VAL Q 4 -12.60 -18.54 -7.48
N PRO Q 5 -12.01 -19.73 -7.68
CA PRO Q 5 -11.95 -20.31 -9.02
C PRO Q 5 -13.32 -20.80 -9.48
N MET Q 6 -13.60 -20.62 -10.77
CA MET Q 6 -15.00 -20.65 -11.18
C MET Q 6 -15.43 -21.72 -12.19
N LYS Q 7 -14.77 -21.80 -13.35
CA LYS Q 7 -15.22 -22.69 -14.43
C LYS Q 7 -16.63 -22.38 -14.97
N ALA Q 8 -16.78 -21.31 -15.75
CA ALA Q 8 -18.02 -21.05 -16.47
C ALA Q 8 -17.71 -20.56 -17.88
N VAL Q 9 -18.76 -20.42 -18.71
CA VAL Q 9 -18.65 -20.00 -20.11
C VAL Q 9 -19.66 -18.88 -20.37
N THR Q 10 -19.23 -17.85 -21.10
CA THR Q 10 -20.08 -16.69 -21.37
C THR Q 10 -19.95 -16.23 -22.82
N TYR Q 11 -21.03 -15.67 -23.36
CA TYR Q 11 -21.06 -15.04 -24.67
C TYR Q 11 -21.57 -13.60 -24.56
N GLY Q 12 -21.10 -12.73 -25.44
CA GLY Q 12 -21.52 -11.34 -25.41
C GLY Q 12 -21.50 -10.71 -26.78
N LEU Q 13 -22.28 -9.64 -26.93
CA LEU Q 13 -22.47 -8.93 -28.18
C LEU Q 13 -22.06 -7.47 -28.02
N SER Q 14 -21.65 -6.85 -29.12
CA SER Q 14 -21.12 -5.49 -29.06
C SER Q 14 -22.22 -4.50 -28.71
N PRO Q 15 -21.85 -3.35 -28.13
CA PRO Q 15 -22.88 -2.34 -27.80
C PRO Q 15 -23.58 -1.77 -29.00
N PHE Q 16 -22.97 -1.85 -30.20
CA PHE Q 16 -23.51 -1.23 -31.40
C PHE Q 16 -24.27 -2.23 -32.27
N GLN Q 17 -24.91 -3.22 -31.66
CA GLN Q 17 -25.72 -4.20 -32.37
C GLN Q 17 -27.09 -4.37 -31.71
N GLN Q 18 -27.49 -3.43 -30.86
CA GLN Q 18 -28.61 -3.64 -29.94
C GLN Q 18 -29.47 -2.39 -29.82
N LYS Q 19 -30.79 -2.61 -29.80
CA LYS Q 19 -31.74 -1.53 -29.56
C LYS Q 19 -31.77 -1.21 -28.07
N ILE Q 20 -31.50 0.06 -27.73
CA ILE Q 20 -31.15 0.44 -26.37
C ILE Q 20 -32.33 1.00 -25.59
N MET Q 21 -33.05 1.98 -26.15
CA MET Q 21 -34.20 2.54 -25.44
C MET Q 21 -35.47 1.70 -25.47
N PRO Q 22 -35.87 1.06 -26.59
CA PRO Q 22 -37.19 0.40 -26.63
C PRO Q 22 -37.50 -0.57 -25.50
N GLY Q 23 -36.51 -0.90 -24.66
CA GLY Q 23 -36.76 -1.82 -23.56
C GLY Q 23 -37.53 -1.24 -22.40
N LEU Q 24 -37.51 0.08 -22.22
CA LEU Q 24 -38.16 0.68 -21.06
C LEU Q 24 -39.68 0.52 -21.11
N TRP Q 25 -40.29 0.89 -22.23
CA TRP Q 25 -41.74 0.94 -22.35
C TRP Q 25 -42.32 -0.29 -23.03
N LYS Q 26 -41.75 -1.47 -22.76
CA LYS Q 26 -42.23 -2.68 -23.41
C LYS Q 26 -43.59 -3.09 -22.86
N ASP Q 27 -43.65 -3.42 -21.57
CA ASP Q 27 -44.87 -3.94 -20.95
C ASP Q 27 -45.10 -3.28 -19.60
N LEU Q 28 -45.06 -1.95 -19.56
CA LEU Q 28 -45.18 -1.23 -18.28
C LEU Q 28 -46.39 -1.61 -17.43
N PRO Q 29 -47.60 -1.84 -17.96
CA PRO Q 29 -48.72 -2.20 -17.08
C PRO Q 29 -48.48 -3.44 -16.21
N THR Q 30 -47.89 -4.49 -16.77
CA THR Q 30 -47.67 -5.68 -15.96
C THR Q 30 -46.55 -5.45 -14.94
N LYS Q 31 -45.59 -4.58 -15.27
CA LYS Q 31 -44.61 -4.16 -14.28
C LYS Q 31 -45.27 -3.43 -13.13
N ILE Q 32 -46.24 -2.56 -13.43
CA ILE Q 32 -46.99 -1.87 -12.39
C ILE Q 32 -47.71 -2.87 -11.50
N HIS Q 33 -48.36 -3.85 -12.12
CA HIS Q 33 -49.08 -4.86 -11.34
C HIS Q 33 -48.12 -5.59 -10.41
N HIS Q 34 -46.98 -6.03 -10.91
CA HIS Q 34 -46.03 -6.78 -10.08
C HIS Q 34 -45.51 -5.92 -8.94
N LYS Q 35 -45.13 -4.66 -9.24
CA LYS Q 35 -44.53 -3.81 -8.22
C LYS Q 35 -45.53 -3.51 -7.11
N VAL Q 36 -46.77 -3.17 -7.47
CA VAL Q 36 -47.78 -2.88 -6.46
C VAL Q 36 -48.08 -4.12 -5.64
N SER Q 37 -48.25 -5.26 -6.30
CA SER Q 37 -48.53 -6.50 -5.59
C SER Q 37 -47.42 -6.85 -4.61
N GLU Q 38 -46.17 -6.56 -4.99
CA GLU Q 38 -45.06 -6.84 -4.08
C GLU Q 38 -45.03 -5.89 -2.89
N ASN Q 39 -45.16 -4.58 -3.12
CA ASN Q 39 -44.88 -3.59 -2.09
C ASN Q 39 -46.12 -3.05 -1.38
N TRP Q 40 -47.29 -3.63 -1.60
CA TRP Q 40 -48.50 -3.06 -0.99
C TRP Q 40 -48.49 -3.18 0.54
N ILE Q 41 -47.98 -4.28 1.08
CA ILE Q 41 -47.94 -4.43 2.54
C ILE Q 41 -47.02 -3.37 3.16
N SER Q 42 -45.86 -3.16 2.55
CA SER Q 42 -44.93 -2.16 3.06
C SER Q 42 -45.50 -0.75 2.93
N ALA Q 43 -46.20 -0.46 1.83
CA ALA Q 43 -46.86 0.83 1.70
C ALA Q 43 -47.89 1.03 2.80
N THR Q 44 -48.68 -0.01 3.09
CA THR Q 44 -49.64 0.07 4.18
C THR Q 44 -48.94 0.38 5.51
N LEU Q 45 -47.86 -0.34 5.80
CA LEU Q 45 -47.20 -0.16 7.09
C LEU Q 45 -46.57 1.23 7.20
N LEU Q 46 -46.09 1.78 6.09
CA LEU Q 46 -45.50 3.12 6.14
C LEU Q 46 -46.56 4.20 6.28
N LEU Q 47 -47.71 4.04 5.63
CA LEU Q 47 -48.69 5.12 5.57
C LEU Q 47 -49.74 5.09 6.66
N GLY Q 48 -50.02 3.93 7.26
CA GLY Q 48 -51.09 3.83 8.23
C GLY Q 48 -51.02 4.77 9.41
N PRO Q 49 -49.96 4.68 10.21
CA PRO Q 49 -49.91 5.48 11.45
C PRO Q 49 -50.03 6.97 11.23
N LEU Q 50 -49.43 7.50 10.17
CA LEU Q 50 -49.51 8.94 9.93
C LEU Q 50 -50.94 9.38 9.69
N VAL Q 51 -51.67 8.64 8.87
CA VAL Q 51 -53.07 8.99 8.60
C VAL Q 51 -53.90 8.86 9.87
N GLY Q 52 -53.71 7.79 10.63
CA GLY Q 52 -54.46 7.64 11.87
C GLY Q 52 -54.23 8.78 12.83
N VAL Q 53 -52.96 9.15 13.04
CA VAL Q 53 -52.62 10.23 13.96
C VAL Q 53 -53.19 11.54 13.47
N TYR Q 54 -53.08 11.81 12.16
CA TYR Q 54 -53.60 13.07 11.62
C TYR Q 54 -55.10 13.17 11.83
N SER Q 55 -55.84 12.09 11.55
CA SER Q 55 -57.29 12.13 11.73
C SER Q 55 -57.66 12.31 13.19
N TYR Q 56 -56.95 11.64 14.10
CA TYR Q 56 -57.25 11.76 15.52
C TYR Q 56 -57.00 13.18 16.02
N VAL Q 57 -55.88 13.77 15.62
CA VAL Q 57 -55.59 15.14 16.04
C VAL Q 57 -56.62 16.12 15.47
N GLN Q 58 -56.98 15.93 14.19
CA GLN Q 58 -58.01 16.78 13.60
C GLN Q 58 -59.30 16.73 14.39
N ASN Q 59 -59.77 15.53 14.70
CA ASN Q 59 -61.04 15.40 15.42
C ASN Q 59 -60.94 16.00 16.81
N TYR Q 60 -59.82 15.76 17.51
CA TYR Q 60 -59.69 16.27 18.87
C TYR Q 60 -59.71 17.80 18.89
N GLN Q 61 -58.92 18.43 18.02
CA GLN Q 61 -58.87 19.89 18.04
C GLN Q 61 -60.19 20.49 17.58
N GLU Q 62 -60.83 19.90 16.57
CA GLU Q 62 -62.15 20.36 16.16
C GLU Q 62 -63.12 20.33 17.32
N LYS Q 63 -63.16 19.22 18.04
CA LYS Q 63 -64.13 19.09 19.14
C LYS Q 63 -63.81 20.06 20.28
N GLU Q 64 -62.52 20.25 20.58
CA GLU Q 64 -62.15 21.19 21.63
C GLU Q 64 -62.55 22.62 21.29
N LYS Q 65 -62.28 23.04 20.04
CA LYS Q 65 -62.65 24.37 19.62
C LYS Q 65 -64.16 24.56 19.63
N LEU Q 66 -64.91 23.54 19.20
CA LEU Q 66 -66.36 23.61 19.31
C LEU Q 66 -66.81 23.66 20.76
N SER Q 67 -66.04 23.05 21.67
CA SER Q 67 -66.45 23.00 23.08
C SER Q 67 -66.29 24.36 23.75
N HIS Q 68 -65.17 25.04 23.52
CA HIS Q 68 -64.95 26.31 24.21
C HIS Q 68 -65.85 27.43 23.71
N ARG Q 69 -66.60 27.23 22.63
CA ARG Q 69 -67.47 28.28 22.12
C ARG Q 69 -68.58 28.63 23.12
N TYR Q 70 -68.86 29.91 23.26
CA TYR Q 70 -69.94 30.40 24.12
C TYR Q 70 -71.28 30.37 23.39
N PRO R 1 -65.30 58.42 -5.06
CA PRO R 1 -64.63 57.17 -5.42
C PRO R 1 -64.94 56.05 -4.45
N VAL R 2 -66.12 55.44 -4.60
CA VAL R 2 -66.52 54.37 -3.69
C VAL R 2 -65.68 53.13 -3.95
N ASP R 3 -65.35 52.42 -2.88
CA ASP R 3 -64.50 51.25 -2.97
C ASP R 3 -65.27 50.07 -3.55
N GLN R 4 -64.64 49.37 -4.50
CA GLN R 4 -65.24 48.16 -5.04
C GLN R 4 -65.31 47.06 -4.00
N LYS R 5 -64.32 46.99 -3.11
CA LYS R 5 -64.24 45.90 -2.14
C LYS R 5 -65.50 45.85 -1.28
N LYS R 6 -66.00 47.01 -0.85
CA LYS R 6 -67.20 47.01 -0.02
C LYS R 6 -68.43 46.63 -0.83
N TYR R 7 -68.43 46.96 -2.12
CA TYR R 7 -69.50 46.51 -3.00
C TYR R 7 -69.55 44.99 -3.06
N LEU R 8 -68.39 44.35 -3.20
CA LEU R 8 -68.36 42.89 -3.19
C LEU R 8 -68.69 42.34 -1.80
N GLU R 9 -68.27 43.03 -0.74
CA GLU R 9 -68.55 42.56 0.61
C GLU R 9 -70.03 42.67 0.96
N GLU R 10 -70.77 43.55 0.29
CA GLU R 10 -72.23 43.50 0.34
C GLU R 10 -72.82 42.59 -0.73
N SER R 11 -71.99 42.05 -1.63
CA SER R 11 -72.52 41.10 -2.63
C SER R 11 -72.90 39.75 -2.02
N CYS R 12 -72.01 39.15 -1.20
CA CYS R 12 -72.25 37.79 -0.69
C CYS R 12 -73.02 37.72 0.61
N LYS R 13 -74.00 38.57 0.85
CA LYS R 13 -75.01 38.17 1.83
C LYS R 13 -75.73 36.88 1.41
N PRO R 14 -76.17 36.71 0.15
CA PRO R 14 -76.81 35.44 -0.23
C PRO R 14 -75.92 34.22 -0.05
N LYS R 15 -74.61 34.35 -0.25
CA LYS R 15 -73.75 33.18 -0.12
C LYS R 15 -73.65 32.73 1.33
N CYS R 16 -73.32 33.64 2.24
CA CYS R 16 -73.11 33.31 3.65
C CYS R 16 -74.35 33.57 4.52
N VAL R 17 -75.54 33.53 3.92
CA VAL R 17 -76.80 33.54 4.67
C VAL R 17 -76.70 32.63 5.89
N LYS R 18 -76.16 31.42 5.71
CA LYS R 18 -76.15 30.46 6.81
C LYS R 18 -75.27 30.97 7.95
N ALA R 19 -73.97 31.07 7.70
CA ALA R 19 -73.05 31.47 8.76
C ALA R 19 -73.52 32.75 9.45
N LEU R 20 -74.04 33.70 8.67
CA LEU R 20 -74.56 34.91 9.27
C LEU R 20 -75.76 34.61 10.17
N LEU R 21 -76.61 33.65 9.78
CA LEU R 21 -77.77 33.39 10.63
C LEU R 21 -77.40 32.70 11.94
N GLU R 22 -76.40 31.79 11.94
CA GLU R 22 -75.95 31.35 13.27
C GLU R 22 -75.27 32.47 14.05
N TYR R 23 -74.62 33.42 13.38
CA TYR R 23 -74.03 34.52 14.15
C TYR R 23 -75.12 35.37 14.82
N GLN R 24 -76.20 35.64 14.07
CA GLN R 24 -77.32 36.37 14.68
C GLN R 24 -77.97 35.55 15.79
N ALA R 25 -78.04 34.22 15.61
CA ALA R 25 -78.54 33.39 16.69
C ALA R 25 -77.67 33.52 17.93
N CYS R 26 -76.34 33.54 17.75
CA CYS R 26 -75.43 33.74 18.86
C CYS R 26 -75.73 35.05 19.57
N VAL R 27 -75.81 36.15 18.81
CA VAL R 27 -75.94 37.46 19.45
C VAL R 27 -77.30 37.58 20.15
N LYS R 28 -78.37 37.05 19.55
CA LYS R 28 -79.67 37.13 20.19
C LYS R 28 -79.74 36.26 21.43
N ARG R 29 -79.10 35.08 21.39
CA ARG R 29 -79.11 34.20 22.56
C ARG R 29 -78.32 34.80 23.71
N ILE R 30 -77.20 35.46 23.41
CA ILE R 30 -76.34 35.98 24.46
C ILE R 30 -76.80 37.34 24.97
N GLN R 31 -77.74 37.98 24.27
CA GLN R 31 -78.20 39.30 24.66
C GLN R 31 -78.80 39.28 26.07
N GLY R 32 -78.55 40.34 26.83
CA GLY R 32 -78.90 40.38 28.23
C GLY R 32 -77.74 39.90 29.09
N ASP R 33 -76.53 40.26 28.67
CA ASP R 33 -75.33 39.84 29.38
C ASP R 33 -75.29 40.43 30.78
N GLU R 34 -74.68 39.69 31.71
CA GLU R 34 -74.66 40.07 33.12
C GLU R 34 -73.27 40.46 33.61
N THR R 35 -72.27 39.60 33.41
CA THR R 35 -70.96 39.79 34.01
C THR R 35 -69.85 40.06 33.02
N GLY R 36 -70.02 39.69 31.76
CA GLY R 36 -68.96 39.79 30.77
C GLY R 36 -68.33 38.44 30.51
N ASN R 37 -67.21 38.46 29.81
CA ASN R 37 -66.47 37.26 29.38
C ASN R 37 -67.34 36.33 28.54
N LYS R 38 -68.28 36.87 27.77
CA LYS R 38 -69.17 36.10 26.92
C LYS R 38 -69.27 36.81 25.58
N HIS R 39 -68.60 36.28 24.56
CA HIS R 39 -68.56 36.91 23.26
C HIS R 39 -68.65 35.84 22.17
N CYS R 40 -69.07 36.27 21.00
CA CYS R 40 -69.33 35.39 19.86
C CYS R 40 -68.27 35.56 18.77
N THR R 41 -67.00 35.67 19.19
CA THR R 41 -65.92 35.95 18.25
C THR R 41 -65.71 34.83 17.23
N GLY R 42 -66.03 33.58 17.59
CA GLY R 42 -65.84 32.49 16.66
C GLY R 42 -66.72 32.61 15.42
N GLN R 43 -68.00 32.92 15.62
CA GLN R 43 -68.89 33.14 14.50
C GLN R 43 -68.44 34.35 13.69
N TYR R 44 -67.92 35.37 14.36
CA TYR R 44 -67.33 36.53 13.69
C TYR R 44 -66.25 36.09 12.70
N PHE R 45 -65.27 35.31 13.18
CA PHE R 45 -64.18 34.86 12.32
C PHE R 45 -64.71 34.00 11.17
N ASP R 46 -65.61 33.06 11.46
CA ASP R 46 -66.13 32.19 10.41
C ASP R 46 -66.82 33.00 9.31
N TYR R 47 -67.71 33.91 9.71
CA TYR R 47 -68.46 34.71 8.76
C TYR R 47 -67.51 35.55 7.89
N TRP R 48 -66.54 36.21 8.53
CA TRP R 48 -65.72 37.09 7.73
C TRP R 48 -64.75 36.33 6.84
N SER R 49 -64.32 35.13 7.27
CA SER R 49 -63.54 34.28 6.39
C SER R 49 -64.33 33.89 5.14
N CYS R 50 -65.58 33.48 5.31
CA CYS R 50 -66.37 33.11 4.13
C CYS R 50 -66.59 34.31 3.20
N ILE R 51 -66.84 35.48 3.78
CA ILE R 51 -67.05 36.67 2.95
C ILE R 51 -65.79 37.00 2.15
N ASP R 52 -64.63 36.99 2.82
CA ASP R 52 -63.38 37.28 2.11
C ASP R 52 -63.11 36.25 1.02
N LYS R 53 -63.49 35.00 1.29
CA LYS R 53 -63.26 33.94 0.32
C LYS R 53 -64.09 34.16 -0.94
N CYS R 54 -65.32 34.69 -0.80
CA CYS R 54 -65.93 35.30 -1.98
C CYS R 54 -65.02 36.36 -2.58
N VAL R 55 -64.77 37.43 -1.82
CA VAL R 55 -64.42 38.71 -2.44
C VAL R 55 -63.13 38.59 -3.26
N ALA R 56 -62.12 37.90 -2.72
CA ALA R 56 -60.77 37.93 -3.28
C ALA R 56 -60.68 37.94 -4.82
N GLN R 57 -61.22 36.90 -5.45
CA GLN R 57 -61.01 36.72 -6.89
C GLN R 57 -61.68 37.81 -7.70
N LYS R 58 -62.97 38.07 -7.44
CA LYS R 58 -63.66 39.13 -8.16
C LYS R 58 -63.04 40.50 -7.89
N LEU R 59 -62.52 40.70 -6.67
CA LEU R 59 -61.90 41.97 -6.33
C LEU R 59 -60.69 42.23 -7.23
N PHE R 60 -59.77 41.27 -7.29
CA PHE R 60 -58.66 41.51 -8.22
C PHE R 60 -59.09 41.40 -9.68
N SER R 61 -60.27 40.86 -9.96
CA SER R 61 -60.81 40.94 -11.31
C SER R 61 -61.13 42.38 -11.70
N LYS R 62 -61.76 43.13 -10.79
CA LYS R 62 -62.25 44.46 -11.15
C LYS R 62 -61.32 45.61 -10.78
N LEU R 63 -60.48 45.47 -9.77
CA LEU R 63 -59.51 46.53 -9.48
C LEU R 63 -58.53 46.72 -10.63
N LYS R 64 -58.09 47.96 -10.81
CA LYS R 64 -57.14 48.32 -11.84
C LYS R 64 -55.74 48.26 -11.23
N GLY S 1 -30.62 9.65 -43.70
CA GLY S 1 -29.89 8.48 -43.28
C GLY S 1 -28.38 8.65 -43.28
N GLY S 2 -27.82 8.97 -44.45
CA GLY S 2 -26.38 9.12 -44.58
C GLY S 2 -25.81 10.40 -44.02
N ILE S 3 -26.67 11.31 -43.57
CA ILE S 3 -26.21 12.57 -42.99
C ILE S 3 -25.35 12.30 -41.76
N PHE S 4 -25.78 11.36 -40.92
CA PHE S 4 -25.01 11.03 -39.73
C PHE S 4 -23.60 10.58 -40.08
N GLU S 5 -23.48 9.61 -40.99
CA GLU S 5 -22.16 9.08 -41.34
C GLU S 5 -21.30 10.13 -42.02
N ALA S 6 -21.87 10.95 -42.89
CA ALA S 6 -21.10 12.00 -43.54
C ALA S 6 -20.56 13.00 -42.51
N LEU S 7 -21.43 13.44 -41.60
CA LEU S 7 -21.01 14.39 -40.59
C LEU S 7 -19.94 13.79 -39.69
N TYR S 8 -20.09 12.51 -39.36
CA TYR S 8 -19.07 11.83 -38.57
C TYR S 8 -17.73 11.80 -39.29
N LYS S 9 -17.73 11.42 -40.57
CA LYS S 9 -16.48 11.35 -41.31
C LYS S 9 -15.83 12.72 -41.44
N VAL S 10 -16.64 13.79 -41.41
CA VAL S 10 -16.06 15.13 -41.53
C VAL S 10 -15.48 15.58 -40.19
N LEU S 11 -16.27 15.50 -39.11
CA LEU S 11 -15.91 16.20 -37.87
C LEU S 11 -15.26 15.33 -36.80
N MET S 12 -15.12 14.02 -36.99
CA MET S 12 -14.69 13.15 -35.91
C MET S 12 -13.62 12.16 -36.37
N ARG S 13 -12.57 12.69 -37.01
CA ARG S 13 -11.35 11.93 -37.27
C ARG S 13 -10.22 12.30 -36.31
N ARG S 14 -10.23 13.51 -35.75
CA ARG S 14 -9.24 14.00 -34.80
C ARG S 14 -9.96 14.47 -33.55
N ASN S 15 -9.19 14.99 -32.58
CA ASN S 15 -9.76 15.38 -31.29
C ASN S 15 -9.77 16.89 -31.04
N SER S 16 -8.76 17.61 -31.50
CA SER S 16 -8.75 19.06 -31.32
C SER S 16 -9.93 19.70 -32.05
N VAL S 17 -10.21 19.22 -33.26
CA VAL S 17 -11.39 19.67 -33.99
C VAL S 17 -12.66 19.36 -33.20
N TYR S 18 -12.69 18.20 -32.55
CA TYR S 18 -13.84 17.83 -31.74
C TYR S 18 -14.05 18.80 -30.59
N VAL S 19 -12.98 19.15 -29.87
CA VAL S 19 -13.10 20.05 -28.73
C VAL S 19 -13.53 21.44 -29.20
N THR S 20 -12.93 21.94 -30.28
CA THR S 20 -13.35 23.22 -30.82
C THR S 20 -14.82 23.20 -31.23
N PHE S 21 -15.26 22.10 -31.85
CA PHE S 21 -16.64 21.97 -32.24
C PHE S 21 -17.57 22.01 -31.04
N VAL S 22 -17.19 21.31 -29.96
CA VAL S 22 -18.02 21.30 -28.76
C VAL S 22 -18.14 22.70 -28.17
N ILE S 23 -17.02 23.42 -28.08
CA ILE S 23 -17.04 24.76 -27.50
C ILE S 23 -17.93 25.69 -28.33
N ALA S 24 -17.73 25.68 -29.66
CA ALA S 24 -18.51 26.56 -30.51
C ALA S 24 -20.00 26.23 -30.47
N GLY S 25 -20.34 24.94 -30.47
CA GLY S 25 -21.73 24.55 -30.39
C GLY S 25 -22.37 24.96 -29.09
N ALA S 26 -21.62 24.85 -27.98
CA ALA S 26 -22.13 25.33 -26.71
C ALA S 26 -22.44 26.82 -26.77
N PHE S 27 -21.52 27.61 -27.31
CA PHE S 27 -21.73 29.05 -27.45
C PHE S 27 -23.02 29.33 -28.22
N VAL S 28 -23.17 28.70 -29.38
CA VAL S 28 -24.30 29.01 -30.25
C VAL S 28 -25.62 28.59 -29.60
N GLY S 29 -25.65 27.39 -29.01
CA GLY S 29 -26.89 26.93 -28.39
C GLY S 29 -27.28 27.76 -27.18
N GLU S 30 -26.28 28.17 -26.39
CA GLU S 30 -26.54 29.04 -25.25
C GLU S 30 -27.19 30.34 -25.70
N ARG S 31 -26.63 30.97 -26.74
CA ARG S 31 -27.20 32.22 -27.22
C ARG S 31 -28.62 32.01 -27.78
N ALA S 32 -28.83 30.90 -28.49
CA ALA S 32 -30.15 30.65 -29.07
C ALA S 32 -31.21 30.49 -27.99
N VAL S 33 -30.91 29.73 -26.93
CA VAL S 33 -31.91 29.53 -25.89
C VAL S 33 -32.14 30.84 -25.12
N ASP S 34 -31.09 31.64 -24.95
CA ASP S 34 -31.27 32.98 -24.39
C ASP S 34 -32.30 33.77 -25.20
N TYR S 35 -32.12 33.81 -26.52
CA TYR S 35 -33.03 34.57 -27.38
C TYR S 35 -34.46 34.04 -27.26
N GLY S 36 -34.62 32.72 -27.27
CA GLY S 36 -35.96 32.16 -27.21
C GLY S 36 -36.68 32.49 -25.91
N VAL S 37 -35.99 32.33 -24.78
CA VAL S 37 -36.65 32.58 -23.50
C VAL S 37 -36.94 34.07 -23.34
N HIS S 38 -36.05 34.94 -23.85
CA HIS S 38 -36.36 36.36 -23.84
C HIS S 38 -37.63 36.65 -24.63
N LYS S 39 -37.77 36.05 -25.81
CA LYS S 39 -38.95 36.31 -26.62
C LYS S 39 -40.23 35.87 -25.90
N LEU S 40 -40.22 34.69 -25.27
CA LEU S 40 -41.37 34.30 -24.46
C LEU S 40 -41.62 35.32 -23.35
N TRP S 41 -40.55 35.86 -22.77
CA TRP S 41 -40.69 36.80 -21.66
C TRP S 41 -41.46 38.04 -22.10
N GLU S 42 -41.03 38.70 -23.17
CA GLU S 42 -41.81 39.88 -23.57
C GLU S 42 -43.18 39.50 -24.13
N HIS S 43 -43.35 38.29 -24.68
CA HIS S 43 -44.68 37.93 -25.18
C HIS S 43 -45.68 37.82 -24.04
N ASN S 44 -45.27 37.24 -22.91
CA ASN S 44 -46.25 36.84 -21.90
C ASN S 44 -46.92 38.05 -21.24
N ASN S 45 -46.15 39.11 -20.98
CA ASN S 45 -46.65 40.27 -20.23
C ASN S 45 -46.34 41.55 -20.99
N VAL S 46 -47.33 42.04 -21.74
CA VAL S 46 -47.22 43.29 -22.48
C VAL S 46 -47.94 44.39 -21.71
N GLY S 47 -47.39 45.59 -21.77
CA GLY S 47 -47.91 46.71 -21.01
C GLY S 47 -47.43 46.79 -19.58
N LYS S 48 -46.45 45.97 -19.20
CA LYS S 48 -45.90 45.99 -17.84
C LYS S 48 -44.46 46.45 -17.79
N ARG S 49 -43.83 46.73 -18.93
CA ARG S 49 -42.41 47.04 -18.93
C ARG S 49 -42.15 48.39 -18.25
N TYR S 50 -40.88 48.75 -18.16
CA TYR S 50 -40.50 50.05 -17.62
C TYR S 50 -40.95 51.17 -18.54
N GLU S 51 -40.68 51.04 -19.83
CA GLU S 51 -40.97 52.10 -20.80
C GLU S 51 -42.38 52.04 -21.34
N ASP S 52 -43.28 51.28 -20.71
CA ASP S 52 -44.69 51.26 -21.08
C ASP S 52 -45.56 52.05 -20.12
N ILE S 53 -44.96 52.84 -19.23
CA ILE S 53 -45.71 53.75 -18.38
C ILE S 53 -45.78 55.11 -19.06
N SER S 54 -46.98 55.69 -19.08
CA SER S 54 -47.25 56.83 -19.93
C SER S 54 -46.59 58.13 -19.47
N VAL S 55 -46.21 58.24 -18.20
CA VAL S 55 -45.82 59.52 -17.64
C VAL S 55 -44.41 59.49 -17.07
N LEU S 56 -43.51 58.70 -17.67
CA LEU S 56 -42.21 58.53 -17.04
C LEU S 56 -41.28 59.72 -17.23
N GLY S 57 -41.77 60.83 -17.76
CA GLY S 57 -40.94 62.01 -17.88
C GLY S 57 -41.72 63.29 -17.60
N GLN S 58 -42.74 63.18 -16.76
CA GLN S 58 -43.71 64.25 -16.55
C GLN S 58 -43.95 64.48 -15.07
N ARG S 59 -42.88 64.60 -14.30
CA ARG S 59 -42.98 64.97 -12.90
C ARG S 59 -42.33 66.32 -12.62
N GLN S 60 -41.67 66.91 -13.63
CA GLN S 60 -41.04 68.22 -13.52
C GLN S 60 -42.01 69.28 -13.01
N ILE T 1 7.31 12.36 -39.65
CA ILE T 1 6.84 12.21 -38.28
C ILE T 1 6.57 13.58 -37.68
N GLN T 2 7.44 14.53 -38.02
CA GLN T 2 7.23 15.92 -37.61
C GLN T 2 5.93 16.52 -38.13
N PRO T 3 5.55 16.37 -39.41
CA PRO T 3 4.37 17.09 -39.90
C PRO T 3 3.08 16.79 -39.15
N THR T 4 2.80 15.51 -38.87
CA THR T 4 1.57 15.17 -38.16
C THR T 4 1.55 15.78 -36.77
N ASP T 5 2.67 15.69 -36.06
CA ASP T 5 2.75 16.23 -34.70
C ASP T 5 2.55 17.75 -34.71
N VAL T 6 3.22 18.45 -35.63
CA VAL T 6 3.12 19.91 -35.63
C VAL T 6 1.73 20.36 -36.07
N LYS T 7 1.10 19.65 -37.01
CA LYS T 7 -0.27 19.98 -37.39
C LYS T 7 -1.21 19.78 -36.22
N ALA T 8 -1.05 18.68 -35.47
CA ALA T 8 -1.88 18.44 -34.29
C ALA T 8 -1.65 19.51 -33.24
N ALA T 9 -0.40 19.96 -33.08
CA ALA T 9 -0.10 21.03 -32.12
C ALA T 9 -0.79 22.33 -32.53
N ALA T 10 -0.76 22.66 -33.81
CA ALA T 10 -1.43 23.86 -34.29
C ALA T 10 -2.94 23.78 -34.07
N MET T 11 -3.53 22.62 -34.36
CA MET T 11 -4.97 22.50 -34.17
C MET T 11 -5.34 22.55 -32.68
N TRP T 12 -4.52 21.97 -31.81
CA TRP T 12 -4.77 22.09 -30.39
C TRP T 12 -4.65 23.53 -29.91
N GLY T 13 -3.71 24.28 -30.49
CA GLY T 13 -3.65 25.71 -30.20
C GLY T 13 -4.90 26.44 -30.64
N VAL T 14 -5.43 26.09 -31.81
CA VAL T 14 -6.70 26.66 -32.26
C VAL T 14 -7.81 26.35 -31.26
N ALA T 15 -7.86 25.12 -30.77
CA ALA T 15 -8.87 24.74 -29.78
C ALA T 15 -8.73 25.54 -28.50
N ALA T 16 -7.49 25.71 -28.02
CA ALA T 16 -7.25 26.48 -26.81
C ALA T 16 -7.69 27.94 -26.99
N ALA T 17 -7.36 28.53 -28.14
CA ALA T 17 -7.78 29.90 -28.41
C ALA T 17 -9.29 30.02 -28.46
N THR T 18 -9.97 29.04 -29.07
CA THR T 18 -11.42 29.06 -29.14
C THR T 18 -12.04 28.96 -27.74
N GLY T 19 -11.45 28.12 -26.88
CA GLY T 19 -11.93 28.04 -25.51
C GLY T 19 -11.74 29.36 -24.77
N GLY T 20 -10.60 30.02 -24.97
CA GLY T 20 -10.37 31.30 -24.34
C GLY T 20 -11.36 32.36 -24.80
N LEU T 21 -11.65 32.39 -26.10
CA LEU T 21 -12.65 33.32 -26.63
C LEU T 21 -14.07 32.88 -26.32
N TYR T 22 -14.27 31.68 -25.78
CA TYR T 22 -15.57 31.33 -25.23
C TYR T 22 -15.71 31.84 -23.81
N LEU T 23 -14.71 31.59 -22.95
CA LEU T 23 -14.80 32.03 -21.56
C LEU T 23 -14.92 33.55 -21.47
N ILE T 24 -14.10 34.26 -22.23
CA ILE T 24 -14.16 35.72 -22.35
C ILE T 24 -14.72 36.06 -23.72
N GLN T 25 -15.62 37.03 -23.77
CA GLN T 25 -16.25 37.45 -25.02
C GLN T 25 -16.02 38.94 -25.24
N PRO T 26 -14.77 39.34 -25.53
CA PRO T 26 -14.47 40.76 -25.73
C PRO T 26 -14.67 41.21 -27.16
N TRP T 27 -15.56 42.17 -27.39
CA TRP T 27 -15.70 42.78 -28.71
C TRP T 27 -14.76 43.96 -28.91
N GLY T 28 -14.12 44.42 -27.84
CA GLY T 28 -13.12 45.47 -27.96
C GLY T 28 -11.79 45.00 -28.51
N TRP T 29 -11.60 43.69 -28.66
CA TRP T 29 -10.39 43.14 -29.22
C TRP T 29 -10.70 42.51 -30.58
ZN ZN U . 36.99 -35.26 21.80
C1 CDL V . 4.96 -4.67 25.17
O1 CDL V . 3.89 -5.57 25.14
CA2 CDL V . 5.03 -3.91 23.84
OA2 CDL V . 4.29 -4.57 22.86
PA1 CDL V . 3.66 -3.74 21.59
OA3 CDL V . 2.15 -3.88 21.59
OA4 CDL V . 4.19 -4.31 20.30
OA5 CDL V . 4.06 -2.14 21.67
CA3 CDL V . 3.21 -1.26 22.35
CA4 CDL V . 3.12 0.08 21.61
OA6 CDL V . 4.12 0.95 22.05
CA5 CDL V . 5.28 0.97 21.26
OA7 CDL V . 5.61 0.01 20.66
C11 CDL V . 6.12 2.25 21.16
C12 CDL V . 5.45 3.27 20.25
C13 CDL V . 6.13 4.62 20.43
C14 CDL V . 5.35 5.70 19.68
C15 CDL V . 6.24 6.91 19.40
C16 CDL V . 6.09 7.33 17.95
C17 CDL V . 6.57 8.77 17.77
C18 CDL V . 7.69 8.82 16.74
C19 CDL V . 7.33 9.80 15.64
C20 CDL V . 7.24 11.22 16.22
C21 CDL V . 6.74 12.18 15.15
C22 CDL V . 7.23 13.60 15.46
C23 CDL V . 6.03 14.53 15.66
C24 CDL V . 6.33 15.92 15.09
C25 CDL V . 5.32 16.28 14.02
C26 CDL V . 4.29 17.27 14.56
C27 CDL V . 2.97 17.08 13.83
CA6 CDL V . 1.76 0.69 21.92
OA8 CDL V . 1.37 1.52 20.86
CA7 CDL V . 0.13 1.19 20.30
OA9 CDL V . -0.27 0.08 20.39
C31 CDL V . -0.69 2.25 19.57
C32 CDL V . -1.13 3.33 20.55
C33 CDL V . -1.43 4.64 19.81
C34 CDL V . -1.53 5.79 20.81
C35 CDL V . -2.04 7.05 20.12
C36 CDL V . -3.54 6.95 19.88
C37 CDL V . -4.10 8.29 19.39
C38 CDL V . -3.92 8.38 17.87
CB2 CDL V . 4.78 -3.69 26.34
OB2 CDL V . 4.14 -2.53 25.91
PB2 CDL V . 2.57 -2.28 26.33
OB3 CDL V . 1.68 -3.17 25.52
OB4 CDL V . 2.37 -2.55 27.80
OB5 CDL V . 2.17 -0.70 26.02
CB3 CDL V . 0.94 -0.43 25.42
CB4 CDL V . -0.02 0.15 26.46
OB6 CDL V . 0.73 0.70 27.51
CB5 CDL V . 0.98 2.06 27.37
OB7 CDL V . 0.82 2.60 26.34
C51 CDL V . 1.46 2.87 28.58
C52 CDL V . 1.10 4.34 28.35
C53 CDL V . 0.75 4.99 29.69
C54 CDL V . -0.70 5.47 29.66
C55 CDL V . -0.76 6.86 29.02
C56 CDL V . -2.17 7.13 28.53
CB6 CDL V . -0.93 -0.96 26.99
OB8 CDL V . -2.13 -0.97 26.27
CB7 CDL V . -3.13 -1.75 26.86
OB9 CDL V . -3.29 -2.88 26.53
C71 CDL V . -4.04 -1.15 27.92
C72 CDL V . -4.98 -0.14 27.28
C73 CDL V . -5.32 0.97 28.27
C74 CDL V . -5.89 0.37 29.55
C75 CDL V . -5.25 1.03 30.75
C76 CDL V . -5.96 2.35 31.05
P 3PE W . -14.31 42.23 -14.71
N 3PE W . -17.01 45.81 -15.82
O11 3PE W . -13.84 40.96 -13.77
O12 3PE W . -13.15 43.18 -14.86
O13 3PE W . -15.54 43.04 -13.98
O14 3PE W . -14.77 41.76 -16.06
C11 3PE W . -15.74 44.38 -14.33
C12 3PE W . -16.98 44.49 -15.20
C1 3PE W . -13.33 39.80 -14.36
C2 3PE W . -12.21 40.15 -15.33
C3 3PE W . -10.96 40.53 -14.52
O31 3PE W . -10.74 39.52 -13.58
O32 3PE W . -8.79 39.18 -14.62
C31 3PE W . -9.52 38.87 -13.74
C32 3PE W . -9.11 37.73 -12.81
C33 3PE W . -8.09 36.84 -13.52
C34 3PE W . -7.31 36.03 -12.48
C35 3PE W . -5.98 36.71 -12.19
O21 3PE W . -11.90 39.04 -16.14
O22 3PE W . -13.73 39.29 -17.45
C21 3PE W . -12.93 38.55 -16.96
C22 3PE W . -13.01 37.05 -17.22
C23 3PE W . -11.91 36.36 -16.45
C24 3PE W . -11.66 34.98 -17.05
C25 3PE W . -10.20 34.58 -16.82
C26 3PE W . -10.03 34.10 -15.38
C27 3PE W . -8.68 33.39 -15.24
C28 3PE W . -8.56 32.83 -13.83
P 3PE X . 13.18 10.07 -19.23
N 3PE X . 14.26 7.41 -23.36
O11 3PE X . 11.77 10.82 -18.87
O12 3PE X . 14.33 10.88 -18.67
O13 3PE X . 13.35 9.95 -20.87
O14 3PE X . 13.19 8.69 -18.62
C11 3PE X . 13.45 8.67 -21.43
C12 3PE X . 14.21 8.73 -22.75
C1 3PE X . 11.41 10.94 -17.53
C2 3PE X . 11.43 12.42 -17.12
C3 3PE X . 11.33 13.30 -18.36
O31 3PE X . 10.87 14.57 -17.99
O32 3PE X . 12.98 15.31 -18.12
C31 3PE X . 11.82 15.58 -18.11
C32 3PE X . 11.39 17.03 -18.24
C33 3PE X . 9.89 17.15 -17.97
C34 3PE X . 9.58 18.44 -17.22
C35 3PE X . 10.40 19.60 -17.79
C36 3PE X . 10.33 20.79 -16.83
C37 3PE X . 11.42 21.80 -17.20
C38 3PE X . 11.56 22.83 -16.09
C39 3PE X . 10.79 24.10 -16.43
C3A 3PE X . 9.51 24.15 -15.60
C3B 3PE X . 8.81 25.49 -15.78
C3C 3PE X . 7.31 25.31 -15.64
C3D 3PE X . 6.64 26.66 -15.40
C3E 3PE X . 5.15 26.47 -15.16
C3F 3PE X . 4.49 27.81 -14.86
C3G 3PE X . 5.10 28.39 -13.59
C3H 3PE X . 4.78 29.89 -13.49
C3I 3PE X . 5.33 30.44 -12.17
O21 3PE X . 10.35 12.67 -16.27
O22 3PE X . 11.75 12.27 -14.56
C21 3PE X . 10.64 12.48 -14.92
C22 3PE X . 9.50 12.52 -13.89
C23 3PE X . 9.75 13.65 -12.90
C24 3PE X . 8.41 14.07 -12.29
C25 3PE X . 8.65 15.17 -11.26
C26 3PE X . 8.22 16.51 -11.84
C27 3PE X . 6.69 16.58 -11.86
C28 3PE X . 6.25 18.01 -12.17
C29 3PE X . 6.65 18.94 -11.02
C2A 3PE X . 5.68 18.78 -9.86
C2B 3PE X . 5.20 20.15 -9.37
C2C 3PE X . 3.72 20.32 -9.69
C2D 3PE X . 2.90 20.04 -8.44
C2E 3PE X . 1.81 21.09 -8.32
C2F 3PE X . 0.79 20.68 -7.28
C2G 3PE X . -0.40 21.66 -7.33
C2H 3PE X . -0.97 21.69 -8.75
C2I 3PE X . -1.63 23.04 -9.00
CHA HEM Y . -2.53 37.75 11.82
CHB HEM Y . -5.74 34.14 12.06
CHC HEM Y . -2.51 31.11 10.14
CHD HEM Y . 0.62 34.76 9.68
C1A HEM Y . -3.69 37.04 12.04
C2A HEM Y . -4.93 37.57 12.58
C3A HEM Y . -5.80 36.57 12.64
C4A HEM Y . -5.16 35.38 12.15
CMA HEM Y . -7.25 36.67 13.16
CAA HEM Y . -5.17 39.03 13.01
CBA HEM Y . -4.91 39.17 14.49
CGA HEM Y . -3.68 40.00 14.66
O1A HEM Y . -3.14 40.47 13.64
O2A HEM Y . -3.24 40.20 15.82
C1B HEM Y . -5.16 33.02 11.52
C2B HEM Y . -5.83 31.76 11.29
C3B HEM Y . -4.94 30.91 10.76
C4B HEM Y . -3.69 31.61 10.64
CMB HEM Y . -7.31 31.53 11.63
CAB HEM Y . -5.11 29.44 10.31
CBB HEM Y . -6.25 28.74 10.40
C1C HEM Y . -1.39 31.83 9.83
C2C HEM Y . -0.20 31.32 9.18
C3C HEM Y . 0.67 32.33 9.06
C4C HEM Y . 0.05 33.50 9.61
CMC HEM Y . -0.04 29.85 8.76
CAC HEM Y . 2.10 32.36 8.45
CBC HEM Y . 2.68 31.34 7.83
C1D HEM Y . 0.06 35.86 10.25
C2D HEM Y . 0.73 37.13 10.45
C3D HEM Y . -0.12 37.95 11.05
C4D HEM Y . -1.37 37.26 11.24
CMD HEM Y . 2.17 37.45 10.05
CAD HEM Y . 0.23 39.42 11.42
CBD HEM Y . -0.04 39.72 12.88
CGD HEM Y . 0.75 40.94 13.24
O1D HEM Y . 1.81 41.18 12.61
O2D HEM Y . 0.34 41.67 14.17
NA HEM Y . -3.87 35.70 11.79
NB HEM Y . -3.86 32.90 11.12
NC HEM Y . -1.20 33.17 10.07
ND HEM Y . -1.22 35.98 10.75
FE HEM Y . -2.54 34.44 10.96
CHA HEM Z . 12.38 16.93 3.16
CHB HEM Z . 8.91 19.11 5.71
CHC HEM Z . 9.47 23.12 3.07
CHD HEM Z . 12.76 20.86 0.34
C1A HEM Z . 11.44 17.20 4.13
C2A HEM Z . 11.13 16.36 5.27
C3A HEM Z . 10.16 16.95 5.97
C4A HEM Z . 9.85 18.20 5.29
CMA HEM Z . 9.46 16.48 7.25
CAA HEM Z . 11.78 14.99 5.59
CBA HEM Z . 12.49 15.03 6.93
CGA HEM Z . 13.79 15.74 6.75
O1A HEM Z . 14.51 15.41 5.77
O2A HEM Z . 14.11 16.64 7.57
C1B HEM Z . 8.73 20.35 5.18
C2B HEM Z . 7.68 21.25 5.55
C3B HEM Z . 7.82 22.38 4.84
C4B HEM Z . 8.98 22.20 3.98
CMB HEM Z . 6.63 20.88 6.62
CAB HEM Z . 6.96 23.66 4.84
CBB HEM Z . 5.78 23.77 5.47
C1C HEM Z . 10.40 22.87 2.10
C2C HEM Z . 10.87 23.80 1.08
C3C HEM Z . 11.78 23.17 0.33
C4C HEM Z . 11.91 21.83 0.85
CMC HEM Z . 10.36 25.25 0.97
CAC HEM Z . 12.60 23.67 -0.89
CBC HEM Z . 12.46 24.86 -1.48
C1D HEM Z . 12.96 19.61 0.87
C2D HEM Z . 13.91 18.65 0.39
C3D HEM Z . 13.83 17.56 1.15
C4D HEM Z . 12.80 17.79 2.16
CMD HEM Z . 14.86 18.86 -0.79
CAD HEM Z . 14.70 16.30 0.93
CBD HEM Z . 15.23 15.72 2.23
CGD HEM Z . 16.48 14.93 1.98
O1D HEM Z . 17.24 15.30 1.07
O2D HEM Z . 16.73 13.95 2.71
NA HEM Z . 10.65 18.31 4.18
NB HEM Z . 9.51 20.96 4.22
NC HEM Z . 11.06 21.68 1.91
ND HEM Z . 12.30 19.06 1.95
FE HEM Z . 10.81 19.98 3.02
P 3PE AA . 18.21 48.29 10.16
N 3PE AA . 17.70 52.21 10.26
O11 3PE AA . 19.19 46.98 9.96
O12 3PE AA . 18.81 49.21 11.21
O13 3PE AA . 18.08 49.09 8.73
O14 3PE AA . 16.84 47.83 10.61
C11 3PE AA . 18.38 50.46 8.72
C12 3PE AA . 17.21 51.24 9.29
C1 3PE AA . 18.60 45.77 9.63
C2 3PE AA . 19.59 44.63 9.85
C3 3PE AA . 19.84 43.93 8.51
O31 3PE AA . 19.13 42.73 8.47
O32 3PE AA . 17.32 43.76 7.65
C31 3PE AA . 17.98 42.77 7.68
C32 3PE AA . 17.57 41.56 6.86
C33 3PE AA . 18.68 40.52 6.83
C34 3PE AA . 18.28 39.41 5.85
C35 3PE AA . 16.83 39.02 6.11
C36 3PE AA . 16.43 37.85 5.23
C37 3PE AA . 17.53 36.79 5.26
C38 3PE AA . 17.21 35.71 4.23
C39 3PE AA . 18.47 34.93 3.90
C3A 3PE AA . 18.09 33.75 3.02
O21 3PE AA . 20.79 45.14 10.35
O22 3PE AA . 22.78 44.33 10.92
C21 3PE AA . 21.61 44.22 11.00
C22 3PE AA . 21.00 43.08 11.82
C23 3PE AA . 21.73 41.77 11.51
C24 3PE AA . 20.89 40.93 10.56
C25 3PE AA . 21.71 39.76 10.02
C26 3PE AA . 22.98 40.27 9.35
C27 3PE AA . 22.66 40.93 8.01
C28 3PE AA . 23.79 40.63 7.02
C29 3PE AA . 24.28 41.92 6.37
C2A 3PE AA . 24.76 42.89 7.44
C2B 3PE AA . 26.05 43.55 7.00
C2C 3PE AA . 25.93 44.03 5.55
P 3PE BA . 19.52 43.02 20.57
N 3PE BA . 23.39 40.71 19.00
O11 3PE BA . 18.12 42.68 21.37
O12 3PE BA . 19.31 42.78 19.09
O13 3PE BA . 20.73 42.06 21.11
O14 3PE BA . 19.88 44.47 20.79
C11 3PE BA . 21.34 41.18 20.22
C12 3PE BA . 22.81 41.56 20.02
C1 3PE BA . 18.10 42.80 22.76
C2 3PE BA . 18.02 41.41 23.38
C3 3PE BA . 17.67 41.53 24.87
O31 3PE BA . 17.58 40.26 25.43
O32 3PE BA . 15.94 41.11 26.73
C31 3PE BA . 16.62 40.17 26.46
C32 3PE BA . 16.47 38.87 27.23
C33 3PE BA . 17.82 38.50 27.83
C34 3PE BA . 17.89 36.98 28.04
C35 3PE BA . 16.80 36.57 29.03
C36 3PE BA . 17.35 35.46 29.92
C37 3PE BA . 16.26 34.98 30.87
C38 3PE BA . 16.81 33.88 31.76
C39 3PE BA . 15.71 33.39 32.70
C3A 3PE BA . 16.15 32.09 33.37
C3B 3PE BA . 17.53 32.26 33.99
O21 3PE BA . 17.03 40.66 22.73
O22 3PE BA . 18.57 39.57 21.56
C21 3PE BA . 17.51 39.53 22.07
C22 3PE BA . 16.67 38.27 22.01
C23 3PE BA . 17.42 37.19 21.23
C24 3PE BA . 18.10 36.23 22.20
C25 3PE BA . 18.88 35.17 21.43
C26 3PE BA . 20.14 35.80 20.85
C27 3PE BA . 21.21 34.72 20.68
P 3PE CA . 30.47 18.36 6.57
N 3PE CA . 33.54 16.90 10.10
O11 3PE CA . 30.15 19.86 7.19
O12 3PE CA . 29.27 17.86 5.81
O13 3PE CA . 30.81 17.32 7.79
O14 3PE CA . 31.65 18.46 5.64
C11 3PE CA . 32.14 17.09 8.12
C12 3PE CA . 32.25 16.55 9.55
C1 3PE CA . 30.72 20.97 6.58
C2 3PE CA . 29.78 22.18 6.64
C3 3PE CA . 28.36 21.70 6.97
O31 3PE CA . 27.40 22.42 6.26
O32 3PE CA . 25.96 21.67 7.78
C31 3PE CA . 26.11 22.17 6.71
C32 3PE CA . 24.88 22.52 5.87
C33 3PE CA . 24.92 23.99 5.47
C34 3PE CA . 23.75 24.75 6.09
C35 3PE CA . 24.06 26.23 6.00
C36 3PE CA . 23.13 27.04 6.93
C37 3PE CA . 23.70 28.45 7.08
C38 3PE CA . 22.76 29.31 7.91
C39 3PE CA . 21.89 30.17 6.99
C3A 3PE CA . 21.13 31.22 7.81
C3B 3PE CA . 19.96 31.76 7.00
C3C 3PE CA . 18.97 32.48 7.91
O21 3PE CA . 30.20 23.04 7.65
O22 3PE CA . 31.72 23.88 6.22
C21 3PE CA . 31.24 23.91 7.31
C22 3PE CA . 31.75 24.91 8.33
C23 3PE CA . 31.58 26.34 7.81
C24 3PE CA . 31.37 27.29 8.97
C25 3PE CA . 31.73 28.71 8.53
C26 3PE CA . 31.04 29.73 9.44
C27 3PE CA . 31.97 30.11 10.58
OA2 CDL DA . 30.78 15.33 19.35
PA1 CDL DA . 29.40 14.73 19.91
OA3 CDL DA . 28.98 15.80 20.86
OA4 CDL DA . 29.63 13.33 20.40
OA5 CDL DA . 28.45 14.83 18.64
CA3 CDL DA . 28.27 16.11 18.00
CA4 CDL DA . 26.89 16.18 17.40
OA6 CDL DA . 26.00 15.23 18.06
CA5 CDL DA . 25.89 15.24 19.39
OA7 CDL DA . 26.56 15.95 20.07
C11 CDL DA . 24.87 14.31 19.96
C12 CDL DA . 24.86 14.23 21.43
C13 CDL DA . 24.87 15.57 22.13
C14 CDL DA . 23.57 16.30 22.14
C15 CDL DA . 23.69 17.81 22.18
C16 CDL DA . 24.89 18.41 21.48
C17 CDL DA . 24.64 19.03 20.11
C18 CDL DA . 23.52 20.02 20.07
C19 CDL DA . 22.91 20.24 18.71
C20 CDL DA . 21.92 21.38 18.63
C21 CDL DA . 20.61 21.05 17.97
C22 CDL DA . 19.95 22.20 17.29
CA6 CDL DA . 26.92 15.93 15.90
OA8 CDL DA . 25.82 16.59 15.26
CA7 CDL DA . 26.10 17.51 14.34
OA9 CDL DA . 27.17 17.65 13.84
C31 CDL DA . 24.89 18.33 13.98
C32 CDL DA . 25.11 19.81 13.86
C33 CDL DA . 23.97 20.61 14.48
C34 CDL DA . 23.28 21.59 13.59
P 3PE EA . 4.08 2.76 -4.87
N 3PE EA . 1.87 1.17 -0.90
O11 3PE EA . 3.51 4.23 -4.40
O12 3PE EA . 3.11 2.14 -5.85
O13 3PE EA . 4.24 1.78 -3.56
O14 3PE EA . 5.43 2.91 -5.54
C11 3PE EA . 3.51 2.11 -2.40
C12 3PE EA . 2.98 0.84 -1.77
C1 3PE EA . 4.42 5.22 -4.03
C2 3PE EA . 3.66 6.46 -3.57
C3 3PE EA . 3.14 6.25 -2.15
O31 3PE EA . 1.84 6.75 -2.07
O32 3PE EA . 1.92 6.60 0.17
C31 3PE EA . 1.42 7.10 -0.78
C32 3PE EA . 0.30 8.13 -0.61
C33 3PE EA . -0.44 8.30 -1.94
C34 3PE EA . -1.02 9.70 -2.05
C35 3PE EA . -2.54 9.66 -1.84
C36 3PE EA . -3.25 10.30 -3.04
C37 3PE EA . -3.20 11.82 -2.96
C38 3PE EA . -4.42 12.40 -3.65
C39 3PE EA . -4.02 13.58 -4.53
C3A 3PE EA . -5.10 14.65 -4.48
C3B 3PE EA . -4.50 16.01 -4.84
O21 3PE EA . 4.54 7.55 -3.59
O22 3PE EA . 4.70 8.97 -5.30
C21 3PE EA . 4.11 8.66 -4.32
C22 3PE EA . 2.92 9.48 -3.85
C23 3PE EA . 2.26 10.14 -5.06
C24 3PE EA . 2.86 11.53 -5.26
C25 3PE EA . 1.76 12.58 -5.09
C26 3PE EA . 1.26 13.02 -6.47
C27 3PE EA . -0.18 13.52 -6.32
C28 3PE EA . -0.64 14.17 -7.63
C29 3PE EA . -2.09 14.61 -7.47
C2A 3PE EA . -2.17 16.12 -7.59
C1 CDL FA . 8.96 4.87 26.77
O1 CDL FA . 9.27 4.62 28.10
CA2 CDL FA . 8.15 6.17 26.67
OA2 CDL FA . 8.99 7.25 26.92
PA1 CDL FA . 9.10 8.47 25.81
OA3 CDL FA . 10.55 8.77 25.52
OA4 CDL FA . 8.42 8.02 24.53
OA5 CDL FA . 8.36 9.82 26.40
CA3 CDL FA . 8.87 11.09 26.11
CA4 CDL FA . 7.74 12.12 26.27
OA6 CDL FA . 8.21 13.43 26.16
CA5 CDL FA . 7.30 14.29 25.53
OA7 CDL FA . 6.24 13.90 25.19
C11 CDL FA . 7.66 15.75 25.27
C12 CDL FA . 6.38 16.57 25.09
C13 CDL FA . 6.38 17.25 23.72
C14 CDL FA . 6.14 18.74 23.90
C15 CDL FA . 7.14 19.52 23.07
C16 CDL FA . 6.48 20.76 22.47
C17 CDL FA . 7.44 21.44 21.49
C18 CDL FA . 7.37 22.96 21.59
C19 CDL FA . 6.07 23.45 22.23
C20 CDL FA . 5.75 24.86 21.74
C21 CDL FA . 6.85 25.82 22.17
C22 CDL FA . 6.22 27.17 22.53
C23 CDL FA . 6.45 27.48 24.01
CA6 CDL FA . 7.09 11.89 27.63
OA8 CDL FA . 5.84 12.53 27.66
CA7 CDL FA . 4.75 11.68 27.44
OA9 CDL FA . 4.81 10.85 26.59
C31 CDL FA . 3.48 11.83 28.28
C32 CDL FA . 2.98 13.27 28.21
CB2 CDL FA . 8.16 3.70 26.19
OB2 CDL FA . 6.80 4.00 26.17
PB2 CDL FA . 5.85 3.22 25.07
OB3 CDL FA . 6.68 2.22 24.31
OB4 CDL FA . 4.73 2.50 25.77
OB5 CDL FA . 5.23 4.33 24.02
CB3 CDL FA . 5.27 5.68 24.39
CB4 CDL FA . 4.62 6.53 23.30
OB6 CDL FA . 4.36 7.82 23.81
CB5 CDL FA . 5.22 8.81 23.30
OB7 CDL FA . 6.26 8.50 22.82
C51 CDL FA . 4.82 10.27 23.36
C52 CDL FA . 5.03 10.90 21.99
C53 CDL FA . 4.64 12.38 22.04
C54 CDL FA . 4.91 13.03 20.68
C55 CDL FA . 3.65 13.76 20.22
C56 CDL FA . 4.02 15.04 19.49
C57 CDL FA . 3.25 16.22 20.09
C58 CDL FA . 3.68 17.51 19.40
C59 CDL FA . 2.47 18.43 19.24
C60 CDL FA . 2.80 19.79 19.84
C61 CDL FA . 2.45 20.88 18.84
C62 CDL FA . 2.31 22.22 19.56
C63 CDL FA . 0.86 22.38 20.02
C64 CDL FA . 0.64 23.80 20.51
CB6 CDL FA . 3.32 5.89 22.82
OB8 CDL FA . 2.50 5.60 23.92
CB7 CDL FA . 1.26 5.06 23.57
OB9 CDL FA . 1.14 4.46 22.56
C71 CDL FA . 0.06 5.24 24.50
C72 CDL FA . -1.01 4.23 24.15
C73 CDL FA . -2.25 4.46 25.02
FE HEC GA . 1.88 67.73 22.89
CHA HEC GA . 2.46 66.58 19.78
CHB HEC GA . 3.73 65.08 24.20
CHC HEC GA . 0.90 68.54 26.08
CHD HEC GA . -0.12 70.28 21.69
NA HEC GA . 2.90 66.13 22.16
C1A HEC GA . 3.01 65.86 20.81
C2A HEC GA . 3.82 64.67 20.65
C3A HEC GA . 4.17 64.25 21.87
C4A HEC GA . 3.60 65.16 22.83
CMA HEC GA . 5.03 63.02 22.21
CAA HEC GA . 4.19 64.02 19.30
CBA HEC GA . 5.63 64.37 18.93
CGA HEC GA . 6.03 63.59 17.71
O1A HEC GA . 5.12 63.20 16.94
O2A HEC GA . 7.24 63.37 17.52
NB HEC GA . 2.21 66.92 24.76
C1B HEC GA . 3.06 65.89 25.07
C2B HEC GA . 3.16 65.80 26.51
C3B HEC GA . 2.38 66.75 27.04
C4B HEC GA . 1.76 67.48 25.95
CMB HEC GA . 4.01 64.76 27.26
CAB HEC GA . 2.18 67.04 28.54
CBB HEC GA . 3.46 67.67 29.12
NC HEC GA . 0.63 69.15 23.73
C1C HEC GA . 0.36 69.31 25.08
C2C HEC GA . -0.39 70.55 25.23
C3C HEC GA . -0.85 70.87 24.01
C4C HEC GA . -0.10 70.09 23.05
CMC HEC GA . -1.17 70.94 26.49
CAC HEC GA . -1.79 72.03 23.63
CBC HEC GA . -1.04 73.37 23.54
ND HEC GA . 1.22 68.33 21.04
C1D HEC GA . 0.45 69.46 20.76
C2D HEC GA . 0.40 69.64 19.33
C3D HEC GA . 1.21 68.48 18.74
C4D HEC GA . 1.68 67.72 19.88
CMD HEC GA . -0.33 70.74 18.54
CAD HEC GA . 1.48 68.18 17.25
CBD HEC GA . 2.90 68.65 16.97
CGD HEC GA . 3.13 68.70 15.49
O1D HEC GA . 4.02 69.47 15.05
O2D HEC GA . 2.41 67.98 14.73
FE1 FES HA . -39.45 28.36 29.92
FE2 FES HA . -37.48 27.25 28.47
S1 FES HA . -37.40 29.11 29.64
S2 FES HA . -39.36 26.31 29.10
P 3PE IA . -14.18 29.72 35.28
N 3PE IA . -13.47 28.70 40.17
O11 3PE IA . -13.63 28.64 34.16
O12 3PE IA . -13.13 30.75 35.54
O13 3PE IA . -14.54 28.93 36.68
O14 3PE IA . -15.42 30.38 34.73
C11 3PE IA . -13.64 29.03 37.76
C12 3PE IA . -14.41 28.82 39.06
C1 3PE IA . -14.56 27.81 33.51
C2 3PE IA . -13.90 26.49 33.16
C3 3PE IA . -13.25 25.90 34.40
O31 3PE IA . -11.89 25.71 34.17
O32 3PE IA . -10.42 25.67 35.86
C31 3PE IA . -11.18 25.07 35.18
C32 3PE IA . -11.37 23.57 35.44
C33 3PE IA . -11.51 22.84 34.10
C34 3PE IA . -10.26 23.04 33.26
C35 3PE IA . -10.29 22.09 32.07
C36 3PE IA . -8.86 21.83 31.59
O21 3PE IA . -14.86 25.60 32.64
O22 3PE IA . -13.37 25.04 31.07
C21 3PE IA . -14.35 24.75 31.66
C22 3PE IA . -15.04 23.42 31.35
C23 3PE IA . -16.37 23.68 30.63
C24 3PE IA . -16.36 23.01 29.26
C25 3PE IA . -15.96 21.54 29.39
C26 3PE IA . -17.02 20.65 28.77
C27 3PE IA . -17.03 20.80 27.25
C28 3PE IA . -18.42 21.24 26.78
C29 3PE IA . -18.31 21.78 25.35
P 3PE JA . 41.21 23.02 0.01
N 3PE JA . 40.64 23.28 5.01
O11 3PE JA . 40.26 23.92 -1.01
O12 3PE JA . 40.61 21.66 0.18
O13 3PE JA . 41.32 23.76 1.48
O14 3PE JA . 42.59 22.90 -0.59
C11 3PE JA . 40.83 23.08 2.60
C12 3PE JA . 41.42 23.69 3.87
C1 3PE JA . 40.24 25.32 -0.86
C2 3PE JA . 40.81 25.96 -2.13
C3 3PE JA . 41.59 24.92 -2.93
O31 3PE JA . 41.52 25.17 -4.30
O32 3PE JA . 42.07 23.02 -4.50
C31 3PE JA . 41.77 24.01 -5.05
C32 3PE JA . 41.64 24.04 -6.57
C33 3PE JA . 41.90 25.46 -7.07
C34 3PE JA . 41.12 25.68 -8.35
C35 3PE JA . 40.71 27.14 -8.47
C36 3PE JA . 40.20 27.66 -7.12
C37 3PE JA . 40.01 29.17 -7.19
C38 3PE JA . 38.90 29.49 -8.20
C39 3PE JA . 38.70 31.00 -8.28
O21 3PE JA . 39.84 26.60 -2.93
O22 3PE JA . 38.41 24.85 -3.16
C21 3PE JA . 38.58 26.03 -3.15
C22 3PE JA . 37.40 26.95 -3.43
C23 3PE JA . 37.88 28.08 -4.34
C24 3PE JA . 36.87 29.23 -4.32
C25 3PE JA . 36.13 29.29 -5.65
C26 3PE JA . 35.80 30.74 -5.97
C27 3PE JA . 34.93 30.79 -7.22
C28 3PE JA . 34.53 32.24 -7.50
ZN ZN KA . -9.50 -35.96 -41.69
C1 CDL LA . -4.63 6.07 -24.34
O1 CDL LA . -3.50 5.74 -25.12
CA2 CDL LA . -4.94 4.87 -23.48
OA2 CDL LA . -3.79 4.79 -22.63
PA1 CDL LA . -4.01 4.21 -21.17
OA3 CDL LA . -2.91 4.58 -20.22
OA4 CDL LA . -4.35 2.79 -21.49
OA5 CDL LA . -5.37 4.92 -20.75
CA3 CDL LA . -5.61 6.31 -21.10
CA4 CDL LA . -5.97 7.12 -19.88
OA6 CDL LA . -7.35 6.75 -19.54
CA5 CDL LA . -8.23 7.67 -19.14
OA7 CDL LA . -8.36 8.73 -19.71
C11 CDL LA . -9.01 7.27 -17.92
C12 CDL LA . -9.95 8.30 -17.46
C13 CDL LA . -10.39 8.03 -16.06
C14 CDL LA . -10.86 9.27 -15.33
C15 CDL LA . -12.33 9.32 -15.00
C16 CDL LA . -12.64 9.27 -13.54
C17 CDL LA . -13.42 8.06 -13.12
C18 CDL LA . -13.89 8.09 -11.70
C19 CDL LA . -15.37 8.15 -11.53
C20 CDL LA . -15.88 9.29 -10.67
C21 CDL LA . -15.64 9.14 -9.20
C22 CDL LA . -16.71 9.65 -8.29
C23 CDL LA . -17.20 8.63 -7.32
C24 CDL LA . -16.84 8.85 -5.88
C25 CDL LA . -16.41 7.60 -5.12
C26 CDL LA . -17.46 6.72 -4.49
C27 CDL LA . -17.01 5.32 -4.18
CA6 CDL LA . -5.69 8.59 -20.06
OA8 CDL LA . -4.83 9.04 -18.99
CA7 CDL LA . -3.62 8.52 -18.89
OA9 CDL LA . -3.10 7.89 -19.76
C31 CDL LA . -3.01 8.77 -17.54
C32 CDL LA . -2.98 10.21 -17.13
C33 CDL LA . -3.20 10.39 -15.65
C34 CDL LA . -4.54 11.00 -15.27
C35 CDL LA . -5.69 10.01 -14.98
C36 CDL LA . -7.05 10.64 -14.74
CB2 CDL LA . -5.80 6.52 -25.17
OB2 CDL LA . -6.07 7.88 -24.77
PB2 CDL LA . -5.13 9.04 -25.31
OB3 CDL LA . -5.87 9.87 -26.32
OB4 CDL LA . -3.88 8.33 -25.74
OB5 CDL LA . -4.84 10.01 -24.07
CB3 CDL LA . -5.28 11.38 -24.16
CB4 CDL LA . -4.86 12.41 -23.13
OB6 CDL LA . -5.97 13.22 -22.64
CB5 CDL LA . -7.09 13.41 -23.36
OB7 CDL LA . -7.99 12.62 -23.36
C51 CDL LA . -7.18 14.65 -24.20
C52 CDL LA . -8.57 15.21 -24.21
C53 CDL LA . -8.68 16.43 -23.32
C54 CDL LA . -10.04 17.10 -23.27
C55 CDL LA . -10.30 17.85 -21.99
C56 CDL LA . -11.37 18.87 -22.08
C57 CDL LA . -11.03 20.17 -21.43
C58 CDL LA . -12.18 20.84 -20.77
C59 CDL LA . -11.95 21.13 -19.32
CB6 CDL LA . -3.84 13.41 -23.65
OB8 CDL LA . -3.16 14.06 -22.56
CB7 CDL LA . -3.10 15.40 -22.56
OB9 CDL LA . -3.25 16.07 -23.54
C71 CDL LA . -2.81 15.93 -21.18
C72 CDL LA . -3.53 15.21 -20.08
C73 CDL LA . -4.14 16.15 -19.06
C74 CDL LA . -4.86 17.34 -19.65
C75 CDL LA . -4.03 18.62 -19.78
C76 CDL LA . -4.64 19.70 -20.62
P 3PE MA . -5.01 -2.31 4.80
N 3PE MA . -1.54 -0.45 3.54
O11 3PE MA . -6.10 -1.22 5.39
O12 3PE MA . -5.14 -2.37 3.30
O13 3PE MA . -3.50 -1.84 5.25
O14 3PE MA . -5.30 -3.68 5.37
C11 3PE MA . -2.37 -2.43 4.65
C12 3PE MA . -2.10 -1.76 3.31
C1 3PE MA . -6.29 -0.01 4.71
C2 3PE MA . -6.24 1.14 5.72
C3 3PE MA . -5.48 2.31 5.11
O31 3PE MA . -5.41 3.39 6.00
O32 3PE MA . -5.59 4.77 4.24
C31 3PE MA . -5.29 4.64 5.38
C32 3PE MA . -4.76 5.85 6.15
C33 3PE MA . -3.78 6.65 5.28
C34 3PE MA . -4.41 7.97 4.85
C35 3PE MA . -4.92 8.73 6.06
C36 3PE MA . -6.32 9.29 5.77
C37 3PE MA . -6.26 10.83 5.78
C38 3PE MA . -7.59 11.38 6.28
C39 3PE MA . -7.34 12.55 7.22
C3A 3PE MA . -8.31 12.46 8.40
C3B 3PE MA . -7.75 13.26 9.58
C3C 3PE MA . -8.68 13.11 10.79
C3D 3PE MA . -9.53 14.36 10.94
C3E 3PE MA . -10.09 14.45 12.35
C3F 3PE MA . -11.10 13.34 12.59
C3G 3PE MA . -11.76 13.56 13.95
O21 3PE MA . -7.55 1.54 6.03
O22 3PE MA . -8.22 -0.08 7.42
C21 3PE MA . -8.04 1.08 7.24
C22 3PE MA . -8.37 2.07 8.36
C23 3PE MA . -7.13 2.88 8.71
C24 3PE MA . -7.55 4.21 9.36
C25 3PE MA . -6.40 5.22 9.21
C26 3PE MA . -5.48 5.15 10.43
C27 3PE MA . -5.93 6.17 11.47
C1 CDL NA . -15.90 9.92 -23.07
O1 CDL NA . -16.11 10.88 -24.05
CA2 CDL NA . -14.44 9.47 -23.10
OA2 CDL NA . -13.68 10.43 -22.43
PA1 CDL NA . -12.51 9.94 -21.38
OA3 CDL NA . -12.20 8.48 -21.60
OA4 CDL NA . -11.27 10.75 -21.63
OA5 CDL NA . -13.03 10.17 -19.84
CA3 CDL NA . -13.39 11.48 -19.45
CA4 CDL NA . -12.52 11.94 -18.28
OA6 CDL NA . -13.09 13.09 -17.72
CA5 CDL NA . -13.70 12.86 -16.47
OA7 CDL NA . -13.72 11.77 -16.02
C11 CDL NA . -14.32 14.03 -15.71
C12 CDL NA . -14.21 13.77 -14.22
C13 CDL NA . -15.50 13.14 -13.69
C14 CDL NA . -16.23 14.11 -12.76
C15 CDL NA . -15.26 14.65 -11.72
C16 CDL NA . -15.57 16.12 -11.44
C17 CDL NA . -16.53 16.23 -10.25
C18 CDL NA . -16.12 17.40 -9.35
C19 CDL NA . -17.22 18.45 -9.39
C20 CDL NA . -16.75 19.71 -8.66
C21 CDL NA . -17.75 20.83 -8.89
C22 CDL NA . -18.54 21.10 -7.60
C23 CDL NA . -19.04 22.54 -7.59
C24 CDL NA . -17.90 23.48 -7.22
C25 CDL NA . -18.16 24.85 -7.84
C26 CDL NA . -16.84 25.48 -8.29
C27 CDL NA . -16.88 25.77 -9.79
CA6 CDL NA . -11.10 12.26 -18.75
OA8 CDL NA . -10.27 12.38 -17.65
CA7 CDL NA . -8.91 12.47 -17.95
OA9 CDL NA . -8.21 11.52 -17.82
C31 CDL NA . -8.30 13.78 -18.45
C32 CDL NA . -8.32 14.81 -17.32
C33 CDL NA . -7.74 14.19 -16.04
C34 CDL NA . -8.30 14.90 -14.82
C35 CDL NA . -9.82 14.81 -14.83
C36 CDL NA . -10.43 16.18 -14.51
CB2 CDL NA . -16.17 10.52 -21.69
OB2 CDL NA . -16.82 11.76 -21.83
PB2 CDL NA . -17.66 12.33 -20.53
OB3 CDL NA . -17.33 11.47 -19.32
OB4 CDL NA . -19.14 12.28 -20.81
OB5 CDL NA . -17.22 13.88 -20.21
CB3 CDL NA . -18.25 14.81 -20.14
CB4 CDL NA . -18.02 15.75 -18.96
OB6 CDL NA . -19.08 15.62 -18.07
CB5 CDL NA . -18.79 16.06 -16.78
OB7 CDL NA . -17.66 16.24 -16.45
C51 CDL NA . -19.90 16.32 -15.78
C52 CDL NA . -19.67 17.67 -15.12
C53 CDL NA . -20.18 17.63 -13.68
C54 CDL NA . -21.69 17.37 -13.69
C55 CDL NA . -22.27 17.90 -12.39
C56 CDL NA . -21.90 19.36 -12.21
C57 CDL NA . -22.28 19.84 -10.81
C58 CDL NA . -23.69 19.38 -10.48
C59 CDL NA . -24.03 19.71 -9.04
C60 CDL NA . -25.02 20.87 -9.01
C61 CDL NA . -24.26 22.19 -8.92
C62 CDL NA . -25.14 23.34 -9.42
C63 CDL NA . -26.58 23.11 -9.00
C64 CDL NA . -27.51 23.90 -9.92
C65 CDL NA . -27.76 25.27 -9.29
C66 CDL NA . -27.80 26.32 -10.39
C67 CDL NA . -26.44 26.37 -11.08
CB6 CDL NA . -17.94 17.18 -19.51
OB8 CDL NA . -16.76 17.35 -20.24
CB7 CDL NA . -16.65 18.54 -20.96
OB9 CDL NA . -16.69 18.53 -22.13
C71 CDL NA . -16.46 19.86 -20.21
C72 CDL NA . -15.26 19.74 -19.28
C73 CDL NA . -15.60 20.25 -17.88
C74 CDL NA . -14.46 19.91 -16.92
C75 CDL NA . -14.55 20.76 -15.66
C76 CDL NA . -13.58 21.93 -15.77
C77 CDL NA . -12.77 22.06 -14.48
C78 CDL NA . -12.12 23.44 -14.40
C79 CDL NA . -12.50 24.12 -13.09
CHA HEM OA . -24.05 30.76 7.14
CHB HEM OA . -19.36 30.69 5.91
CHC HEM OA . -19.45 25.86 5.85
CHD HEM OA . -24.12 25.89 7.11
C1A HEM OA . -22.78 31.17 6.83
C2A HEM OA . -22.28 32.53 6.83
C3A HEM OA . -21.00 32.51 6.50
C4A HEM OA . -20.61 31.13 6.27
CMA HEM OA . -20.09 33.73 6.37
CAA HEM OA . -23.09 33.80 7.16
CBA HEM OA . -23.67 34.40 5.90
CGA HEM OA . -25.11 34.02 5.83
O1A HEM OA . -25.64 33.55 6.86
O2A HEM OA . -25.74 34.16 4.75
C1B HEM OA . -18.98 29.36 5.80
C2B HEM OA . -17.66 28.89 5.50
C3B HEM OA . -17.67 27.56 5.47
C4B HEM OA . -19.03 27.14 5.77
CMB HEM OA . -16.48 29.83 5.24
CAB HEM OA . -16.55 26.54 5.21
CBB HEM OA . -15.26 26.84 5.03
C1C HEM OA . -20.72 25.45 6.15
C2C HEM OA . -21.18 24.09 6.15
C3C HEM OA . -22.46 24.07 6.49
C4C HEM OA . -22.87 25.44 6.73
CMC HEM OA . -20.31 22.86 5.79
CAC HEM OA . -23.28 22.75 6.58
CBC HEM OA . -24.59 22.73 6.81
C1D HEM OA . -24.51 27.22 7.20
C2D HEM OA . -25.84 27.68 7.48
C3D HEM OA . -25.83 29.02 7.49
C4D HEM OA . -24.47 29.45 7.21
CMD HEM OA . -27.06 26.76 7.74
CAD HEM OA . -26.98 30.00 7.74
CBD HEM OA . -28.09 29.87 6.71
CGD HEM OA . -28.81 31.17 6.60
O1D HEM OA . -30.06 31.17 6.54
O2D HEM OA . -28.13 32.22 6.57
NA HEM OA . -21.72 30.34 6.49
NB HEM OA . -19.80 28.28 5.96
NC HEM OA . -21.78 26.25 6.52
ND HEM OA . -23.69 28.31 7.04
FE HEM OA . -21.75 28.30 6.44
CHA HEM PA . -20.74 4.06 2.66
CHB HEM PA . -19.83 8.78 2.23
CHC HEM PA . -22.45 9.68 6.20
CHD HEM PA . -22.85 4.93 6.95
C1A HEM PA . -20.35 5.27 2.15
C2A HEM PA . -19.80 5.51 0.83
C3A HEM PA . -19.54 6.81 0.72
C4A HEM PA . -19.93 7.44 1.95
CMA HEM PA . -18.94 7.55 -0.49
CAA HEM PA . -19.54 4.42 -0.23
CBA HEM PA . -20.46 4.64 -1.42
CGA HEM PA . -21.73 3.86 -1.21
O1A HEM PA . -21.63 2.70 -0.76
O2A HEM PA . -22.82 4.40 -1.51
C1B HEM PA . -20.45 9.44 3.27
C2B HEM PA . -20.40 10.86 3.50
C3B HEM PA . -21.13 11.12 4.60
C4B HEM PA . -21.66 9.86 5.09
CMB HEM PA . -19.63 11.83 2.59
CAB HEM PA . -21.42 12.47 5.30
CBB HEM PA . -20.84 13.63 4.99
C1C HEM PA . -22.76 8.47 6.78
C2C HEM PA . -23.43 8.28 8.04
C3C HEM PA . -23.54 6.95 8.26
C4C HEM PA . -22.94 6.29 7.13
CMC HEM PA . -23.90 9.45 8.93
CAC HEM PA . -24.17 6.19 9.44
CBC HEM PA . -24.70 6.75 10.53
C1D HEM PA . -22.34 4.27 5.85
C2D HEM PA . -22.34 2.85 5.64
C3D HEM PA . -21.76 2.57 4.47
C4D HEM PA . -21.37 3.85 3.87
CMD HEM PA . -22.91 1.81 6.63
CAD HEM PA . -21.59 1.13 3.94
CBD HEM PA . -21.68 1.00 2.44
CGD HEM PA . -22.19 -0.36 2.06
O1D HEM PA . -22.99 -0.93 2.82
O2D HEM PA . -21.81 -0.86 0.98
NA HEM PA . -20.42 6.48 2.81
NB HEM PA . -21.22 8.85 4.25
NC HEM PA . -22.47 7.23 6.25
ND HEM PA . -21.74 4.85 4.75
FE HEM PA . -21.41 6.87 4.54
C1 CDL QA . -43.61 25.69 8.70
O1 CDL QA . -43.37 26.86 9.43
CA2 CDL QA . -45.00 25.15 9.05
OA2 CDL QA . -44.87 23.97 9.80
PA1 CDL QA . -45.98 22.77 9.60
OA3 CDL QA . -47.27 23.16 10.29
OA4 CDL QA . -46.26 22.57 8.13
OA5 CDL QA . -45.40 21.37 10.25
CA3 CDL QA . -44.01 21.17 10.19
CA4 CDL QA . -43.72 19.86 9.47
OA6 CDL QA . -42.35 19.71 9.29
CA5 CDL QA . -41.90 18.38 9.28
OA7 CDL QA . -42.67 17.50 9.17
C11 CDL QA . -40.42 18.06 9.40
C12 CDL QA . -40.30 16.60 9.86
C13 CDL QA . -39.24 15.89 9.05
C14 CDL QA . -37.87 16.21 9.66
C15 CDL QA . -36.87 15.10 9.32
C16 CDL QA . -37.56 13.74 9.39
C17 CDL QA . -36.50 12.64 9.47
C18 CDL QA . -36.77 11.60 8.38
C19 CDL QA . -36.31 10.24 8.89
CA6 CDL QA . -44.42 19.85 8.11
OA8 CDL QA . -45.24 18.72 8.00
CA7 CDL QA . -45.08 17.98 6.83
OA9 CDL QA . -44.29 17.11 6.78
C31 CDL QA . -45.93 18.31 5.59
C32 CDL QA . -45.72 17.22 4.53
C33 CDL QA . -44.76 17.73 3.46
CB2 CDL QA . -42.54 24.65 9.02
OB2 CDL QA . -41.65 24.54 7.94
PB2 CDL QA . -42.12 23.63 6.65
OB3 CDL QA . -42.97 22.49 7.14
OB4 CDL QA . -42.91 24.48 5.68
OB5 CDL QA . -40.80 23.02 5.87
CB3 CDL QA . -40.53 21.65 6.00
CB4 CDL QA . -40.47 20.96 4.63
OB6 CDL QA . -41.26 21.65 3.67
CB5 CDL QA . -42.65 21.45 3.64
OB7 CDL QA . -43.30 21.40 4.63
C51 CDL QA . -43.37 21.32 2.29
C52 CDL QA . -42.36 21.22 1.16
C53 CDL QA . -43.03 20.60 -0.07
C54 CDL QA . -42.02 19.78 -0.86
C55 CDL QA . -41.74 18.47 -0.12
C56 CDL QA . -40.48 17.83 -0.69
C57 CDL QA . -39.60 17.35 0.46
C58 CDL QA . -38.14 17.23 -0.02
CB6 CDL QA . -40.87 19.49 4.76
OB8 CDL QA . -40.19 18.76 3.78
CB7 CDL QA . -39.38 17.73 4.27
OB9 CDL QA . -38.38 17.99 4.86
C71 CDL QA . -39.78 16.27 4.04
C72 CDL QA . -38.79 15.33 4.75
C73 CDL QA . -38.41 14.17 3.83
C74 CDL QA . -37.59 13.16 4.62
C75 CDL QA . -36.37 12.70 3.81
C76 CDL QA . -35.10 12.90 4.63
O12 PC1 RA . -31.47 8.88 -28.28
P PC1 RA . -32.70 9.68 -28.07
O14 PC1 RA . -33.08 10.82 -28.96
O13 PC1 RA . -33.88 8.63 -28.12
C11 PC1 RA . -34.18 8.01 -29.39
C12 PC1 RA . -33.01 7.11 -29.71
N PC1 RA . -33.38 5.87 -30.49
C13 PC1 RA . -33.71 6.29 -31.86
C14 PC1 RA . -32.26 4.92 -30.55
C15 PC1 RA . -34.52 5.22 -29.86
O11 PC1 RA . -32.59 10.13 -26.55
C1 PC1 RA . -31.58 11.12 -26.25
C2 PC1 RA . -31.64 12.28 -27.21
O21 PC1 RA . -30.45 13.07 -26.97
C21 PC1 RA . -30.36 14.26 -27.58
O22 PC1 RA . -31.11 14.65 -28.42
C22 PC1 RA . -29.17 14.98 -27.05
C23 PC1 RA . -29.51 16.19 -26.27
C24 PC1 RA . -28.72 17.38 -26.70
C25 PC1 RA . -29.54 18.50 -27.26
C26 PC1 RA . -29.49 19.74 -26.40
C27 PC1 RA . -28.87 20.95 -27.05
C28 PC1 RA . -28.86 22.15 -26.16
C29 PC1 RA . -28.02 23.28 -26.66
C2A PC1 RA . -26.82 23.60 -25.84
P 3PE SA . -44.25 30.80 -6.79
N 3PE SA . -44.92 28.88 -3.29
O11 3PE SA . -44.72 29.23 -6.66
O12 3PE SA . -43.39 30.96 -8.03
O13 3PE SA . -43.37 31.20 -5.45
O14 3PE SA . -45.45 31.70 -6.88
C11 3PE SA . -43.26 30.24 -4.43
C12 3PE SA . -44.52 30.25 -3.58
C1 3PE SA . -44.46 28.36 -7.72
C2 3PE SA . -43.73 27.11 -7.20
C3 3PE SA . -44.35 26.63 -5.90
O31 3PE SA . -43.67 25.49 -5.47
O32 3PE SA . -44.61 25.74 -3.45
C31 3PE SA . -43.89 25.11 -4.15
C32 3PE SA . -43.19 23.87 -3.60
C33 3PE SA . -41.95 23.61 -4.43
C34 3PE SA . -41.56 22.13 -4.33
C35 3PE SA . -40.49 21.80 -5.35
C36 3PE SA . -40.67 20.36 -5.81
C37 3PE SA . -39.50 19.96 -6.71
C38 3PE SA . -40.02 19.23 -7.93
C39 3PE SA . -41.11 20.05 -8.62
O21 3PE SA . -43.82 26.11 -8.15
O22 3PE SA . -41.60 25.96 -8.01
C21 3PE SA . -42.57 25.63 -8.58
C22 3PE SA . -42.49 24.71 -9.79
C23 3PE SA . -41.38 25.20 -10.71
C24 3PE SA . -41.55 24.54 -12.07
C25 3PE SA . -40.43 24.98 -12.99
C26 3PE SA . -40.67 24.43 -14.40
C27 3PE SA . -39.39 24.58 -15.20
C28 3PE SA . -39.70 25.31 -16.51
C29 3PE SA . -39.89 24.30 -17.62
C2A 3PE SA . -38.60 23.51 -17.83
C2B 3PE SA . -38.76 22.52 -18.98
C2C 3PE SA . -39.94 21.59 -18.73
C2D 3PE SA . -39.67 20.71 -17.51
C2E 3PE SA . -38.86 19.49 -17.94
C2F 3PE SA . -38.52 18.65 -16.70
FE HEC TA . -48.56 51.38 10.23
CHA HEC TA . -47.75 48.90 12.39
CHB HEC TA . -48.23 49.16 7.59
CHC HEC TA . -48.76 53.96 7.97
CHD HEC TA . -48.78 53.66 12.81
NA HEC TA . -48.06 49.41 10.02
C1A HEC TA . -47.79 48.55 11.06
C2A HEC TA . -47.55 47.23 10.53
C3A HEC TA . -47.67 47.30 9.21
C4A HEC TA . -48.01 48.67 8.86
CMA HEC TA . -47.50 46.15 8.19
CAA HEC TA . -47.18 45.99 11.37
CBA HEC TA . -48.29 44.96 11.41
CGA HEC TA . -47.75 43.74 12.09
O1A HEC TA . -46.65 43.82 12.68
O2A HEC TA . -48.42 42.68 12.05
NB HEC TA . -48.45 51.53 8.17
C1B HEC TA . -48.41 50.48 7.28
C2B HEC TA . -48.62 51.01 5.95
C3B HEC TA . -48.77 52.33 6.05
C4B HEC TA . -48.67 52.69 7.45
CMB HEC TA . -48.63 50.17 4.67
CAB HEC TA . -49.01 53.29 4.87
CBB HEC TA . -50.43 53.10 4.30
NC HEC TA . -48.75 53.41 10.36
C1C HEC TA . -48.77 54.30 9.30
C2C HEC TA . -48.81 55.65 9.85
C3C HEC TA . -48.83 55.56 11.17
C4C HEC TA . -48.78 54.16 11.53
CMC HEC TA . -48.87 56.95 9.02
CAC HEC TA . -48.89 56.72 12.20
CBC HEC TA . -50.31 57.32 12.21
ND HEC TA . -48.28 51.31 12.27
C1D HEC TA . -48.46 52.36 13.16
C2D HEC TA . -48.30 51.89 14.51
C3D HEC TA . -47.98 50.40 14.37
C4D HEC TA . -47.99 50.13 12.96
CMD HEC TA . -48.42 52.69 15.82
CAD HEC TA . -47.71 49.39 15.50
CBD HEC TA . -48.98 48.61 15.74
CGD HEC TA . -48.81 47.79 16.98
O1D HEC TA . -47.66 47.55 17.40
O2D HEC TA . -49.85 47.36 17.56
C1 CDL UA . -34.25 0.10 -13.94
O1 CDL UA . -33.67 0.78 -12.86
CA2 CDL UA . -33.70 0.67 -15.24
OA2 CDL UA . -32.70 1.61 -14.98
PA1 CDL UA . -32.31 2.70 -16.16
OA3 CDL UA . -32.30 1.98 -17.49
OA4 CDL UA . -30.95 3.29 -15.89
OA5 CDL UA . -33.46 3.88 -16.20
CA3 CDL UA . -33.05 5.21 -16.16
CA4 CDL UA . -34.27 6.12 -16.00
OA6 CDL UA . -35.32 5.41 -15.41
CA5 CDL UA . -35.12 5.15 -14.04
OA7 CDL UA . -34.97 4.03 -13.68
C11 CDL UA . -35.13 6.28 -13.03
C12 CDL UA . -33.86 6.22 -12.17
C13 CDL UA . -33.18 7.59 -12.14
C14 CDL UA . -32.05 7.58 -11.12
C15 CDL UA . -32.53 8.23 -9.82
C16 CDL UA . -31.34 8.83 -9.09
C17 CDL UA . -31.83 9.57 -7.84
C18 CDL UA . -31.62 11.07 -8.02
C19 CDL UA . -31.41 11.73 -6.66
C20 CDL UA . -32.27 12.98 -6.56
C21 CDL UA . -31.91 13.75 -5.29
C22 CDL UA . -32.99 13.48 -4.23
CA6 CDL UA . -34.71 6.60 -17.38
OA8 CDL UA . -34.77 8.00 -17.40
CA7 CDL UA . -33.76 8.59 -18.18
OA9 CDL UA . -32.71 8.05 -18.32
C31 CDL UA . -34.02 9.94 -18.84
C32 CDL UA . -35.50 10.27 -18.77
C33 CDL UA . -35.71 11.42 -17.79
C34 CDL UA . -36.58 10.94 -16.63
C35 CDL UA . -36.76 12.06 -15.61
CB2 CDL UA . -35.76 0.27 -13.90
OB2 CDL UA . -36.33 -0.89 -13.31
PB2 CDL UA . -37.55 -1.65 -14.12
OB3 CDL UA . -37.75 -3.03 -13.52
OB4 CDL UA . -37.18 -1.78 -15.57
OB5 CDL UA . -38.95 -0.80 -13.96
CB3 CDL UA . -39.64 -0.40 -15.11
CB4 CDL UA . -40.42 0.87 -14.80
OB6 CDL UA . -39.60 1.98 -15.08
CB5 CDL UA . -40.28 3.08 -15.63
OB7 CDL UA . -41.46 3.08 -15.70
C51 CDL UA . -39.47 4.28 -16.12
C52 CDL UA . -39.60 4.41 -17.64
C53 CDL UA . -39.67 5.89 -18.01
C54 CDL UA . -39.51 6.05 -19.52
C55 CDL UA . -38.18 6.74 -19.83
C56 CDL UA . -38.13 7.17 -21.29
C57 CDL UA . -37.16 8.36 -21.43
C58 CDL UA . -37.15 8.85 -22.87
CB6 CDL UA . -40.84 0.86 -13.34
OB8 CDL UA . -41.36 2.11 -12.97
CB7 CDL UA . -42.63 2.07 -12.38
OB9 CDL UA . -43.60 1.91 -13.04
C71 CDL UA . -42.77 2.25 -10.87
C72 CDL UA . -41.51 2.90 -10.29
C73 CDL UA . -41.81 4.33 -9.86
C74 CDL UA . -41.86 4.39 -8.33
C75 CDL UA . -43.02 5.28 -7.89
C76 CDL UA . -42.64 6.75 -8.00
FE1 FES VA . 5.71 56.93 -6.60
FE2 FES VA . 5.52 54.36 -5.80
S1 FES VA . 3.88 55.78 -6.18
S2 FES VA . 7.31 55.41 -6.53
P 3PE WA . -45.45 -11.93 4.03
N 3PE WA . -45.81 -14.37 0.20
O11 3PE WA . -46.13 -11.31 5.38
O12 3PE WA . -44.51 -10.91 3.43
O13 3PE WA . -46.61 -12.30 2.93
O14 3PE WA . -44.68 -13.16 4.41
C11 3PE WA . -46.27 -12.41 1.59
C12 3PE WA . -45.37 -13.63 1.38
C1 3PE WA . -45.31 -10.61 6.26
C2 3PE WA . -45.64 -10.99 7.71
C3 3PE WA . -45.05 -12.37 8.01
O31 3PE WA . -46.04 -13.35 7.96
O32 3PE WA . -45.76 -14.57 9.83
C31 3PE WA . -46.45 -13.82 9.22
C32 3PE WA . -47.78 -13.37 9.82
C33 3PE WA . -47.53 -12.68 11.15
C34 3PE WA . -47.53 -11.17 10.97
C35 3PE WA . -46.73 -10.50 12.09
C36 3PE WA . -47.00 -11.19 13.43
C37 3PE WA . -45.72 -11.18 14.27
C38 3PE WA . -45.83 -10.13 15.37
C39 3PE WA . -47.15 -10.30 16.12
C3A 3PE WA . -47.64 -8.95 16.62
C3B 3PE WA . -49.06 -9.08 17.14
C3C 3PE WA . -49.74 -7.70 17.12
C3D 3PE WA . -49.42 -6.94 18.40
C3E 3PE WA . -49.89 -5.50 18.25
C3F 3PE WA . -50.28 -4.93 19.62
C3G 3PE WA . -49.05 -4.44 20.36
C3H 3PE WA . -49.47 -3.56 21.54
C3I 3PE WA . -48.24 -2.92 22.16
O21 3PE WA . -45.09 -10.04 8.57
O22 3PE WA . -46.92 -8.79 8.29
C21 3PE WA . -45.82 -8.86 8.70
C22 3PE WA . -45.19 -7.66 9.40
C23 3PE WA . -44.43 -8.14 10.64
C24 3PE WA . -43.81 -6.96 11.37
C25 3PE WA . -44.92 -6.03 11.87
C26 3PE WA . -45.83 -6.80 12.82
C27 3PE WA . -45.27 -6.74 14.23
C28 3PE WA . -45.05 -5.28 14.63
C29 3PE WA . -44.72 -5.22 16.12
C2A 3PE WA . -43.98 -3.91 16.41
C2B 3PE WA . -42.81 -4.20 17.36
C2C 3PE WA . -42.22 -2.88 17.82
C2D 3PE WA . -41.81 -2.04 16.60
C2E 3PE WA . -41.18 -0.74 17.08
C2F 3PE WA . -40.12 -0.29 16.07
P 3PE XA . -35.09 -4.57 -2.79
N 3PE XA . -37.43 -4.94 -7.10
O11 3PE XA . -36.25 -3.41 -2.61
O12 3PE XA . -33.74 -4.02 -2.39
O13 3PE XA . -35.05 -5.04 -4.38
O14 3PE XA . -35.44 -5.75 -1.92
C11 3PE XA . -36.27 -5.32 -5.01
C12 3PE XA . -36.12 -5.13 -6.51
C1 3PE XA . -35.87 -2.07 -2.61
C2 3PE XA . -36.08 -1.48 -1.23
C3 3PE XA . -34.91 -0.55 -0.92
O31 3PE XA . -35.27 0.31 0.11
O32 3PE XA . -33.09 0.73 0.37
C31 3PE XA . -34.19 0.95 0.73
C32 3PE XA . -34.44 1.91 1.88
C33 3PE XA . -34.09 3.33 1.45
C34 3PE XA . -34.64 4.33 2.46
C35 3PE XA . -36.09 4.63 2.10
C36 3PE XA . -36.39 6.09 2.37
C37 3PE XA . -37.75 6.43 1.77
C38 3PE XA . -38.16 7.85 2.16
C39 3PE XA . -39.53 8.17 1.57
O21 3PE XA . -37.27 -0.75 -1.21
O22 3PE XA . -38.40 -2.68 -0.92
C21 3PE XA . -38.44 -1.50 -1.06
C22 3PE XA . -39.80 -0.81 -1.09
C23 3PE XA . -39.62 0.67 -1.46
C24 3PE XA . -40.97 1.26 -1.88
C25 3PE XA . -42.01 1.06 -0.78
C26 3PE XA . -43.34 1.66 -1.21
C27 3PE XA . -43.92 2.51 -0.09
C28 3PE XA . -43.18 3.84 -0.04
C29 3PE XA . -43.97 4.91 -0.80
#